data_6SYT
#
_entry.id   6SYT
#
loop_
_entity.id
_entity.type
_entity.pdbx_description
1 polymer 'SMG1,Serine/threonine-protein kinase SMG1,SMG1,Serine/threonine-protein kinase SMG1,SMG1,Serine/threonine-protein kinase SMG1,SMG1,Serine/threonine-protein kinase SMG1,SMG1,Serine/threonine-protein kinase SMG1'
2 polymer 'Protein SMG8'
3 polymer 'Protein SMG9'
4 non-polymer 'INOSITOL HEXAKISPHOSPHATE'
5 non-polymer "ADENOSINE-5'-TRIPHOSPHATE"
6 non-polymer 'MAGNESIUM ION'
#
loop_
_entity_poly.entity_id
_entity_poly.type
_entity_poly.pdbx_seq_one_letter_code
_entity_poly.pdbx_strand_id
1 'polypeptide(L)'
;(UNK)(UNK)(UNK)(UNK)(UNK)(UNK)(UNK)(UNK)(UNK)(UNK)(UNK)(UNK)(UNK)(UNK)(UNK)(UNK)
(UNK)(UNK)(UNK)(UNK)(UNK)(UNK)(UNK)(UNK)(UNK)(UNK)(UNK)(UNK)(UNK)(UNK)(UNK)(UNK)
(UNK)(UNK)(UNK)(UNK)(UNK)(UNK)(UNK)(UNK)(UNK)(UNK)(UNK)(UNK)(UNK)(UNK)(UNK)(UNK)
(UNK)(UNK)(UNK)(UNK)(UNK)(UNK)(UNK)(UNK)(UNK)(UNK)(UNK)(UNK)(UNK)(UNK)(UNK)(UNK)
(UNK)(UNK)(UNK)(UNK)(UNK)(UNK)(UNK)(UNK)(UNK)(UNK)(UNK)(UNK)(UNK)(UNK)(UNK)(UNK)
(UNK)(UNK)(UNK)(UNK)(UNK)(UNK)(UNK)(UNK)(UNK)(UNK)(UNK)(UNK)(UNK)(UNK)(UNK)(UNK)
(UNK)(UNK)(UNK)(UNK)(UNK)(UNK)(UNK)(UNK)(UNK)(UNK)(UNK)(UNK)(UNK)(UNK)(UNK)(UNK)
(UNK)(UNK)(UNK)(UNK)(UNK)(UNK)(UNK)(UNK)(UNK)(UNK)(UNK)(UNK)(UNK)(UNK)(UNK)(UNK)
(UNK)(UNK)(UNK)(UNK)(UNK)(UNK)(UNK)(UNK)(UNK)(UNK)(UNK)(UNK)(UNK)(UNK)(UNK)(UNK)
(UNK)(UNK)(UNK)(UNK)(UNK)(UNK)(UNK)(UNK)(UNK)(UNK)(UNK)(UNK)(UNK)(UNK)(UNK)(UNK)
(UNK)(UNK)(UNK)(UNK)(UNK)(UNK)(UNK)(UNK)(UNK)(UNK)(UNK)(UNK)(UNK)(UNK)(UNK)(UNK)
(UNK)(UNK)(UNK)(UNK)(UNK)(UNK)(UNK)(UNK)(UNK)(UNK)(UNK)(UNK)(UNK)(UNK)(UNK)(UNK)
(UNK)(UNK)(UNK)(UNK)(UNK)(UNK)(UNK)(UNK)(UNK)(UNK)(UNK)(UNK)(UNK)(UNK)(UNK)(UNK)
(UNK)(UNK)(UNK)(UNK)(UNK)(UNK)(UNK)(UNK)(UNK)(UNK)(UNK)(UNK)(UNK)(UNK)(UNK)(UNK)
(UNK)(UNK)(UNK)(UNK)(UNK)(UNK)(UNK)(UNK)(UNK)(UNK)(UNK)(UNK)(UNK)(UNK)(UNK)(UNK)
(UNK)(UNK)(UNK)(UNK)(UNK)(UNK)(UNK)(UNK)(UNK)(UNK)(UNK)(UNK)(UNK)(UNK)(UNK)(UNK)
(UNK)(UNK)(UNK)(UNK)(UNK)(UNK)(UNK)(UNK)(UNK)(UNK)(UNK)(UNK)(UNK)(UNK)(UNK)(UNK)
(UNK)(UNK)(UNK)(UNK)(UNK)(UNK)(UNK)(UNK)(UNK)(UNK)(UNK)(UNK)(UNK)(UNK)(UNK)(UNK)
(UNK)(UNK)(UNK)(UNK)(UNK)(UNK)(UNK)(UNK)(UNK)(UNK)(UNK)(UNK)(UNK)(UNK)(UNK)(UNK)
(UNK)(UNK)(UNK)(UNK)(UNK)(UNK)(UNK)(UNK)(UNK)(UNK)(UNK)(UNK)(UNK)(UNK)(UNK)(UNK)
(UNK)(UNK)(UNK)(UNK)(UNK)(UNK)(UNK)(UNK)(UNK)(UNK)(UNK)(UNK)(UNK)(UNK)(UNK)(UNK)
(UNK)(UNK)(UNK)(UNK)(UNK)(UNK)(UNK)(UNK)(UNK)(UNK)(UNK)(UNK)(UNK)(UNK)(UNK)(UNK)
(UNK)(UNK)(UNK)(UNK)(UNK)(UNK)(UNK)(UNK)(UNK)(UNK)FSTNFRDTVDILVGWHIDHTQKPSLTQQVS
GWLQSLEPFWVADLAFSTTLLGQFLEDMEAYAEDLSHVASGESVDEDVPPPSVSLPKLAALLRVFSTVVRSIGERFSPIR
GPPITEAYVTDVLYRVMRCVTAANQVFFSEAVLTAANECVGVLLGSLDPSMTIHCDMVITYGLDQLENCQTCGTDYIISV
LNLLTLIVEQINTKLPSSFVEKLFIPSSKLLFLRYHKEKEVVAVAHAVYQAVLSLKNIPVLETAYKLILGEMTCALNNLL
HSLQLPEACSEIKHEAFKNHVFNVDNAKFVVIFDLSALTTIGNAKNSLIGMWALSPTVFALLSKNLMIVHSDLAVHFPAI
QYAVLYTLYSHCTRHDHFISSSLSSSSPSLFDGAVISTVTTATKKHFSIILNLLGILLKKDNLNQDTRKLLMTWALEAAV
LMRKSETYAPLFSLPSFHKFCKGLLANTLVEDVNICLQACSSLHALSSSLPDDLLQRCVDVCRVQLVHSGTRIRQAFGKL
LKSIPLDVVLSNNNHTEIQEISLALRSHMSKAPSNTFHPQDFSDVISFILYGNSHRTGKDNWLERLFYSCQRLDKRDQST
IPRNLLKTDAVLWQWAIWEAAQFTVLSKLRTPLGRAQDTFQTIEGIIRSLAAHTLNPDQDVSQWTTADNDEGHGNNQLRL
VLLLQYLENLEKLMYNAYEGCANALTSPPKVIRTFFYTNRQTCQDWLTRIRLSIMRVGLLAGQPAVTVRHGFDLLTEMKT
TSLSQGNELEVTIMMVVEALCELHCPEAIQGIAVWSSSIVGKNLLWINSVAQQAEGRFEKASVEYQEHLCAMTGVDCCIS
SFDKSVLTLANAGRNSASPKHSLNGESRKTVLSKPTDSSPEVINYLGNKACECYISIADWAAVQEWQNAIHDLKKSTSST
SLNLKADFNYIKSLSSFESGKFVECTEQLELLPGENINLLAGGSKEKIDMKKLLPNMLSPDPRELQKSIEVQLLRSSVCL
ATALNPIEQDQKWQSITENVVKYLKQTSRIAIGPLRLSTLTVSQSLPVLSTLQLYCSSALENTVSNRLSTEDCLIPLFSE
ALRSCKQHDVRPWMQALRYTMYQNQLLEKIKEQTVPIRSHLMELGLTAAKFARKRGNVSLATRLLAQCSEVQLGKTTTAQ
DLVQHFKKLSTQGQVDEKWGPELDIEKTKLLYTAGQSTHAMEMLSSCAISFCKSVKAEYAVAKSILTLAKWIQAEWKEIS
GQLKQVYRAQHQQNFTGLSTLSKNILTLIELPSVNTMEEEYPRIESESTVHIGVGEPDFILGQLYHLSSVQAPEVAKSWA
ALASWAYRWGRKVVDNAS(UNK)(UNK)(UNK)(UNK)(UNK)(UNK)(UNK)(UNK)(UNK)(UNK)(UNK)(UNK)
(UNK)(UNK)(UNK)(UNK)(UNK)(UNK)(UNK)(UNK)(UNK)(UNK)(UNK)(UNK)(UNK)(UNK)(UNK)(UNK)
(UNK)(UNK)(UNK)(UNK)(UNK)(UNK)(UNK)(UNK)(UNK)(UNK)(UNK)(UNK)(UNK)(UNK)(UNK)(UNK)
(UNK)(UNK)(UNK)(UNK)(UNK)(UNK)(UNK)(UNK)(UNK)(UNK)(UNK)(UNK)(UNK)(UNK)(UNK)(UNK)
(UNK)(UNK)(UNK)(UNK)(UNK)(UNK)(UNK)(UNK)(UNK)(UNK)(UNK)(UNK)(UNK)(UNK)(UNK)(UNK)
(UNK)(UNK)(UNK)(UNK)(UNK)(UNK)(UNK)(UNK)(UNK)(UNK)(UNK)(UNK)EGVIKVWRKVVDRIFSLYKL
SCSAYFTFLKLNAGQIPLDEDDPRLHLSHRVEQSTDDMIVMATLRLLRLLVKHAGELRQYLEHGLETTPTAPWRGIIPQL
FSRLNHPEVYVRQSICNLLCRVAQDSPHLILYPAIVGTISLSSESQASGNKFSTAIPTLLGNIQGEELLVSECEGGSPPA
SQDSNKDEPKSGLNEDQAMMQDCYSKIVDKLSSANPTMVLQVQMLVAELRRVTVLWDELWLGVLLQQHMYVLRRIQQLED
EV(UNK)(UNK)(UNK)(UNK)(UNK)(UNK)(UNK)(UNK)(UNK)(UNK)(UNK)(UNK)(UNK)(UNK)(UNK)
(UNK)(UNK)(UNK)(UNK)(UNK)(UNK)(UNK)(UNK)(UNK)(UNK)(UNK)(UNK)(UNK)(UNK)(UNK)(UNK)
(UNK)(UNK)(UNK)(UNK)(UNK)(UNK)(UNK)(UNK)(UNK)(UNK)(UNK)(UNK)(UNK)(UNK)(UNK)PHEKW
FQDNYGDAIENALEKLK(UNK)(UNK)(UNK)(UNK)(UNK)(UNK)(UNK)(UNK)(UNK)(UNK)(UNK)(UNK)
(UNK)(UNK)(UNK)(UNK)(UNK)(UNK)(UNK)(UNK)(UNK)(UNK)(UNK)(UNK)(UNK)(UNK)(UNK)(UNK)
(UNK)(UNK)YILRLEEISPWLAAMTNTEIALPGEVSARDTVTIHSVGGTITILPTKTKPKKLLFLGSDGKSYPYLFKGL
EDLHLDERIMQFLSIVNTMFATINRQETPRFHARHYSVTPLGTRSGLIQWVDGATPLFGLYKRWQQREAALQAQK(UNK)
(UNK)(UNK)(UNK)(UNK)(UNK)(UNK)(UNK)(UNK)(UNK)(UNK)(UNK)(UNK)(UNK)(UNK)(UNK)(UNK)
(UNK)(UNK)(UNK)(UNK)(UNK)(UNK)(UNK)(UNK)(UNK)(UNK)(UNK)(UNK)(UNK)(UNK)(UNK)(UNK)
(UNK)(UNK)(UNK)(UNK)(UNK)(UNK)(UNK)(UNK)(UNK)WPLHVMKAVLEELMEATPPNLLAKELWSSCTTPDE
WWRVTQSYARSTAVMSMVGYIIGLGARHLDNVLIDMTTGEVVHIDYNVCFEKGKSLRVPEKVPFRMTQNIETALGVTGVE
GVFRLSCEQVLHIMRRGRETLLTLLEAFVYDPLVDWTAGGEAGFAGAVYGGGGQQAESKQSKREMEREITRSLFSSRVAE
IKVNWFKNRDEMLVVLPKLDGSLDEYLSLQEQLTDVEKLQGKLLEEIEFLEGAEGVDHPSHTLQHRYSEHTQLQTQQRAV
QEAIQVKLNEFEQWITHYQAAFNNLEATQLASLLQEISTQMDLGPPSYVPATAFLQNAGQAHLISQCEQLEGEVGALLQQ
RRSVLRGCLEQLHHYATVALQYPKAIFQKHRIEQWKTWMEELICNTTVERCQELYRKYEMQYAPQPPPTVCQFITATEMT
LQRYAADINSRLIRQVERLKQEAVTVPVCEDQLKEIERCIKVFLHENGEEGSLSLASVIISALCTLTRRNLMMEGAASSA
GEQLVDLTSRDGAWFLEELCSMSGNVTCLVQLLKQCHLVPQDLDIPNPMEASETVHLANGVYTSLQELNSNFRQIIFPEA
LRCLMKGEYTLESMLHELDGLIEQTTDGVPLQTLVESLQAYLRNAAMGLEEETHAHYIDVARLLHAQYGELIQPRNGSVD
ETPKMSAGQMLLVAFDGMFAQVETAFSLLVEKLNKMEIPIAWRKIDIIREARSTQVNFFDDDNHRQVLEEIFFLKRLQTI
KEFFRLCGTFSKTLSGSSSLEDQNTVNGPVQIVNVKTLFRNSCFSEDQMAKPIKAFTADFVRQLLIGLPNQALGLTLCSF
ISALGVDIIAQVEAKDFGAESKVSVDDLCKKAVEHNIQIGKFSQLVMNRATVLASSYDTAWKKHDLVRRLETSISSCKTS
LQRVQLHIAMFQWQHEDLLINRPQAMSVTPPPRSAILTSMKKKLHTLSQIETSIATVQEKLAALESSIEQRLKWAGGANP
ALAPVLQDFEATIAERRNLVLKESQRASQVTFLCSNIIHFESLRTRTAEALNLDAALFELIKRCQQMCSFASQFNSSVSE
LELRLLQRVDTGLEHPIGSSEWLLSAHKQLTQDMSTQRAIQTEKEQQIETVCETIQNLVDNIKTVLTGHNRQLGDVKHLL
KAMAKDEEAALADGEDVPYENSVRQFLGEYKSWQDNIQTVLFTLVQAMGQVRSQEHVEMLQEITPTLKELKTQSQSIYNN
LVSFASPLVTDATNECSSPTSSATYQPSFAAAVRSNTGQKTQPDVMSQNARKLIQKNLATSADTPPSTVPGTGKSVACSP
KKAVRDPKTGKAVQERNSYAVSVWKRVKAKLEGRDVDPNRRMSVAEQVDYVIKEATNLDNLAQLYEGWTAWV
;
A
2 'polypeptide(L)'
;MAGPVSLRDLLMGASAWMGSESPGGSPTEGGGSAAGGPEPPWREDEICVVGIFGKTALRLNSEKFSLVNTVCDRQVFPLF
RHQDPGDPGPGIRTEAGAVGEAGGAEDPGAAAGGSVRGSGAVAEGNRTEAGSQDYSLLQAYYSQESKVLYLLLTSICDNS
QLLRACRALQSGEAGGGLSLPHAEAHEFWKHQEKLQCLSLLYLFSVCHILLLVHPTCSFDITYDRVFRALDGLRQKVLPL
LKTAIKDCPVGKDWKLNCRPCPPRLLFLFQLNGALKVEPPRNQDPAHPDKPKKHSPKRRLQHALEDQIYRIFRKSRVLTN
QSINCLFTVPANQAFVYIVPGSQEEDPVGMLLDQLRSHCTVKDPESLLVPAPLSGPRRYQVMRQHSRQQLSFHIDSSSSS
SSGQLVDFTLREFLWQHVELVLSKKGFDDSVGRNPQPSHFELPTYQKWISAASKLYEVAIDGKEEDLGSPTGELTSKILS
SIKVLEGFLDIDTKFSENRCQKALPMAHSAYQSNLPHNYTMTVHKNQLAQALRVYSQHARGPAFHKYAMQLHEDCYKFWS
NGHQLCEERSLTDQHCVHKFHSLPKSGEKPEADRNPPVLYHNSRARSTGACNCGRKQAPRDDPFDIKAANYDFYQLLEEK
CCGKLDHINFPVFEPSTPDPAPAKNESSPAPPDSDADKLKEKEPQTQGESTSLSLALSLGQSTDSLGTYPADPQAGGDNP
EVHGQVEVKTEKRPNFVDRQASTVEYLPGMLHSNCPKGLLPKFSSWSLVKLGPAKSYNFHTGLDQQGFIPGTNYLMPWDI
VIRTRAEDEGDLDTNSWPAPNKAIPGKRSAVVMGRGRRRDDIARAFVGFEYEDSRGRRFMCSGPDKVMKVMGSGPKESAL
KALNSDMPLYILSSSQGRGLKPHYAQLMRLFVVVPDAPLQIILMPQVQPGPPPCPVFYPEKQEITLPPDGLWVLRFPYAY
VTERGPCFPPKENVQLMSYKVLRGVLKAVTQ
;
B
3 'polypeptide(L)'
;MSESGHSQPGLYGIERRRRWKEPGSGGPQNLSGPGGRERDYIAPWERERRDASEETSTSVMQKTPIILSKPPAERSKQPP
PPTAPAAPPAPAPLEKPIVLMKPREEGKGPVAVTGASTPEGTAPPPPAAPAPPKGEKEGQRPTQPVYQIQNRGMGTAAPA
AMDPVVGQAKLLPPERMKHSIKLVDDQMNWCDSAIEYLLDQTDVLVVGVLGLQGTGKSMVMSLLSANTPEEDQRTYVFRA
QSAEMKERGGNQTSGIDFFITQERIVFLDTQPILSPSILDHLINNDRKLPPEYNLPHTYVEMQSLQIAAFLFTVCHVVIV
VQDWFTDLSLYRFLQTAEMVKPSTPSPSHESSSSSGSDEGTEYYPHLVFLQNKARREDFCPRKLRQMHLMIDQLMAHSHL
RYKGTLSMLQCNVFPGLPPDFLDSEVNLFLVPFMDSEAESENPPRAGPGSSPLFSLLPGYRGHPSFQSLVSKLRSQVMSM
ARPQLSHTILTEKNWFHYAARIWDGVRKSSALAEYSRLLA
;
C
#
loop_
_chem_comp.id
_chem_comp.type
_chem_comp.name
_chem_comp.formula
ATP non-polymer ADENOSINE-5'-TRIPHOSPHATE 'C10 H16 N5 O13 P3'
IHP non-polymer 'INOSITOL HEXAKISPHOSPHATE' 'C6 H18 O24 P6'
MG non-polymer 'MAGNESIUM ION' 'Mg 2'
#
# COMPACT_ATOMS: atom_id res chain seq x y z
N UNK A 242 -40.27 81.66 17.68
CA UNK A 242 -39.30 82.73 17.54
C UNK A 242 -37.91 82.26 17.96
N UNK A 243 -37.82 81.68 19.16
CA UNK A 243 -36.54 81.20 19.65
C UNK A 243 -35.97 80.11 18.75
N UNK A 244 -36.84 79.22 18.27
CA UNK A 244 -36.38 78.14 17.39
C UNK A 244 -35.83 78.72 16.09
N UNK A 245 -36.44 79.81 15.62
CA UNK A 245 -36.00 80.45 14.40
C UNK A 245 -34.85 81.42 14.65
N UNK A 246 -34.84 82.09 15.81
CA UNK A 246 -33.76 83.02 16.11
C UNK A 246 -32.48 82.28 16.43
N UNK A 247 -32.59 81.11 17.07
CA UNK A 247 -31.42 80.33 17.42
C UNK A 247 -30.63 79.94 16.17
N UNK A 248 -31.35 79.78 15.04
CA UNK A 248 -30.69 79.41 13.80
C UNK A 248 -29.72 80.50 13.33
N UNK A 249 -30.13 81.77 13.43
CA UNK A 249 -29.25 82.85 13.00
C UNK A 249 -28.00 82.88 13.87
N UNK A 250 -28.17 82.73 15.19
CA UNK A 250 -27.03 82.74 16.08
C UNK A 250 -26.14 81.52 15.86
N UNK A 251 -26.71 80.43 15.35
CA UNK A 251 -25.96 79.22 15.09
C UNK A 251 -25.12 79.37 13.82
N UNK A 252 -21.46 71.49 13.02
CA UNK A 252 -22.07 70.42 13.79
C UNK A 252 -22.91 70.98 14.92
N UNK A 253 -22.37 71.97 15.63
CA UNK A 253 -23.10 72.59 16.73
C UNK A 253 -24.39 73.24 16.25
N UNK A 254 -24.37 73.81 15.05
CA UNK A 254 -25.57 74.46 14.52
C UNK A 254 -26.66 73.44 14.26
N UNK A 255 -26.27 72.21 13.88
CA UNK A 255 -27.24 71.16 13.62
C UNK A 255 -27.93 70.68 14.89
N UNK A 256 -27.29 70.89 16.05
CA UNK A 256 -27.88 70.45 17.30
C UNK A 256 -29.15 71.26 17.62
N UNK A 257 -29.04 72.59 17.59
CA UNK A 257 -30.22 73.42 17.89
C UNK A 257 -31.32 73.18 16.86
N UNK A 258 -30.92 72.87 15.61
CA UNK A 258 -31.91 72.63 14.56
C UNK A 258 -32.74 71.41 14.89
N UNK A 259 -32.14 70.39 15.52
CA UNK A 259 -32.87 69.19 15.86
C UNK A 259 -33.89 69.50 16.94
N UNK A 260 -33.53 70.38 17.87
CA UNK A 260 -34.43 70.75 18.95
C UNK A 260 -35.62 71.56 18.43
N UNK A 261 -35.41 72.34 17.38
CA UNK A 261 -36.48 73.15 16.80
C UNK A 261 -37.65 72.29 16.34
N UNK A 262 -37.37 71.22 15.61
CA UNK A 262 -38.44 70.35 15.12
C UNK A 262 -39.10 69.58 16.26
N UNK A 263 -38.32 69.11 17.23
CA UNK A 263 -38.90 68.37 18.35
C UNK A 263 -39.58 69.30 19.35
N UNK A 264 -39.03 70.51 19.53
CA UNK A 264 -39.63 71.45 20.47
C UNK A 264 -41.02 71.89 20.05
N UNK A 265 -41.31 71.89 18.74
CA UNK A 265 -42.62 72.28 18.23
C UNK A 265 -43.63 71.16 18.42
N UNK A 266 -38.37 80.23 10.60
CA UNK A 266 -37.05 79.80 10.17
C UNK A 266 -37.08 79.35 8.71
N UNK A 267 -37.93 80.01 7.91
CA UNK A 267 -38.03 79.67 6.50
C UNK A 267 -36.91 80.32 5.69
N UNK A 268 -36.58 81.58 6.00
CA UNK A 268 -35.52 82.26 5.28
C UNK A 268 -34.16 81.70 5.63
N UNK A 269 -33.98 81.22 6.85
CA UNK A 269 -32.69 80.66 7.26
C UNK A 269 -32.34 79.43 6.42
N UNK A 270 -33.32 78.53 6.23
CA UNK A 270 -33.08 77.34 5.44
C UNK A 270 -32.87 77.67 3.97
N UNK A 271 -33.59 78.66 3.45
CA UNK A 271 -33.46 79.04 2.05
C UNK A 271 -32.07 79.62 1.77
N UNK A 272 -31.58 80.47 2.67
CA UNK A 272 -30.26 81.06 2.49
C UNK A 272 -29.15 80.05 2.76
N UNK A 273 -29.32 79.21 3.79
CA UNK A 273 -28.30 78.22 4.10
C UNK A 273 -28.09 77.24 2.95
N UNK A 274 -29.15 76.92 2.21
CA UNK A 274 -29.02 76.00 1.10
C UNK A 274 -28.13 76.59 0.01
N UNK A 275 -28.23 77.89 -0.20
CA UNK A 275 -27.42 78.56 -1.22
C UNK A 275 -25.96 78.61 -0.83
N UNK A 276 -25.64 78.51 0.46
CA UNK A 276 -24.27 78.55 0.94
C UNK A 276 -23.50 77.31 0.48
N UNK A 277 -18.26 76.62 2.01
CA UNK A 277 -17.57 75.47 1.44
C UNK A 277 -18.56 74.36 1.16
N UNK A 278 -18.04 73.16 0.85
CA UNK A 278 -18.90 72.02 0.56
C UNK A 278 -19.49 71.40 1.83
N UNK A 279 -18.71 71.35 2.91
CA UNK A 279 -19.20 70.76 4.15
C UNK A 279 -20.40 71.51 4.71
N UNK A 280 -20.51 72.81 4.44
CA UNK A 280 -21.64 73.59 4.95
C UNK A 280 -22.93 73.22 4.23
N UNK A 281 -22.83 72.95 2.92
CA UNK A 281 -24.01 72.58 2.15
C UNK A 281 -24.66 71.32 2.66
N UNK A 282 -23.86 70.32 3.05
CA UNK A 282 -24.40 69.07 3.56
C UNK A 282 -25.24 69.31 4.80
N UNK A 283 -24.75 70.17 5.70
CA UNK A 283 -25.49 70.46 6.92
C UNK A 283 -26.72 71.31 6.61
N UNK A 284 -26.62 72.19 5.61
CA UNK A 284 -27.75 73.03 5.26
C UNK A 284 -28.92 72.17 4.80
N UNK A 285 -28.62 71.07 4.11
CA UNK A 285 -29.68 70.19 3.62
C UNK A 285 -30.35 69.52 4.81
N UNK A 286 -29.58 69.19 5.85
CA UNK A 286 -30.16 68.55 7.02
C UNK A 286 -31.21 69.45 7.64
N UNK A 287 -30.91 70.76 7.72
CA UNK A 287 -31.86 71.70 8.30
C UNK A 287 -33.03 71.88 7.35
N UNK A 288 -32.75 71.94 6.04
CA UNK A 288 -33.83 72.11 5.07
C UNK A 288 -34.69 70.85 5.06
N UNK A 289 -34.07 69.70 5.31
CA UNK A 289 -34.80 68.44 5.32
C UNK A 289 -35.75 68.43 6.50
N UNK A 290 -35.24 68.77 7.69
CA UNK A 290 -36.07 68.78 8.88
C UNK A 290 -37.11 69.89 8.79
N UNK A 291 -36.83 70.94 8.00
CA UNK A 291 -37.78 72.04 7.86
C UNK A 291 -39.08 71.53 7.25
N UNK A 292 -38.99 70.93 6.06
CA UNK A 292 -40.19 70.41 5.42
C UNK A 292 -40.79 69.30 6.26
N UNK A 293 -39.94 68.57 6.98
CA UNK A 293 -40.40 67.48 7.82
C UNK A 293 -41.31 68.00 8.93
N UNK A 294 -41.03 69.20 9.42
CA UNK A 294 -41.83 69.80 10.47
C UNK A 294 -43.02 70.53 9.87
N UNK A 295 -48.67 70.70 3.17
CA UNK A 295 -49.64 71.78 3.24
C UNK A 295 -48.93 73.13 3.43
N UNK A 296 -48.48 73.40 4.65
CA UNK A 296 -47.78 74.64 4.98
C UNK A 296 -46.27 74.50 4.90
N UNK A 297 -45.68 73.57 5.65
CA UNK A 297 -44.24 73.39 5.62
C UNK A 297 -43.77 72.92 4.25
N UNK A 298 -44.62 72.20 3.51
CA UNK A 298 -44.24 71.73 2.19
C UNK A 298 -44.18 72.89 1.20
N UNK A 299 -44.99 73.92 1.40
CA UNK A 299 -44.98 75.05 0.48
C UNK A 299 -43.67 75.82 0.58
N UNK A 300 -43.05 75.84 1.77
CA UNK A 300 -41.78 76.55 1.92
C UNK A 300 -40.67 75.85 1.18
N UNK A 301 -40.47 74.56 1.46
CA UNK A 301 -39.42 73.81 0.78
C UNK A 301 -39.69 73.73 -0.70
N UNK A 302 -40.97 73.58 -1.08
CA UNK A 302 -41.31 73.50 -2.49
C UNK A 302 -40.93 74.78 -3.20
N UNK A 303 -41.28 75.93 -2.59
CA UNK A 303 -40.94 77.21 -3.19
C UNK A 303 -39.44 77.43 -3.16
N UNK A 304 -38.78 76.93 -2.10
CA UNK A 304 -37.34 77.09 -1.98
C UNK A 304 -36.63 76.35 -3.10
N UNK A 305 -37.10 75.15 -3.44
CA UNK A 305 -36.46 74.38 -4.51
C UNK A 305 -36.67 75.08 -5.83
N UNK A 306 -37.90 75.55 -6.09
CA UNK A 306 -38.19 76.23 -7.33
C UNK A 306 -37.50 77.59 -7.39
N UNK A 307 -37.23 78.18 -6.22
CA UNK A 307 -36.58 79.49 -6.16
C UNK A 307 -35.06 79.35 -6.29
N UNK A 308 -34.47 78.40 -5.57
CA UNK A 308 -33.03 78.21 -5.64
C UNK A 308 -32.59 77.56 -6.95
N UNK A 309 -33.33 76.54 -7.40
CA UNK A 309 -32.97 75.87 -8.65
C UNK A 309 -33.00 76.84 -9.83
N UNK A 310 -34.11 77.56 -9.98
CA UNK A 310 -34.26 78.52 -11.07
C UNK A 310 -33.23 79.64 -10.95
N UNK A 311 -25.67 72.02 -10.15
CA UNK A 311 -26.16 72.91 -9.12
C UNK A 311 -26.52 72.13 -7.86
N UNK A 312 -25.70 72.27 -6.83
CA UNK A 312 -25.97 71.55 -5.58
C UNK A 312 -27.22 72.08 -4.91
N UNK A 313 -27.57 73.35 -5.16
CA UNK A 313 -28.77 73.92 -4.55
C UNK A 313 -30.01 73.18 -5.02
N UNK A 314 -30.14 72.99 -6.33
CA UNK A 314 -31.30 72.28 -6.86
C UNK A 314 -31.29 70.82 -6.44
N UNK A 315 -30.09 70.27 -6.19
CA UNK A 315 -29.97 68.88 -5.78
C UNK A 315 -30.28 68.70 -4.29
N UNK A 316 -29.70 69.55 -3.45
CA UNK A 316 -29.95 69.45 -2.02
C UNK A 316 -31.40 69.70 -1.69
N UNK A 317 -32.10 70.52 -2.49
CA UNK A 317 -33.50 70.78 -2.24
C UNK A 317 -34.32 69.52 -2.44
N UNK A 318 -34.07 68.82 -3.55
CA UNK A 318 -34.80 67.59 -3.82
C UNK A 318 -34.39 66.49 -2.86
N UNK A 319 -33.09 66.46 -2.48
CA UNK A 319 -32.60 65.45 -1.56
C UNK A 319 -33.36 65.52 -0.25
N UNK A 320 -33.64 66.74 0.21
CA UNK A 320 -34.38 66.93 1.45
C UNK A 320 -35.84 66.59 1.26
N UNK A 321 -36.37 66.88 0.07
CA UNK A 321 -37.77 66.60 -0.22
C UNK A 321 -38.07 65.10 -0.12
N UNK A 322 -37.14 64.25 -0.57
CA UNK A 322 -37.37 62.82 -0.50
C UNK A 322 -37.49 62.36 0.95
N UNK A 323 -36.73 63.00 1.85
CA UNK A 323 -36.79 62.62 3.25
C UNK A 323 -38.16 62.95 3.83
N UNK A 324 -38.75 64.08 3.40
CA UNK A 324 -40.06 64.48 3.89
C UNK A 324 -41.16 63.53 3.44
N UNK A 325 -41.26 63.28 2.14
CA UNK A 325 -42.29 62.38 1.63
C UNK A 325 -42.08 60.97 2.17
N UNK A 326 -40.82 60.59 2.39
CA UNK A 326 -40.53 59.25 2.90
C UNK A 326 -40.74 59.17 4.41
N UNK A 327 -40.46 60.25 5.13
CA UNK A 327 -40.64 60.23 6.58
C UNK A 327 -42.11 60.17 6.97
N UNK A 328 -42.99 60.79 6.17
CA UNK A 328 -44.41 60.79 6.45
C UNK A 328 -44.99 59.38 6.45
N UNK A 329 -50.01 64.43 4.47
CA UNK A 329 -51.15 65.16 3.93
C UNK A 329 -51.68 64.50 2.67
N UNK A 330 -52.86 64.93 2.22
CA UNK A 330 -53.49 64.38 1.02
C UNK A 330 -53.48 65.38 -0.13
N UNK A 331 -53.61 66.67 0.17
CA UNK A 331 -53.62 67.68 -0.88
C UNK A 331 -52.21 68.01 -1.35
N UNK A 332 -51.24 68.05 -0.42
CA UNK A 332 -49.86 68.36 -0.79
C UNK A 332 -49.31 67.35 -1.77
N UNK A 333 -49.72 66.09 -1.67
CA UNK A 333 -49.23 65.05 -2.57
C UNK A 333 -49.62 65.36 -4.01
N UNK A 334 -50.73 66.06 -4.23
CA UNK A 334 -51.14 66.39 -5.59
C UNK A 334 -50.19 67.39 -6.20
N UNK A 335 -49.73 68.37 -5.41
CA UNK A 335 -48.81 69.38 -5.91
C UNK A 335 -47.38 68.85 -5.92
N UNK A 336 -47.04 68.03 -4.91
CA UNK A 336 -45.69 67.48 -4.84
C UNK A 336 -45.38 66.57 -6.02
N UNK A 337 -46.34 65.72 -6.41
CA UNK A 337 -46.12 64.81 -7.54
C UNK A 337 -46.27 65.54 -8.86
N UNK A 338 -47.13 66.56 -8.91
CA UNK A 338 -47.33 67.29 -10.15
C UNK A 338 -46.15 68.20 -10.45
N UNK A 339 -45.74 69.00 -9.47
CA UNK A 339 -44.62 69.90 -9.66
C UNK A 339 -43.30 69.17 -9.81
N UNK A 340 -43.15 68.02 -9.15
CA UNK A 340 -41.92 67.26 -9.25
C UNK A 340 -41.74 66.64 -10.63
N UNK A 341 -42.81 66.05 -11.15
CA UNK A 341 -42.73 65.43 -12.48
C UNK A 341 -42.47 66.49 -13.54
N UNK A 342 -43.11 67.64 -13.43
CA UNK A 342 -42.91 68.71 -14.40
C UNK A 342 -41.53 69.31 -14.27
N UNK A 343 -40.92 69.20 -13.09
CA UNK A 343 -39.58 69.75 -12.88
C UNK A 343 -38.55 69.00 -13.70
N UNK A 344 -38.42 67.69 -13.48
CA UNK A 344 -37.44 66.91 -14.23
C UNK A 344 -37.83 66.80 -15.70
N UNK A 345 -39.11 66.96 -16.02
CA UNK A 345 -39.54 66.87 -17.40
C UNK A 345 -38.87 67.93 -18.26
N UNK A 346 -38.60 69.10 -17.68
CA UNK A 346 -37.95 70.18 -18.40
C UNK A 346 -36.44 69.98 -18.51
N UNK A 347 -35.85 69.16 -17.66
CA UNK A 347 -34.42 68.91 -17.68
C UNK A 347 -34.02 68.16 -18.95
N UNK A 348 -27.97 66.08 -17.43
CA UNK A 348 -28.99 66.25 -16.40
C UNK A 348 -29.31 64.91 -15.76
N UNK A 349 -28.28 64.11 -15.51
CA UNK A 349 -28.49 62.80 -14.90
C UNK A 349 -29.09 62.95 -13.51
N UNK A 350 -28.64 63.95 -12.75
CA UNK A 350 -29.17 64.15 -11.41
C UNK A 350 -30.64 64.55 -11.44
N UNK A 351 -31.08 65.17 -12.55
CA UNK A 351 -32.48 65.58 -12.64
C UNK A 351 -33.40 64.37 -12.72
N UNK A 352 -32.88 63.22 -13.18
CA UNK A 352 -33.69 62.02 -13.30
C UNK A 352 -33.62 61.18 -12.02
N UNK A 353 -32.41 60.83 -11.59
CA UNK A 353 -32.24 60.02 -10.38
C UNK A 353 -32.87 60.68 -9.16
N UNK A 354 -32.83 62.01 -9.08
CA UNK A 354 -33.42 62.70 -7.93
C UNK A 354 -34.93 62.71 -8.01
N UNK A 355 -35.48 63.00 -9.20
CA UNK A 355 -36.93 63.03 -9.35
C UNK A 355 -37.52 61.63 -9.41
N UNK A 356 -36.84 60.70 -10.06
CA UNK A 356 -37.35 59.33 -10.16
C UNK A 356 -37.33 58.64 -8.81
N UNK A 357 -36.19 58.69 -8.10
CA UNK A 357 -36.08 58.07 -6.79
C UNK A 357 -37.10 58.61 -5.81
N UNK A 358 -37.56 59.85 -6.03
CA UNK A 358 -38.55 60.44 -5.14
C UNK A 358 -39.94 59.87 -5.41
N UNK A 359 -40.32 59.80 -6.69
CA UNK A 359 -41.62 59.27 -7.04
C UNK A 359 -41.77 57.82 -6.61
N UNK A 360 -40.67 57.07 -6.58
CA UNK A 360 -40.74 55.67 -6.16
C UNK A 360 -41.23 55.56 -4.72
N UNK A 361 -40.77 56.46 -3.86
CA UNK A 361 -41.18 56.44 -2.46
C UNK A 361 -42.64 56.83 -2.32
N UNK A 362 -43.15 57.61 -3.28
CA UNK A 362 -44.53 58.07 -3.27
C UNK A 362 -45.43 57.09 -4.02
N PHE A 363 -48.95 59.37 -15.59
CA PHE A 363 -48.30 58.10 -15.89
C PHE A 363 -47.92 58.04 -17.37
N SER A 364 -48.93 58.18 -18.23
CA SER A 364 -48.71 58.14 -19.67
C SER A 364 -47.67 59.17 -20.10
N THR A 365 -47.70 60.35 -19.47
CA THR A 365 -46.75 61.40 -19.81
C THR A 365 -45.47 61.26 -19.00
N ASN A 366 -45.57 60.82 -17.75
CA ASN A 366 -44.38 60.66 -16.91
C ASN A 366 -43.53 59.50 -17.39
N PHE A 367 -44.17 58.40 -17.78
CA PHE A 367 -43.42 57.24 -18.26
C PHE A 367 -42.69 57.53 -19.55
N ARG A 368 -43.22 58.43 -20.37
CA ARG A 368 -42.57 58.76 -21.63
C ARG A 368 -41.26 59.50 -21.43
N ASP A 369 -41.08 60.13 -20.26
CA ASP A 369 -39.84 60.85 -20.02
C ASP A 369 -38.71 59.89 -19.66
N THR A 370 -39.05 58.77 -19.03
CA THR A 370 -38.03 57.80 -18.66
C THR A 370 -37.58 56.98 -19.87
N VAL A 371 -38.52 56.65 -20.75
CA VAL A 371 -38.20 55.87 -21.94
C VAL A 371 -37.30 56.66 -22.87
N ASP A 372 -37.46 57.98 -22.91
CA ASP A 372 -36.62 58.79 -23.79
C ASP A 372 -35.20 58.87 -23.24
N ILE A 373 -35.03 58.79 -21.92
CA ILE A 373 -33.70 58.87 -21.34
C ILE A 373 -32.94 57.58 -21.57
N LEU A 374 -33.65 56.46 -21.70
CA LEU A 374 -32.99 55.17 -21.92
C LEU A 374 -32.48 55.03 -23.34
N VAL A 375 -33.19 55.64 -24.29
CA VAL A 375 -32.76 55.55 -25.69
C VAL A 375 -31.41 56.23 -25.88
N GLY A 376 -31.14 57.28 -25.10
CA GLY A 376 -29.88 57.99 -25.20
C GLY A 376 -28.69 57.16 -24.77
N SER A 386 -23.96 53.67 -19.38
CA SER A 386 -23.82 52.92 -18.15
C SER A 386 -25.04 53.07 -17.25
N LEU A 387 -25.76 54.19 -17.40
CA LEU A 387 -26.95 54.45 -16.60
C LEU A 387 -28.17 53.67 -17.06
N THR A 388 -28.05 52.83 -18.09
CA THR A 388 -29.20 52.07 -18.56
C THR A 388 -29.71 51.12 -17.50
N GLN A 389 -28.81 50.55 -16.69
CA GLN A 389 -29.23 49.63 -15.65
C GLN A 389 -30.06 50.35 -14.59
N GLN A 390 -29.71 51.59 -14.29
CA GLN A 390 -30.45 52.36 -13.29
C GLN A 390 -31.87 52.59 -13.76
N VAL A 391 -32.03 53.22 -14.93
CA VAL A 391 -33.37 53.48 -15.45
C VAL A 391 -34.09 52.19 -15.75
N SER A 392 -33.34 51.12 -16.05
CA SER A 392 -33.99 49.85 -16.35
C SER A 392 -34.64 49.27 -15.10
N GLY A 393 -33.87 49.22 -14.01
CA GLY A 393 -34.42 48.69 -12.77
C GLY A 393 -35.44 49.63 -12.16
N TRP A 394 -35.18 50.93 -12.25
CA TRP A 394 -36.12 51.91 -11.69
C TRP A 394 -37.42 51.92 -12.47
N LEU A 395 -37.37 51.60 -13.76
CA LEU A 395 -38.59 51.59 -14.57
C LEU A 395 -39.44 50.37 -14.27
N GLN A 396 -38.80 49.25 -13.93
CA GLN A 396 -39.53 48.03 -13.62
C GLN A 396 -40.14 48.03 -12.23
N SER A 397 -39.76 48.99 -11.38
CA SER A 397 -40.32 49.03 -10.03
C SER A 397 -41.74 49.57 -10.03
N LEU A 398 -42.03 50.54 -10.89
CA LEU A 398 -43.37 51.12 -10.94
C LEU A 398 -44.41 50.08 -11.35
N GLU A 399 -44.32 49.57 -12.56
CA GLU A 399 -45.26 48.56 -13.04
C GLU A 399 -44.89 47.19 -12.49
N ALA A 407 -53.97 48.18 -22.84
CA ALA A 407 -53.51 49.27 -21.99
C ALA A 407 -52.54 50.16 -22.77
N PHE A 408 -52.04 51.21 -22.10
CA PHE A 408 -51.12 52.13 -22.75
C PHE A 408 -49.81 51.42 -23.11
N SER A 409 -49.42 50.43 -22.31
CA SER A 409 -48.18 49.71 -22.59
C SER A 409 -48.29 48.92 -23.88
N THR A 410 -49.43 48.29 -24.13
CA THR A 410 -49.59 47.51 -25.35
C THR A 410 -49.43 48.39 -26.59
N THR A 411 -50.00 49.59 -26.55
CA THR A 411 -49.88 50.49 -27.69
C THR A 411 -48.48 51.07 -27.78
N LEU A 412 -47.75 51.09 -26.67
CA LEU A 412 -46.39 51.62 -26.67
C LEU A 412 -45.47 50.75 -27.49
N LEU A 413 -45.50 49.44 -27.23
CA LEU A 413 -44.64 48.51 -27.95
C LEU A 413 -44.90 48.59 -29.45
N GLY A 414 -46.17 48.75 -29.83
CA GLY A 414 -46.49 48.85 -31.23
C GLY A 414 -45.89 50.10 -31.83
N GLN A 415 -45.67 51.13 -30.99
CA GLN A 415 -45.09 52.37 -31.47
C GLN A 415 -43.65 52.15 -31.89
N PHE A 416 -42.91 51.39 -31.07
CA PHE A 416 -41.52 51.12 -31.39
C PHE A 416 -41.44 50.21 -32.59
N LEU A 417 -42.26 49.15 -32.59
CA LEU A 417 -42.27 48.21 -33.70
C LEU A 417 -42.57 48.92 -35.01
N GLU A 418 -43.58 49.80 -34.98
CA GLU A 418 -43.95 50.53 -36.19
C GLU A 418 -42.75 51.32 -36.70
N ASP A 419 -42.02 51.96 -35.79
CA ASP A 419 -40.86 52.73 -36.19
C ASP A 419 -39.66 51.82 -36.43
N MET A 420 -39.63 50.69 -35.71
CA MET A 420 -38.54 49.73 -35.85
C MET A 420 -38.40 49.26 -37.29
N GLU A 421 -39.47 48.72 -37.86
CA GLU A 421 -39.43 48.24 -39.23
C GLU A 421 -39.05 49.36 -40.18
N ALA A 422 -39.59 50.56 -39.95
CA ALA A 422 -39.25 51.69 -40.81
C ALA A 422 -37.84 52.16 -40.57
N TYR A 423 -37.36 52.04 -39.33
CA TYR A 423 -36.01 52.47 -39.02
C TYR A 423 -35.01 51.66 -39.84
N ALA A 424 -35.28 50.36 -39.96
CA ALA A 424 -34.41 49.47 -40.72
C ALA A 424 -34.63 49.60 -42.21
N GLU A 425 -35.87 49.88 -42.63
CA GLU A 425 -36.15 50.02 -44.05
C GLU A 425 -35.29 51.12 -44.67
N ASP A 426 -35.01 52.16 -43.90
CA ASP A 426 -34.19 53.26 -44.39
C ASP A 426 -32.76 52.81 -44.60
N LEU A 427 -32.35 51.70 -43.96
CA LEU A 427 -30.99 51.21 -44.11
C LEU A 427 -30.78 50.58 -45.47
N SER A 428 -31.84 50.04 -46.07
CA SER A 428 -31.70 49.40 -47.38
C SER A 428 -31.28 50.41 -48.44
N SER A 444 -23.82 55.16 -41.53
CA SER A 444 -24.10 53.97 -40.75
C SER A 444 -24.19 54.31 -39.28
N VAL A 445 -24.78 55.46 -38.98
CA VAL A 445 -24.95 55.93 -37.61
C VAL A 445 -26.37 55.61 -37.12
N SER A 446 -27.04 54.69 -37.80
CA SER A 446 -28.39 54.31 -37.43
C SER A 446 -28.41 53.12 -36.47
N LEU A 447 -27.43 52.26 -36.55
CA LEU A 447 -27.31 51.06 -35.72
C LEU A 447 -27.33 51.36 -34.21
N PRO A 448 -26.64 52.39 -33.72
CA PRO A 448 -26.69 52.64 -32.27
C PRO A 448 -28.05 53.02 -31.75
N LYS A 449 -28.94 53.55 -32.58
CA LYS A 449 -30.26 53.93 -32.10
C LYS A 449 -31.18 52.73 -32.07
N LEU A 450 -31.04 51.84 -33.05
CA LEU A 450 -31.87 50.65 -33.12
C LEU A 450 -31.70 49.79 -31.88
N ALA A 451 -30.46 49.54 -31.48
CA ALA A 451 -30.19 48.73 -30.31
C ALA A 451 -30.67 49.41 -29.04
N ALA A 452 -30.74 50.73 -29.05
CA ALA A 452 -31.18 51.45 -27.85
C ALA A 452 -32.64 51.17 -27.55
N LEU A 453 -33.48 51.12 -28.58
CA LEU A 453 -34.89 50.87 -28.33
C LEU A 453 -35.14 49.39 -28.05
N LEU A 454 -34.30 48.49 -28.58
CA LEU A 454 -34.51 47.07 -28.32
C LEU A 454 -34.29 46.77 -26.85
N ARG A 455 -33.22 47.31 -26.27
CA ARG A 455 -32.94 47.09 -24.86
C ARG A 455 -34.09 47.60 -24.03
N VAL A 456 -34.63 48.74 -24.42
CA VAL A 456 -35.75 49.33 -23.69
C VAL A 456 -37.00 48.52 -23.95
N PHE A 457 -37.11 47.96 -25.16
CA PHE A 457 -38.27 47.16 -25.51
C PHE A 457 -38.32 45.94 -24.60
N SER A 458 -37.15 45.41 -24.26
CA SER A 458 -37.08 44.24 -23.39
C SER A 458 -37.23 44.65 -21.93
N THR A 459 -37.02 45.94 -21.63
CA THR A 459 -37.14 46.41 -20.27
C THR A 459 -38.60 46.54 -19.86
N VAL A 460 -39.41 47.14 -20.73
CA VAL A 460 -40.83 47.31 -20.43
C VAL A 460 -41.51 45.96 -20.32
N VAL A 461 -41.12 45.02 -21.17
CA VAL A 461 -41.71 43.69 -21.14
C VAL A 461 -41.46 43.03 -19.80
N ARG A 462 -40.19 42.98 -19.39
CA ARG A 462 -39.86 42.38 -18.12
C ARG A 462 -40.44 43.17 -16.96
N SER A 463 -40.68 44.48 -17.17
CA SER A 463 -41.25 45.32 -16.12
C SER A 463 -42.67 44.90 -15.79
N ILE A 464 -43.33 44.19 -16.69
CA ILE A 464 -44.70 43.74 -16.48
C ILE A 464 -44.71 42.76 -15.32
N ALA A 479 -52.32 35.55 -24.47
CA ALA A 479 -51.03 35.17 -25.02
C ALA A 479 -51.19 34.73 -26.48
N TYR A 480 -51.48 35.70 -27.35
CA TYR A 480 -51.66 35.48 -28.79
C TYR A 480 -50.74 36.33 -29.65
N VAL A 481 -50.35 37.51 -29.20
CA VAL A 481 -49.47 38.37 -30.00
C VAL A 481 -47.99 38.06 -29.80
N THR A 482 -47.64 37.22 -28.82
CA THR A 482 -46.23 36.89 -28.61
C THR A 482 -45.62 36.24 -29.84
N ASP A 483 -46.45 35.58 -30.66
CA ASP A 483 -45.95 34.92 -31.86
C ASP A 483 -45.91 35.90 -33.02
N VAL A 484 -46.96 36.70 -33.18
CA VAL A 484 -46.99 37.67 -34.27
C VAL A 484 -45.87 38.67 -34.07
N LEU A 485 -45.59 39.01 -32.82
CA LEU A 485 -44.54 39.96 -32.51
C LEU A 485 -43.17 39.34 -32.70
N TYR A 486 -43.05 38.03 -32.49
CA TYR A 486 -41.77 37.36 -32.66
C TYR A 486 -41.40 37.24 -34.13
N ARG A 487 -42.39 37.35 -35.02
CA ARG A 487 -42.12 37.25 -36.45
C ARG A 487 -41.61 38.56 -37.00
N VAL A 488 -41.83 39.67 -36.28
CA VAL A 488 -41.39 40.97 -36.75
C VAL A 488 -40.02 41.32 -36.16
N MET A 489 -39.83 41.08 -34.85
CA MET A 489 -38.55 41.38 -34.20
C MET A 489 -37.40 40.62 -34.84
N ARG A 490 -37.67 39.45 -35.40
CA ARG A 490 -36.63 38.65 -36.04
C ARG A 490 -36.58 38.92 -37.53
N CYS A 491 -37.69 39.35 -38.13
CA CYS A 491 -37.71 39.62 -39.56
C CYS A 491 -36.94 40.90 -39.89
N VAL A 492 -36.90 41.85 -38.95
CA VAL A 492 -36.20 43.10 -39.19
C VAL A 492 -34.72 42.98 -38.85
N THR A 493 -34.38 42.34 -37.74
CA THR A 493 -32.98 42.21 -37.38
C THR A 493 -32.23 41.34 -38.37
N ALA A 494 -32.90 40.34 -38.95
CA ALA A 494 -32.23 39.49 -39.92
C ALA A 494 -31.81 40.30 -41.13
N ALA A 495 -32.53 41.39 -41.42
CA ALA A 495 -32.21 42.23 -42.55
C ALA A 495 -31.04 43.16 -42.22
N ASN A 496 -31.08 43.76 -41.03
CA ASN A 496 -30.03 44.66 -40.60
C ASN A 496 -28.72 43.95 -40.32
N GLN A 497 -28.67 42.62 -40.39
CA GLN A 497 -27.44 41.90 -40.13
C GLN A 497 -26.38 42.15 -41.21
N VAL A 498 -26.74 42.81 -42.32
CA VAL A 498 -25.76 43.08 -43.37
C VAL A 498 -24.62 43.91 -42.83
N PHE A 499 -24.90 44.90 -41.99
CA PHE A 499 -23.86 45.73 -41.43
C PHE A 499 -23.04 44.96 -40.40
N PHE A 500 -23.64 43.94 -39.81
CA PHE A 500 -23.03 43.06 -38.80
C PHE A 500 -22.58 43.84 -37.56
N SER A 501 -23.58 44.33 -36.84
CA SER A 501 -23.36 45.08 -35.62
C SER A 501 -23.64 44.12 -34.48
N GLU A 502 -22.61 43.80 -33.70
CA GLU A 502 -22.82 42.87 -32.61
C GLU A 502 -23.52 43.54 -31.43
N ALA A 503 -23.35 44.85 -31.27
CA ALA A 503 -23.99 45.55 -30.18
C ALA A 503 -25.51 45.53 -30.29
N VAL A 504 -26.05 45.37 -31.49
CA VAL A 504 -27.50 45.33 -31.66
C VAL A 504 -28.03 43.91 -31.50
N LEU A 505 -27.29 42.93 -32.03
CA LEU A 505 -27.71 41.55 -31.91
C LEU A 505 -27.69 41.12 -30.46
N THR A 506 -26.75 41.67 -29.70
CA THR A 506 -26.62 41.35 -28.28
C THR A 506 -27.89 41.66 -27.52
N ALA A 507 -28.62 42.68 -27.95
CA ALA A 507 -29.85 43.09 -27.31
C ALA A 507 -31.07 42.56 -28.04
N ALA A 508 -30.94 42.21 -29.32
CA ALA A 508 -32.08 41.69 -30.06
C ALA A 508 -32.47 40.34 -29.52
N ASN A 509 -31.50 39.45 -29.39
CA ASN A 509 -31.76 38.12 -28.88
C ASN A 509 -32.23 38.18 -27.44
N GLU A 510 -31.91 39.25 -26.72
CA GLU A 510 -32.36 39.36 -25.34
C GLU A 510 -33.86 39.55 -25.32
N CYS A 511 -34.38 40.20 -26.36
CA CYS A 511 -35.81 40.45 -26.47
C CYS A 511 -36.54 39.17 -26.82
N VAL A 512 -35.93 38.36 -27.66
CA VAL A 512 -36.53 37.10 -28.07
C VAL A 512 -36.76 36.22 -26.86
N GLY A 513 -35.79 36.16 -25.96
CA GLY A 513 -35.93 35.33 -24.77
C GLY A 513 -37.13 35.70 -23.92
N VAL A 514 -37.27 36.99 -23.61
CA VAL A 514 -38.41 37.42 -22.79
C VAL A 514 -39.71 37.14 -23.49
N LEU A 515 -39.75 37.22 -24.82
CA LEU A 515 -40.99 36.94 -25.54
C LEU A 515 -41.20 35.45 -25.63
N LEU A 516 -40.14 34.74 -25.97
CA LEU A 516 -40.20 33.29 -26.10
C LEU A 516 -40.58 32.65 -24.77
N GLY A 517 -40.04 33.17 -23.67
CA GLY A 517 -40.34 32.63 -22.37
C GLY A 517 -41.67 33.06 -21.81
N SER A 518 -42.34 34.02 -22.46
CA SER A 518 -43.63 34.49 -21.98
C SER A 518 -44.71 33.44 -22.18
N LEU A 519 -44.52 32.55 -23.15
CA LEU A 519 -45.48 31.50 -23.46
C LEU A 519 -44.96 30.15 -22.96
N ASP A 520 -45.89 29.34 -22.45
CA ASP A 520 -45.53 28.04 -21.94
C ASP A 520 -45.26 27.08 -23.09
N PRO A 521 -44.54 25.98 -22.84
CA PRO A 521 -44.24 25.01 -23.91
C PRO A 521 -45.45 24.17 -24.32
N SER A 522 -46.45 24.84 -24.88
CA SER A 522 -47.68 24.21 -25.33
C SER A 522 -48.13 24.70 -26.70
N MET A 523 -47.53 25.75 -27.23
CA MET A 523 -47.90 26.29 -28.53
C MET A 523 -47.05 25.67 -29.63
N THR A 524 -47.49 25.87 -30.87
CA THR A 524 -46.83 25.36 -32.07
C THR A 524 -46.21 26.47 -32.90
N ILE A 525 -45.52 27.42 -32.25
CA ILE A 525 -44.87 28.53 -32.95
C ILE A 525 -43.95 28.00 -34.05
N HIS A 526 -43.76 28.81 -35.09
CA HIS A 526 -42.90 28.42 -36.20
C HIS A 526 -41.49 28.12 -35.73
N CYS A 527 -41.12 26.84 -35.79
CA CYS A 527 -39.79 26.42 -35.36
C CYS A 527 -38.73 26.72 -36.40
N ASP A 528 -39.05 26.54 -37.68
CA ASP A 528 -38.08 26.81 -38.74
C ASP A 528 -37.65 28.27 -38.78
N MET A 529 -38.48 29.17 -38.25
CA MET A 529 -38.12 30.58 -38.27
C MET A 529 -37.13 30.92 -37.16
N VAL A 530 -37.47 30.55 -35.93
CA VAL A 530 -36.62 30.82 -34.79
C VAL A 530 -35.30 30.07 -34.90
N ILE A 531 -35.37 28.79 -35.26
CA ILE A 531 -34.18 27.96 -35.39
C ILE A 531 -33.21 28.54 -36.40
N THR A 532 -33.72 29.18 -37.45
CA THR A 532 -32.82 29.75 -38.43
C THR A 532 -32.09 30.96 -37.87
N TYR A 533 -32.73 31.65 -36.92
CA TYR A 533 -32.14 32.83 -36.30
C TYR A 533 -31.10 32.45 -35.26
N GLY A 534 -31.21 31.26 -34.69
CA GLY A 534 -30.27 30.82 -33.69
C GLY A 534 -29.01 30.31 -34.33
N LEU A 535 -29.17 29.32 -35.22
CA LEU A 535 -28.03 28.74 -35.90
C LEU A 535 -27.31 29.76 -36.77
N ASP A 536 -28.03 30.77 -37.27
CA ASP A 536 -27.40 31.78 -38.10
C ASP A 536 -26.35 32.56 -37.34
N GLN A 537 -26.63 32.92 -36.09
CA GLN A 537 -25.66 33.67 -35.30
C GLN A 537 -24.48 32.80 -34.94
N LEU A 538 -24.74 31.54 -34.59
CA LEU A 538 -23.70 30.60 -34.22
C LEU A 538 -22.68 30.42 -35.32
N GLU A 539 -23.14 30.28 -36.57
CA GLU A 539 -22.21 30.11 -37.68
C GLU A 539 -21.29 31.31 -37.84
N ASN A 540 -21.75 32.49 -37.38
CA ASN A 540 -20.98 33.72 -37.45
C ASN A 540 -20.47 34.21 -36.10
N CYS A 541 -20.68 33.44 -35.04
CA CYS A 541 -20.23 33.81 -33.70
C CYS A 541 -18.93 33.10 -33.35
N GLN A 542 -18.10 32.87 -34.36
CA GLN A 542 -16.82 32.20 -34.15
C GLN A 542 -15.84 33.09 -33.40
N THR A 543 -15.74 34.35 -33.79
CA THR A 543 -14.84 35.32 -33.17
C THR A 543 -15.65 36.58 -32.89
N CYS A 544 -16.23 36.63 -31.71
CA CYS A 544 -17.04 37.74 -31.26
C CYS A 544 -16.60 38.08 -29.84
N GLY A 545 -17.34 38.94 -29.18
CA GLY A 545 -16.99 39.31 -27.83
C GLY A 545 -17.45 38.32 -26.78
N THR A 546 -16.93 38.52 -25.58
CA THR A 546 -17.29 37.64 -24.46
C THR A 546 -18.67 37.96 -23.92
N ASP A 547 -19.25 39.10 -24.32
CA ASP A 547 -20.57 39.49 -23.86
C ASP A 547 -21.66 39.14 -24.85
N TYR A 548 -21.30 38.95 -26.12
CA TYR A 548 -22.27 38.61 -27.14
C TYR A 548 -22.49 37.13 -27.27
N ILE A 549 -21.42 36.34 -27.17
CA ILE A 549 -21.54 34.89 -27.27
C ILE A 549 -22.52 34.37 -26.25
N ILE A 550 -22.49 34.96 -25.07
CA ILE A 550 -23.38 34.57 -23.99
C ILE A 550 -24.82 34.70 -24.44
N SER A 551 -25.15 35.81 -25.09
CA SER A 551 -26.50 36.02 -25.55
C SER A 551 -26.87 35.00 -26.62
N VAL A 552 -25.89 34.48 -27.33
CA VAL A 552 -26.16 33.50 -28.37
C VAL A 552 -26.50 32.18 -27.74
N LEU A 553 -25.70 31.79 -26.76
CA LEU A 553 -25.87 30.54 -26.04
C LEU A 553 -27.08 30.54 -25.14
N ASN A 554 -27.35 31.64 -24.44
CA ASN A 554 -28.52 31.65 -23.58
C ASN A 554 -29.80 31.50 -24.39
N LEU A 555 -29.74 31.88 -25.66
CA LEU A 555 -30.89 31.79 -26.53
C LEU A 555 -31.20 30.34 -26.89
N LEU A 556 -30.18 29.59 -27.29
CA LEU A 556 -30.37 28.19 -27.65
C LEU A 556 -31.04 27.44 -26.53
N THR A 557 -30.72 27.77 -25.30
CA THR A 557 -31.32 27.12 -24.16
C THR A 557 -32.80 27.39 -24.09
N LEU A 558 -33.24 28.59 -24.48
CA LEU A 558 -34.65 28.89 -24.43
C LEU A 558 -35.39 28.14 -25.51
N ILE A 559 -34.77 28.04 -26.68
CA ILE A 559 -35.37 27.35 -27.80
C ILE A 559 -35.63 25.89 -27.43
N VAL A 560 -34.55 25.19 -27.10
CA VAL A 560 -34.61 23.79 -26.71
C VAL A 560 -35.60 23.58 -25.59
N GLU A 561 -35.56 24.43 -24.57
CA GLU A 561 -36.47 24.29 -23.44
C GLU A 561 -37.90 24.63 -23.83
N GLN A 562 -38.11 25.78 -24.45
CA GLN A 562 -39.47 26.16 -24.85
C GLN A 562 -40.01 25.19 -25.88
N ILE A 563 -39.19 24.86 -26.88
CA ILE A 563 -39.59 23.94 -27.93
C ILE A 563 -39.02 22.59 -27.52
N ASN A 564 -39.82 21.83 -26.76
CA ASN A 564 -39.44 20.52 -26.28
C ASN A 564 -40.30 19.47 -26.96
N THR A 565 -39.64 18.44 -27.47
CA THR A 565 -40.20 17.29 -28.17
C THR A 565 -40.56 17.61 -29.62
N LYS A 566 -40.49 18.86 -30.05
CA LYS A 566 -40.83 19.23 -31.41
C LYS A 566 -39.62 19.58 -32.26
N LEU A 567 -38.46 19.27 -31.80
CA LEU A 567 -37.25 19.56 -32.54
C LEU A 567 -36.81 18.38 -33.40
N PRO A 568 -36.39 18.59 -34.63
CA PRO A 568 -35.97 17.45 -35.46
C PRO A 568 -34.56 17.03 -35.09
N SER A 569 -34.21 15.83 -35.54
CA SER A 569 -32.90 15.30 -35.26
C SER A 569 -31.81 15.98 -36.09
N SER A 570 -32.19 16.78 -37.07
CA SER A 570 -31.19 17.47 -37.88
C SER A 570 -30.65 18.68 -37.16
N PHE A 571 -31.45 19.25 -36.26
CA PHE A 571 -31.03 20.42 -35.50
C PHE A 571 -29.81 20.11 -34.66
N VAL A 572 -29.87 19.02 -33.89
CA VAL A 572 -28.75 18.65 -33.04
C VAL A 572 -27.59 18.16 -33.89
N GLU A 573 -27.88 17.51 -35.02
CA GLU A 573 -26.83 17.02 -35.89
C GLU A 573 -25.91 18.15 -36.32
N LYS A 574 -26.50 19.28 -36.69
CA LYS A 574 -25.71 20.43 -37.12
C LYS A 574 -25.11 21.16 -35.94
N LEU A 575 -25.51 20.80 -34.72
CA LEU A 575 -25.03 21.42 -33.50
C LEU A 575 -23.91 20.66 -32.80
N PHE A 576 -23.79 19.35 -33.02
CA PHE A 576 -22.76 18.54 -32.40
C PHE A 576 -21.74 17.98 -33.39
N ILE A 577 -21.94 18.21 -34.68
CA ILE A 577 -21.03 17.72 -35.70
C ILE A 577 -19.74 18.49 -35.44
N PRO A 578 -18.56 17.97 -35.77
CA PRO A 578 -17.32 18.70 -35.51
C PRO A 578 -17.25 20.12 -36.03
N SER A 579 -17.95 20.44 -37.10
CA SER A 579 -17.91 21.80 -37.62
C SER A 579 -18.81 22.75 -36.86
N SER A 580 -19.41 22.32 -35.76
CA SER A 580 -20.29 23.19 -35.02
C SER A 580 -19.47 24.26 -34.32
N LYS A 581 -19.90 25.51 -34.44
CA LYS A 581 -19.20 26.59 -33.80
C LYS A 581 -19.22 26.43 -32.29
N LEU A 582 -20.20 25.69 -31.77
CA LEU A 582 -20.34 25.46 -30.33
C LEU A 582 -19.07 24.91 -29.72
N LEU A 583 -18.55 23.83 -30.29
CA LEU A 583 -17.34 23.21 -29.80
C LEU A 583 -16.16 24.16 -29.81
N PHE A 584 -16.17 25.17 -30.68
CA PHE A 584 -15.08 26.11 -30.75
C PHE A 584 -15.27 27.25 -29.75
N LEU A 585 -16.41 27.28 -29.06
CA LEU A 585 -16.72 28.31 -28.08
C LEU A 585 -16.48 27.85 -26.65
N ARG A 586 -16.60 26.56 -26.41
CA ARG A 586 -16.39 26.04 -25.07
C ARG A 586 -14.93 26.08 -24.65
N TYR A 587 -14.01 26.49 -25.53
CA TYR A 587 -12.60 26.56 -25.22
C TYR A 587 -12.19 27.94 -24.72
N HIS A 588 -13.16 28.78 -24.39
CA HIS A 588 -12.91 30.13 -23.90
C HIS A 588 -12.26 30.06 -22.52
N LYS A 589 -11.74 31.22 -22.07
CA LYS A 589 -11.09 31.30 -20.77
C LYS A 589 -12.10 31.56 -19.66
N GLU A 590 -12.88 32.63 -19.79
CA GLU A 590 -13.88 32.98 -18.81
C GLU A 590 -14.89 31.87 -18.58
N LYS A 591 -15.16 31.57 -17.31
CA LYS A 591 -16.11 30.53 -16.96
C LYS A 591 -17.54 30.89 -17.32
N GLU A 592 -17.84 32.16 -17.52
CA GLU A 592 -19.20 32.56 -17.88
C GLU A 592 -19.58 32.03 -19.24
N VAL A 593 -18.61 31.68 -20.07
CA VAL A 593 -18.88 31.15 -21.40
C VAL A 593 -18.95 29.64 -21.38
N VAL A 594 -18.16 29.01 -20.50
CA VAL A 594 -18.17 27.56 -20.42
C VAL A 594 -19.42 27.04 -19.75
N ALA A 595 -19.92 27.73 -18.73
CA ALA A 595 -21.10 27.27 -18.04
C ALA A 595 -22.33 27.29 -18.95
N VAL A 596 -22.49 28.35 -19.71
CA VAL A 596 -23.62 28.42 -20.61
C VAL A 596 -23.52 27.35 -21.68
N ALA A 597 -22.31 27.04 -22.12
CA ALA A 597 -22.16 26.01 -23.14
C ALA A 597 -22.57 24.66 -22.58
N HIS A 598 -22.45 24.51 -21.26
CA HIS A 598 -22.82 23.27 -20.62
C HIS A 598 -24.31 23.15 -20.50
N ALA A 599 -24.99 24.30 -20.36
CA ALA A 599 -26.44 24.29 -20.24
C ALA A 599 -27.08 23.74 -21.49
N VAL A 600 -26.44 23.95 -22.63
CA VAL A 600 -26.99 23.44 -23.87
C VAL A 600 -27.05 21.92 -23.79
N TYR A 601 -25.96 21.31 -23.32
CA TYR A 601 -25.94 19.87 -23.20
C TYR A 601 -26.91 19.44 -22.12
N GLN A 602 -26.95 20.23 -21.04
CA GLN A 602 -27.85 19.94 -19.93
C GLN A 602 -29.30 20.08 -20.32
N ALA A 603 -29.57 20.77 -21.42
CA ALA A 603 -30.93 20.97 -21.90
C ALA A 603 -31.31 19.90 -22.89
N VAL A 604 -30.49 19.72 -23.92
CA VAL A 604 -30.77 18.72 -24.94
C VAL A 604 -30.85 17.33 -24.31
N LEU A 605 -30.01 17.07 -23.32
CA LEU A 605 -30.01 15.79 -22.65
C LEU A 605 -31.13 15.68 -21.63
N SER A 606 -31.86 16.75 -21.39
CA SER A 606 -32.95 16.77 -20.43
C SER A 606 -34.31 16.65 -21.12
N LEU A 607 -34.34 16.24 -22.39
CA LEU A 607 -35.61 16.10 -23.09
C LEU A 607 -36.34 14.81 -22.73
N LYS A 608 -37.62 14.78 -23.04
CA LYS A 608 -38.50 13.66 -22.78
C LYS A 608 -38.74 12.83 -24.03
N ASN A 609 -38.05 13.14 -25.13
CA ASN A 609 -38.17 12.43 -26.40
C ASN A 609 -36.85 11.70 -26.63
N ILE A 610 -36.89 10.38 -26.56
CA ILE A 610 -35.71 9.53 -26.76
C ILE A 610 -35.20 9.33 -28.18
N PRO A 611 -36.03 9.33 -29.25
CA PRO A 611 -35.43 9.14 -30.58
C PRO A 611 -34.51 10.27 -30.98
N VAL A 612 -34.83 11.48 -30.55
CA VAL A 612 -34.02 12.65 -30.87
C VAL A 612 -32.84 12.76 -29.92
N LEU A 613 -32.90 12.08 -28.78
CA LEU A 613 -31.82 12.13 -27.82
C LEU A 613 -30.76 11.08 -28.13
N GLU A 614 -31.19 9.92 -28.63
CA GLU A 614 -30.25 8.85 -28.96
C GLU A 614 -29.21 9.32 -29.96
N THR A 615 -29.54 10.29 -30.79
CA THR A 615 -28.60 10.80 -31.77
C THR A 615 -27.62 11.79 -31.15
N ALA A 616 -28.04 12.51 -30.13
CA ALA A 616 -27.17 13.47 -29.49
C ALA A 616 -26.18 12.75 -28.61
N TYR A 617 -26.70 11.80 -27.83
CA TYR A 617 -25.90 11.00 -26.92
C TYR A 617 -24.75 10.35 -27.67
N LYS A 618 -25.07 9.60 -28.71
CA LYS A 618 -24.08 8.91 -29.52
C LYS A 618 -23.02 9.84 -30.06
N LEU A 619 -23.40 11.05 -30.46
CA LEU A 619 -22.42 11.99 -30.97
C LEU A 619 -21.45 12.38 -29.88
N ILE A 620 -21.97 12.57 -28.68
CA ILE A 620 -21.13 12.94 -27.55
C ILE A 620 -20.19 11.80 -27.23
N LEU A 621 -20.70 10.56 -27.31
CA LEU A 621 -19.89 9.41 -27.02
C LEU A 621 -18.78 9.27 -28.05
N GLY A 622 -19.08 9.61 -29.29
CA GLY A 622 -18.06 9.51 -30.33
C GLY A 622 -16.99 10.55 -30.11
N GLU A 623 -17.39 11.72 -29.63
CA GLU A 623 -16.44 12.78 -29.38
C GLU A 623 -15.48 12.36 -28.30
N MET A 624 -16.03 11.77 -27.26
CA MET A 624 -15.25 11.29 -26.13
C MET A 624 -14.30 10.21 -26.59
N THR A 625 -14.83 9.27 -27.37
CA THR A 625 -14.05 8.18 -27.88
C THR A 625 -12.94 8.61 -28.82
N CYS A 626 -13.20 9.56 -29.70
CA CYS A 626 -12.16 10.01 -30.61
C CYS A 626 -10.99 10.58 -29.85
N ALA A 627 -11.28 11.23 -28.73
CA ALA A 627 -10.23 11.81 -27.92
C ALA A 627 -9.33 10.74 -27.34
N LEU A 628 -9.94 9.75 -26.69
CA LEU A 628 -9.21 8.65 -26.08
C LEU A 628 -8.23 8.01 -27.05
N ASN A 629 -8.69 7.74 -28.27
CA ASN A 629 -7.81 7.13 -29.24
C ASN A 629 -6.71 8.10 -29.64
N ASN A 630 -7.04 9.39 -29.78
CA ASN A 630 -6.02 10.36 -30.15
C ASN A 630 -5.06 10.60 -29.02
N LEU A 631 -5.43 10.16 -27.83
CA LEU A 631 -4.69 10.27 -26.59
C LEU A 631 -3.83 9.04 -26.41
N LEU A 632 -4.36 7.88 -26.78
CA LEU A 632 -3.65 6.63 -26.68
C LEU A 632 -2.52 6.60 -27.68
N HIS A 633 -2.82 7.06 -28.89
CA HIS A 633 -1.80 7.08 -29.92
C HIS A 633 -0.67 8.03 -29.55
N SER A 634 -0.94 8.95 -28.61
CA SER A 634 0.08 9.90 -28.19
C SER A 634 1.17 9.19 -27.41
N LEU A 635 0.86 8.03 -26.84
CA LEU A 635 1.81 7.25 -26.07
C LEU A 635 2.05 5.86 -26.68
N GLN A 636 1.67 5.70 -27.95
CA GLN A 636 1.83 4.46 -28.72
C GLN A 636 1.13 3.22 -28.15
N LEU A 637 -0.18 3.21 -28.29
CA LEU A 637 -1.03 2.11 -27.84
C LEU A 637 -2.13 1.87 -28.85
N PRO A 638 -2.76 0.70 -28.82
CA PRO A 638 -3.83 0.42 -29.78
C PRO A 638 -5.10 1.20 -29.54
N GLU A 639 -6.04 1.02 -30.46
CA GLU A 639 -7.32 1.68 -30.39
C GLU A 639 -8.13 1.15 -29.21
N ALA A 640 -9.12 1.96 -28.84
CA ALA A 640 -10.03 1.69 -27.76
C ALA A 640 -11.35 1.18 -28.32
N CYS A 641 -12.37 1.21 -27.46
CA CYS A 641 -13.73 0.78 -27.76
C CYS A 641 -14.21 1.21 -29.13
N SER A 642 -14.69 0.24 -29.89
CA SER A 642 -15.20 0.44 -31.23
C SER A 642 -16.71 0.25 -31.30
N GLU A 643 -17.37 0.03 -30.16
CA GLU A 643 -18.80 -0.17 -30.12
C GLU A 643 -19.58 1.12 -29.93
N ILE A 644 -18.91 2.25 -29.82
CA ILE A 644 -19.59 3.53 -29.63
C ILE A 644 -19.02 4.62 -30.53
N LYS A 645 -18.20 4.25 -31.51
CA LYS A 645 -17.65 5.27 -32.38
C LYS A 645 -18.75 5.84 -33.24
N HIS A 646 -18.39 6.87 -34.02
CA HIS A 646 -19.32 7.54 -34.89
C HIS A 646 -18.61 7.79 -36.21
N GLU A 647 -19.40 7.95 -37.28
CA GLU A 647 -18.82 8.19 -38.59
C GLU A 647 -18.22 9.59 -38.72
N ALA A 648 -18.96 10.61 -38.29
CA ALA A 648 -18.50 12.00 -38.36
C ALA A 648 -17.08 12.18 -37.83
N PHE A 649 -16.74 11.49 -36.76
CA PHE A 649 -15.42 11.57 -36.15
C PHE A 649 -14.49 10.51 -36.68
N LYS A 650 -14.70 10.09 -37.93
CA LYS A 650 -13.86 9.05 -38.54
C LYS A 650 -12.40 9.44 -38.57
N ASN A 651 -12.07 10.72 -38.46
CA ASN A 651 -10.67 11.12 -38.50
C ASN A 651 -10.50 12.54 -37.98
N HIS A 652 -9.70 12.67 -36.92
CA HIS A 652 -9.41 13.93 -36.27
C HIS A 652 -8.04 13.83 -35.63
N VAL A 653 -7.40 14.99 -35.47
CA VAL A 653 -6.08 15.09 -34.88
C VAL A 653 -6.22 16.15 -33.79
N PHE A 654 -6.57 15.72 -32.60
CA PHE A 654 -6.74 16.61 -31.47
C PHE A 654 -5.47 16.69 -30.64
N ASN A 655 -5.11 17.89 -30.22
CA ASN A 655 -3.93 18.07 -29.42
C ASN A 655 -4.16 17.37 -28.10
N VAL A 656 -3.09 16.84 -27.53
CA VAL A 656 -3.19 16.14 -26.25
C VAL A 656 -3.76 17.05 -25.17
N ASP A 657 -3.42 18.34 -25.19
CA ASP A 657 -3.94 19.24 -24.19
C ASP A 657 -5.40 19.58 -24.47
N ASN A 658 -5.89 19.24 -25.65
CA ASN A 658 -7.28 19.52 -26.02
C ASN A 658 -8.17 18.32 -25.81
N ALA A 659 -7.65 17.14 -26.08
CA ALA A 659 -8.43 15.93 -25.90
C ALA A 659 -8.78 15.73 -24.45
N LYS A 660 -7.79 15.91 -23.60
CA LYS A 660 -7.93 15.77 -22.16
C LYS A 660 -9.01 16.69 -21.62
N PHE A 661 -9.26 17.81 -22.31
CA PHE A 661 -10.27 18.76 -21.88
C PHE A 661 -11.65 18.34 -22.34
N VAL A 662 -11.74 17.81 -23.55
CA VAL A 662 -13.02 17.37 -24.09
C VAL A 662 -13.60 16.20 -23.31
N VAL A 663 -12.84 15.11 -23.22
CA VAL A 663 -13.29 13.91 -22.50
C VAL A 663 -13.80 14.23 -21.11
N ILE A 664 -13.35 15.32 -20.51
CA ILE A 664 -13.79 15.68 -19.18
C ILE A 664 -15.02 16.58 -19.29
N PHE A 665 -15.10 17.36 -20.36
CA PHE A 665 -16.25 18.25 -20.51
C PHE A 665 -17.48 17.47 -20.91
N ASP A 666 -17.30 16.29 -21.48
CA ASP A 666 -18.42 15.48 -21.89
C ASP A 666 -19.00 14.75 -20.72
N LEU A 667 -18.13 14.16 -19.90
CA LEU A 667 -18.56 13.42 -18.73
C LEU A 667 -19.40 14.30 -17.85
N SER A 668 -19.01 15.56 -17.73
CA SER A 668 -19.74 16.52 -16.93
C SER A 668 -21.14 16.72 -17.46
N ALA A 669 -21.32 16.54 -18.77
CA ALA A 669 -22.63 16.70 -19.39
C ALA A 669 -23.49 15.50 -19.15
N LEU A 670 -22.88 14.32 -19.10
CA LEU A 670 -23.63 13.10 -18.87
C LEU A 670 -24.29 13.10 -17.50
N THR A 671 -23.85 13.96 -16.59
CA THR A 671 -24.43 14.02 -15.26
C THR A 671 -25.88 14.45 -15.31
N THR A 672 -26.30 15.07 -16.41
CA THR A 672 -27.68 15.52 -16.53
C THR A 672 -28.65 14.35 -16.44
N ILE A 673 -28.21 13.18 -16.90
CA ILE A 673 -29.01 11.98 -16.89
C ILE A 673 -28.56 11.03 -15.78
N GLY A 674 -27.29 11.07 -15.42
CA GLY A 674 -26.81 10.20 -14.37
C GLY A 674 -27.44 10.55 -13.05
N ASN A 675 -27.72 11.84 -12.84
CA ASN A 675 -28.33 12.35 -11.62
C ASN A 675 -29.82 12.60 -11.79
N ALA A 676 -30.50 11.78 -12.57
CA ALA A 676 -31.92 11.94 -12.80
C ALA A 676 -32.75 11.36 -11.67
N LYS A 677 -34.01 11.80 -11.63
CA LYS A 677 -35.00 11.37 -10.63
C LYS A 677 -36.01 10.41 -11.24
N ASN A 678 -35.56 9.57 -12.17
CA ASN A 678 -36.40 8.59 -12.84
C ASN A 678 -37.62 9.23 -13.51
N LEU A 686 -30.91 5.73 -22.34
CA LEU A 686 -30.03 5.55 -23.48
C LEU A 686 -29.51 4.12 -23.55
N SER A 687 -28.71 3.84 -24.57
CA SER A 687 -28.14 2.53 -24.76
C SER A 687 -26.85 2.66 -25.55
N PRO A 688 -25.67 2.39 -24.97
CA PRO A 688 -25.32 1.92 -23.63
C PRO A 688 -25.68 2.89 -22.54
N THR A 689 -26.33 2.39 -21.50
CA THR A 689 -26.72 3.23 -20.40
C THR A 689 -25.49 3.80 -19.72
N VAL A 690 -25.74 4.80 -18.86
CA VAL A 690 -24.69 5.47 -18.14
C VAL A 690 -23.88 4.57 -17.23
N PHE A 691 -24.42 3.45 -16.78
CA PHE A 691 -23.64 2.58 -15.91
C PHE A 691 -22.62 1.75 -16.66
N ALA A 692 -23.05 1.06 -17.71
CA ALA A 692 -22.14 0.23 -18.49
C ALA A 692 -21.06 1.03 -19.19
N LEU A 693 -21.36 2.28 -19.49
CA LEU A 693 -20.40 3.13 -20.15
C LEU A 693 -19.19 3.44 -19.30
N LEU A 694 -19.45 3.87 -18.08
CA LEU A 694 -18.41 4.21 -17.12
C LEU A 694 -17.81 3.00 -16.42
N SER A 695 -18.47 1.85 -16.48
CA SER A 695 -17.94 0.67 -15.82
C SER A 695 -17.24 -0.31 -16.75
N LYS A 696 -17.93 -0.80 -17.78
CA LYS A 696 -17.35 -1.75 -18.73
C LYS A 696 -16.72 -1.16 -19.98
N ASN A 697 -17.42 -0.30 -20.70
CA ASN A 697 -16.84 0.27 -21.92
C ASN A 697 -15.61 1.13 -21.69
N LEU A 698 -15.59 1.94 -20.64
CA LEU A 698 -14.45 2.80 -20.35
C LEU A 698 -13.46 2.19 -19.36
N MET A 699 -13.34 0.87 -19.35
CA MET A 699 -12.41 0.24 -18.43
C MET A 699 -10.97 0.39 -18.87
N ILE A 700 -10.73 1.00 -20.03
CA ILE A 700 -9.37 1.18 -20.52
C ILE A 700 -8.65 2.33 -19.87
N VAL A 701 -9.39 3.27 -19.27
CA VAL A 701 -8.78 4.42 -18.62
C VAL A 701 -8.01 4.08 -17.36
N HIS A 702 -8.07 2.84 -16.89
CA HIS A 702 -7.36 2.44 -15.68
C HIS A 702 -6.06 1.69 -15.96
N SER A 703 -5.76 1.36 -17.21
CA SER A 703 -4.53 0.63 -17.51
C SER A 703 -3.30 1.54 -17.66
N ASP A 704 -3.28 2.37 -18.70
CA ASP A 704 -2.17 3.28 -18.96
C ASP A 704 -2.55 4.75 -18.89
N LEU A 705 -3.80 5.10 -19.14
CA LEU A 705 -4.19 6.50 -19.09
C LEU A 705 -4.16 7.00 -17.66
N ALA A 706 -4.47 6.13 -16.70
CA ALA A 706 -4.45 6.56 -15.31
C ALA A 706 -3.05 6.78 -14.77
N VAL A 707 -2.03 6.56 -15.57
CA VAL A 707 -0.65 6.74 -15.18
C VAL A 707 -0.12 8.04 -15.76
N HIS A 708 -0.69 8.45 -16.89
CA HIS A 708 -0.32 9.67 -17.59
C HIS A 708 -1.39 10.73 -17.56
N PHE A 709 -2.65 10.32 -17.68
CA PHE A 709 -3.81 11.21 -17.66
C PHE A 709 -4.70 10.74 -16.54
N PRO A 710 -4.28 10.95 -15.29
CA PRO A 710 -5.11 10.52 -14.16
C PRO A 710 -6.35 11.31 -13.89
N ALA A 711 -6.53 12.49 -14.47
CA ALA A 711 -7.74 13.24 -14.21
C ALA A 711 -8.96 12.58 -14.77
N ILE A 712 -8.81 11.83 -15.84
CA ILE A 712 -9.94 11.15 -16.45
C ILE A 712 -10.46 10.07 -15.53
N GLN A 713 -9.56 9.35 -14.89
CA GLN A 713 -9.94 8.29 -13.96
C GLN A 713 -10.84 8.84 -12.87
N TYR A 714 -10.44 9.97 -12.28
CA TYR A 714 -11.23 10.59 -11.23
C TYR A 714 -12.62 10.95 -11.71
N ALA A 715 -12.69 11.64 -12.85
CA ALA A 715 -13.96 12.05 -13.41
C ALA A 715 -14.86 10.89 -13.74
N VAL A 716 -14.30 9.76 -14.13
CA VAL A 716 -15.14 8.62 -14.46
C VAL A 716 -15.69 8.01 -13.20
N LEU A 717 -14.86 7.91 -12.19
CA LEU A 717 -15.28 7.34 -10.92
C LEU A 717 -16.13 8.30 -10.14
N TYR A 718 -15.82 9.60 -10.22
CA TYR A 718 -16.60 10.59 -9.49
C TYR A 718 -18.03 10.60 -9.97
N THR A 719 -18.23 10.79 -11.26
CA THR A 719 -19.58 10.82 -11.81
C THR A 719 -20.26 9.49 -11.61
N LEU A 720 -19.51 8.40 -11.58
CA LEU A 720 -20.10 7.09 -11.39
C LEU A 720 -20.63 6.98 -9.98
N TYR A 721 -19.87 7.50 -9.03
CA TYR A 721 -20.27 7.45 -7.64
C TYR A 721 -21.43 8.38 -7.40
N SER A 722 -21.59 9.38 -8.25
CA SER A 722 -22.69 10.32 -8.09
C SER A 722 -23.98 9.75 -8.66
N HIS A 723 -23.88 8.75 -9.51
CA HIS A 723 -25.01 8.10 -10.14
C HIS A 723 -25.46 6.90 -9.32
N CYS A 724 -24.57 6.38 -8.50
CA CYS A 724 -24.86 5.23 -7.67
C CYS A 724 -25.31 5.60 -6.27
N THR A 725 -24.79 6.65 -5.67
CA THR A 725 -25.22 7.01 -4.33
C THR A 725 -26.61 7.57 -4.32
N ARG A 726 -27.13 7.96 -5.48
CA ARG A 726 -28.48 8.51 -5.53
C ARG A 726 -29.51 7.41 -5.34
N HIS A 727 -29.24 6.23 -5.90
CA HIS A 727 -30.11 5.07 -5.81
C HIS A 727 -29.66 4.02 -4.81
N ASP A 728 -29.08 4.43 -3.68
CA ASP A 728 -28.61 3.52 -2.64
C ASP A 728 -27.70 2.41 -3.16
N HIS A 729 -26.88 2.71 -4.15
CA HIS A 729 -25.94 1.77 -4.76
C HIS A 729 -26.62 0.55 -5.37
N PHE A 730 -27.94 0.60 -5.57
CA PHE A 730 -28.74 -0.46 -6.14
C PHE A 730 -28.79 -1.75 -5.33
N ILE A 731 -28.92 -1.65 -4.01
CA ILE A 731 -28.97 -2.86 -3.19
C ILE A 731 -30.39 -3.43 -3.19
N SER A 732 -31.39 -2.55 -3.27
CA SER A 732 -32.77 -2.99 -3.28
C SER A 732 -33.09 -3.87 -4.48
N SER A 733 -32.29 -3.79 -5.53
CA SER A 733 -32.48 -4.58 -6.74
C SER A 733 -31.72 -5.89 -6.71
N SER A 734 -31.33 -6.37 -5.54
CA SER A 734 -30.60 -7.62 -5.40
C SER A 734 -30.97 -8.33 -4.11
N LYS A 756 -30.38 -4.31 -11.07
CA LYS A 756 -30.66 -5.74 -10.99
C LYS A 756 -29.42 -6.48 -10.55
N LYS A 757 -28.39 -6.43 -11.37
CA LYS A 757 -27.11 -7.08 -11.12
C LYS A 757 -26.01 -6.04 -11.10
N HIS A 758 -26.33 -4.85 -10.62
CA HIS A 758 -25.40 -3.73 -10.54
C HIS A 758 -24.49 -3.81 -9.33
N PHE A 759 -25.08 -3.96 -8.14
CA PHE A 759 -24.31 -4.04 -6.90
C PHE A 759 -23.20 -5.07 -6.99
N SER A 760 -23.45 -6.20 -7.64
CA SER A 760 -22.41 -7.21 -7.76
C SER A 760 -21.30 -6.77 -8.71
N ILE A 761 -21.48 -5.64 -9.39
CA ILE A 761 -20.48 -5.13 -10.32
C ILE A 761 -19.67 -4.05 -9.63
N ILE A 762 -20.29 -3.34 -8.70
CA ILE A 762 -19.59 -2.28 -7.98
C ILE A 762 -18.46 -2.88 -7.18
N LEU A 763 -18.82 -3.79 -6.28
CA LEU A 763 -17.90 -4.50 -5.40
C LEU A 763 -16.77 -5.16 -6.15
N ASN A 764 -17.01 -5.59 -7.37
CA ASN A 764 -15.98 -6.25 -8.15
C ASN A 764 -14.95 -5.25 -8.63
N LEU A 765 -15.41 -4.10 -9.07
CA LEU A 765 -14.54 -3.05 -9.57
C LEU A 765 -13.54 -2.62 -8.52
N LEU A 766 -14.07 -2.19 -7.38
CA LEU A 766 -13.28 -1.74 -6.25
C LEU A 766 -12.20 -2.72 -5.87
N GLY A 767 -12.49 -4.02 -5.93
CA GLY A 767 -11.48 -5.01 -5.57
C GLY A 767 -10.38 -5.07 -6.59
N ILE A 768 -10.72 -4.82 -7.85
CA ILE A 768 -9.72 -4.85 -8.90
C ILE A 768 -8.86 -3.63 -8.81
N LEU A 769 -9.46 -2.49 -8.49
CA LEU A 769 -8.73 -1.24 -8.38
C LEU A 769 -7.87 -1.18 -7.13
N LEU A 770 -8.51 -1.28 -5.98
CA LEU A 770 -7.81 -1.24 -4.70
C LEU A 770 -6.70 -2.27 -4.60
N LYS A 771 -6.85 -3.41 -5.26
CA LYS A 771 -5.81 -4.43 -5.19
C LYS A 771 -4.56 -3.99 -5.92
N LYS A 772 -4.64 -2.97 -6.76
CA LYS A 772 -3.49 -2.49 -7.50
C LYS A 772 -2.59 -1.68 -6.58
N ASP A 773 -1.32 -1.63 -6.96
CA ASP A 773 -0.30 -0.91 -6.22
C ASP A 773 0.21 0.31 -6.96
N ASN A 774 -0.43 0.69 -8.06
CA ASN A 774 -0.04 1.84 -8.86
C ASN A 774 -1.16 2.85 -9.04
N LEU A 775 -1.83 3.22 -7.95
CA LEU A 775 -2.91 4.18 -8.00
C LEU A 775 -2.50 5.54 -7.49
N ASN A 776 -3.19 6.55 -8.01
CA ASN A 776 -2.93 7.91 -7.63
C ASN A 776 -3.33 8.10 -6.18
N GLN A 777 -2.84 9.17 -5.58
CA GLN A 777 -3.14 9.46 -4.21
C GLN A 777 -4.51 10.07 -4.00
N ASP A 778 -5.04 10.80 -4.98
CA ASP A 778 -6.34 11.40 -4.83
C ASP A 778 -7.47 10.47 -5.24
N THR A 779 -7.17 9.46 -6.05
CA THR A 779 -8.20 8.53 -6.48
C THR A 779 -8.44 7.52 -5.38
N ARG A 780 -7.37 7.04 -4.76
CA ARG A 780 -7.48 6.08 -3.69
C ARG A 780 -8.26 6.67 -2.53
N LYS A 781 -8.22 7.99 -2.40
CA LYS A 781 -8.93 8.70 -1.35
C LYS A 781 -10.42 8.74 -1.64
N LEU A 782 -10.82 8.31 -2.83
CA LEU A 782 -12.21 8.30 -3.24
C LEU A 782 -12.81 6.92 -3.15
N LEU A 783 -12.13 5.93 -3.73
CA LEU A 783 -12.60 4.57 -3.70
C LEU A 783 -12.88 4.10 -2.30
N MET A 784 -12.02 4.43 -1.36
CA MET A 784 -12.23 4.02 0.00
C MET A 784 -13.45 4.69 0.57
N THR A 785 -13.70 5.93 0.18
CA THR A 785 -14.86 6.62 0.69
C THR A 785 -16.12 5.96 0.17
N TRP A 786 -16.02 5.39 -1.03
CA TRP A 786 -17.11 4.71 -1.68
C TRP A 786 -17.23 3.29 -1.19
N ALA A 787 -16.24 2.82 -0.46
CA ALA A 787 -16.24 1.48 0.08
C ALA A 787 -16.83 1.53 1.47
N LEU A 788 -16.57 2.64 2.15
CA LEU A 788 -17.06 2.85 3.49
C LEU A 788 -18.55 3.13 3.46
N GLU A 789 -19.01 3.79 2.41
CA GLU A 789 -20.41 4.10 2.29
C GLU A 789 -21.20 2.84 1.99
N ALA A 790 -20.58 1.89 1.30
CA ALA A 790 -21.23 0.65 0.95
C ALA A 790 -21.27 -0.29 2.14
N ALA A 791 -20.16 -0.36 2.86
CA ALA A 791 -20.07 -1.22 4.04
C ALA A 791 -21.14 -0.87 5.05
N VAL A 792 -21.15 0.38 5.50
CA VAL A 792 -22.13 0.85 6.46
C VAL A 792 -23.53 0.62 5.97
N LEU A 793 -23.73 0.62 4.67
CA LEU A 793 -25.04 0.41 4.09
C LEU A 793 -25.45 -1.04 4.15
N MET A 794 -24.51 -1.98 4.07
CA MET A 794 -24.88 -3.38 4.14
C MET A 794 -25.24 -3.81 5.54
N ARG A 795 -24.89 -3.02 6.54
CA ARG A 795 -25.18 -3.30 7.94
C ARG A 795 -26.27 -2.39 8.46
N LYS A 796 -27.19 -2.01 7.59
CA LYS A 796 -28.31 -1.14 7.91
C LYS A 796 -29.65 -1.86 7.89
N SER A 797 -29.71 -3.03 7.28
CA SER A 797 -30.93 -3.81 7.20
C SER A 797 -30.57 -5.29 7.24
N GLU A 798 -31.35 -6.05 8.00
CA GLU A 798 -31.11 -7.48 8.11
C GLU A 798 -31.39 -8.23 6.81
N THR A 799 -32.17 -7.64 5.90
CA THR A 799 -32.47 -8.29 4.65
C THR A 799 -31.29 -8.30 3.69
N TYR A 800 -30.20 -7.60 4.02
CA TYR A 800 -29.02 -7.54 3.19
C TYR A 800 -27.96 -8.52 3.64
N ALA A 801 -28.38 -9.58 4.32
CA ALA A 801 -27.44 -10.60 4.80
C ALA A 801 -26.88 -11.51 3.72
N PRO A 802 -27.65 -12.03 2.77
CA PRO A 802 -27.04 -12.90 1.76
C PRO A 802 -26.06 -12.22 0.84
N LEU A 803 -25.91 -10.90 0.92
CA LEU A 803 -24.99 -10.17 0.08
C LEU A 803 -23.55 -10.27 0.56
N PHE A 804 -23.30 -11.04 1.62
CA PHE A 804 -21.98 -11.23 2.17
C PHE A 804 -21.35 -12.53 1.72
N SER A 805 -22.04 -13.28 0.86
CA SER A 805 -21.53 -14.54 0.35
C SER A 805 -21.10 -14.54 -1.10
N LEU A 806 -21.73 -13.75 -1.96
CA LEU A 806 -21.37 -13.71 -3.37
C LEU A 806 -19.90 -13.35 -3.52
N PRO A 807 -19.24 -13.84 -4.59
CA PRO A 807 -17.82 -13.53 -4.78
C PRO A 807 -17.45 -12.08 -4.92
N SER A 808 -18.39 -11.19 -5.20
CA SER A 808 -18.03 -9.79 -5.31
C SER A 808 -17.51 -9.29 -3.99
N PHE A 809 -18.21 -9.61 -2.91
CA PHE A 809 -17.83 -9.20 -1.57
C PHE A 809 -16.48 -9.74 -1.16
N HIS A 810 -16.23 -11.03 -1.41
CA HIS A 810 -14.96 -11.62 -1.05
C HIS A 810 -13.81 -10.96 -1.80
N LYS A 811 -14.10 -10.39 -2.95
CA LYS A 811 -13.09 -9.73 -3.75
C LYS A 811 -12.94 -8.29 -3.31
N PHE A 812 -13.98 -7.74 -2.69
CA PHE A 812 -13.99 -6.38 -2.21
C PHE A 812 -13.22 -6.25 -0.91
N CYS A 813 -13.44 -7.17 0.02
CA CYS A 813 -12.75 -7.13 1.29
C CYS A 813 -11.25 -7.30 1.13
N LYS A 814 -10.82 -8.03 0.11
CA LYS A 814 -9.39 -8.20 -0.08
C LYS A 814 -8.73 -6.88 -0.42
N GLY A 815 -9.49 -5.96 -1.00
CA GLY A 815 -8.93 -4.68 -1.34
C GLY A 815 -8.69 -3.85 -0.11
N LEU A 816 -9.64 -3.87 0.81
CA LEU A 816 -9.53 -3.12 2.04
C LEU A 816 -8.34 -3.59 2.86
N LEU A 817 -8.11 -4.90 2.89
CA LEU A 817 -7.00 -5.42 3.66
C LEU A 817 -5.69 -5.09 2.99
N ALA A 818 -5.69 -4.98 1.67
CA ALA A 818 -4.49 -4.66 0.95
C ALA A 818 -4.24 -3.16 0.95
N ASN A 819 -5.31 -2.40 0.95
CA ASN A 819 -5.20 -0.96 0.97
C ASN A 819 -4.68 -0.45 2.28
N THR A 820 -4.99 -1.13 3.38
CA THR A 820 -4.49 -0.67 4.65
C THR A 820 -3.03 -1.03 4.71
N LEU A 821 -2.35 -0.56 5.74
CA LEU A 821 -0.93 -0.84 5.90
C LEU A 821 -0.19 -0.31 4.68
N VAL A 822 -0.32 0.99 4.47
CA VAL A 822 0.31 1.70 3.37
C VAL A 822 0.83 3.01 3.94
N GLU A 823 1.70 3.67 3.17
CA GLU A 823 2.28 4.94 3.59
C GLU A 823 1.21 5.94 4.00
N ASP A 824 0.13 6.03 3.24
CA ASP A 824 -0.95 6.96 3.54
C ASP A 824 -1.59 6.58 4.86
N VAL A 825 -1.63 7.55 5.78
CA VAL A 825 -2.22 7.30 7.09
C VAL A 825 -3.72 7.47 7.09
N ASN A 826 -4.25 8.54 6.54
CA ASN A 826 -5.68 8.71 6.53
C ASN A 826 -6.39 7.63 5.74
N ILE A 827 -5.65 6.92 4.89
CA ILE A 827 -6.23 5.87 4.09
C ILE A 827 -6.37 4.62 4.93
N CYS A 828 -5.37 4.31 5.74
CA CYS A 828 -5.41 3.13 6.58
C CYS A 828 -6.55 3.21 7.58
N LEU A 829 -6.91 4.40 7.99
CA LEU A 829 -7.96 4.63 8.95
C LEU A 829 -9.34 4.44 8.37
N GLN A 830 -9.50 4.61 7.06
CA GLN A 830 -10.80 4.42 6.47
C GLN A 830 -11.11 2.96 6.35
N ALA A 831 -10.08 2.12 6.29
CA ALA A 831 -10.28 0.70 6.18
C ALA A 831 -10.72 0.14 7.52
N CYS A 832 -10.05 0.54 8.60
CA CYS A 832 -10.42 0.05 9.92
C CYS A 832 -11.86 0.41 10.22
N SER A 833 -12.27 1.60 9.81
CA SER A 833 -13.63 2.04 10.04
C SER A 833 -14.59 1.22 9.23
N SER A 834 -14.12 0.65 8.13
CA SER A 834 -14.93 -0.18 7.26
C SER A 834 -15.02 -1.59 7.78
N LEU A 835 -13.85 -2.21 7.97
CA LEU A 835 -13.79 -3.57 8.48
C LEU A 835 -14.48 -3.68 9.82
N HIS A 836 -14.29 -2.69 10.67
CA HIS A 836 -14.92 -2.73 11.99
C HIS A 836 -16.43 -2.61 11.86
N ALA A 837 -16.91 -2.07 10.76
CA ALA A 837 -18.34 -1.92 10.58
C ALA A 837 -18.99 -3.23 10.19
N LEU A 838 -18.25 -4.05 9.45
CA LEU A 838 -18.75 -5.35 9.00
C LEU A 838 -17.93 -6.52 9.53
N SER A 839 -17.14 -6.33 10.59
CA SER A 839 -16.32 -7.39 11.16
C SER A 839 -17.14 -8.61 11.56
N SER A 840 -18.41 -8.42 11.87
CA SER A 840 -19.29 -9.49 12.28
C SER A 840 -20.00 -10.14 11.12
N SER A 841 -19.46 -10.03 9.92
CA SER A 841 -20.06 -10.61 8.75
C SER A 841 -19.06 -11.29 7.82
N LEU A 842 -17.79 -11.22 8.12
CA LEU A 842 -16.78 -11.83 7.29
C LEU A 842 -16.57 -13.29 7.69
N PRO A 843 -15.98 -14.08 6.82
CA PRO A 843 -15.74 -15.48 7.15
C PRO A 843 -14.47 -15.62 7.96
N ASP A 844 -14.16 -16.86 8.32
CA ASP A 844 -12.97 -17.12 9.10
C ASP A 844 -11.72 -17.08 8.24
N ASP A 845 -11.86 -16.93 6.91
CA ASP A 845 -10.72 -16.87 6.03
C ASP A 845 -10.20 -15.45 5.86
N LEU A 846 -10.99 -14.46 6.27
CA LEU A 846 -10.61 -13.05 6.17
C LEU A 846 -10.36 -12.40 7.51
N LEU A 847 -11.03 -12.84 8.57
CA LEU A 847 -10.80 -12.23 9.87
C LEU A 847 -9.37 -12.48 10.29
N GLN A 848 -8.86 -13.66 9.96
CA GLN A 848 -7.50 -14.03 10.31
C GLN A 848 -6.50 -13.10 9.66
N ARG A 849 -6.75 -12.64 8.45
CA ARG A 849 -5.81 -11.75 7.80
C ARG A 849 -5.81 -10.40 8.48
N CYS A 850 -6.90 -10.06 9.16
CA CYS A 850 -7.00 -8.78 9.85
C CYS A 850 -6.17 -8.79 11.11
N VAL A 851 -5.98 -9.96 11.70
CA VAL A 851 -5.19 -10.06 12.92
C VAL A 851 -3.73 -9.76 12.60
N ASP A 852 -3.22 -10.34 11.52
CA ASP A 852 -1.84 -10.12 11.13
C ASP A 852 -1.60 -8.66 10.81
N VAL A 853 -2.69 -7.94 10.50
CA VAL A 853 -2.60 -6.49 10.13
C VAL A 853 -2.59 -5.65 11.42
N CYS A 854 -3.52 -5.92 12.34
CA CYS A 854 -3.61 -5.19 13.58
C CYS A 854 -2.33 -5.25 14.39
N ARG A 855 -1.81 -6.45 14.61
CA ARG A 855 -0.59 -6.64 15.38
C ARG A 855 0.57 -5.83 14.84
N VAL A 856 0.53 -5.53 13.54
CA VAL A 856 1.60 -4.76 12.95
C VAL A 856 1.29 -3.29 13.15
N GLN A 857 0.02 -2.94 13.25
CA GLN A 857 -0.41 -1.57 13.45
C GLN A 857 -0.50 -1.20 14.91
N LEU A 858 -0.63 -2.17 15.81
CA LEU A 858 -0.71 -1.84 17.23
C LEU A 858 0.53 -1.11 17.68
N VAL A 859 1.62 -1.29 16.97
CA VAL A 859 2.89 -0.66 17.27
C VAL A 859 3.22 0.11 16.00
N HIS A 860 2.80 1.37 16.00
CA HIS A 860 3.01 2.29 14.91
C HIS A 860 3.49 3.58 15.54
N SER A 861 4.17 4.41 14.78
CA SER A 861 4.66 5.66 15.33
C SER A 861 3.52 6.54 15.81
N GLY A 862 2.51 6.73 14.99
CA GLY A 862 1.37 7.54 15.32
C GLY A 862 0.54 6.96 16.46
N THR A 863 -0.48 7.72 16.83
CA THR A 863 -1.39 7.33 17.90
C THR A 863 -2.78 7.02 17.37
N ARG A 864 -3.17 7.66 16.28
CA ARG A 864 -4.49 7.41 15.72
C ARG A 864 -4.59 5.98 15.24
N ILE A 865 -3.45 5.38 14.89
CA ILE A 865 -3.41 4.02 14.42
C ILE A 865 -3.50 3.06 15.60
N ARG A 866 -2.57 3.20 16.55
CA ARG A 866 -2.52 2.36 17.73
C ARG A 866 -3.85 2.38 18.47
N GLN A 867 -4.58 3.48 18.35
CA GLN A 867 -5.86 3.66 19.01
C GLN A 867 -7.04 3.23 18.13
N ALA A 868 -6.80 2.99 16.85
CA ALA A 868 -7.88 2.58 15.94
C ALA A 868 -7.90 1.09 15.73
N PHE A 869 -6.78 0.51 15.34
CA PHE A 869 -6.72 -0.93 15.11
C PHE A 869 -6.98 -1.70 16.38
N GLY A 870 -6.70 -1.12 17.54
CA GLY A 870 -6.93 -1.82 18.76
C GLY A 870 -8.40 -2.11 18.95
N LYS A 871 -9.24 -1.23 18.42
CA LYS A 871 -10.68 -1.42 18.55
C LYS A 871 -11.16 -2.51 17.62
N LEU A 872 -10.45 -2.70 16.51
CA LEU A 872 -10.81 -3.72 15.55
C LEU A 872 -10.53 -5.10 16.11
N LEU A 873 -9.34 -5.26 16.68
CA LEU A 873 -8.92 -6.52 17.27
C LEU A 873 -9.90 -6.98 18.34
N LYS A 874 -10.55 -6.04 19.01
CA LYS A 874 -11.50 -6.37 20.05
C LYS A 874 -12.81 -6.84 19.48
N SER A 875 -13.12 -6.48 18.24
CA SER A 875 -14.36 -6.91 17.64
C SER A 875 -14.23 -8.31 17.09
N ILE A 876 -13.01 -8.79 16.93
CA ILE A 876 -12.73 -10.12 16.42
C ILE A 876 -12.86 -11.05 17.62
N PRO A 877 -13.51 -12.18 17.49
CA PRO A 877 -13.63 -13.07 18.65
C PRO A 877 -12.31 -13.74 18.98
N LEU A 878 -12.33 -14.65 19.95
CA LEU A 878 -11.13 -15.35 20.35
C LEU A 878 -10.91 -16.62 19.55
N ASP A 879 -11.99 -17.22 19.03
CA ASP A 879 -11.91 -18.44 18.25
C ASP A 879 -10.96 -18.34 17.06
N VAL A 880 -10.63 -17.13 16.61
CA VAL A 880 -9.74 -16.92 15.48
C VAL A 880 -8.49 -16.15 15.87
N VAL A 881 -8.47 -15.52 17.05
CA VAL A 881 -7.29 -14.78 17.47
C VAL A 881 -6.25 -15.68 18.08
N LEU A 882 -6.66 -16.56 18.97
CA LEU A 882 -5.79 -17.49 19.63
C LEU A 882 -5.44 -18.73 18.83
N SER A 883 -5.97 -18.87 17.62
CA SER A 883 -5.66 -20.04 16.83
C SER A 883 -4.20 -20.02 16.42
N ASN A 884 -3.75 -21.16 15.90
CA ASN A 884 -2.37 -21.33 15.46
C ASN A 884 -2.16 -21.01 14.00
N ASN A 885 -3.10 -20.30 13.37
CA ASN A 885 -2.93 -19.97 11.97
C ASN A 885 -1.71 -19.08 11.81
N ASN A 886 -1.09 -19.17 10.65
CA ASN A 886 0.09 -18.37 10.40
C ASN A 886 -0.25 -16.92 10.10
N HIS A 887 0.56 -16.04 10.64
CA HIS A 887 0.43 -14.60 10.49
C HIS A 887 1.46 -14.21 9.43
N THR A 888 0.98 -13.96 8.22
CA THR A 888 1.86 -13.60 7.13
C THR A 888 2.48 -12.22 7.26
N GLU A 889 1.73 -11.20 7.67
CA GLU A 889 2.30 -9.88 7.79
C GLU A 889 3.45 -9.81 8.77
N ILE A 890 3.57 -10.78 9.66
CA ILE A 890 4.65 -10.77 10.63
C ILE A 890 5.89 -11.37 10.00
N GLN A 891 5.70 -12.40 9.19
CA GLN A 891 6.83 -13.04 8.54
C GLN A 891 7.50 -12.07 7.59
N GLU A 892 6.75 -11.10 7.07
CA GLU A 892 7.33 -10.13 6.16
C GLU A 892 8.31 -9.23 6.89
N ILE A 893 8.18 -9.11 8.20
CA ILE A 893 9.10 -8.27 8.94
C ILE A 893 10.43 -8.98 9.05
N SER A 894 10.40 -10.24 9.44
CA SER A 894 11.61 -11.01 9.58
C SER A 894 12.37 -11.06 8.27
N LEU A 895 11.67 -11.28 7.17
CA LEU A 895 12.35 -11.33 5.87
C LEU A 895 13.03 -10.02 5.56
N ALA A 896 12.54 -8.92 6.15
CA ALA A 896 13.15 -7.62 5.92
C ALA A 896 14.41 -7.49 6.73
N LEU A 897 14.31 -7.79 8.02
CA LEU A 897 15.45 -7.71 8.91
C LEU A 897 16.48 -8.75 8.55
N ARG A 898 16.01 -9.97 8.32
CA ARG A 898 16.88 -11.07 7.97
C ARG A 898 17.65 -10.78 6.70
N SER A 899 17.14 -9.89 5.86
CA SER A 899 17.78 -9.52 4.62
C SER A 899 18.73 -8.37 4.81
N HIS A 900 18.69 -7.75 5.98
CA HIS A 900 19.52 -6.63 6.39
C HIS A 900 20.72 -7.11 7.17
N MET A 901 20.48 -8.10 8.01
CA MET A 901 21.51 -8.69 8.85
C MET A 901 22.56 -9.35 7.99
N SER A 902 22.14 -9.92 6.86
CA SER A 902 23.04 -10.58 5.94
C SER A 902 23.83 -9.62 5.08
N LYS A 903 23.38 -8.37 4.94
CA LYS A 903 24.12 -7.45 4.12
C LYS A 903 25.42 -7.09 4.80
N ALA A 904 26.28 -6.47 4.04
CA ALA A 904 27.56 -6.07 4.59
C ALA A 904 27.35 -4.88 5.51
N PRO A 905 28.16 -4.74 6.54
CA PRO A 905 27.97 -3.61 7.44
C PRO A 905 28.33 -2.31 6.74
N SER A 906 27.54 -1.29 7.05
CA SER A 906 27.75 0.01 6.46
C SER A 906 28.82 0.82 7.15
N ASN A 907 29.06 0.59 8.43
CA ASN A 907 30.07 1.33 9.18
C ASN A 907 29.72 2.81 9.20
N THR A 908 28.42 3.08 9.30
CA THR A 908 27.86 4.42 9.34
C THR A 908 27.39 4.87 10.70
N PHE A 909 26.81 3.98 11.50
CA PHE A 909 26.32 4.31 12.83
C PHE A 909 27.42 5.04 13.61
N HIS A 910 27.13 6.24 14.03
CA HIS A 910 28.06 7.07 14.76
C HIS A 910 27.92 6.94 16.28
N PRO A 911 28.88 7.48 17.03
CA PRO A 911 28.81 7.40 18.48
C PRO A 911 27.66 8.09 19.14
N GLN A 912 27.42 9.36 18.83
CA GLN A 912 26.30 10.08 19.44
C GLN A 912 24.99 9.36 19.25
N ASP A 913 24.89 8.53 18.22
CA ASP A 913 23.68 7.78 17.96
C ASP A 913 23.62 6.61 18.90
N PHE A 914 24.79 6.03 19.19
CA PHE A 914 24.88 4.91 20.09
C PHE A 914 24.49 5.33 21.49
N SER A 915 25.15 6.39 21.97
CA SER A 915 24.89 6.92 23.30
C SER A 915 23.43 7.28 23.49
N ASP A 916 22.77 7.73 22.44
CA ASP A 916 21.37 8.09 22.54
C ASP A 916 20.46 6.90 22.53
N VAL A 917 20.98 5.73 22.20
CA VAL A 917 20.19 4.51 22.16
C VAL A 917 20.38 3.74 23.45
N ILE A 918 21.63 3.41 23.76
CA ILE A 918 21.94 2.67 24.96
C ILE A 918 21.43 3.42 26.18
N SER A 919 21.44 4.76 26.14
CA SER A 919 20.97 5.54 27.26
C SER A 919 19.51 5.26 27.54
N PHE A 920 18.72 5.13 26.48
CA PHE A 920 17.31 4.85 26.64
C PHE A 920 17.13 3.51 27.30
N ILE A 921 17.89 2.53 26.84
CA ILE A 921 17.83 1.18 27.36
C ILE A 921 18.28 1.10 28.81
N LEU A 922 19.44 1.65 29.11
CA LEU A 922 19.94 1.60 30.48
C LEU A 922 19.31 2.61 31.44
N TYR A 923 19.51 3.89 31.20
CA TYR A 923 18.99 4.96 32.04
C TYR A 923 17.54 5.37 31.77
N GLY A 924 17.11 5.43 30.53
CA GLY A 924 15.75 5.82 30.19
C GLY A 924 15.61 7.12 29.44
N ASN A 925 16.63 7.96 29.44
CA ASN A 925 16.62 9.23 28.76
C ASN A 925 17.16 9.07 27.35
N SER A 926 16.33 9.37 26.36
CA SER A 926 16.73 9.27 24.96
C SER A 926 17.42 10.53 24.50
N HIS A 927 17.12 11.66 25.13
CA HIS A 927 17.69 12.94 24.80
C HIS A 927 17.37 13.36 23.37
N ARG A 928 16.14 13.10 22.94
CA ARG A 928 15.72 13.45 21.58
C ARG A 928 14.22 13.71 21.56
N THR A 929 13.80 14.61 20.67
CA THR A 929 12.41 14.98 20.52
C THR A 929 11.74 14.33 19.32
N ASN A 933 8.97 9.80 16.79
CA ASN A 933 9.57 9.83 15.46
C ASN A 933 11.07 10.05 15.46
N TRP A 934 11.71 9.83 16.60
CA TRP A 934 13.15 10.02 16.69
C TRP A 934 13.95 8.86 16.15
N LEU A 935 13.30 7.87 15.56
CA LEU A 935 13.94 6.72 15.00
C LEU A 935 13.94 6.81 13.49
N GLU A 936 12.82 7.27 12.91
CA GLU A 936 12.75 7.40 11.47
C GLU A 936 13.81 8.39 11.03
N ARG A 937 14.04 9.42 11.83
CA ARG A 937 15.02 10.44 11.53
C ARG A 937 16.44 9.95 11.76
N LEU A 938 16.59 8.77 12.33
CA LEU A 938 17.91 8.20 12.60
C LEU A 938 18.24 7.14 11.58
N PHE A 939 17.22 6.43 11.11
CA PHE A 939 17.44 5.39 10.13
C PHE A 939 17.98 5.98 8.84
N TYR A 940 17.36 7.05 8.37
CA TYR A 940 17.83 7.67 7.15
C TYR A 940 19.20 8.26 7.29
N SER A 941 19.51 8.88 8.43
CA SER A 941 20.82 9.46 8.60
C SER A 941 21.90 8.40 8.59
N CYS A 942 21.55 7.16 8.91
CA CYS A 942 22.47 6.06 8.93
C CYS A 942 22.58 5.39 7.57
N GLN A 943 21.62 5.64 6.70
CA GLN A 943 21.60 5.07 5.37
C GLN A 943 22.32 6.01 4.42
N ARG A 944 22.63 5.50 3.25
CA ARG A 944 23.31 6.24 2.21
C ARG A 944 22.60 5.99 0.90
N LEU A 945 23.08 6.66 -0.12
CA LEU A 945 22.55 6.56 -1.45
C LEU A 945 23.59 6.19 -2.48
N ASP A 946 24.86 6.50 -2.25
CA ASP A 946 25.90 6.16 -3.22
C ASP A 946 26.01 4.65 -3.39
N LYS A 947 25.65 3.89 -2.35
CA LYS A 947 25.70 2.45 -2.36
C LYS A 947 24.32 1.91 -2.72
N THR A 952 17.62 -1.65 2.19
CA THR A 952 16.62 -2.06 1.22
C THR A 952 15.36 -2.56 1.90
N ILE A 953 14.94 -1.83 2.93
CA ILE A 953 13.75 -2.17 3.68
C ILE A 953 12.56 -1.48 3.03
N PRO A 954 11.38 -2.10 2.97
CA PRO A 954 10.25 -1.43 2.33
C PRO A 954 9.86 -0.19 3.12
N ARG A 955 9.38 0.83 2.40
CA ARG A 955 8.98 2.06 3.05
C ARG A 955 7.72 1.95 3.88
N ASN A 956 6.97 0.87 3.76
CA ASN A 956 5.75 0.72 4.54
C ASN A 956 5.97 0.15 5.92
N LEU A 957 7.17 -0.31 6.23
CA LEU A 957 7.49 -0.89 7.52
C LEU A 957 8.34 0.03 8.39
N LEU A 958 8.64 1.22 7.92
CA LEU A 958 9.45 2.17 8.67
C LEU A 958 8.65 2.90 9.73
N LYS A 959 7.35 3.00 9.59
CA LYS A 959 6.56 3.68 10.59
C LYS A 959 6.44 2.85 11.84
N THR A 960 6.69 1.56 11.72
CA THR A 960 6.64 0.59 12.79
C THR A 960 7.85 0.70 13.70
N ASP A 961 7.61 0.70 15.00
CA ASP A 961 8.70 0.78 15.94
C ASP A 961 9.48 -0.50 16.06
N ALA A 962 8.83 -1.64 15.80
CA ALA A 962 9.49 -2.94 15.88
C ALA A 962 10.71 -3.00 15.00
N VAL A 963 10.51 -2.79 13.70
CA VAL A 963 11.60 -2.83 12.76
C VAL A 963 12.69 -1.85 13.10
N LEU A 964 12.34 -0.74 13.70
CA LEU A 964 13.33 0.26 14.06
C LEU A 964 14.10 -0.11 15.30
N TRP A 965 13.46 -0.71 16.29
CA TRP A 965 14.20 -1.07 17.49
C TRP A 965 15.12 -2.24 17.21
N GLN A 966 14.61 -3.23 16.49
CA GLN A 966 15.43 -4.39 16.18
C GLN A 966 16.56 -4.03 15.25
N TRP A 967 16.39 -2.93 14.50
CA TRP A 967 17.42 -2.49 13.57
C TRP A 967 18.57 -1.80 14.30
N ALA A 968 18.26 -0.88 15.19
CA ALA A 968 19.27 -0.15 15.92
C ALA A 968 20.18 -1.08 16.69
N ILE A 969 19.59 -1.90 17.56
CA ILE A 969 20.34 -2.85 18.37
C ILE A 969 21.29 -3.68 17.52
N TRP A 970 20.95 -3.93 16.26
CA TRP A 970 21.85 -4.70 15.43
C TRP A 970 23.03 -3.83 15.10
N GLU A 971 22.75 -2.58 14.77
CA GLU A 971 23.78 -1.62 14.43
C GLU A 971 24.57 -1.21 15.65
N ALA A 972 23.92 -1.12 16.80
CA ALA A 972 24.62 -0.74 18.01
C ALA A 972 25.61 -1.82 18.39
N ALA A 973 25.27 -3.06 18.06
CA ALA A 973 26.13 -4.19 18.37
C ALA A 973 27.34 -4.16 17.45
N GLN A 974 27.10 -3.95 16.15
CA GLN A 974 28.19 -3.91 15.19
C GLN A 974 29.16 -2.82 15.54
N PHE A 975 28.65 -1.66 15.92
CA PHE A 975 29.53 -0.57 16.28
C PHE A 975 30.36 -0.96 17.49
N THR A 976 29.79 -1.76 18.36
CA THR A 976 30.51 -2.19 19.54
C THR A 976 31.53 -3.26 19.18
N VAL A 977 31.28 -3.97 18.09
CA VAL A 977 32.18 -5.01 17.62
C VAL A 977 33.29 -4.42 16.77
N LEU A 978 32.92 -3.80 15.66
CA LEU A 978 33.86 -3.18 14.73
C LEU A 978 34.71 -2.08 15.32
N SER A 979 34.39 -1.59 16.52
CA SER A 979 35.17 -0.53 17.15
C SER A 979 36.10 -1.07 18.22
N LYS A 980 36.34 -2.39 18.21
CA LYS A 980 37.22 -3.02 19.19
C LYS A 980 36.69 -2.81 20.61
N LEU A 981 35.38 -2.63 20.71
CA LEU A 981 34.65 -2.40 21.95
C LEU A 981 35.03 -1.11 22.64
N ARG A 982 35.76 -0.23 21.96
CA ARG A 982 36.18 1.03 22.54
C ARG A 982 35.06 2.05 22.30
N THR A 983 33.94 1.80 22.95
CA THR A 983 32.74 2.62 22.90
C THR A 983 32.93 3.92 23.63
N PRO A 984 32.09 4.95 23.42
CA PRO A 984 32.28 6.20 24.14
C PRO A 984 32.03 6.01 25.62
N LEU A 985 31.36 4.90 25.97
CA LEU A 985 31.05 4.61 27.35
C LEU A 985 32.35 4.44 28.14
N GLY A 986 33.42 4.04 27.45
CA GLY A 986 34.71 3.85 28.06
C GLY A 986 35.60 2.92 27.25
N ARG A 987 36.22 1.98 27.93
CA ARG A 987 37.12 0.99 27.34
C ARG A 987 36.40 -0.36 27.31
N ALA A 988 37.01 -1.32 26.63
CA ALA A 988 36.45 -2.66 26.50
C ALA A 988 36.04 -3.23 27.85
N GLN A 989 36.85 -3.01 28.88
CA GLN A 989 36.51 -3.52 30.19
C GLN A 989 35.44 -2.65 30.83
N ASP A 990 35.39 -1.37 30.46
CA ASP A 990 34.39 -0.47 31.03
C ASP A 990 33.00 -0.85 30.60
N THR A 991 32.84 -1.38 29.38
CA THR A 991 31.52 -1.78 28.93
C THR A 991 31.07 -3.00 29.71
N PHE A 992 31.89 -4.05 29.66
CA PHE A 992 31.62 -5.29 30.34
C PHE A 992 31.31 -5.02 31.81
N GLN A 993 32.13 -4.18 32.42
CA GLN A 993 31.96 -3.83 33.82
C GLN A 993 30.70 -3.02 34.05
N THR A 994 30.11 -2.45 32.99
CA THR A 994 28.90 -1.67 33.14
C THR A 994 27.67 -2.54 32.98
N ILE A 995 27.74 -3.53 32.09
CA ILE A 995 26.62 -4.41 31.86
C ILE A 995 26.50 -5.42 32.98
N GLU A 996 27.62 -6.03 33.35
CA GLU A 996 27.65 -7.02 34.41
C GLU A 996 27.05 -6.50 35.70
N GLY A 997 27.19 -5.20 35.96
CA GLY A 997 26.64 -4.63 37.16
C GLY A 997 25.14 -4.42 37.11
N ILE A 998 24.59 -4.35 35.90
CA ILE A 998 23.16 -4.15 35.73
C ILE A 998 22.43 -5.48 35.70
N ILE A 999 22.98 -6.43 34.95
CA ILE A 999 22.36 -7.75 34.84
C ILE A 999 22.27 -8.37 36.21
N ARG A 1000 23.36 -8.34 36.94
CA ARG A 1000 23.42 -8.91 38.26
C ARG A 1000 22.49 -8.20 39.25
N SER A 1001 22.20 -6.92 39.02
CA SER A 1001 21.33 -6.21 39.93
C SER A 1001 19.90 -6.70 39.81
N LEU A 1002 19.40 -6.80 38.59
CA LEU A 1002 18.05 -7.26 38.35
C LEU A 1002 17.86 -8.69 38.77
N ALA A 1003 18.90 -9.50 38.69
CA ALA A 1003 18.78 -10.90 39.08
C ALA A 1003 18.37 -11.02 40.53
N ALA A 1004 18.95 -10.20 41.40
CA ALA A 1004 18.60 -10.25 42.80
C ALA A 1004 17.14 -9.91 42.99
N HIS A 1005 16.68 -8.87 42.29
CA HIS A 1005 15.29 -8.43 42.37
C HIS A 1005 14.33 -9.57 42.08
N THR A 1006 14.76 -10.54 41.28
CA THR A 1006 13.92 -11.67 40.95
C THR A 1006 13.79 -12.60 42.13
N LEU A 1007 14.79 -12.59 43.02
CA LEU A 1007 14.79 -13.44 44.20
C LEU A 1007 14.12 -12.72 45.36
N ASN A 1008 14.66 -11.57 45.74
CA ASN A 1008 14.16 -10.74 46.83
C ASN A 1008 13.62 -9.46 46.21
N PRO A 1009 12.42 -9.49 45.61
CA PRO A 1009 11.84 -8.29 44.99
C PRO A 1009 11.48 -7.19 45.99
N ASP A 1010 12.51 -6.67 46.65
CA ASP A 1010 12.37 -5.60 47.62
C ASP A 1010 13.54 -4.63 47.55
N GLN A 1011 14.42 -4.76 46.54
CA GLN A 1011 15.56 -3.86 46.44
C GLN A 1011 15.20 -2.53 45.78
N ASP A 1012 14.25 -2.52 44.86
CA ASP A 1012 13.85 -1.28 44.18
C ASP A 1012 15.02 -0.64 43.46
N VAL A 1013 15.45 -1.31 42.38
CA VAL A 1013 16.56 -0.82 41.58
C VAL A 1013 16.25 0.58 41.06
N SER A 1014 17.30 1.38 40.91
CA SER A 1014 17.13 2.75 40.42
C SER A 1014 17.12 2.77 38.92
N GLN A 1015 16.23 3.59 38.37
CA GLN A 1015 16.04 3.79 36.93
C GLN A 1015 15.51 2.56 36.23
N TRP A 1016 14.99 1.58 36.97
CA TRP A 1016 14.50 0.34 36.32
C TRP A 1016 13.08 -0.03 36.78
N THR A 1017 12.78 0.18 38.07
CA THR A 1017 11.48 -0.20 38.61
C THR A 1017 10.65 0.99 39.06
N THR A 1018 10.93 2.18 38.56
CA THR A 1018 10.20 3.37 38.92
C THR A 1018 9.90 4.19 37.69
N ALA A 1019 8.72 4.79 37.69
CA ALA A 1019 8.30 5.63 36.58
C ALA A 1019 7.21 6.55 37.06
N ASP A 1020 7.24 7.78 36.56
CA ASP A 1020 6.25 8.78 36.94
C ASP A 1020 4.85 8.49 36.43
N ASN A 1021 4.66 7.52 35.54
CA ASN A 1021 3.31 7.26 35.04
C ASN A 1021 3.21 5.93 34.32
N ASP A 1022 1.98 5.59 33.95
CA ASP A 1022 1.66 4.37 33.24
C ASP A 1022 2.49 4.17 31.97
N GLU A 1023 2.95 5.25 31.35
CA GLU A 1023 3.75 5.13 30.14
C GLU A 1023 5.14 4.69 30.51
N GLY A 1024 5.62 5.13 31.66
CA GLY A 1024 6.93 4.78 32.14
C GLY A 1024 7.05 3.34 32.56
N HIS A 1025 6.00 2.77 33.15
CA HIS A 1025 6.06 1.38 33.58
C HIS A 1025 6.05 0.46 32.38
N GLY A 1026 5.67 0.99 31.21
CA GLY A 1026 5.63 0.22 30.00
C GLY A 1026 6.95 0.17 29.31
N ASN A 1027 7.74 1.23 29.43
CA ASN A 1027 9.03 1.24 28.79
C ASN A 1027 10.00 0.33 29.49
N ASN A 1028 9.87 0.18 30.81
CA ASN A 1028 10.77 -0.69 31.55
C ASN A 1028 10.80 -2.08 30.96
N GLN A 1029 9.65 -2.57 30.52
CA GLN A 1029 9.61 -3.90 29.94
C GLN A 1029 10.33 -3.88 28.62
N LEU A 1030 10.14 -2.80 27.87
CA LEU A 1030 10.75 -2.64 26.57
C LEU A 1030 12.25 -2.49 26.73
N ARG A 1031 12.67 -1.74 27.72
CA ARG A 1031 14.09 -1.56 27.93
C ARG A 1031 14.77 -2.86 28.31
N LEU A 1032 14.02 -3.83 28.78
CA LEU A 1032 14.58 -5.12 29.17
C LEU A 1032 14.68 -6.03 27.97
N VAL A 1033 13.62 -6.07 27.16
CA VAL A 1033 13.61 -6.92 25.98
C VAL A 1033 14.74 -6.55 25.04
N LEU A 1034 15.09 -5.28 24.99
CA LEU A 1034 16.14 -4.83 24.12
C LEU A 1034 17.51 -5.13 24.68
N LEU A 1035 17.68 -4.97 25.99
CA LEU A 1035 18.96 -5.26 26.62
C LEU A 1035 19.35 -6.69 26.36
N LEU A 1036 18.37 -7.58 26.32
CA LEU A 1036 18.62 -8.98 26.08
C LEU A 1036 18.92 -9.20 24.62
N GLN A 1037 18.24 -8.45 23.76
CA GLN A 1037 18.46 -8.58 22.33
C GLN A 1037 19.82 -8.04 22.00
N TYR A 1038 20.26 -7.02 22.74
CA TYR A 1038 21.57 -6.45 22.50
C TYR A 1038 22.64 -7.46 22.84
N LEU A 1039 22.31 -8.43 23.67
CA LEU A 1039 23.21 -9.48 24.10
C LEU A 1039 22.98 -10.75 23.29
N GLU A 1040 21.77 -10.91 22.75
CA GLU A 1040 21.47 -12.09 21.96
C GLU A 1040 22.08 -11.98 20.59
N ASN A 1041 22.50 -10.77 20.19
CA ASN A 1041 23.11 -10.52 18.89
C ASN A 1041 24.58 -10.23 19.05
N LEU A 1042 24.97 -9.61 20.16
CA LEU A 1042 26.36 -9.28 20.41
C LEU A 1042 27.19 -10.54 20.51
N GLU A 1043 26.55 -11.65 20.80
CA GLU A 1043 27.20 -12.93 20.94
C GLU A 1043 27.37 -13.54 19.56
N LYS A 1044 26.46 -13.23 18.66
CA LYS A 1044 26.51 -13.75 17.30
C LYS A 1044 27.65 -13.12 16.54
N LEU A 1045 27.66 -11.81 16.49
CA LEU A 1045 28.66 -11.02 15.81
C LEU A 1045 30.06 -11.36 16.28
N MET A 1046 30.20 -11.76 17.53
CA MET A 1046 31.52 -12.10 18.04
C MET A 1046 31.92 -13.45 17.47
N TYR A 1047 31.00 -14.41 17.53
CA TYR A 1047 31.26 -15.74 17.01
C TYR A 1047 31.58 -15.71 15.53
N ASN A 1048 30.96 -14.79 14.80
CA ASN A 1048 31.21 -14.69 13.37
C ASN A 1048 32.64 -14.27 13.09
N ALA A 1049 33.23 -13.50 13.99
CA ALA A 1049 34.60 -13.03 13.82
C ALA A 1049 35.63 -14.13 13.95
N TYR A 1050 35.53 -14.98 14.97
CA TYR A 1050 36.49 -16.05 15.16
C TYR A 1050 36.07 -17.42 14.63
N GLU A 1051 34.79 -17.64 14.34
CA GLU A 1051 34.32 -18.92 13.83
C GLU A 1051 33.73 -18.78 12.44
N GLY A 1052 32.90 -17.78 12.22
CA GLY A 1052 32.27 -17.55 10.92
C GLY A 1052 30.90 -18.18 10.80
N CYS A 1053 30.16 -17.68 9.82
CA CYS A 1053 28.81 -18.11 9.49
C CYS A 1053 28.79 -18.41 8.00
N ALA A 1054 28.01 -19.40 7.61
CA ALA A 1054 27.87 -19.81 6.21
C ALA A 1054 26.55 -19.37 5.60
N ASN A 1055 26.64 -18.73 4.44
CA ASN A 1055 25.49 -18.23 3.70
C ASN A 1055 24.63 -17.29 4.52
N ALA A 1056 25.22 -16.63 5.51
CA ALA A 1056 24.49 -15.71 6.36
C ALA A 1056 25.42 -14.98 7.30
N LEU A 1057 25.10 -13.71 7.54
CA LEU A 1057 25.84 -12.81 8.39
C LEU A 1057 27.26 -12.50 7.94
N THR A 1058 27.70 -12.96 6.78
CA THR A 1058 29.08 -12.68 6.31
C THR A 1058 30.10 -13.24 7.27
N ARG A 1065 41.75 -6.32 9.03
CA ARG A 1065 40.80 -7.23 9.64
C ARG A 1065 40.66 -6.90 11.13
N THR A 1066 39.71 -7.59 11.77
CA THR A 1066 39.43 -7.40 13.19
C THR A 1066 39.18 -8.73 13.87
N PHE A 1067 39.71 -9.83 13.35
CA PHE A 1067 39.48 -11.11 13.99
C PHE A 1067 40.09 -11.16 15.38
N PHE A 1068 39.22 -11.45 16.35
CA PHE A 1068 39.57 -11.55 17.74
C PHE A 1068 39.86 -13.00 18.08
N TYR A 1069 40.80 -13.59 17.34
CA TYR A 1069 41.14 -14.97 17.61
C TYR A 1069 42.01 -15.07 18.85
N THR A 1070 42.51 -13.93 19.33
CA THR A 1070 43.35 -13.88 20.51
C THR A 1070 42.55 -13.65 21.77
N ASN A 1071 41.60 -12.73 21.72
CA ASN A 1071 40.75 -12.40 22.84
C ASN A 1071 39.49 -13.25 22.92
N ARG A 1072 39.55 -14.47 22.42
CA ARG A 1072 38.39 -15.35 22.45
C ARG A 1072 38.15 -15.95 23.83
N GLN A 1073 39.19 -16.06 24.66
CA GLN A 1073 38.98 -16.65 25.97
C GLN A 1073 38.37 -15.67 26.96
N THR A 1074 38.57 -14.37 26.80
CA THR A 1074 37.98 -13.43 27.75
C THR A 1074 36.47 -13.39 27.55
N CYS A 1075 36.05 -13.28 26.30
CA CYS A 1075 34.63 -13.23 25.98
C CYS A 1075 33.93 -14.51 26.39
N GLN A 1076 34.46 -15.66 25.98
CA GLN A 1076 33.84 -16.95 26.33
C GLN A 1076 33.79 -17.14 27.84
N ASP A 1077 34.72 -16.52 28.56
CA ASP A 1077 34.74 -16.65 30.02
C ASP A 1077 33.84 -15.60 30.64
N TRP A 1078 33.65 -14.47 29.95
CA TRP A 1078 32.81 -13.40 30.44
C TRP A 1078 31.35 -13.78 30.36
N LEU A 1079 30.91 -14.31 29.22
CA LEU A 1079 29.52 -14.69 29.08
C LEU A 1079 29.14 -15.76 30.10
N THR A 1080 29.93 -16.83 30.18
CA THR A 1080 29.64 -17.88 31.13
C THR A 1080 29.63 -17.33 32.55
N ARG A 1081 30.37 -16.24 32.80
CA ARG A 1081 30.40 -15.66 34.13
C ARG A 1081 29.02 -15.10 34.48
N ILE A 1082 28.31 -14.58 33.47
CA ILE A 1082 26.98 -14.02 33.64
C ILE A 1082 25.92 -14.77 32.87
N ARG A 1083 26.25 -15.92 32.31
CA ARG A 1083 25.26 -16.67 31.57
C ARG A 1083 24.11 -17.14 32.43
N LEU A 1084 24.25 -17.17 33.74
CA LEU A 1084 23.18 -17.61 34.59
C LEU A 1084 22.31 -16.47 35.06
N SER A 1085 22.86 -15.26 35.13
CA SER A 1085 22.06 -14.13 35.56
C SER A 1085 21.04 -13.79 34.50
N ILE A 1086 21.42 -13.95 33.24
CA ILE A 1086 20.55 -13.65 32.12
C ILE A 1086 19.33 -14.55 32.18
N MET A 1087 19.55 -15.80 32.59
CA MET A 1087 18.48 -16.77 32.69
C MET A 1087 17.43 -16.30 33.67
N ARG A 1088 17.84 -15.81 34.83
CA ARG A 1088 16.90 -15.34 35.81
C ARG A 1088 16.17 -14.12 35.30
N VAL A 1089 16.85 -13.33 34.48
CA VAL A 1089 16.27 -12.12 33.91
C VAL A 1089 15.31 -12.47 32.79
N GLY A 1090 15.60 -13.53 32.03
CA GLY A 1090 14.72 -13.90 30.95
C GLY A 1090 13.35 -14.32 31.42
N LEU A 1091 13.25 -14.83 32.64
CA LEU A 1091 12.00 -15.27 33.21
C LEU A 1091 11.21 -14.08 33.69
N LEU A 1092 11.93 -13.07 34.19
CA LEU A 1092 11.31 -11.87 34.69
C LEU A 1092 10.54 -11.17 33.59
N ALA A 1093 11.22 -10.89 32.50
CA ALA A 1093 10.68 -10.22 31.33
C ALA A 1093 9.63 -11.02 30.58
N GLY A 1094 9.31 -12.22 31.00
CA GLY A 1094 8.30 -12.95 30.25
C GLY A 1094 8.82 -13.31 28.89
N GLN A 1095 10.13 -13.49 28.76
CA GLN A 1095 10.81 -13.84 27.53
C GLN A 1095 11.61 -15.09 27.87
N PRO A 1096 10.96 -16.26 27.85
CA PRO A 1096 11.66 -17.50 28.18
C PRO A 1096 12.60 -18.05 27.14
N ALA A 1097 12.50 -17.68 25.88
CA ALA A 1097 13.43 -18.24 24.92
C ALA A 1097 14.86 -17.80 25.14
N VAL A 1098 15.09 -16.83 26.01
CA VAL A 1098 16.44 -16.36 26.27
C VAL A 1098 17.15 -17.32 27.21
N THR A 1099 16.50 -17.66 28.30
CA THR A 1099 17.07 -18.57 29.27
C THR A 1099 17.27 -19.96 28.71
N VAL A 1100 16.42 -20.37 27.78
CA VAL A 1100 16.56 -21.70 27.20
C VAL A 1100 17.82 -21.77 26.36
N ARG A 1101 18.10 -20.72 25.60
CA ARG A 1101 19.30 -20.75 24.79
C ARG A 1101 20.53 -20.78 25.69
N HIS A 1102 20.55 -19.90 26.67
CA HIS A 1102 21.68 -19.88 27.58
C HIS A 1102 21.72 -21.15 28.39
N GLY A 1103 20.56 -21.71 28.72
CA GLY A 1103 20.54 -22.93 29.51
C GLY A 1103 21.19 -24.05 28.73
N PHE A 1104 20.81 -24.18 27.46
CA PHE A 1104 21.39 -25.21 26.64
C PHE A 1104 22.85 -24.91 26.40
N ASP A 1105 23.17 -23.64 26.11
CA ASP A 1105 24.55 -23.23 25.87
C ASP A 1105 25.42 -23.48 27.08
N LEU A 1106 24.82 -23.61 28.26
CA LEU A 1106 25.50 -23.85 29.51
C LEU A 1106 25.56 -25.33 29.86
N LEU A 1107 24.49 -26.08 29.61
CA LEU A 1107 24.53 -27.50 29.94
C LEU A 1107 25.56 -28.19 29.08
N THR A 1108 25.74 -27.75 27.84
CA THR A 1108 26.72 -28.37 26.98
C THR A 1108 28.10 -28.02 27.51
N GLU A 1109 28.25 -26.75 27.93
CA GLU A 1109 29.52 -26.29 28.47
C GLU A 1109 29.86 -27.06 29.74
N MET A 1110 28.88 -27.67 30.38
CA MET A 1110 29.06 -28.46 31.59
C MET A 1110 29.23 -29.91 31.21
N LYS A 1111 30.15 -30.13 30.27
CA LYS A 1111 30.48 -31.45 29.75
C LYS A 1111 31.55 -32.15 30.56
N THR A 1112 32.04 -31.53 31.64
CA THR A 1112 33.06 -32.12 32.48
C THR A 1112 32.41 -32.96 33.58
N ASN A 1119 27.06 -26.57 43.05
CA ASN A 1119 25.69 -27.04 42.88
C ASN A 1119 24.95 -26.22 41.84
N GLU A 1120 25.65 -25.88 40.75
CA GLU A 1120 25.07 -25.09 39.68
C GLU A 1120 24.25 -25.92 38.70
N LEU A 1121 24.03 -27.21 38.98
CA LEU A 1121 23.26 -28.06 38.09
C LEU A 1121 21.81 -28.17 38.48
N GLU A 1122 21.51 -28.37 39.76
CA GLU A 1122 20.12 -28.48 40.16
C GLU A 1122 19.42 -27.14 40.10
N VAL A 1123 20.16 -26.05 39.90
CA VAL A 1123 19.56 -24.72 39.82
C VAL A 1123 19.32 -24.31 38.38
N THR A 1124 20.26 -24.58 37.49
CA THR A 1124 20.06 -24.19 36.11
C THR A 1124 19.00 -25.01 35.44
N ILE A 1125 18.68 -26.18 35.98
CA ILE A 1125 17.66 -27.04 35.40
C ILE A 1125 16.29 -26.52 35.76
N MET A 1126 16.15 -25.79 36.86
CA MET A 1126 14.85 -25.29 37.25
C MET A 1126 14.47 -24.14 36.35
N MET A 1127 15.42 -23.25 36.08
CA MET A 1127 15.14 -22.11 35.23
C MET A 1127 14.72 -22.58 33.85
N VAL A 1128 15.32 -23.66 33.37
CA VAL A 1128 14.94 -24.16 32.07
C VAL A 1128 13.53 -24.67 32.16
N VAL A 1129 13.29 -25.59 33.08
CA VAL A 1129 11.99 -26.18 33.28
C VAL A 1129 10.98 -25.11 33.66
N GLU A 1130 11.40 -24.07 34.36
CA GLU A 1130 10.47 -23.03 34.74
C GLU A 1130 10.08 -22.21 33.52
N ALA A 1131 10.88 -22.31 32.45
CA ALA A 1131 10.65 -21.60 31.21
C ALA A 1131 9.95 -22.46 30.20
N LEU A 1132 10.28 -23.74 30.13
CA LEU A 1132 9.62 -24.60 29.17
C LEU A 1132 8.13 -24.67 29.47
N CYS A 1133 7.75 -24.58 30.72
CA CYS A 1133 6.36 -24.62 31.09
C CYS A 1133 5.67 -23.34 30.65
N GLU A 1134 6.43 -22.24 30.61
CA GLU A 1134 5.90 -20.95 30.19
C GLU A 1134 5.70 -20.91 28.69
N LEU A 1135 6.25 -21.90 27.97
CA LEU A 1135 6.17 -22.03 26.54
C LEU A 1135 5.25 -23.16 26.09
N HIS A 1136 4.72 -23.94 27.02
CA HIS A 1136 3.82 -25.06 26.71
C HIS A 1136 4.55 -26.14 25.93
N CYS A 1137 5.75 -26.50 26.36
CA CYS A 1137 6.56 -27.53 25.73
C CYS A 1137 6.81 -28.68 26.69
N PRO A 1138 5.94 -29.66 26.73
CA PRO A 1138 6.15 -30.77 27.64
C PRO A 1138 7.07 -31.84 27.09
N GLU A 1139 7.09 -31.96 25.77
CA GLU A 1139 7.92 -32.95 25.12
C GLU A 1139 9.40 -32.74 25.40
N ALA A 1140 9.83 -31.50 25.54
CA ALA A 1140 11.24 -31.24 25.81
C ALA A 1140 11.63 -31.52 27.22
N ILE A 1141 10.74 -31.35 28.17
CA ILE A 1141 11.04 -31.60 29.56
C ILE A 1141 11.34 -33.06 29.77
N GLN A 1142 10.60 -33.93 29.10
CA GLN A 1142 10.81 -35.36 29.22
C GLN A 1142 12.22 -35.72 28.76
N GLY A 1143 12.79 -34.91 27.90
CA GLY A 1143 14.11 -35.11 27.38
C GLY A 1143 15.16 -34.79 28.41
N ILE A 1144 14.87 -33.80 29.25
CA ILE A 1144 15.82 -33.43 30.26
C ILE A 1144 15.89 -34.50 31.33
N ALA A 1145 14.74 -35.07 31.68
CA ALA A 1145 14.71 -36.11 32.69
C ALA A 1145 15.54 -37.30 32.25
N VAL A 1146 15.30 -37.77 31.03
CA VAL A 1146 16.02 -38.91 30.50
C VAL A 1146 17.50 -38.57 30.40
N TRP A 1147 17.79 -37.34 30.01
CA TRP A 1147 19.15 -36.88 29.88
C TRP A 1147 19.78 -36.75 31.25
N SER A 1148 18.95 -36.51 32.27
CA SER A 1148 19.41 -36.37 33.64
C SER A 1148 19.67 -37.71 34.29
N SER A 1149 18.93 -38.74 33.89
CA SER A 1149 19.12 -40.05 34.47
C SER A 1149 20.54 -40.55 34.23
N SER A 1150 21.16 -40.08 33.15
CA SER A 1150 22.51 -40.48 32.82
C SER A 1150 23.51 -39.94 33.82
N ILE A 1151 23.09 -38.99 34.67
CA ILE A 1151 23.92 -38.37 35.68
C ILE A 1151 23.25 -38.64 37.01
N ASN A 1155 19.00 -37.29 42.78
CA ASN A 1155 17.70 -37.70 42.25
C ASN A 1155 16.97 -36.52 41.64
N LEU A 1156 16.86 -36.52 40.31
CA LEU A 1156 16.19 -35.47 39.55
C LEU A 1156 14.99 -36.06 38.83
N LEU A 1157 14.24 -36.91 39.52
CA LEU A 1157 13.05 -37.55 38.97
C LEU A 1157 11.81 -36.69 39.07
N TRP A 1158 11.87 -35.59 39.82
CA TRP A 1158 10.73 -34.70 39.97
C TRP A 1158 10.42 -33.89 38.73
N ILE A 1159 11.27 -33.96 37.71
CA ILE A 1159 11.02 -33.22 36.48
C ILE A 1159 9.91 -33.82 35.65
N ASN A 1160 9.73 -35.14 35.71
CA ASN A 1160 8.67 -35.75 34.92
C ASN A 1160 7.28 -35.33 35.35
N SER A 1161 7.16 -34.64 36.49
CA SER A 1161 5.88 -34.19 36.99
C SER A 1161 5.51 -32.83 36.47
N VAL A 1162 6.50 -31.97 36.25
CA VAL A 1162 6.23 -30.63 35.75
C VAL A 1162 5.63 -30.72 34.37
N ALA A 1163 6.03 -31.72 33.60
CA ALA A 1163 5.50 -31.87 32.26
C ALA A 1163 4.00 -32.03 32.28
N GLN A 1164 3.48 -32.65 33.33
CA GLN A 1164 2.04 -32.82 33.43
C GLN A 1164 1.38 -31.47 33.57
N GLN A 1165 2.04 -30.54 34.27
CA GLN A 1165 1.51 -29.21 34.47
C GLN A 1165 1.50 -28.44 33.17
N ALA A 1166 2.56 -28.59 32.39
CA ALA A 1166 2.64 -27.89 31.12
C ALA A 1166 1.58 -28.36 30.15
N GLU A 1167 1.27 -29.64 30.16
CA GLU A 1167 0.26 -30.18 29.27
C GLU A 1167 -1.14 -29.82 29.73
N GLY A 1168 -1.29 -29.20 30.90
CA GLY A 1168 -2.57 -28.82 31.42
C GLY A 1168 -3.21 -29.83 32.35
N ARG A 1169 -2.40 -30.58 33.08
CA ARG A 1169 -2.89 -31.59 34.01
C ARG A 1169 -2.53 -31.09 35.40
N PHE A 1170 -3.44 -30.29 35.95
CA PHE A 1170 -3.26 -29.71 37.28
C PHE A 1170 -3.72 -30.62 38.41
N GLU A 1171 -4.77 -31.41 38.23
CA GLU A 1171 -5.19 -32.28 39.32
C GLU A 1171 -4.16 -33.34 39.63
N LYS A 1172 -3.34 -33.71 38.65
CA LYS A 1172 -2.31 -34.72 38.86
C LYS A 1172 -0.98 -34.13 39.25
N ALA A 1173 -0.63 -33.00 38.67
CA ALA A 1173 0.66 -32.37 39.00
C ALA A 1173 0.78 -32.05 40.47
N SER A 1174 -0.31 -31.67 41.12
CA SER A 1174 -0.21 -31.36 42.53
C SER A 1174 0.04 -32.60 43.34
N VAL A 1175 -0.71 -33.66 43.04
CA VAL A 1175 -0.58 -34.93 43.73
C VAL A 1175 0.86 -35.44 43.66
N GLU A 1176 1.49 -35.30 42.51
CA GLU A 1176 2.86 -35.76 42.35
C GLU A 1176 3.83 -34.89 43.12
N TYR A 1177 3.54 -33.59 43.22
CA TYR A 1177 4.44 -32.70 43.93
C TYR A 1177 4.42 -33.00 45.42
N GLN A 1178 3.25 -33.29 45.96
CA GLN A 1178 3.14 -33.59 47.37
C GLN A 1178 3.93 -34.84 47.71
N GLU A 1179 3.84 -35.83 46.84
CA GLU A 1179 4.55 -37.08 47.05
C GLU A 1179 6.06 -36.88 46.95
N HIS A 1180 6.50 -35.95 46.11
CA HIS A 1180 7.92 -35.71 45.96
C HIS A 1180 8.49 -34.87 47.09
N LEU A 1181 7.63 -34.20 47.85
CA LEU A 1181 8.07 -33.35 48.96
C LEU A 1181 8.26 -34.17 50.22
N CYS A 1182 7.30 -35.05 50.50
CA CYS A 1182 7.37 -35.88 51.69
C CYS A 1182 8.68 -36.65 51.74
N ALA A 1183 9.04 -37.28 50.62
CA ALA A 1183 10.27 -38.05 50.53
C ALA A 1183 11.52 -37.22 50.77
N MET A 1184 11.48 -35.93 50.49
CA MET A 1184 12.66 -35.10 50.69
C MET A 1184 12.84 -34.71 52.15
N THR A 1185 11.80 -34.18 52.77
CA THR A 1185 11.88 -33.78 54.16
C THR A 1185 11.48 -34.89 55.12
N GLY A 1186 10.76 -35.91 54.64
CA GLY A 1186 10.35 -36.98 55.52
C GLY A 1186 9.24 -36.61 56.45
N VAL A 1187 8.19 -35.98 55.94
CA VAL A 1187 7.05 -35.57 56.75
C VAL A 1187 5.86 -35.39 55.83
N ASP A 1188 4.68 -35.75 56.31
CA ASP A 1188 3.47 -35.61 55.51
C ASP A 1188 3.13 -34.16 55.26
N CYS A 1189 2.75 -33.88 54.02
CA CYS A 1189 2.37 -32.56 53.56
C CYS A 1189 1.18 -32.60 52.62
N CYS A 1190 0.50 -33.74 52.52
CA CYS A 1190 -0.65 -33.89 51.67
C CYS A 1190 -1.80 -32.98 52.13
N ILE A 1191 -2.85 -32.95 51.32
CA ILE A 1191 -4.04 -32.15 51.55
C ILE A 1191 -5.22 -32.95 51.05
N SER A 1192 -6.42 -32.56 51.49
CA SER A 1192 -7.63 -33.26 51.06
C SER A 1192 -7.78 -33.09 49.56
N SER A 1193 -7.66 -34.20 48.84
CA SER A 1193 -7.79 -34.18 47.40
C SER A 1193 -8.59 -35.38 46.94
N PHE A 1194 -8.92 -35.34 45.66
CA PHE A 1194 -9.70 -36.38 45.02
C PHE A 1194 -8.96 -37.72 45.10
N ASP A 1195 -9.72 -38.81 44.97
CA ASP A 1195 -9.18 -40.16 45.04
C ASP A 1195 -8.03 -40.36 44.05
N LYS A 1196 -6.83 -40.59 44.57
CA LYS A 1196 -5.66 -40.79 43.72
C LYS A 1196 -5.85 -41.96 42.78
N SER A 1197 -6.51 -43.03 43.22
CA SER A 1197 -6.70 -44.19 42.36
C SER A 1197 -7.60 -43.87 41.19
N VAL A 1198 -8.58 -43.00 41.41
CA VAL A 1198 -9.50 -42.61 40.34
C VAL A 1198 -8.92 -41.51 39.48
N LEU A 1199 -7.96 -40.76 40.00
CA LEU A 1199 -7.32 -39.67 39.28
C LEU A 1199 -6.21 -40.16 38.38
N THR A 1200 -5.37 -41.06 38.87
CA THR A 1200 -4.28 -41.59 38.08
C THR A 1200 -4.78 -42.35 36.87
N LEU A 1201 -6.02 -42.83 36.91
CA LEU A 1201 -6.58 -43.58 35.79
C LEU A 1201 -6.84 -42.65 34.62
N ALA A 1202 -7.33 -41.46 34.89
CA ALA A 1202 -7.63 -40.46 33.88
C ALA A 1202 -6.39 -39.86 33.24
N ASN A 1203 -5.20 -40.13 33.75
CA ASN A 1203 -3.99 -39.59 33.19
C ASN A 1203 -2.74 -40.29 33.71
N SER A 1230 17.53 -34.07 47.61
CA SER A 1230 17.15 -33.33 48.81
C SER A 1230 17.94 -32.03 48.92
N SER A 1231 17.29 -30.91 48.60
CA SER A 1231 17.92 -29.61 48.66
C SER A 1231 16.89 -28.55 49.02
N PRO A 1232 17.33 -27.39 49.52
CA PRO A 1232 16.36 -26.36 49.88
C PRO A 1232 15.75 -25.64 48.70
N GLU A 1233 16.57 -25.25 47.73
CA GLU A 1233 16.08 -24.54 46.55
C GLU A 1233 15.10 -25.38 45.74
N VAL A 1234 15.09 -26.69 45.94
CA VAL A 1234 14.18 -27.55 45.20
C VAL A 1234 12.83 -27.63 45.89
N ILE A 1235 12.82 -27.56 47.21
CA ILE A 1235 11.56 -27.64 47.93
C ILE A 1235 10.75 -26.37 47.74
N ASN A 1236 11.41 -25.21 47.75
CA ASN A 1236 10.67 -23.97 47.57
C ASN A 1236 10.05 -23.94 46.18
N TYR A 1237 10.76 -24.51 45.22
CA TYR A 1237 10.29 -24.54 43.85
C TYR A 1237 9.01 -25.36 43.77
N LEU A 1238 9.07 -26.58 44.25
CA LEU A 1238 7.93 -27.47 44.24
C LEU A 1238 6.79 -26.97 45.10
N GLY A 1239 7.10 -26.16 46.12
CA GLY A 1239 6.05 -25.65 46.97
C GLY A 1239 5.25 -24.61 46.23
N ASN A 1240 5.93 -23.68 45.60
CA ASN A 1240 5.28 -22.62 44.86
C ASN A 1240 4.75 -23.14 43.53
N LYS A 1241 5.39 -24.18 43.00
CA LYS A 1241 4.95 -24.73 41.74
C LYS A 1241 3.59 -25.39 41.86
N ALA A 1242 3.18 -25.74 43.08
CA ALA A 1242 1.90 -26.37 43.29
C ALA A 1242 0.84 -25.35 43.60
N CYS A 1243 1.22 -24.21 44.16
CA CYS A 1243 0.23 -23.19 44.47
C CYS A 1243 -0.30 -22.63 43.17
N GLU A 1244 0.56 -22.58 42.15
CA GLU A 1244 0.18 -22.07 40.85
C GLU A 1244 -0.73 -23.06 40.15
N CYS A 1245 -0.68 -24.32 40.60
CA CYS A 1245 -1.51 -25.40 40.00
C CYS A 1245 -2.92 -25.38 40.59
N TYR A 1246 -3.09 -24.76 41.76
CA TYR A 1246 -4.39 -24.69 42.41
C TYR A 1246 -5.08 -23.40 42.04
N ILE A 1247 -4.29 -22.34 41.92
CA ILE A 1247 -4.82 -21.03 41.56
C ILE A 1247 -5.31 -21.06 40.13
N SER A 1248 -4.61 -21.80 39.27
CA SER A 1248 -4.99 -21.89 37.88
C SER A 1248 -6.34 -22.59 37.72
N ILE A 1249 -6.69 -23.47 38.66
CA ILE A 1249 -7.96 -24.20 38.60
C ILE A 1249 -9.02 -23.62 39.52
N ALA A 1250 -8.67 -22.64 40.35
CA ALA A 1250 -9.58 -22.01 41.28
C ALA A 1250 -10.01 -22.94 42.41
N ASP A 1251 -9.02 -23.56 43.06
CA ASP A 1251 -9.24 -24.47 44.17
C ASP A 1251 -8.99 -23.60 45.39
N TRP A 1252 -9.87 -22.62 45.58
CA TRP A 1252 -9.73 -21.72 46.71
C TRP A 1252 -9.78 -22.41 48.06
N ALA A 1253 -10.59 -23.44 48.23
CA ALA A 1253 -10.63 -24.11 49.53
C ALA A 1253 -9.35 -24.88 49.77
N ALA A 1254 -8.59 -25.14 48.72
CA ALA A 1254 -7.35 -25.87 48.81
C ALA A 1254 -6.12 -25.00 49.02
N VAL A 1255 -6.13 -23.74 48.57
CA VAL A 1255 -4.95 -22.92 48.77
C VAL A 1255 -4.74 -22.70 50.25
N GLN A 1256 -5.81 -22.47 50.99
CA GLN A 1256 -5.69 -22.25 52.42
C GLN A 1256 -5.14 -23.49 53.09
N GLU A 1257 -5.46 -24.66 52.54
CA GLU A 1257 -4.97 -25.89 53.12
C GLU A 1257 -3.49 -26.02 52.84
N TRP A 1258 -3.07 -25.64 51.64
CA TRP A 1258 -1.67 -25.71 51.27
C TRP A 1258 -0.86 -24.69 52.03
N GLN A 1259 -1.49 -23.58 52.41
CA GLN A 1259 -0.78 -22.56 53.16
C GLN A 1259 -0.63 -22.97 54.61
N ASN A 1260 -1.47 -23.88 55.08
CA ASN A 1260 -1.41 -24.36 56.44
C ASN A 1260 -0.47 -25.54 56.55
N ALA A 1261 -0.64 -26.50 55.63
CA ALA A 1261 0.22 -27.69 55.63
C ALA A 1261 1.66 -27.30 55.51
N ILE A 1262 1.93 -26.28 54.70
CA ILE A 1262 3.29 -25.83 54.53
C ILE A 1262 3.80 -25.23 55.83
N HIS A 1263 2.92 -24.62 56.62
CA HIS A 1263 3.33 -24.04 57.88
C HIS A 1263 3.64 -25.15 58.86
N ASP A 1264 2.80 -26.19 58.84
CA ASP A 1264 2.99 -27.32 59.74
C ASP A 1264 4.28 -28.05 59.38
N LEU A 1265 4.75 -27.88 58.14
CA LEU A 1265 5.96 -28.50 57.65
C LEU A 1265 7.17 -27.61 57.92
N LYS A 1266 7.03 -26.31 57.69
CA LYS A 1266 8.10 -25.37 57.91
C LYS A 1266 8.52 -25.32 59.37
N LYS A 1267 7.64 -25.70 60.29
CA LYS A 1267 7.92 -25.70 61.72
C LYS A 1267 8.45 -27.06 62.15
N SER A 1268 7.98 -28.12 61.50
CA SER A 1268 8.42 -29.47 61.81
C SER A 1268 9.75 -29.81 61.17
N THR A 1269 10.14 -29.08 60.12
CA THR A 1269 11.40 -29.30 59.43
C THR A 1269 12.44 -28.23 59.67
N SER A 1270 12.07 -27.08 60.23
CA SER A 1270 13.00 -25.99 60.50
C SER A 1270 13.67 -25.55 59.20
N SER A 1271 12.84 -25.20 58.24
CA SER A 1271 13.32 -24.75 56.94
C SER A 1271 14.16 -23.48 57.06
N THR A 1272 13.54 -22.39 57.50
CA THR A 1272 14.20 -21.10 57.66
C THR A 1272 14.53 -20.43 56.34
N SER A 1273 14.16 -21.06 55.22
CA SER A 1273 14.40 -20.56 53.88
C SER A 1273 13.19 -20.66 52.98
N LEU A 1274 12.20 -21.47 53.34
CA LEU A 1274 11.00 -21.65 52.55
C LEU A 1274 10.02 -20.52 52.85
N ASN A 1275 9.45 -19.96 51.80
CA ASN A 1275 8.48 -18.88 51.96
C ASN A 1275 7.73 -18.77 50.64
N LEU A 1276 6.43 -19.05 50.68
CA LEU A 1276 5.64 -18.97 49.47
C LEU A 1276 5.72 -17.58 48.85
N LYS A 1277 5.56 -17.53 47.54
CA LYS A 1277 5.61 -16.29 46.77
C LYS A 1277 4.24 -16.07 46.16
N ALA A 1278 3.36 -15.45 46.92
CA ALA A 1278 2.00 -15.17 46.46
C ALA A 1278 1.34 -14.22 47.44
N ASP A 1279 0.77 -13.14 46.93
CA ASP A 1279 0.09 -12.17 47.77
C ASP A 1279 -1.24 -12.77 48.18
N PHE A 1280 -1.28 -13.37 49.36
CA PHE A 1280 -2.53 -13.97 49.81
C PHE A 1280 -3.65 -12.97 49.96
N ASN A 1281 -3.35 -11.68 50.11
CA ASN A 1281 -4.43 -10.71 50.25
C ASN A 1281 -5.20 -10.65 48.94
N TYR A 1282 -4.55 -11.02 47.84
CA TYR A 1282 -5.13 -11.03 46.51
C TYR A 1282 -5.95 -12.29 46.35
N ILE A 1283 -5.45 -13.39 46.89
CA ILE A 1283 -6.17 -14.65 46.80
C ILE A 1283 -7.47 -14.54 47.56
N LYS A 1284 -7.41 -13.97 48.76
CA LYS A 1284 -8.59 -13.79 49.58
C LYS A 1284 -9.52 -12.76 48.99
N SER A 1285 -9.04 -11.98 48.03
CA SER A 1285 -9.85 -10.95 47.40
C SER A 1285 -10.65 -11.53 46.25
N LEU A 1286 -10.13 -12.56 45.61
CA LEU A 1286 -10.79 -13.20 44.49
C LEU A 1286 -11.83 -14.21 44.96
N SER A 1287 -11.54 -14.91 46.04
CA SER A 1287 -12.46 -15.90 46.58
C SER A 1287 -13.77 -15.25 46.97
N SER A 1288 -13.68 -14.08 47.59
CA SER A 1288 -14.87 -13.36 48.02
C SER A 1288 -15.66 -12.89 46.81
N PHE A 1289 -14.98 -12.23 45.90
CA PHE A 1289 -15.58 -11.71 44.68
C PHE A 1289 -16.32 -12.80 43.93
N GLU A 1290 -15.65 -13.92 43.74
CA GLU A 1290 -16.24 -15.04 43.03
C GLU A 1290 -17.29 -15.77 43.84
N SER A 1291 -17.56 -15.36 45.08
CA SER A 1291 -18.55 -15.99 45.94
C SER A 1291 -19.72 -15.08 46.27
N GLY A 1292 -19.77 -13.89 45.72
CA GLY A 1292 -20.87 -12.98 45.99
C GLY A 1292 -20.69 -12.13 47.22
N LYS A 1293 -19.50 -12.09 47.81
CA LYS A 1293 -19.21 -11.30 49.00
C LYS A 1293 -18.38 -10.10 48.58
N PHE A 1294 -19.07 -9.05 48.17
CA PHE A 1294 -18.45 -7.83 47.73
C PHE A 1294 -17.99 -6.94 48.87
N VAL A 1295 -18.59 -7.03 50.04
CA VAL A 1295 -18.20 -6.22 51.18
C VAL A 1295 -16.95 -6.77 51.83
N GLU A 1296 -16.92 -8.09 52.05
CA GLU A 1296 -15.75 -8.70 52.67
C GLU A 1296 -14.56 -8.64 51.73
N CYS A 1297 -14.83 -8.43 50.44
CA CYS A 1297 -13.78 -8.35 49.44
C CYS A 1297 -13.06 -7.02 49.53
N THR A 1298 -13.83 -5.94 49.49
CA THR A 1298 -13.30 -4.59 49.56
C THR A 1298 -12.39 -4.37 50.76
N GLU A 1299 -12.60 -5.08 51.86
CA GLU A 1299 -11.73 -4.88 53.02
C GLU A 1299 -10.31 -5.31 52.70
N GLN A 1300 -10.15 -6.18 51.70
CA GLN A 1300 -8.84 -6.66 51.29
C GLN A 1300 -8.24 -5.78 50.22
N LEU A 1301 -9.08 -5.21 49.35
CA LEU A 1301 -8.59 -4.35 48.29
C LEU A 1301 -7.93 -3.10 48.84
N GLU A 1302 -8.35 -2.65 50.02
CA GLU A 1302 -7.76 -1.46 50.61
C GLU A 1302 -6.31 -1.68 50.98
N LEU A 1303 -5.92 -2.94 51.19
CA LEU A 1303 -4.56 -3.29 51.56
C LEU A 1303 -3.63 -3.32 50.37
N LEU A 1304 -4.11 -3.86 49.27
CA LEU A 1304 -3.33 -3.95 48.06
C LEU A 1304 -2.87 -2.57 47.60
N PRO A 1305 -1.84 -2.50 46.79
CA PRO A 1305 -1.35 -1.22 46.31
C PRO A 1305 -2.23 -0.63 45.22
N GLY A 1306 -1.94 0.63 44.92
CA GLY A 1306 -2.67 1.37 43.91
C GLY A 1306 -3.69 2.31 44.51
N GLU A 1307 -4.32 3.07 43.62
CA GLU A 1307 -5.33 4.02 44.02
C GLU A 1307 -6.47 3.29 44.71
N ASN A 1308 -6.92 3.85 45.83
CA ASN A 1308 -8.00 3.28 46.60
C ASN A 1308 -9.25 3.08 45.73
N ILE A 1309 -10.16 2.25 46.25
CA ILE A 1309 -11.40 1.96 45.55
C ILE A 1309 -12.12 3.25 45.23
N ASN A 1310 -12.61 3.32 44.00
CA ASN A 1310 -13.35 4.47 43.51
C ASN A 1310 -14.56 4.80 44.38
N LEU A 1311 -15.13 5.98 44.14
CA LEU A 1311 -16.29 6.44 44.88
C LEU A 1311 -16.94 7.63 44.19
N ASP A 1321 -4.11 11.81 37.93
CA ASP A 1321 -4.96 10.94 38.73
C ASP A 1321 -5.18 9.63 38.00
N MET A 1322 -5.45 9.74 36.70
CA MET A 1322 -5.68 8.58 35.86
C MET A 1322 -4.45 8.14 35.11
N LYS A 1323 -3.45 9.00 35.03
CA LYS A 1323 -2.22 8.68 34.33
C LYS A 1323 -1.21 8.01 35.26
N LYS A 1324 -1.49 7.95 36.56
CA LYS A 1324 -0.63 7.34 37.55
C LYS A 1324 -1.35 6.24 38.29
N LEU A 1325 -2.11 5.43 37.56
CA LEU A 1325 -2.84 4.33 38.19
C LEU A 1325 -1.91 3.33 38.81
N LEU A 1326 -0.99 2.80 38.01
CA LEU A 1326 -0.06 1.83 38.53
C LEU A 1326 0.80 2.45 39.61
N PRO A 1327 1.20 1.68 40.61
CA PRO A 1327 2.02 2.22 41.67
C PRO A 1327 3.50 2.05 41.40
N ASN A 1328 4.29 2.92 42.02
CA ASN A 1328 5.71 2.82 41.82
C ASN A 1328 6.22 1.58 42.55
N MET A 1329 7.52 1.32 42.41
CA MET A 1329 8.13 0.16 43.04
C MET A 1329 7.47 -1.12 42.55
N LEU A 1330 7.14 -1.10 41.25
CA LEU A 1330 6.50 -2.23 40.56
C LEU A 1330 7.52 -2.96 39.72
N SER A 1331 7.46 -4.29 39.76
CA SER A 1331 8.39 -5.11 39.01
C SER A 1331 7.99 -5.19 37.54
N PRO A 1332 8.96 -5.28 36.63
CA PRO A 1332 8.63 -5.37 35.21
C PRO A 1332 8.07 -6.69 34.74
N ASP A 1333 8.02 -7.71 35.57
CA ASP A 1333 7.48 -8.96 35.09
C ASP A 1333 5.98 -8.85 34.84
N PRO A 1334 5.50 -9.46 33.75
CA PRO A 1334 4.07 -9.38 33.46
C PRO A 1334 3.24 -10.01 34.56
N ARG A 1335 3.81 -10.95 35.31
CA ARG A 1335 3.08 -11.59 36.38
C ARG A 1335 2.64 -10.53 37.39
N GLU A 1336 3.48 -9.50 37.58
CA GLU A 1336 3.16 -8.43 38.51
C GLU A 1336 2.21 -7.44 37.87
N LEU A 1337 2.11 -7.45 36.54
CA LEU A 1337 1.25 -6.57 35.80
C LEU A 1337 -0.14 -7.16 35.70
N GLN A 1338 -0.24 -8.47 35.43
CA GLN A 1338 -1.55 -9.09 35.32
C GLN A 1338 -2.27 -8.95 36.65
N LYS A 1339 -1.52 -9.06 37.73
CA LYS A 1339 -2.11 -8.94 39.05
C LYS A 1339 -2.71 -7.56 39.20
N SER A 1340 -1.91 -6.52 38.92
CA SER A 1340 -2.40 -5.16 39.03
C SER A 1340 -3.61 -4.96 38.13
N ILE A 1341 -3.56 -5.53 36.94
CA ILE A 1341 -4.68 -5.37 36.04
C ILE A 1341 -5.81 -6.23 36.55
N GLU A 1342 -5.50 -7.31 37.27
CA GLU A 1342 -6.54 -8.17 37.79
C GLU A 1342 -7.18 -7.56 39.02
N VAL A 1343 -6.73 -6.36 39.40
CA VAL A 1343 -7.22 -5.63 40.54
C VAL A 1343 -8.12 -4.49 40.11
N GLN A 1344 -7.70 -3.75 39.10
CA GLN A 1344 -8.49 -2.63 38.60
C GLN A 1344 -9.84 -3.11 38.13
N LEU A 1345 -9.91 -4.32 37.62
CA LEU A 1345 -11.15 -4.87 37.15
C LEU A 1345 -12.06 -5.24 38.30
N LEU A 1346 -11.48 -5.43 39.48
CA LEU A 1346 -12.24 -5.79 40.66
C LEU A 1346 -12.80 -4.53 41.28
N ARG A 1347 -11.92 -3.54 41.48
CA ARG A 1347 -12.31 -2.27 42.06
C ARG A 1347 -13.39 -1.61 41.23
N SER A 1348 -13.28 -1.76 39.91
CA SER A 1348 -14.25 -1.17 39.02
C SER A 1348 -15.52 -1.99 39.02
N SER A 1349 -15.43 -3.26 39.36
CA SER A 1349 -16.60 -4.11 39.39
C SER A 1349 -17.33 -4.00 40.71
N VAL A 1350 -16.59 -3.90 41.81
CA VAL A 1350 -17.23 -3.79 43.10
C VAL A 1350 -17.87 -2.42 43.27
N CYS A 1351 -17.24 -1.36 42.77
CA CYS A 1351 -17.80 -0.02 42.89
C CYS A 1351 -19.09 0.06 42.10
N LEU A 1352 -19.17 -0.69 41.02
CA LEU A 1352 -20.36 -0.68 40.19
C LEU A 1352 -21.57 -1.18 40.96
N ALA A 1353 -21.48 -2.39 41.51
CA ALA A 1353 -22.58 -2.96 42.29
C ALA A 1353 -23.01 -2.07 43.43
N THR A 1354 -22.08 -1.31 44.01
CA THR A 1354 -22.45 -0.43 45.11
C THR A 1354 -23.24 0.76 44.60
N ALA A 1355 -23.03 1.13 43.34
CA ALA A 1355 -23.71 2.27 42.74
C ALA A 1355 -25.11 1.92 42.29
N LEU A 1356 -25.44 0.64 42.15
CA LEU A 1356 -26.76 0.22 41.72
C LEU A 1356 -27.80 0.42 42.81
N ASN A 1357 -27.66 -0.30 43.92
CA ASN A 1357 -28.59 -0.19 45.02
C ASN A 1357 -28.02 -0.83 46.27
N TRP A 1365 -27.96 8.14 34.92
CA TRP A 1365 -26.85 7.19 34.90
C TRP A 1365 -25.54 7.94 34.73
N GLN A 1366 -25.33 8.88 35.65
CA GLN A 1366 -24.15 9.72 35.68
C GLN A 1366 -23.72 9.96 37.12
N SER A 1367 -24.04 9.03 38.01
CA SER A 1367 -23.67 9.19 39.41
C SER A 1367 -22.16 9.30 39.55
N ILE A 1368 -21.45 8.19 39.33
CA ILE A 1368 -20.00 8.18 39.44
C ILE A 1368 -19.41 7.38 38.29
N THR A 1369 -20.22 7.05 37.29
CA THR A 1369 -19.74 6.29 36.16
C THR A 1369 -18.77 7.07 35.28
N GLU A 1370 -18.63 8.37 35.48
CA GLU A 1370 -17.72 9.15 34.67
C GLU A 1370 -16.28 8.90 35.06
N ASN A 1371 -16.05 8.54 36.32
CA ASN A 1371 -14.70 8.28 36.81
C ASN A 1371 -14.30 6.84 36.62
N VAL A 1372 -15.23 5.91 36.85
CA VAL A 1372 -14.91 4.50 36.69
C VAL A 1372 -14.60 4.21 35.24
N VAL A 1373 -15.26 4.90 34.31
CA VAL A 1373 -14.99 4.65 32.90
C VAL A 1373 -13.62 5.15 32.55
N LYS A 1374 -13.21 6.29 33.10
CA LYS A 1374 -11.88 6.77 32.78
C LYS A 1374 -10.84 5.84 33.36
N TYR A 1375 -11.22 5.01 34.33
CA TYR A 1375 -10.34 4.07 34.97
C TYR A 1375 -10.16 2.87 34.08
N LEU A 1376 -11.26 2.34 33.55
CA LEU A 1376 -11.22 1.20 32.67
C LEU A 1376 -10.55 1.50 31.35
N LYS A 1377 -10.82 2.65 30.75
CA LYS A 1377 -10.20 2.96 29.48
C LYS A 1377 -8.69 2.96 29.63
N GLN A 1378 -8.19 3.47 30.74
CA GLN A 1378 -6.76 3.50 30.97
C GLN A 1378 -6.25 2.10 31.15
N THR A 1379 -7.06 1.26 31.77
CA THR A 1379 -6.66 -0.12 32.00
C THR A 1379 -6.42 -0.83 30.69
N SER A 1380 -7.14 -0.45 29.64
CA SER A 1380 -6.97 -1.06 28.34
C SER A 1380 -5.66 -0.67 27.69
N ARG A 1381 -5.18 0.53 27.96
CA ARG A 1381 -3.92 1.02 27.41
C ARG A 1381 -2.75 0.34 28.07
N ILE A 1382 -2.98 -0.17 29.28
CA ILE A 1382 -1.96 -0.86 30.05
C ILE A 1382 -1.96 -2.32 29.70
N ALA A 1383 -3.13 -2.88 29.45
CA ALA A 1383 -3.29 -4.27 29.09
C ALA A 1383 -2.84 -4.62 27.70
N ILE A 1384 -2.48 -3.62 26.89
CA ILE A 1384 -2.04 -3.84 25.54
C ILE A 1384 -0.53 -3.75 25.41
N GLY A 1385 0.16 -3.50 26.51
CA GLY A 1385 1.59 -3.39 26.51
C GLY A 1385 2.22 -4.69 26.06
N PRO A 1386 1.82 -5.80 26.66
CA PRO A 1386 2.40 -7.07 26.27
C PRO A 1386 2.17 -7.39 24.80
N LEU A 1387 0.96 -7.15 24.31
CA LEU A 1387 0.65 -7.42 22.91
C LEU A 1387 1.53 -6.59 22.00
N ARG A 1388 1.89 -5.40 22.45
CA ARG A 1388 2.72 -4.50 21.69
C ARG A 1388 4.16 -5.00 21.63
N LEU A 1389 4.50 -5.94 22.51
CA LEU A 1389 5.83 -6.52 22.58
C LEU A 1389 5.92 -7.80 21.79
N SER A 1390 4.90 -8.63 21.86
CA SER A 1390 4.85 -9.89 21.14
C SER A 1390 5.10 -9.69 19.67
N THR A 1391 4.63 -8.56 19.14
CA THR A 1391 4.82 -8.25 17.75
C THR A 1391 6.14 -7.56 17.57
N LEU A 1392 6.70 -6.96 18.63
CA LEU A 1392 7.98 -6.29 18.50
C LEU A 1392 8.95 -7.36 18.06
N THR A 1393 8.84 -8.49 18.71
CA THR A 1393 9.66 -9.64 18.44
C THR A 1393 8.89 -10.33 17.33
N VAL A 1394 9.18 -11.59 17.10
CA VAL A 1394 8.50 -12.32 16.04
C VAL A 1394 7.85 -13.53 16.69
N SER A 1395 7.28 -13.30 17.86
CA SER A 1395 6.61 -14.32 18.65
C SER A 1395 5.71 -15.23 17.85
N GLN A 1396 4.95 -14.69 16.90
CA GLN A 1396 4.02 -15.43 16.04
C GLN A 1396 2.76 -15.87 16.77
N SER A 1397 2.67 -15.69 18.08
CA SER A 1397 1.50 -16.08 18.85
C SER A 1397 1.36 -15.10 20.00
N LEU A 1398 0.17 -14.53 20.11
CA LEU A 1398 -0.10 -13.58 21.15
C LEU A 1398 -0.20 -14.26 22.51
N PRO A 1399 0.07 -13.52 23.59
CA PRO A 1399 -0.03 -14.12 24.91
C PRO A 1399 -1.49 -14.37 25.16
N VAL A 1400 -1.81 -15.29 26.04
CA VAL A 1400 -3.21 -15.58 26.31
C VAL A 1400 -3.77 -14.81 27.49
N LEU A 1401 -3.24 -14.99 28.69
CA LEU A 1401 -3.77 -14.27 29.84
C LEU A 1401 -3.77 -12.77 29.64
N SER A 1402 -2.67 -12.21 29.16
CA SER A 1402 -2.63 -10.78 28.95
C SER A 1402 -3.57 -10.33 27.85
N THR A 1403 -4.09 -11.26 27.05
CA THR A 1403 -5.00 -10.94 25.96
C THR A 1403 -6.43 -10.87 26.47
N LEU A 1404 -6.82 -11.82 27.31
CA LEU A 1404 -8.18 -11.81 27.81
C LEU A 1404 -8.42 -10.59 28.69
N GLN A 1405 -7.39 -10.13 29.38
CA GLN A 1405 -7.55 -8.98 30.23
C GLN A 1405 -7.90 -7.76 29.41
N LEU A 1406 -7.59 -7.78 28.12
CA LEU A 1406 -7.89 -6.69 27.23
C LEU A 1406 -9.34 -6.70 26.86
N TYR A 1407 -9.92 -7.90 26.78
CA TYR A 1407 -11.31 -8.09 26.44
C TYR A 1407 -12.17 -8.02 27.67
N CYS A 1408 -11.64 -8.43 28.81
CA CYS A 1408 -12.42 -8.39 30.03
C CYS A 1408 -12.59 -6.96 30.47
N SER A 1409 -11.72 -6.07 29.99
CA SER A 1409 -11.78 -4.67 30.32
C SER A 1409 -12.86 -4.01 29.50
N SER A 1410 -12.76 -4.13 28.18
CA SER A 1410 -13.71 -3.56 27.26
C SER A 1410 -15.12 -4.04 27.54
N ALA A 1411 -15.26 -5.30 27.95
CA ALA A 1411 -16.56 -5.85 28.25
C ALA A 1411 -17.20 -5.10 29.38
N LEU A 1412 -16.39 -4.65 30.33
CA LEU A 1412 -16.91 -3.90 31.46
C LEU A 1412 -17.03 -2.44 31.10
N GLU A 1413 -16.10 -1.93 30.30
CA GLU A 1413 -16.16 -0.53 29.90
C GLU A 1413 -17.40 -0.29 29.03
N ASN A 1414 -17.93 -1.35 28.42
CA ASN A 1414 -19.10 -1.26 27.57
C ASN A 1414 -20.39 -1.64 28.27
N THR A 1415 -20.35 -2.44 29.33
CA THR A 1415 -21.60 -2.78 29.99
C THR A 1415 -22.09 -1.59 30.77
N VAL A 1416 -21.18 -0.84 31.35
CA VAL A 1416 -21.52 0.34 32.13
C VAL A 1416 -22.13 1.39 31.23
N SER A 1417 -21.47 1.66 30.11
CA SER A 1417 -21.96 2.65 29.16
C SER A 1417 -23.14 2.14 28.35
N ASN A 1418 -23.61 0.92 28.61
CA ASN A 1418 -24.73 0.32 27.92
C ASN A 1418 -25.72 -0.37 28.84
N ARG A 1419 -25.38 -0.57 30.12
CA ARG A 1419 -26.23 -1.23 31.12
C ARG A 1419 -26.80 -2.54 30.61
N LEU A 1420 -25.93 -3.38 30.05
CA LEU A 1420 -26.26 -4.68 29.51
C LEU A 1420 -27.32 -4.62 28.42
N SER A 1421 -27.39 -3.52 27.68
CA SER A 1421 -28.39 -3.40 26.62
C SER A 1421 -27.87 -3.97 25.32
N THR A 1422 -26.58 -3.76 25.05
CA THR A 1422 -25.94 -4.25 23.83
C THR A 1422 -25.19 -5.56 24.05
N GLU A 1423 -25.06 -6.32 22.97
CA GLU A 1423 -24.38 -7.61 22.98
C GLU A 1423 -22.86 -7.47 23.00
N ASP A 1424 -22.33 -6.25 22.98
CA ASP A 1424 -20.90 -6.01 22.99
C ASP A 1424 -20.32 -6.03 24.39
N CYS A 1425 -21.12 -6.42 25.38
CA CYS A 1425 -20.69 -6.48 26.78
C CYS A 1425 -20.32 -7.87 27.21
N LEU A 1426 -20.29 -8.83 26.30
CA LEU A 1426 -19.96 -10.20 26.59
C LEU A 1426 -18.52 -10.50 26.23
N ILE A 1427 -18.03 -11.63 26.72
CA ILE A 1427 -16.67 -12.04 26.45
C ILE A 1427 -16.82 -12.83 25.16
N PRO A 1428 -15.99 -12.65 24.14
CA PRO A 1428 -16.18 -13.42 22.92
C PRO A 1428 -15.81 -14.90 22.90
N LEU A 1429 -15.65 -15.55 24.04
CA LEU A 1429 -15.32 -16.96 24.02
C LEU A 1429 -16.55 -17.75 23.65
N PHE A 1430 -16.41 -18.63 22.66
CA PHE A 1430 -17.53 -19.45 22.21
C PHE A 1430 -17.06 -20.88 21.99
N SER A 1431 -18.03 -21.71 21.63
CA SER A 1431 -17.76 -23.12 21.37
C SER A 1431 -16.83 -23.34 20.20
N GLU A 1432 -16.73 -22.36 19.29
CA GLU A 1432 -15.85 -22.50 18.14
C GLU A 1432 -14.41 -22.69 18.55
N ALA A 1433 -14.05 -22.33 19.78
CA ALA A 1433 -12.71 -22.46 20.28
C ALA A 1433 -12.35 -23.90 20.58
N LEU A 1434 -13.34 -24.76 20.66
CA LEU A 1434 -13.09 -26.16 20.93
C LEU A 1434 -12.41 -26.86 19.78
N ARG A 1435 -12.57 -26.36 18.57
CA ARG A 1435 -11.96 -26.95 17.39
C ARG A 1435 -10.73 -26.21 16.91
N SER A 1436 -10.34 -25.13 17.56
CA SER A 1436 -9.16 -24.37 17.16
C SER A 1436 -8.32 -23.83 18.29
N CYS A 1437 -8.60 -24.18 19.54
CA CYS A 1437 -7.81 -23.68 20.66
C CYS A 1437 -7.62 -24.77 21.71
N LYS A 1438 -7.49 -26.03 21.28
CA LYS A 1438 -7.30 -27.12 22.21
C LYS A 1438 -5.93 -27.09 22.88
N GLN A 1439 -4.96 -26.47 22.23
CA GLN A 1439 -3.60 -26.36 22.73
C GLN A 1439 -3.47 -25.51 23.97
N HIS A 1440 -4.34 -24.54 24.15
CA HIS A 1440 -4.29 -23.69 25.32
C HIS A 1440 -4.94 -24.39 26.50
N ASP A 1441 -4.33 -24.20 27.64
CA ASP A 1441 -4.79 -24.78 28.88
C ASP A 1441 -6.13 -24.16 29.26
N VAL A 1442 -6.65 -24.54 30.44
CA VAL A 1442 -7.92 -24.02 30.91
C VAL A 1442 -7.82 -22.67 31.62
N ARG A 1443 -6.61 -22.21 31.94
CA ARG A 1443 -6.47 -20.92 32.61
C ARG A 1443 -7.21 -19.78 31.94
N PRO A 1444 -7.29 -19.68 30.63
CA PRO A 1444 -8.01 -18.58 30.02
C PRO A 1444 -9.50 -18.67 30.18
N TRP A 1445 -10.03 -19.88 30.32
CA TRP A 1445 -11.46 -20.08 30.47
C TRP A 1445 -11.97 -19.73 31.84
N MET A 1446 -11.10 -19.33 32.75
CA MET A 1446 -11.48 -18.96 34.10
C MET A 1446 -11.60 -17.47 34.28
N GLN A 1447 -10.86 -16.69 33.51
CA GLN A 1447 -10.96 -15.26 33.64
C GLN A 1447 -12.27 -14.77 33.06
N ALA A 1448 -12.91 -15.60 32.24
CA ALA A 1448 -14.18 -15.25 31.64
C ALA A 1448 -15.32 -15.48 32.59
N LEU A 1449 -15.36 -16.66 33.20
CA LEU A 1449 -16.40 -17.00 34.14
C LEU A 1449 -16.41 -16.07 35.33
N ARG A 1450 -15.24 -15.62 35.73
CA ARG A 1450 -15.13 -14.73 36.87
C ARG A 1450 -15.88 -13.44 36.61
N TYR A 1451 -15.65 -12.85 35.44
CA TYR A 1451 -16.31 -11.61 35.06
C TYR A 1451 -17.62 -11.84 34.34
N THR A 1452 -17.94 -13.10 34.01
CA THR A 1452 -19.18 -13.40 33.34
C THR A 1452 -20.25 -13.69 34.35
N MET A 1453 -19.92 -14.43 35.40
CA MET A 1453 -20.88 -14.74 36.43
C MET A 1453 -21.28 -13.48 37.15
N TYR A 1454 -20.36 -12.52 37.24
CA TYR A 1454 -20.62 -11.27 37.91
C TYR A 1454 -21.78 -10.56 37.22
N GLN A 1455 -21.79 -10.61 35.91
CA GLN A 1455 -22.85 -9.96 35.15
C GLN A 1455 -24.18 -10.60 35.44
N ASN A 1456 -24.22 -11.93 35.52
CA ASN A 1456 -25.47 -12.61 35.81
C ASN A 1456 -25.98 -12.22 37.18
N GLN A 1457 -25.08 -12.12 38.15
CA GLN A 1457 -25.48 -11.75 39.49
C GLN A 1457 -26.01 -10.33 39.50
N LEU A 1458 -25.45 -9.49 38.64
CA LEU A 1458 -25.84 -8.11 38.55
C LEU A 1458 -27.19 -7.92 37.86
N LEU A 1459 -27.78 -8.96 37.30
CA LEU A 1459 -29.06 -8.79 36.62
C LEU A 1459 -30.18 -8.47 37.59
N GLU A 1460 -30.12 -8.99 38.83
CA GLU A 1460 -31.15 -8.72 39.80
C GLU A 1460 -31.28 -7.24 40.12
N LYS A 1461 -30.25 -6.46 39.81
CA LYS A 1461 -30.23 -5.02 40.05
C LYS A 1461 -30.44 -4.21 38.77
N ILE A 1462 -31.02 -4.83 37.74
CA ILE A 1462 -31.28 -4.16 36.47
C ILE A 1462 -32.74 -4.42 36.15
N LYS A 1463 -33.55 -3.36 36.15
CA LYS A 1463 -34.98 -3.49 35.86
C LYS A 1463 -35.26 -3.34 34.37
N GLU A 1464 -34.50 -2.48 33.69
CA GLU A 1464 -34.70 -2.28 32.27
C GLU A 1464 -34.34 -3.53 31.48
N GLN A 1465 -34.45 -3.42 30.15
CA GLN A 1465 -34.15 -4.53 29.27
C GLN A 1465 -32.67 -4.88 29.32
N THR A 1466 -32.39 -6.17 29.17
CA THR A 1466 -31.03 -6.70 29.17
C THR A 1466 -30.94 -7.76 28.10
N VAL A 1467 -29.78 -8.38 28.00
CA VAL A 1467 -29.51 -9.42 27.01
C VAL A 1467 -29.53 -10.81 27.64
N PRO A 1468 -29.68 -11.88 26.84
CA PRO A 1468 -29.70 -13.23 27.41
C PRO A 1468 -28.32 -13.75 27.77
N ILE A 1469 -27.87 -13.46 28.99
CA ILE A 1469 -26.56 -13.93 29.43
C ILE A 1469 -26.57 -15.38 29.88
N ARG A 1470 -27.67 -15.85 30.48
CA ARG A 1470 -27.74 -17.23 30.93
C ARG A 1470 -27.41 -18.21 29.82
N SER A 1471 -27.82 -17.93 28.59
CA SER A 1471 -27.52 -18.84 27.50
C SER A 1471 -26.04 -18.82 27.15
N HIS A 1472 -25.35 -17.75 27.50
CA HIS A 1472 -23.94 -17.60 27.24
C HIS A 1472 -23.10 -18.15 28.35
N LEU A 1473 -23.65 -18.20 29.55
CA LEU A 1473 -22.92 -18.72 30.69
C LEU A 1473 -22.83 -20.22 30.61
N MET A 1474 -23.88 -20.87 30.17
CA MET A 1474 -23.85 -22.32 30.08
C MET A 1474 -22.96 -22.77 28.94
N GLU A 1475 -22.61 -21.86 28.03
CA GLU A 1475 -21.76 -22.19 26.91
C GLU A 1475 -20.30 -22.19 27.34
N LEU A 1476 -19.99 -21.40 28.37
CA LEU A 1476 -18.64 -21.31 28.87
C LEU A 1476 -18.39 -22.35 29.95
N GLY A 1477 -19.45 -22.92 30.50
CA GLY A 1477 -19.29 -23.92 31.53
C GLY A 1477 -18.89 -25.21 30.87
N LEU A 1478 -19.71 -25.62 29.92
CA LEU A 1478 -19.46 -26.86 29.19
C LEU A 1478 -18.10 -26.82 28.54
N THR A 1479 -17.92 -25.84 27.67
CA THR A 1479 -16.68 -25.65 26.95
C THR A 1479 -15.46 -25.65 27.87
N ALA A 1480 -15.64 -25.20 29.11
CA ALA A 1480 -14.53 -25.17 30.05
C ALA A 1480 -14.41 -26.50 30.75
N ALA A 1481 -15.53 -27.21 30.91
CA ALA A 1481 -15.49 -28.49 31.57
C ALA A 1481 -14.76 -29.50 30.69
N LYS A 1482 -15.05 -29.44 29.39
CA LYS A 1482 -14.43 -30.35 28.45
C LYS A 1482 -12.92 -30.19 28.44
N PHE A 1483 -12.43 -28.96 28.36
CA PHE A 1483 -10.99 -28.75 28.34
C PHE A 1483 -10.34 -29.23 29.62
N ALA A 1484 -11.09 -29.27 30.72
CA ALA A 1484 -10.54 -29.72 31.98
C ALA A 1484 -10.63 -31.22 32.06
N ARG A 1485 -11.76 -31.76 31.60
CA ARG A 1485 -11.98 -33.19 31.62
C ARG A 1485 -10.96 -33.91 30.75
N LYS A 1486 -10.77 -33.43 29.52
CA LYS A 1486 -9.82 -34.05 28.60
C LYS A 1486 -8.42 -34.14 29.19
N ARG A 1487 -8.13 -33.32 30.19
CA ARG A 1487 -6.84 -33.30 30.84
C ARG A 1487 -6.86 -33.92 32.23
N GLY A 1488 -7.93 -34.63 32.60
CA GLY A 1488 -8.00 -35.23 33.91
C GLY A 1488 -8.47 -34.39 35.05
N ASN A 1489 -8.58 -33.09 34.87
CA ASN A 1489 -9.04 -32.23 35.95
C ASN A 1489 -10.51 -32.46 36.21
N VAL A 1490 -10.78 -33.56 36.90
CA VAL A 1490 -12.14 -33.95 37.24
C VAL A 1490 -12.73 -33.15 38.38
N SER A 1491 -11.95 -32.83 39.41
CA SER A 1491 -12.46 -32.06 40.53
C SER A 1491 -13.01 -30.71 40.10
N LEU A 1492 -12.56 -30.22 38.95
CA LEU A 1492 -13.03 -28.95 38.45
C LEU A 1492 -14.33 -29.14 37.70
N ALA A 1493 -14.36 -30.15 36.84
CA ALA A 1493 -15.53 -30.46 36.05
C ALA A 1493 -16.77 -30.67 36.91
N THR A 1494 -16.61 -31.25 38.09
CA THR A 1494 -17.79 -31.46 38.92
C THR A 1494 -18.33 -30.12 39.39
N ARG A 1495 -17.42 -29.19 39.65
CA ARG A 1495 -17.80 -27.87 40.10
C ARG A 1495 -18.43 -27.05 38.99
N LEU A 1496 -18.09 -27.35 37.75
CA LEU A 1496 -18.66 -26.60 36.63
C LEU A 1496 -19.97 -27.15 36.15
N LEU A 1497 -20.10 -28.46 35.97
CA LEU A 1497 -21.37 -28.97 35.51
C LEU A 1497 -22.46 -28.68 36.53
N ALA A 1498 -22.08 -28.69 37.80
CA ALA A 1498 -23.05 -28.41 38.84
C ALA A 1498 -23.42 -26.94 38.78
N GLN A 1499 -22.44 -26.10 38.46
CA GLN A 1499 -22.64 -24.66 38.34
C GLN A 1499 -23.53 -24.32 37.17
N CYS A 1500 -23.72 -25.24 36.24
CA CYS A 1500 -24.54 -25.08 35.06
C CYS A 1500 -25.91 -25.67 35.26
N SER A 1501 -25.97 -26.79 35.98
CA SER A 1501 -27.22 -27.47 36.26
C SER A 1501 -28.02 -26.79 37.35
N GLU A 1502 -27.50 -25.71 37.93
CA GLU A 1502 -28.19 -24.98 38.99
C GLU A 1502 -28.41 -25.86 40.22
N THR A 1509 -15.65 -35.70 46.87
CA THR A 1509 -14.33 -36.30 47.03
C THR A 1509 -14.23 -37.63 46.27
N THR A 1510 -14.93 -38.65 46.75
CA THR A 1510 -14.90 -39.95 46.10
C THR A 1510 -15.69 -39.94 44.80
N ALA A 1511 -15.58 -41.03 44.06
CA ALA A 1511 -16.27 -41.18 42.79
C ALA A 1511 -17.67 -41.77 42.90
N GLN A 1512 -17.95 -42.63 43.87
CA GLN A 1512 -19.29 -43.20 44.00
C GLN A 1512 -20.35 -42.15 44.24
N ASP A 1513 -20.07 -41.14 45.06
CA ASP A 1513 -21.08 -40.12 45.32
C ASP A 1513 -21.40 -39.37 44.03
N LEU A 1514 -20.39 -39.18 43.19
CA LEU A 1514 -20.55 -38.49 41.93
C LEU A 1514 -21.54 -39.19 41.02
N VAL A 1515 -21.58 -40.52 41.10
CA VAL A 1515 -22.48 -41.30 40.27
C VAL A 1515 -23.93 -40.95 40.57
N GLN A 1516 -24.24 -40.67 41.84
CA GLN A 1516 -25.61 -40.34 42.21
C GLN A 1516 -25.95 -38.88 41.94
N HIS A 1517 -24.97 -37.98 42.04
CA HIS A 1517 -25.25 -36.57 41.80
C HIS A 1517 -25.60 -36.27 40.35
N PHE A 1518 -25.05 -37.02 39.40
CA PHE A 1518 -25.34 -36.77 37.99
C PHE A 1518 -26.32 -37.74 37.33
N LYS A 1519 -26.52 -38.93 37.86
CA LYS A 1519 -27.46 -39.85 37.22
C LYS A 1519 -28.89 -39.58 37.66
N LYS A 1530 -31.76 -25.55 24.75
CA LYS A 1530 -30.80 -25.47 23.66
C LYS A 1530 -29.57 -26.30 23.98
N TRP A 1531 -29.01 -26.06 25.16
CA TRP A 1531 -27.82 -26.75 25.65
C TRP A 1531 -28.19 -27.90 26.58
N GLY A 1532 -29.31 -28.54 26.30
CA GLY A 1532 -29.77 -29.66 27.10
C GLY A 1532 -29.07 -30.96 26.80
N PRO A 1533 -29.21 -31.45 25.56
CA PRO A 1533 -28.54 -32.71 25.22
C PRO A 1533 -27.04 -32.61 25.26
N GLU A 1534 -26.48 -31.47 24.90
CA GLU A 1534 -25.03 -31.30 24.93
C GLU A 1534 -24.49 -31.33 26.35
N LEU A 1535 -25.35 -31.17 27.33
CA LEU A 1535 -24.99 -31.19 28.74
C LEU A 1535 -25.03 -32.57 29.35
N ASP A 1536 -26.09 -33.32 29.11
CA ASP A 1536 -26.20 -34.66 29.66
C ASP A 1536 -25.06 -35.56 29.22
N ILE A 1537 -24.50 -35.30 28.06
CA ILE A 1537 -23.41 -36.11 27.55
C ILE A 1537 -22.10 -35.79 28.25
N GLU A 1538 -21.84 -34.52 28.57
CA GLU A 1538 -20.60 -34.16 29.24
C GLU A 1538 -20.51 -34.84 30.59
N LYS A 1539 -21.65 -35.16 31.20
CA LYS A 1539 -21.66 -35.81 32.48
C LYS A 1539 -21.20 -37.25 32.37
N THR A 1540 -21.72 -37.95 31.37
CA THR A 1540 -21.35 -39.34 31.16
C THR A 1540 -19.87 -39.50 30.91
N LYS A 1541 -19.31 -38.65 30.07
CA LYS A 1541 -17.90 -38.73 29.79
C LYS A 1541 -17.09 -38.46 31.03
N LEU A 1542 -17.65 -37.70 31.96
CA LEU A 1542 -16.95 -37.38 33.20
C LEU A 1542 -16.84 -38.62 34.05
N LEU A 1543 -17.78 -39.53 33.90
CA LEU A 1543 -17.78 -40.75 34.68
C LEU A 1543 -16.82 -41.76 34.08
N TYR A 1544 -16.94 -42.00 32.77
CA TYR A 1544 -16.09 -42.94 32.09
C TYR A 1544 -14.62 -42.61 32.26
N THR A 1545 -14.27 -41.34 32.21
CA THR A 1545 -12.88 -40.97 32.38
C THR A 1545 -12.42 -41.24 33.80
N ALA A 1546 -13.35 -41.33 34.74
CA ALA A 1546 -12.99 -41.58 36.13
C ALA A 1546 -12.78 -43.06 36.34
N GLY A 1547 -13.63 -43.88 35.72
CA GLY A 1547 -13.53 -45.31 35.85
C GLY A 1547 -14.87 -46.02 35.83
N GLN A 1548 -15.94 -45.29 36.15
CA GLN A 1548 -17.27 -45.86 36.17
C GLN A 1548 -17.80 -45.93 34.74
N SER A 1549 -17.18 -46.83 33.98
CA SER A 1549 -17.54 -47.04 32.59
C SER A 1549 -18.89 -47.73 32.47
N THR A 1550 -19.22 -48.56 33.45
CA THR A 1550 -20.49 -49.27 33.42
C THR A 1550 -21.68 -48.34 33.51
N HIS A 1551 -21.70 -47.49 34.53
CA HIS A 1551 -22.81 -46.56 34.71
C HIS A 1551 -22.98 -45.61 33.52
N ALA A 1552 -21.88 -45.27 32.84
CA ALA A 1552 -21.97 -44.37 31.70
C ALA A 1552 -22.83 -44.95 30.60
N MET A 1553 -22.52 -46.17 30.16
CA MET A 1553 -23.28 -46.81 29.09
C MET A 1553 -24.74 -46.98 29.49
N GLU A 1554 -25.03 -47.01 30.79
CA GLU A 1554 -26.41 -47.15 31.23
C GLU A 1554 -27.11 -45.82 31.16
N MET A 1555 -26.35 -44.72 31.26
CA MET A 1555 -26.90 -43.39 31.21
C MET A 1555 -27.04 -42.87 29.79
N LEU A 1556 -26.02 -43.08 28.95
CA LEU A 1556 -26.11 -42.63 27.57
C LEU A 1556 -27.24 -43.31 26.85
N SER A 1557 -27.42 -44.59 27.13
CA SER A 1557 -28.49 -45.35 26.50
C SER A 1557 -29.83 -44.71 26.82
N SER A 1558 -30.04 -44.41 28.10
CA SER A 1558 -31.28 -43.80 28.51
C SER A 1558 -31.35 -42.36 28.04
N CYS A 1559 -30.19 -41.74 27.79
CA CYS A 1559 -30.11 -40.37 27.34
C CYS A 1559 -30.20 -40.28 25.83
N ALA A 1560 -29.88 -41.37 25.12
CA ALA A 1560 -29.95 -41.38 23.66
C ALA A 1560 -31.38 -41.63 23.21
N ILE A 1561 -32.04 -42.59 23.85
CA ILE A 1561 -33.40 -42.92 23.51
C ILE A 1561 -34.32 -41.73 23.69
N SER A 1562 -34.03 -40.87 24.67
CA SER A 1562 -34.86 -39.71 24.89
C SER A 1562 -34.76 -38.71 23.76
N PHE A 1563 -33.68 -38.78 22.98
CA PHE A 1563 -33.47 -37.89 21.87
C PHE A 1563 -34.25 -38.33 20.64
N CYS A 1564 -34.47 -39.64 20.50
CA CYS A 1564 -35.20 -40.15 19.36
C CYS A 1564 -36.63 -39.62 19.34
N LYS A 1565 -37.17 -39.27 20.50
CA LYS A 1565 -38.52 -38.76 20.63
C LYS A 1565 -38.52 -37.23 20.75
N SER A 1566 -37.41 -36.58 20.40
CA SER A 1566 -37.27 -35.13 20.46
C SER A 1566 -37.66 -34.51 19.12
N VAL A 1567 -37.42 -33.21 18.98
CA VAL A 1567 -37.76 -32.50 17.75
C VAL A 1567 -36.59 -32.50 16.78
N LYS A 1568 -35.53 -31.76 17.10
CA LYS A 1568 -34.37 -31.72 16.21
C LYS A 1568 -33.41 -32.86 16.55
N ALA A 1569 -32.74 -32.73 17.69
CA ALA A 1569 -31.77 -33.68 18.23
C ALA A 1569 -30.97 -34.42 17.16
N GLU A 1570 -30.45 -33.67 16.20
CA GLU A 1570 -29.67 -34.28 15.14
C GLU A 1570 -28.26 -34.61 15.62
N TYR A 1571 -27.57 -33.59 16.10
CA TYR A 1571 -26.21 -33.78 16.60
C TYR A 1571 -26.16 -34.59 17.88
N ALA A 1572 -27.23 -34.53 18.67
CA ALA A 1572 -27.30 -35.26 19.92
C ALA A 1572 -27.41 -36.77 19.76
N VAL A 1573 -28.13 -37.26 18.76
CA VAL A 1573 -28.26 -38.70 18.60
C VAL A 1573 -26.94 -39.32 18.18
N ALA A 1574 -26.37 -38.85 17.07
CA ALA A 1574 -25.12 -39.37 16.57
C ALA A 1574 -24.02 -39.36 17.62
N LYS A 1575 -23.86 -38.23 18.30
CA LYS A 1575 -22.83 -38.12 19.32
C LYS A 1575 -23.13 -39.00 20.53
N SER A 1576 -24.34 -39.55 20.62
CA SER A 1576 -24.69 -40.40 21.75
C SER A 1576 -24.58 -41.86 21.38
N ILE A 1577 -24.80 -42.19 20.11
CA ILE A 1577 -24.72 -43.59 19.68
C ILE A 1577 -23.30 -43.97 19.34
N LEU A 1578 -22.59 -43.10 18.65
CA LEU A 1578 -21.22 -43.38 18.26
C LEU A 1578 -20.32 -43.52 19.47
N THR A 1579 -20.47 -42.64 20.45
CA THR A 1579 -19.63 -42.73 21.63
C THR A 1579 -19.90 -44.01 22.38
N LEU A 1580 -21.11 -44.53 22.27
CA LEU A 1580 -21.45 -45.76 22.94
C LEU A 1580 -20.65 -46.91 22.35
N ALA A 1581 -20.73 -47.09 21.03
CA ALA A 1581 -20.00 -48.15 20.38
C ALA A 1581 -18.51 -47.98 20.56
N LYS A 1582 -18.04 -46.74 20.59
CA LYS A 1582 -16.63 -46.45 20.77
C LYS A 1582 -16.13 -47.03 22.09
N TRP A 1583 -17.03 -47.21 23.05
CA TRP A 1583 -16.72 -47.75 24.35
C TRP A 1583 -16.97 -49.24 24.37
N ILE A 1584 -18.03 -49.68 23.67
CA ILE A 1584 -18.36 -51.09 23.63
C ILE A 1584 -17.23 -51.83 22.95
N GLN A 1585 -16.77 -51.31 21.82
CA GLN A 1585 -15.69 -51.94 21.11
C GLN A 1585 -14.42 -51.96 21.96
N ALA A 1586 -14.32 -51.08 22.95
CA ALA A 1586 -13.15 -51.03 23.80
C ALA A 1586 -13.27 -52.06 24.91
N GLU A 1587 -14.49 -52.27 25.40
CA GLU A 1587 -14.80 -53.23 26.46
C GLU A 1587 -15.64 -54.25 25.72
N TRP A 1588 -14.95 -55.16 25.04
CA TRP A 1588 -15.55 -56.23 24.26
C TRP A 1588 -15.60 -57.56 24.97
N LYS A 1589 -14.46 -58.09 25.42
CA LYS A 1589 -14.45 -59.37 26.10
C LYS A 1589 -15.28 -59.34 27.38
N GLU A 1590 -15.40 -58.15 27.99
CA GLU A 1590 -16.17 -58.00 29.22
C GLU A 1590 -17.60 -57.56 28.95
N ILE A 1591 -17.92 -57.17 27.71
CA ILE A 1591 -19.27 -56.72 27.36
C ILE A 1591 -19.81 -57.48 26.16
N SER A 1592 -19.14 -58.55 25.75
CA SER A 1592 -19.61 -59.32 24.61
C SER A 1592 -20.71 -60.29 24.98
N GLY A 1593 -20.88 -60.60 26.26
CA GLY A 1593 -21.92 -61.54 26.66
C GLY A 1593 -23.28 -60.88 26.76
N GLN A 1594 -23.32 -59.63 27.21
CA GLN A 1594 -24.58 -58.90 27.35
C GLN A 1594 -25.28 -58.77 26.00
N LEU A 1595 -24.56 -58.29 24.99
CA LEU A 1595 -25.15 -58.12 23.68
C LEU A 1595 -25.51 -59.45 23.06
N LYS A 1596 -24.78 -60.50 23.42
CA LYS A 1596 -25.05 -61.82 22.88
C LYS A 1596 -26.45 -62.26 23.26
N GLN A 1597 -26.94 -61.84 24.42
CA GLN A 1597 -28.26 -62.21 24.88
C GLN A 1597 -29.32 -61.43 24.11
N VAL A 1598 -28.99 -60.20 23.70
CA VAL A 1598 -29.92 -59.36 22.97
C VAL A 1598 -30.33 -60.03 21.68
N TYR A 1599 -29.39 -60.65 20.97
CA TYR A 1599 -29.75 -61.30 19.73
C TYR A 1599 -30.69 -62.45 19.99
N ARG A 1600 -30.56 -63.06 21.17
CA ARG A 1600 -31.43 -64.17 21.52
C ARG A 1600 -32.82 -63.67 21.92
N ALA A 1601 -32.86 -62.65 22.79
CA ALA A 1601 -34.14 -62.12 23.22
C ALA A 1601 -34.90 -61.49 22.06
N GLN A 1602 -34.18 -61.03 21.05
CA GLN A 1602 -34.80 -60.42 19.89
C GLN A 1602 -35.42 -61.47 18.98
N HIS A 1603 -35.12 -62.74 19.23
CA HIS A 1603 -35.61 -63.88 18.46
C HIS A 1603 -36.05 -64.99 19.41
N GLN A 1604 -36.62 -64.62 20.55
CA GLN A 1604 -37.08 -65.59 21.55
C GLN A 1604 -37.81 -64.87 22.69
N LEU A 1610 -30.98 -59.93 31.15
CA LEU A 1610 -31.24 -58.63 30.55
C LEU A 1610 -30.91 -57.51 31.54
N SER A 1611 -29.67 -57.03 31.51
CA SER A 1611 -29.25 -55.97 32.41
C SER A 1611 -29.85 -54.63 32.04
N THR A 1612 -29.54 -53.59 32.81
CA THR A 1612 -30.06 -52.25 32.54
C THR A 1612 -29.58 -51.75 31.20
N LEU A 1613 -28.39 -52.17 30.80
CA LEU A 1613 -27.84 -51.75 29.53
C LEU A 1613 -28.47 -52.49 28.37
N SER A 1614 -28.45 -53.82 28.46
CA SER A 1614 -29.01 -54.67 27.43
C SER A 1614 -30.45 -54.32 27.09
N LYS A 1615 -31.28 -54.08 28.11
CA LYS A 1615 -32.66 -53.74 27.79
C LYS A 1615 -32.75 -52.40 27.10
N ASN A 1616 -31.89 -51.45 27.45
CA ASN A 1616 -31.95 -50.16 26.81
C ASN A 1616 -31.57 -50.31 25.35
N ILE A 1617 -30.56 -51.14 25.07
CA ILE A 1617 -30.14 -51.36 23.69
C ILE A 1617 -31.31 -51.94 22.93
N LEU A 1618 -31.90 -52.98 23.50
CA LEU A 1618 -33.04 -53.64 22.87
C LEU A 1618 -34.16 -52.65 22.68
N THR A 1619 -34.30 -51.72 23.59
CA THR A 1619 -35.34 -50.72 23.51
C THR A 1619 -35.03 -49.71 22.42
N LEU A 1620 -33.77 -49.69 21.97
CA LEU A 1620 -33.27 -48.81 20.95
C LEU A 1620 -33.17 -49.48 19.59
N ILE A 1621 -33.16 -50.81 19.57
CA ILE A 1621 -33.07 -51.55 18.31
C ILE A 1621 -34.45 -51.68 17.69
N GLU A 1622 -35.46 -51.92 18.52
CA GLU A 1622 -36.83 -52.06 18.07
C GLU A 1622 -37.51 -50.74 17.71
N LEU A 1623 -36.79 -49.64 17.60
CA LEU A 1623 -37.45 -48.38 17.25
C LEU A 1623 -37.90 -48.43 15.80
N PRO A 1624 -38.78 -47.51 15.40
CA PRO A 1624 -39.26 -47.50 14.02
C PRO A 1624 -38.46 -46.55 13.12
N SER A 1625 -38.59 -46.79 11.82
CA SER A 1625 -37.91 -45.98 10.82
C SER A 1625 -38.84 -44.86 10.34
N GLU A 1637 -29.16 -54.18 7.72
CA GLU A 1637 -28.68 -55.39 8.36
C GLU A 1637 -29.82 -56.38 8.52
N SER A 1638 -29.51 -57.67 8.52
CA SER A 1638 -30.51 -58.71 8.67
C SER A 1638 -29.88 -60.00 9.17
N GLU A 1639 -30.73 -60.99 9.42
CA GLU A 1639 -30.29 -62.28 9.91
C GLU A 1639 -29.53 -63.09 8.87
N SER A 1640 -29.52 -62.65 7.61
CA SER A 1640 -28.81 -63.36 6.55
C SER A 1640 -27.31 -63.08 6.57
N THR A 1641 -26.79 -62.48 7.63
CA THR A 1641 -25.38 -62.16 7.76
C THR A 1641 -24.70 -63.10 8.75
N VAL A 1642 -25.44 -63.57 9.75
CA VAL A 1642 -24.88 -64.47 10.74
C VAL A 1642 -24.76 -65.87 10.16
N HIS A 1643 -25.73 -66.29 9.35
CA HIS A 1643 -25.69 -67.61 8.76
C HIS A 1643 -24.45 -67.79 7.90
N ILE A 1644 -24.06 -66.73 7.18
CA ILE A 1644 -22.88 -66.78 6.32
C ILE A 1644 -21.60 -66.77 7.14
N GLY A 1645 -21.66 -66.33 8.38
CA GLY A 1645 -20.54 -66.27 9.27
C GLY A 1645 -20.16 -64.87 9.68
N VAL A 1646 -20.73 -64.45 10.81
CA VAL A 1646 -20.53 -63.15 11.42
C VAL A 1646 -20.90 -63.32 12.88
N GLY A 1647 -20.08 -62.75 13.75
CA GLY A 1647 -20.31 -62.86 15.16
C GLY A 1647 -21.64 -62.28 15.59
N GLU A 1648 -22.36 -63.02 16.43
CA GLU A 1648 -23.67 -62.56 16.92
C GLU A 1648 -23.63 -61.16 17.50
N PRO A 1649 -22.64 -60.77 18.32
CA PRO A 1649 -22.64 -59.42 18.86
C PRO A 1649 -22.23 -58.39 17.83
N ASP A 1650 -21.37 -58.80 16.90
CA ASP A 1650 -20.90 -57.89 15.87
C ASP A 1650 -22.07 -57.34 15.06
N PHE A 1651 -23.14 -58.11 14.94
CA PHE A 1651 -24.31 -57.71 14.20
C PHE A 1651 -25.17 -56.74 15.01
N ILE A 1652 -25.01 -56.76 16.33
CA ILE A 1652 -25.80 -55.87 17.16
C ILE A 1652 -25.39 -54.43 16.96
N LEU A 1653 -24.13 -54.12 17.21
CA LEU A 1653 -23.66 -52.76 17.04
C LEU A 1653 -23.79 -52.26 15.62
N GLY A 1654 -23.99 -53.15 14.66
CA GLY A 1654 -24.13 -52.74 13.28
C GLY A 1654 -25.42 -51.98 13.21
N GLN A 1655 -26.42 -52.50 13.92
CA GLN A 1655 -27.72 -51.86 13.95
C GLN A 1655 -27.64 -50.49 14.58
N LEU A 1656 -26.72 -50.29 15.52
CA LEU A 1656 -26.60 -49.00 16.16
C LEU A 1656 -26.16 -47.99 15.12
N TYR A 1657 -25.20 -48.39 14.28
CA TYR A 1657 -24.71 -47.48 13.25
C TYR A 1657 -25.81 -47.25 12.23
N HIS A 1658 -26.63 -48.28 12.00
CA HIS A 1658 -27.72 -48.18 11.05
C HIS A 1658 -28.81 -47.28 11.59
N LEU A 1659 -28.93 -47.21 12.91
CA LEU A 1659 -29.93 -46.38 13.55
C LEU A 1659 -29.53 -44.92 13.47
N SER A 1660 -28.28 -44.64 13.84
CA SER A 1660 -27.74 -43.29 13.82
C SER A 1660 -27.90 -42.65 12.47
N SER A 1661 -27.96 -43.44 11.43
CA SER A 1661 -28.11 -42.98 10.06
C SER A 1661 -29.54 -42.54 9.80
N VAL A 1662 -30.48 -43.44 10.04
CA VAL A 1662 -31.90 -43.16 9.81
C VAL A 1662 -32.33 -41.94 10.61
N GLN A 1663 -31.99 -41.90 11.90
CA GLN A 1663 -32.36 -40.78 12.73
C GLN A 1663 -31.52 -39.54 12.51
N ALA A 1664 -30.50 -39.57 11.64
CA ALA A 1664 -29.68 -38.39 11.41
C ALA A 1664 -28.85 -38.50 10.15
N PRO A 1665 -29.45 -38.24 8.99
CA PRO A 1665 -28.68 -38.32 7.75
C PRO A 1665 -27.81 -37.12 7.50
N GLU A 1666 -28.15 -35.96 8.06
CA GLU A 1666 -27.38 -34.74 7.87
C GLU A 1666 -25.93 -34.85 8.32
N VAL A 1667 -25.61 -35.80 9.20
CA VAL A 1667 -24.25 -35.99 9.68
C VAL A 1667 -23.55 -36.99 8.80
N ALA A 1668 -22.23 -36.88 8.74
CA ALA A 1668 -21.43 -37.78 7.93
C ALA A 1668 -20.79 -38.89 8.75
N LYS A 1669 -20.38 -38.59 9.99
CA LYS A 1669 -19.76 -39.60 10.83
C LYS A 1669 -20.64 -40.82 11.03
N SER A 1670 -21.94 -40.67 10.93
CA SER A 1670 -22.82 -41.82 11.12
C SER A 1670 -22.78 -42.74 9.93
N TRP A 1671 -22.46 -42.21 8.75
CA TRP A 1671 -22.40 -43.01 7.55
C TRP A 1671 -21.05 -43.68 7.38
N ALA A 1672 -19.98 -42.95 7.62
CA ALA A 1672 -18.65 -43.49 7.47
C ALA A 1672 -18.40 -44.64 8.41
N ALA A 1673 -19.09 -44.66 9.54
CA ALA A 1673 -18.93 -45.72 10.52
C ALA A 1673 -19.61 -46.99 10.07
N LEU A 1674 -20.81 -46.83 9.52
CA LEU A 1674 -21.58 -47.96 9.04
C LEU A 1674 -20.86 -48.64 7.90
N ALA A 1675 -20.46 -47.85 6.93
CA ALA A 1675 -19.76 -48.34 5.76
C ALA A 1675 -18.49 -49.09 6.13
N SER A 1676 -17.62 -48.45 6.90
CA SER A 1676 -16.37 -49.08 7.32
C SER A 1676 -16.64 -50.38 8.06
N TRP A 1677 -17.79 -50.47 8.74
CA TRP A 1677 -18.12 -51.69 9.46
C TRP A 1677 -18.56 -52.77 8.50
N ALA A 1678 -19.36 -52.38 7.51
CA ALA A 1678 -19.85 -53.32 6.53
C ALA A 1678 -18.73 -53.91 5.70
N TYR A 1679 -17.92 -53.05 5.11
CA TYR A 1679 -16.81 -53.53 4.29
C TYR A 1679 -15.89 -54.40 5.10
N ARG A 1680 -15.75 -54.11 6.39
CA ARG A 1680 -14.89 -54.89 7.26
C ARG A 1680 -15.36 -56.33 7.29
N TRP A 1681 -16.67 -56.53 7.39
CA TRP A 1681 -17.25 -57.85 7.43
C TRP A 1681 -17.56 -58.36 6.04
N GLY A 1682 -17.64 -57.48 5.05
CA GLY A 1682 -17.92 -57.94 3.72
C GLY A 1682 -16.76 -58.70 3.12
N ARG A 1683 -15.56 -58.44 3.60
CA ARG A 1683 -14.38 -59.11 3.12
C ARG A 1683 -14.14 -60.38 3.92
N LYS A 1684 -14.43 -60.34 5.21
CA LYS A 1684 -14.25 -61.46 6.11
C LYS A 1684 -15.39 -62.46 6.03
N VAL A 1685 -16.31 -62.28 5.08
CA VAL A 1685 -17.46 -63.15 4.89
C VAL A 1685 -17.30 -63.83 3.54
N VAL A 1686 -16.80 -63.09 2.56
CA VAL A 1686 -16.61 -63.66 1.22
C VAL A 1686 -15.41 -64.58 1.23
N ASP A 1687 -14.27 -64.09 1.73
CA ASP A 1687 -13.07 -64.90 1.78
C ASP A 1687 -13.30 -66.14 2.65
N ASN A 1688 -14.21 -66.03 3.62
CA ASN A 1688 -14.53 -67.14 4.50
C ASN A 1688 -15.44 -68.16 3.84
N ALA A 1689 -15.89 -67.90 2.61
CA ALA A 1689 -16.76 -68.78 1.86
C ALA A 1689 -16.07 -69.48 0.71
N SER A 1690 -15.31 -68.73 -0.09
CA SER A 1690 -14.60 -69.30 -1.22
C SER A 1690 -13.44 -70.18 -0.75
N UNK A 1737 -33.06 -71.98 3.83
CA UNK A 1737 -34.24 -72.83 3.66
C UNK A 1737 -34.96 -72.50 2.36
N UNK A 1738 -35.37 -71.23 2.23
CA UNK A 1738 -36.08 -70.78 1.03
C UNK A 1738 -35.29 -71.07 -0.24
N UNK A 1739 -33.95 -71.05 -0.15
CA UNK A 1739 -33.13 -71.31 -1.31
C UNK A 1739 -33.18 -72.79 -1.70
N UNK A 1740 -33.44 -73.66 -0.71
CA UNK A 1740 -33.51 -75.09 -0.98
C UNK A 1740 -34.91 -75.50 -1.43
N UNK A 1741 -35.93 -74.72 -1.05
CA UNK A 1741 -37.30 -75.05 -1.43
C UNK A 1741 -37.46 -75.03 -2.94
N UNK A 1742 -37.08 -73.92 -3.59
CA UNK A 1742 -37.20 -73.80 -5.04
C UNK A 1742 -36.39 -74.87 -5.75
N UNK A 1743 -35.36 -75.41 -5.09
CA UNK A 1743 -34.54 -76.43 -5.72
C UNK A 1743 -35.34 -77.71 -5.93
N UNK A 1744 -36.04 -78.15 -4.89
CA UNK A 1744 -36.85 -79.37 -5.00
C UNK A 1744 -38.05 -79.15 -5.90
N UNK A 1745 -38.73 -78.01 -5.74
CA UNK A 1745 -39.90 -77.72 -6.57
C UNK A 1745 -39.52 -77.58 -8.03
N UNK A 1746 -38.52 -76.75 -8.34
CA UNK A 1746 -38.12 -76.56 -9.74
C UNK A 1746 -37.53 -77.85 -10.31
N UNK A 1747 -37.06 -78.75 -9.46
CA UNK A 1747 -36.48 -80.01 -9.94
C UNK A 1747 -37.56 -81.06 -10.17
N UNK A 1748 -38.73 -80.90 -9.55
CA UNK A 1748 -39.83 -81.84 -9.69
C UNK A 1748 -40.55 -81.61 -11.02
N UNK A 1749 -34.30 -87.40 -4.19
CA UNK A 1749 -33.94 -86.74 -2.94
C UNK A 1749 -32.44 -86.74 -2.74
N UNK A 1750 -31.82 -87.89 -3.00
CA UNK A 1750 -30.37 -88.01 -2.84
C UNK A 1750 -29.64 -87.09 -3.80
N UNK A 1751 -29.99 -87.15 -5.08
CA UNK A 1751 -29.32 -86.30 -6.07
C UNK A 1751 -29.70 -84.84 -5.85
N UNK A 1752 -30.89 -84.59 -5.33
CA UNK A 1752 -31.34 -83.23 -5.09
C UNK A 1752 -30.48 -82.54 -4.04
N UNK A 1753 -29.93 -83.31 -3.09
CA UNK A 1753 -29.10 -82.73 -2.05
C UNK A 1753 -27.72 -82.40 -2.57
N UNK A 1754 -27.11 -83.31 -3.34
CA UNK A 1754 -25.79 -83.08 -3.89
C UNK A 1754 -25.75 -81.83 -4.76
N UNK A 1755 -26.86 -81.51 -5.43
CA UNK A 1755 -26.88 -80.32 -6.27
C UNK A 1755 -27.00 -79.06 -5.43
N UNK A 1756 -27.80 -79.10 -4.36
CA UNK A 1756 -27.96 -77.93 -3.51
C UNK A 1756 -26.61 -77.56 -2.90
N UNK A 1757 -25.88 -78.57 -2.43
CA UNK A 1757 -24.58 -78.32 -1.84
C UNK A 1757 -23.61 -77.80 -2.88
N UNK A 1758 -23.77 -78.23 -4.13
CA UNK A 1758 -22.90 -77.79 -5.20
C UNK A 1758 -23.22 -76.36 -5.63
N UNK A 1759 -24.47 -75.93 -5.47
CA UNK A 1759 -24.86 -74.58 -5.86
C UNK A 1759 -24.11 -73.55 -5.03
N UNK A 1760 -23.84 -73.87 -3.76
CA UNK A 1760 -23.12 -72.96 -2.89
C UNK A 1760 -21.63 -73.25 -2.92
N UNK A 1761 -21.27 -74.54 -3.02
CA UNK A 1761 -19.87 -74.92 -3.07
C UNK A 1761 -19.17 -74.28 -4.26
N UNK A 1762 -19.89 -74.13 -5.36
CA UNK A 1762 -19.35 -73.53 -6.57
C UNK A 1762 -19.14 -72.03 -6.44
N UNK A 1763 -19.88 -71.37 -5.56
CA UNK A 1763 -19.75 -69.94 -5.35
C UNK A 1763 -18.37 -69.55 -4.84
N UNK A 1764 -17.64 -67.33 -18.28
CA UNK A 1764 -16.39 -67.58 -17.58
C UNK A 1764 -16.66 -68.19 -16.21
N UNK A 1765 -17.15 -67.37 -15.27
CA UNK A 1765 -17.45 -67.85 -13.93
C UNK A 1765 -18.78 -68.59 -13.88
N UNK A 1766 -19.76 -68.17 -14.68
CA UNK A 1766 -21.05 -68.85 -14.67
C UNK A 1766 -20.96 -70.22 -15.31
N UNK A 1767 -20.15 -70.37 -16.37
CA UNK A 1767 -20.02 -71.66 -17.02
C UNK A 1767 -19.41 -72.70 -16.11
N UNK A 1768 -18.74 -72.28 -15.04
CA UNK A 1768 -18.13 -73.22 -14.11
C UNK A 1768 -19.21 -74.05 -13.42
N UNK A 1769 -20.27 -73.39 -12.98
CA UNK A 1769 -21.35 -74.11 -12.30
C UNK A 1769 -22.15 -74.96 -13.28
N UNK A 1770 -22.53 -74.39 -14.43
CA UNK A 1770 -23.30 -75.14 -15.41
C UNK A 1770 -22.54 -76.38 -15.86
N UNK A 1771 -21.22 -76.26 -15.99
CA UNK A 1771 -20.39 -77.37 -16.41
C UNK A 1771 -20.14 -78.32 -15.25
N UNK A 1772 -20.06 -77.76 -14.04
CA UNK A 1772 -19.82 -78.58 -12.86
C UNK A 1772 -21.12 -79.17 -12.33
N UNK A 1773 -22.25 -78.52 -12.64
CA UNK A 1773 -23.54 -79.02 -12.17
C UNK A 1773 -23.88 -80.34 -12.84
N UNK A 1774 -23.76 -80.40 -14.17
CA UNK A 1774 -24.07 -81.62 -14.89
C UNK A 1774 -23.11 -82.74 -14.51
N UNK A 1775 -21.90 -82.39 -14.05
CA UNK A 1775 -20.93 -83.40 -13.66
C UNK A 1775 -21.39 -84.21 -12.46
N UNK A 1776 -21.90 -83.54 -11.42
CA UNK A 1776 -22.38 -84.24 -10.23
C UNK A 1776 -23.79 -84.79 -10.41
N UNK A 1777 -24.69 -84.01 -11.02
CA UNK A 1777 -26.05 -84.48 -11.23
C UNK A 1777 -26.08 -85.73 -12.09
N UNK A 1778 -25.16 -85.84 -13.05
CA UNK A 1778 -25.09 -87.00 -13.93
C UNK A 1778 -24.57 -88.22 -13.18
N GLU A 1779 -34.08 -75.39 -16.12
CA GLU A 1779 -32.75 -74.82 -16.15
C GLU A 1779 -32.64 -73.67 -15.16
N GLY A 1780 -33.23 -73.86 -13.98
CA GLY A 1780 -33.24 -72.87 -12.92
C GLY A 1780 -32.01 -72.85 -12.02
N VAL A 1781 -31.03 -73.71 -12.29
CA VAL A 1781 -29.82 -73.74 -11.45
C VAL A 1781 -29.11 -72.40 -11.48
N ILE A 1782 -29.08 -71.75 -12.65
CA ILE A 1782 -28.40 -70.45 -12.75
C ILE A 1782 -29.29 -69.35 -12.16
N LYS A 1783 -30.60 -69.55 -12.14
CA LYS A 1783 -31.50 -68.54 -11.60
C LYS A 1783 -31.35 -68.45 -10.08
N VAL A 1784 -31.37 -69.60 -9.41
CA VAL A 1784 -31.22 -69.61 -7.96
C VAL A 1784 -29.82 -69.18 -7.57
N TRP A 1785 -28.82 -69.55 -8.37
CA TRP A 1785 -27.45 -69.16 -8.06
C TRP A 1785 -27.26 -67.66 -8.15
N ARG A 1786 -28.11 -66.98 -8.91
CA ARG A 1786 -28.00 -65.53 -9.04
C ARG A 1786 -28.58 -64.82 -7.82
N LYS A 1787 -29.45 -65.51 -7.06
CA LYS A 1787 -30.05 -64.91 -5.87
C LYS A 1787 -29.19 -65.10 -4.64
N VAL A 1788 -28.58 -66.28 -4.48
CA VAL A 1788 -27.75 -66.53 -3.32
C VAL A 1788 -26.57 -65.56 -3.29
N VAL A 1789 -26.02 -65.20 -4.45
CA VAL A 1789 -24.91 -64.28 -4.47
C VAL A 1789 -25.39 -62.90 -4.06
N ASP A 1790 -26.67 -62.61 -4.27
CA ASP A 1790 -27.20 -61.30 -3.89
C ASP A 1790 -27.29 -61.19 -2.37
N ARG A 1791 -27.15 -62.31 -1.66
CA ARG A 1791 -27.21 -62.38 -0.21
C ARG A 1791 -25.81 -62.22 0.38
N ILE A 1792 -24.88 -63.04 -0.08
CA ILE A 1792 -23.51 -63.00 0.40
C ILE A 1792 -22.91 -61.62 0.17
N PHE A 1793 -23.27 -60.98 -0.93
CA PHE A 1793 -22.79 -59.66 -1.29
C PHE A 1793 -23.77 -58.58 -0.85
N SER A 1794 -24.44 -58.78 0.27
CA SER A 1794 -25.40 -57.80 0.74
C SER A 1794 -24.72 -56.66 1.47
N LEU A 1795 -23.68 -56.94 2.23
CA LEU A 1795 -22.99 -55.89 2.95
C LEU A 1795 -22.34 -54.90 2.00
N TYR A 1796 -21.69 -55.39 0.95
CA TYR A 1796 -21.06 -54.49 0.00
C TYR A 1796 -22.10 -53.59 -0.64
N LYS A 1797 -23.27 -54.15 -0.95
CA LYS A 1797 -24.34 -53.37 -1.55
C LYS A 1797 -24.79 -52.29 -0.59
N LEU A 1798 -24.71 -52.57 0.70
CA LEU A 1798 -25.10 -51.64 1.74
C LEU A 1798 -23.99 -50.65 2.02
N SER A 1799 -22.74 -51.11 1.87
CA SER A 1799 -21.58 -50.28 2.10
C SER A 1799 -21.39 -49.26 1.01
N CYS A 1800 -21.58 -49.67 -0.24
CA CYS A 1800 -21.41 -48.74 -1.35
C CYS A 1800 -22.37 -47.58 -1.24
N SER A 1801 -23.64 -47.88 -1.00
CA SER A 1801 -24.65 -46.84 -0.87
C SER A 1801 -24.30 -45.87 0.24
N ALA A 1802 -23.74 -46.37 1.33
CA ALA A 1802 -23.37 -45.49 2.43
C ALA A 1802 -22.21 -44.60 2.05
N TYR A 1803 -21.24 -45.13 1.32
CA TYR A 1803 -20.12 -44.28 0.95
C TYR A 1803 -20.53 -43.19 -0.01
N PHE A 1804 -21.45 -43.47 -0.93
CA PHE A 1804 -21.85 -42.41 -1.86
C PHE A 1804 -22.57 -41.32 -1.12
N THR A 1805 -23.40 -41.68 -0.15
CA THR A 1805 -24.10 -40.65 0.59
C THR A 1805 -23.11 -39.84 1.40
N PHE A 1806 -22.06 -40.50 1.88
CA PHE A 1806 -21.05 -39.81 2.66
C PHE A 1806 -20.30 -38.83 1.79
N LEU A 1807 -20.20 -39.12 0.50
CA LEU A 1807 -19.50 -38.27 -0.43
C LEU A 1807 -20.42 -37.18 -0.95
N LYS A 1808 -21.67 -37.53 -1.18
CA LYS A 1808 -22.70 -36.64 -1.67
C LYS A 1808 -23.14 -35.65 -0.62
N LEU A 1809 -22.66 -35.82 0.60
CA LEU A 1809 -22.98 -34.96 1.72
C LEU A 1809 -21.83 -34.06 2.15
N ASN A 1810 -20.69 -34.11 1.47
CA ASN A 1810 -19.54 -33.29 1.81
C ASN A 1810 -18.84 -32.79 0.55
N ALA A 1811 -19.63 -32.35 -0.42
CA ALA A 1811 -19.10 -31.84 -1.68
C ALA A 1811 -18.90 -30.32 -1.62
N SER A 1832 -15.98 -35.40 7.85
CA SER A 1832 -15.61 -34.60 6.69
C SER A 1832 -14.12 -34.39 6.60
N THR A 1833 -13.35 -35.31 7.16
CA THR A 1833 -11.89 -35.24 7.15
C THR A 1833 -11.36 -35.72 5.82
N ASP A 1834 -10.32 -35.06 5.34
CA ASP A 1834 -9.71 -35.42 4.07
C ASP A 1834 -9.11 -36.82 4.08
N ASP A 1835 -8.87 -37.39 5.26
CA ASP A 1835 -8.30 -38.72 5.35
C ASP A 1835 -9.36 -39.80 5.23
N MET A 1836 -10.61 -39.48 5.54
CA MET A 1836 -11.67 -40.45 5.44
C MET A 1836 -12.18 -40.59 4.02
N ILE A 1837 -12.29 -39.48 3.32
CA ILE A 1837 -12.76 -39.49 1.94
C ILE A 1837 -11.85 -40.33 1.07
N VAL A 1838 -10.55 -40.08 1.17
CA VAL A 1838 -9.56 -40.82 0.40
C VAL A 1838 -9.70 -42.31 0.64
N MET A 1839 -10.16 -42.69 1.83
CA MET A 1839 -10.32 -44.11 2.13
C MET A 1839 -11.60 -44.64 1.50
N ALA A 1840 -12.60 -43.78 1.36
CA ALA A 1840 -13.85 -44.23 0.77
C ALA A 1840 -13.72 -44.41 -0.73
N THR A 1841 -13.07 -43.48 -1.40
CA THR A 1841 -12.93 -43.59 -2.84
C THR A 1841 -12.11 -44.80 -3.21
N LEU A 1842 -11.06 -45.08 -2.46
CA LEU A 1842 -10.22 -46.23 -2.75
C LEU A 1842 -10.96 -47.53 -2.54
N ARG A 1843 -11.77 -47.62 -1.50
CA ARG A 1843 -12.51 -48.86 -1.26
C ARG A 1843 -13.49 -49.13 -2.39
N LEU A 1844 -14.21 -48.10 -2.83
CA LEU A 1844 -15.16 -48.29 -3.92
C LEU A 1844 -14.42 -48.72 -5.17
N LEU A 1845 -13.31 -48.05 -5.45
CA LEU A 1845 -12.51 -48.37 -6.62
C LEU A 1845 -12.10 -49.81 -6.60
N ARG A 1846 -11.83 -50.35 -5.41
CA ARG A 1846 -11.42 -51.74 -5.27
C ARG A 1846 -12.56 -52.67 -5.62
N LEU A 1847 -13.80 -52.19 -5.55
CA LEU A 1847 -14.96 -53.00 -5.87
C LEU A 1847 -15.30 -52.95 -7.35
N LEU A 1848 -15.28 -51.77 -7.96
CA LEU A 1848 -15.59 -51.63 -9.38
C LEU A 1848 -14.63 -52.44 -10.22
N VAL A 1849 -13.48 -52.79 -9.64
CA VAL A 1849 -12.43 -53.56 -10.28
C VAL A 1849 -12.50 -55.03 -9.89
N LYS A 1850 -12.60 -55.31 -8.60
CA LYS A 1850 -12.66 -56.69 -8.13
C LYS A 1850 -14.05 -57.32 -8.28
N HIS A 1851 -15.12 -56.53 -8.12
CA HIS A 1851 -16.48 -57.08 -8.25
C HIS A 1851 -17.37 -56.04 -8.93
N ALA A 1852 -17.60 -56.21 -10.22
CA ALA A 1852 -18.42 -55.29 -10.99
C ALA A 1852 -19.64 -55.93 -11.61
N GLY A 1853 -19.71 -57.26 -11.62
CA GLY A 1853 -20.84 -57.96 -12.20
C GLY A 1853 -21.85 -58.36 -11.16
N GLU A 1854 -21.37 -58.65 -9.95
CA GLU A 1854 -22.27 -59.05 -8.88
C GLU A 1854 -23.03 -57.86 -8.31
N LEU A 1855 -22.55 -56.64 -8.52
CA LEU A 1855 -23.19 -55.43 -8.00
C LEU A 1855 -23.13 -54.30 -9.03
N ARG A 1856 -23.42 -54.60 -10.29
CA ARG A 1856 -23.37 -53.56 -11.31
C ARG A 1856 -24.58 -52.63 -11.24
N GLN A 1857 -25.51 -52.85 -10.32
CA GLN A 1857 -26.67 -51.98 -10.21
C GLN A 1857 -26.36 -50.69 -9.48
N TYR A 1858 -25.68 -50.77 -8.34
CA TYR A 1858 -25.32 -49.62 -7.52
C TYR A 1858 -24.25 -48.74 -8.13
N LEU A 1859 -23.13 -49.34 -8.51
CA LEU A 1859 -22.05 -48.57 -9.11
C LEU A 1859 -22.45 -47.97 -10.44
N GLU A 1860 -23.43 -48.54 -11.13
CA GLU A 1860 -23.83 -47.99 -12.42
C GLU A 1860 -24.39 -46.58 -12.23
N HIS A 1861 -25.45 -46.44 -11.44
CA HIS A 1861 -26.07 -45.16 -11.18
C HIS A 1861 -25.48 -44.45 -9.99
N GLY A 1862 -24.70 -45.15 -9.16
CA GLY A 1862 -24.12 -44.52 -8.00
C GLY A 1862 -23.14 -43.45 -8.43
N LEU A 1863 -22.45 -43.73 -9.52
CA LEU A 1863 -21.47 -42.79 -10.03
C LEU A 1863 -22.13 -41.73 -10.89
N GLU A 1864 -23.34 -42.00 -11.40
CA GLU A 1864 -24.05 -41.03 -12.23
C GLU A 1864 -24.39 -39.76 -11.46
N THR A 1865 -24.38 -39.80 -10.13
CA THR A 1865 -24.69 -38.65 -9.29
C THR A 1865 -23.41 -37.91 -8.88
N PRO A 1870 -13.69 -34.02 -4.31
CA PRO A 1870 -13.53 -35.19 -3.46
C PRO A 1870 -12.74 -36.29 -4.14
N TRP A 1871 -13.10 -36.60 -5.37
CA TRP A 1871 -12.43 -37.63 -6.16
C TRP A 1871 -11.11 -37.14 -6.74
N ARG A 1872 -10.70 -35.92 -6.42
CA ARG A 1872 -9.46 -35.35 -6.91
C ARG A 1872 -8.22 -35.94 -6.27
N GLY A 1873 -8.38 -36.75 -5.23
CA GLY A 1873 -7.22 -37.32 -4.58
C GLY A 1873 -6.71 -38.58 -5.24
N ILE A 1874 -7.59 -39.34 -5.88
CA ILE A 1874 -7.20 -40.57 -6.56
C ILE A 1874 -7.36 -40.42 -8.06
N ILE A 1875 -7.25 -39.20 -8.55
CA ILE A 1875 -7.38 -38.92 -9.98
C ILE A 1875 -6.41 -39.75 -10.84
N PRO A 1876 -5.18 -40.06 -10.41
CA PRO A 1876 -4.32 -40.84 -11.29
C PRO A 1876 -4.67 -42.30 -11.30
N GLN A 1877 -5.06 -42.86 -10.15
CA GLN A 1877 -5.42 -44.27 -10.07
C GLN A 1877 -6.59 -44.62 -10.97
N LEU A 1878 -7.40 -43.64 -11.34
CA LEU A 1878 -8.53 -43.91 -12.20
C LEU A 1878 -8.02 -44.31 -13.58
N PHE A 1879 -7.15 -43.48 -14.15
CA PHE A 1879 -6.58 -43.75 -15.47
C PHE A 1879 -5.90 -45.10 -15.44
N SER A 1880 -5.12 -45.33 -14.39
CA SER A 1880 -4.36 -46.55 -14.18
C SER A 1880 -5.18 -47.83 -14.24
N ARG A 1881 -6.51 -47.75 -14.15
CA ARG A 1881 -7.33 -48.95 -14.20
C ARG A 1881 -8.32 -48.89 -15.34
N LEU A 1882 -7.94 -48.21 -16.43
CA LEU A 1882 -8.79 -48.09 -17.60
C LEU A 1882 -8.75 -49.33 -18.45
N ASN A 1883 -7.73 -50.16 -18.29
CA ASN A 1883 -7.56 -51.39 -19.04
C ASN A 1883 -8.26 -52.55 -18.38
N HIS A 1884 -9.20 -52.29 -17.52
CA HIS A 1884 -9.92 -53.35 -16.85
C HIS A 1884 -10.86 -54.02 -17.86
N PRO A 1885 -10.90 -55.36 -17.94
CA PRO A 1885 -11.80 -55.99 -18.90
C PRO A 1885 -13.29 -55.87 -18.55
N GLU A 1886 -13.87 -54.71 -18.85
CA GLU A 1886 -15.28 -54.47 -18.57
C GLU A 1886 -15.69 -53.24 -19.35
N VAL A 1887 -16.69 -53.38 -20.22
CA VAL A 1887 -17.14 -52.25 -21.02
C VAL A 1887 -17.79 -51.18 -20.15
N TYR A 1888 -18.64 -51.59 -19.20
CA TYR A 1888 -19.30 -50.63 -18.33
C TYR A 1888 -18.28 -49.88 -17.49
N VAL A 1889 -17.20 -50.54 -17.13
CA VAL A 1889 -16.17 -49.91 -16.31
C VAL A 1889 -15.51 -48.77 -17.09
N ARG A 1890 -15.10 -49.04 -18.32
CA ARG A 1890 -14.47 -47.99 -19.11
C ARG A 1890 -15.46 -46.87 -19.38
N GLN A 1891 -16.74 -47.21 -19.58
CA GLN A 1891 -17.74 -46.19 -19.83
C GLN A 1891 -18.13 -45.47 -18.55
N SER A 1892 -18.04 -46.17 -17.42
CA SER A 1892 -18.39 -45.55 -16.14
C SER A 1892 -17.28 -44.60 -15.70
N ILE A 1893 -16.04 -44.98 -15.95
CA ILE A 1893 -14.92 -44.13 -15.56
C ILE A 1893 -14.70 -43.01 -16.58
N CYS A 1894 -14.75 -43.35 -17.89
CA CYS A 1894 -14.56 -42.33 -18.92
C CYS A 1894 -15.51 -41.17 -18.72
N ASN A 1895 -16.74 -41.47 -18.31
CA ASN A 1895 -17.73 -40.44 -18.09
C ASN A 1895 -17.45 -39.73 -16.78
N LEU A 1896 -16.93 -40.47 -15.79
CA LEU A 1896 -16.63 -39.87 -14.49
C LEU A 1896 -15.61 -38.76 -14.63
N LEU A 1897 -14.47 -39.06 -15.27
CA LEU A 1897 -13.46 -38.03 -15.43
C LEU A 1897 -14.00 -36.91 -16.29
N CYS A 1898 -14.94 -37.22 -17.19
CA CYS A 1898 -15.51 -36.19 -18.05
C CYS A 1898 -16.24 -35.18 -17.18
N ARG A 1899 -16.85 -35.65 -16.09
CA ARG A 1899 -17.57 -34.77 -15.19
C ARG A 1899 -16.58 -33.97 -14.36
N VAL A 1900 -15.41 -34.55 -14.10
CA VAL A 1900 -14.40 -33.87 -13.30
C VAL A 1900 -13.80 -32.74 -14.10
N ALA A 1901 -13.65 -32.94 -15.41
CA ALA A 1901 -13.08 -31.91 -16.27
C ALA A 1901 -13.87 -30.62 -16.16
N GLN A 1902 -15.18 -30.73 -15.95
CA GLN A 1902 -16.01 -29.55 -15.83
C GLN A 1902 -15.93 -29.08 -14.39
N ASP A 1903 -15.66 -27.79 -14.20
CA ASP A 1903 -15.53 -27.12 -12.92
C ASP A 1903 -14.20 -27.40 -12.22
N SER A 1904 -13.36 -28.28 -12.75
CA SER A 1904 -12.07 -28.60 -12.16
C SER A 1904 -11.15 -29.23 -13.20
N PRO A 1905 -10.75 -28.50 -14.24
CA PRO A 1905 -9.86 -29.06 -15.25
C PRO A 1905 -8.37 -28.84 -15.02
N HIS A 1906 -7.99 -28.18 -13.94
CA HIS A 1906 -6.57 -27.95 -13.70
C HIS A 1906 -5.83 -29.24 -13.37
N LEU A 1907 -6.42 -30.10 -12.55
CA LEU A 1907 -5.80 -31.37 -12.18
C LEU A 1907 -6.05 -32.52 -13.14
N ILE A 1908 -6.47 -32.24 -14.37
CA ILE A 1908 -6.74 -33.30 -15.35
C ILE A 1908 -6.20 -33.01 -16.75
N LEU A 1909 -5.77 -31.78 -16.97
CA LEU A 1909 -5.23 -31.34 -18.24
C LEU A 1909 -4.07 -32.19 -18.77
N TYR A 1910 -2.96 -32.20 -18.07
CA TYR A 1910 -1.76 -32.94 -18.45
C TYR A 1910 -1.77 -34.47 -18.50
N PRO A 1911 -2.29 -35.18 -17.51
CA PRO A 1911 -2.28 -36.65 -17.60
C PRO A 1911 -3.07 -37.24 -18.74
N ALA A 1912 -3.93 -36.46 -19.39
CA ALA A 1912 -4.72 -36.96 -20.50
C ALA A 1912 -4.07 -36.75 -21.86
N ILE A 1913 -3.65 -35.51 -22.14
CA ILE A 1913 -2.99 -35.21 -23.41
C ILE A 1913 -1.71 -36.01 -23.54
N VAL A 1914 -1.01 -36.20 -22.42
CA VAL A 1914 0.25 -36.94 -22.41
C VAL A 1914 0.04 -38.38 -22.83
N GLY A 1915 -1.11 -38.97 -22.51
CA GLY A 1915 -1.32 -40.34 -22.89
C GLY A 1915 -1.44 -40.48 -24.40
N THR A 1916 -2.02 -39.47 -25.05
CA THR A 1916 -2.17 -39.52 -26.49
C THR A 1916 -0.82 -39.33 -27.15
N ILE A 1917 -0.10 -38.29 -26.75
CA ILE A 1917 1.22 -37.98 -27.29
C ILE A 1917 2.25 -38.88 -26.66
N GLN A 1975 -3.31 -51.64 -27.32
CA GLN A 1975 -4.05 -50.99 -26.24
C GLN A 1975 -4.99 -49.93 -26.79
N ALA A 1976 -6.04 -50.38 -27.46
CA ALA A 1976 -7.02 -49.46 -28.03
C ALA A 1976 -7.95 -48.88 -26.98
N MET A 1977 -8.17 -49.61 -25.87
CA MET A 1977 -9.06 -49.11 -24.84
C MET A 1977 -8.48 -47.85 -24.21
N MET A 1978 -7.20 -47.90 -23.82
CA MET A 1978 -6.55 -46.75 -23.21
C MET A 1978 -6.48 -45.58 -24.18
N GLN A 1979 -6.28 -45.85 -25.48
CA GLN A 1979 -6.20 -44.78 -26.46
C GLN A 1979 -7.60 -44.24 -26.79
N ASP A 1980 -8.59 -45.13 -26.89
CA ASP A 1980 -9.94 -44.70 -27.21
C ASP A 1980 -10.53 -43.87 -26.08
N CYS A 1981 -10.21 -44.20 -24.84
CA CYS A 1981 -10.73 -43.46 -23.71
C CYS A 1981 -10.10 -42.07 -23.63
N TYR A 1982 -8.77 -42.01 -23.70
CA TYR A 1982 -8.09 -40.72 -23.64
C TYR A 1982 -8.56 -39.83 -24.79
N SER A 1983 -8.73 -40.43 -25.98
CA SER A 1983 -9.17 -39.68 -27.15
C SER A 1983 -10.57 -39.09 -26.97
N LYS A 1984 -11.31 -39.56 -25.97
CA LYS A 1984 -12.65 -39.10 -25.68
C LYS A 1984 -12.66 -37.98 -24.65
N ILE A 1985 -11.70 -38.02 -23.72
CA ILE A 1985 -11.60 -37.02 -22.68
C ILE A 1985 -11.14 -35.69 -23.24
N VAL A 1986 -10.25 -35.73 -24.23
CA VAL A 1986 -9.76 -34.49 -24.83
C VAL A 1986 -10.92 -33.68 -25.37
N ASP A 1987 -11.90 -34.33 -25.97
CA ASP A 1987 -13.05 -33.63 -26.51
C ASP A 1987 -13.85 -33.02 -25.37
N LYS A 1988 -13.97 -33.76 -24.25
CA LYS A 1988 -14.71 -33.26 -23.11
C LYS A 1988 -14.10 -31.99 -22.54
N LEU A 1989 -12.80 -31.79 -22.74
CA LEU A 1989 -12.09 -30.61 -22.25
C LEU A 1989 -11.89 -29.58 -23.35
N SER A 1990 -11.98 -30.01 -24.61
CA SER A 1990 -11.80 -29.10 -25.73
C SER A 1990 -12.96 -28.12 -25.87
N SER A 1991 -14.17 -28.55 -25.50
CA SER A 1991 -15.34 -27.69 -25.60
C SER A 1991 -15.34 -26.53 -24.60
N ALA A 1992 -14.33 -26.45 -23.72
CA ALA A 1992 -14.27 -25.37 -22.75
C ALA A 1992 -13.24 -24.30 -23.08
N ASN A 1993 -12.14 -24.67 -23.69
CA ASN A 1993 -11.11 -23.69 -24.03
C ASN A 1993 -10.21 -24.28 -25.10
N PRO A 1994 -10.66 -24.39 -26.36
CA PRO A 1994 -9.80 -24.95 -27.41
C PRO A 1994 -8.52 -24.17 -27.59
N THR A 1995 -8.52 -22.88 -27.24
CA THR A 1995 -7.32 -22.09 -27.40
C THR A 1995 -6.24 -22.59 -26.46
N MET A 1996 -6.65 -23.15 -25.31
CA MET A 1996 -5.72 -23.67 -24.32
C MET A 1996 -5.40 -25.13 -24.61
N VAL A 1997 -6.41 -25.91 -24.96
CA VAL A 1997 -6.20 -27.32 -25.25
C VAL A 1997 -5.27 -27.49 -26.43
N LEU A 1998 -5.33 -26.59 -27.40
CA LEU A 1998 -4.45 -26.71 -28.55
C LEU A 1998 -3.07 -26.17 -28.22
N GLN A 1999 -3.02 -25.12 -27.39
CA GLN A 1999 -1.74 -24.55 -27.03
C GLN A 1999 -0.95 -25.52 -26.17
N VAL A 2000 -1.62 -26.14 -25.20
CA VAL A 2000 -0.93 -27.09 -24.33
C VAL A 2000 -0.47 -28.28 -25.13
N GLN A 2001 -1.26 -28.71 -26.11
CA GLN A 2001 -0.86 -29.85 -26.92
C GLN A 2001 0.39 -29.50 -27.71
N MET A 2002 0.50 -28.23 -28.09
CA MET A 2002 1.66 -27.76 -28.84
C MET A 2002 2.78 -27.45 -27.87
N LEU A 2003 2.40 -27.06 -26.65
CA LEU A 2003 3.39 -26.74 -25.62
C LEU A 2003 4.22 -27.95 -25.28
N VAL A 2004 3.57 -29.10 -25.10
CA VAL A 2004 4.26 -30.33 -24.77
C VAL A 2004 5.28 -30.72 -25.83
N ALA A 2005 4.93 -30.53 -27.10
CA ALA A 2005 5.86 -30.88 -28.16
C ALA A 2005 7.11 -30.03 -28.08
N GLU A 2006 6.96 -28.77 -27.68
CA GLU A 2006 8.09 -27.87 -27.56
C GLU A 2006 9.04 -28.36 -26.48
N LEU A 2007 8.49 -28.87 -25.39
CA LEU A 2007 9.28 -29.38 -24.28
C LEU A 2007 9.97 -30.68 -24.63
N ARG A 2008 9.19 -31.67 -25.08
CA ARG A 2008 9.76 -32.96 -25.46
C ARG A 2008 10.86 -32.82 -26.49
N ARG A 2009 10.70 -31.90 -27.43
CA ARG A 2009 11.71 -31.70 -28.45
C ARG A 2009 12.91 -30.91 -27.95
N VAL A 2010 12.83 -30.36 -26.73
CA VAL A 2010 13.91 -29.58 -26.13
C VAL A 2010 14.68 -30.44 -25.15
N THR A 2011 14.60 -31.76 -25.30
CA THR A 2011 15.29 -32.71 -24.42
C THR A 2011 16.55 -33.24 -25.08
N TRP A 2014 19.75 -33.01 -29.89
CA TRP A 2014 20.48 -33.10 -31.14
C TRP A 2014 21.91 -33.55 -30.88
N ASP A 2015 22.71 -32.64 -30.33
CA ASP A 2015 24.10 -32.95 -30.04
C ASP A 2015 24.21 -34.06 -29.00
N GLU A 2016 23.21 -34.19 -28.14
CA GLU A 2016 23.23 -35.22 -27.11
C GLU A 2016 23.02 -36.60 -27.70
N LEU A 2017 22.27 -36.70 -28.81
CA LEU A 2017 22.03 -38.00 -29.41
C LEU A 2017 23.30 -38.57 -30.04
N TRP A 2018 24.12 -37.72 -30.66
CA TRP A 2018 25.35 -38.21 -31.28
C TRP A 2018 26.32 -38.71 -30.23
N LEU A 2019 26.54 -37.91 -29.17
CA LEU A 2019 27.46 -38.31 -28.12
C LEU A 2019 26.96 -39.56 -27.40
N GLY A 2020 25.64 -39.78 -27.37
CA GLY A 2020 25.10 -40.94 -26.70
C GLY A 2020 25.09 -42.14 -27.64
N VAL A 2021 24.67 -41.93 -28.88
CA VAL A 2021 24.63 -43.01 -29.87
C VAL A 2021 26.01 -43.58 -30.15
N LEU A 2022 27.05 -42.73 -30.10
CA LEU A 2022 28.40 -43.19 -30.36
C LEU A 2022 28.85 -44.21 -29.31
N LEU A 2023 28.40 -44.03 -28.07
CA LEU A 2023 28.78 -44.95 -27.01
C LEU A 2023 28.16 -46.33 -27.18
N GLN A 2024 26.96 -46.42 -27.73
CA GLN A 2024 26.33 -47.72 -27.91
C GLN A 2024 27.09 -48.56 -28.93
N GLN A 2025 27.60 -47.93 -29.99
CA GLN A 2025 28.35 -48.66 -30.99
C GLN A 2025 29.63 -49.24 -30.44
N HIS A 2026 30.24 -48.55 -29.47
CA HIS A 2026 31.48 -49.05 -28.88
C HIS A 2026 31.25 -50.33 -28.10
N MET A 2027 30.03 -50.52 -27.59
CA MET A 2027 29.72 -51.73 -26.82
C MET A 2027 29.87 -52.97 -27.69
N TYR A 2028 29.51 -52.86 -28.98
CA TYR A 2028 29.62 -53.99 -29.88
C TYR A 2028 31.07 -54.28 -30.26
N VAL A 2029 31.85 -53.23 -30.53
CA VAL A 2029 33.25 -53.44 -30.89
C VAL A 2029 34.06 -53.96 -29.72
N LEU A 2030 33.62 -53.70 -28.49
CA LEU A 2030 34.32 -54.15 -27.30
C LEU A 2030 33.84 -55.55 -26.93
N UNK A 2071 27.03 -55.62 -35.61
CA UNK A 2071 27.09 -55.32 -37.05
C UNK A 2071 25.76 -54.80 -37.55
N UNK A 2072 24.79 -55.71 -37.71
CA UNK A 2072 23.47 -55.31 -38.20
C UNK A 2072 22.80 -54.36 -37.22
N UNK A 2073 22.94 -54.60 -35.91
CA UNK A 2073 22.31 -53.73 -34.93
C UNK A 2073 22.90 -52.33 -35.01
N UNK A 2074 24.23 -52.23 -35.11
CA UNK A 2074 24.87 -50.94 -35.19
C UNK A 2074 24.48 -50.20 -36.46
N UNK A 2075 24.25 -50.93 -37.55
CA UNK A 2075 23.86 -50.31 -38.81
C UNK A 2075 22.46 -49.71 -38.70
N UNK A 2076 21.49 -50.51 -38.26
CA UNK A 2076 20.12 -50.01 -38.12
C UNK A 2076 20.06 -48.89 -37.09
N UNK A 2077 20.85 -49.02 -36.02
CA UNK A 2077 20.86 -48.00 -34.98
C UNK A 2077 21.47 -46.71 -35.51
N UNK A 2078 22.52 -46.83 -36.32
CA UNK A 2078 23.17 -45.66 -36.88
C UNK A 2078 22.23 -44.92 -37.82
N UNK A 2079 21.62 -45.64 -38.75
CA UNK A 2079 20.69 -45.02 -39.70
C UNK A 2079 19.50 -44.40 -38.99
N UNK A 2080 19.06 -44.97 -37.88
CA UNK A 2080 17.91 -44.42 -37.16
C UNK A 2080 18.22 -43.00 -36.71
N UNK A 2081 19.47 -42.74 -36.35
CA UNK A 2081 19.87 -41.42 -35.91
C UNK A 2081 20.02 -40.46 -37.08
N UNK A 2082 20.20 -41.00 -38.29
CA UNK A 2082 20.35 -40.14 -39.47
C UNK A 2082 19.01 -39.57 -39.91
N UNK A 2083 17.97 -40.41 -39.92
CA UNK A 2083 16.65 -39.97 -40.34
C UNK A 2083 16.14 -38.90 -39.39
N UNK A 2084 16.21 -39.17 -38.09
CA UNK A 2084 15.74 -38.21 -37.10
C UNK A 2084 16.63 -36.98 -37.03
N UNK A 2085 17.82 -37.02 -37.61
CA UNK A 2085 18.72 -35.88 -37.59
C UNK A 2085 18.41 -34.92 -38.73
N UNK A 2086 18.38 -35.43 -39.96
CA UNK A 2086 18.09 -34.63 -41.15
C UNK A 2086 19.09 -33.48 -41.30
N PRO A 2087 17.20 -22.10 -36.34
CA PRO A 2087 17.45 -22.36 -34.93
C PRO A 2087 18.56 -23.38 -34.68
N HIS A 2088 18.53 -23.96 -33.47
CA HIS A 2088 19.51 -24.95 -33.09
C HIS A 2088 19.51 -26.17 -34.01
N GLU A 2089 18.35 -26.52 -34.56
CA GLU A 2089 18.28 -27.67 -35.45
C GLU A 2089 19.13 -27.48 -36.70
N LYS A 2090 19.03 -26.30 -37.34
CA LYS A 2090 19.81 -26.04 -38.53
C LYS A 2090 21.29 -25.82 -38.20
N TRP A 2091 21.57 -25.11 -37.10
CA TRP A 2091 22.93 -24.84 -36.70
C TRP A 2091 23.76 -26.10 -36.44
N PHE A 2092 23.11 -27.20 -36.05
CA PHE A 2092 23.82 -28.45 -35.79
C PHE A 2092 23.79 -29.42 -36.96
N GLN A 2093 22.84 -29.26 -37.87
CA GLN A 2093 22.77 -30.15 -39.02
C GLN A 2093 23.83 -29.83 -40.05
N ASP A 2094 24.35 -28.60 -40.04
CA ASP A 2094 25.39 -28.21 -40.98
C ASP A 2094 26.73 -28.84 -40.64
N ASN A 2095 27.25 -28.56 -39.45
CA ASN A 2095 28.52 -29.11 -39.02
C ASN A 2095 28.48 -30.64 -38.91
N TYR A 2096 27.32 -31.19 -38.57
CA TYR A 2096 27.19 -32.64 -38.44
C TYR A 2096 27.00 -33.33 -39.78
N GLY A 2097 26.64 -32.57 -40.83
CA GLY A 2097 26.44 -33.18 -42.13
C GLY A 2097 27.68 -33.86 -42.67
N ASP A 2098 28.79 -33.12 -42.74
CA ASP A 2098 30.03 -33.68 -43.24
C ASP A 2098 30.45 -34.91 -42.43
N ALA A 2099 30.21 -34.88 -41.12
CA ALA A 2099 30.58 -36.02 -40.28
C ALA A 2099 29.62 -37.18 -40.51
N ILE A 2100 28.31 -36.88 -40.60
CA ILE A 2100 27.33 -37.95 -40.82
C ILE A 2100 27.56 -38.59 -42.18
N GLU A 2101 28.01 -37.79 -43.15
CA GLU A 2101 28.26 -38.31 -44.49
C GLU A 2101 29.49 -39.22 -44.49
N ASN A 2102 30.43 -38.98 -43.58
CA ASN A 2102 31.63 -39.79 -43.52
C ASN A 2102 31.31 -41.22 -43.08
N ALA A 2103 30.31 -41.38 -42.20
CA ALA A 2103 29.94 -42.70 -41.73
C ALA A 2103 29.56 -43.62 -42.89
N LEU A 2104 28.96 -43.05 -43.94
CA LEU A 2104 28.57 -43.88 -45.07
C LEU A 2104 29.81 -44.44 -45.76
N GLU A 2105 30.87 -43.64 -45.87
CA GLU A 2105 32.09 -44.11 -46.52
C GLU A 2105 32.76 -45.17 -45.66
N LYS A 2106 32.64 -45.05 -44.34
CA LYS A 2106 33.26 -46.03 -43.44
C LYS A 2106 32.51 -47.36 -43.50
N LEU A 2107 31.21 -47.33 -43.77
CA LEU A 2107 30.43 -48.55 -43.84
C LEU A 2107 30.67 -49.30 -45.15
N LYS A 2108 30.84 -48.58 -46.25
CA LYS A 2108 31.08 -49.18 -47.56
C LYS A 2108 32.30 -50.09 -47.57
N UNK A 2123 35.55 -46.96 -39.21
CA UNK A 2123 35.43 -46.85 -37.76
C UNK A 2123 36.19 -45.64 -37.25
N UNK A 2124 37.35 -45.38 -37.85
CA UNK A 2124 38.17 -44.23 -37.45
C UNK A 2124 37.44 -42.91 -37.66
N UNK A 2125 36.47 -42.87 -38.58
CA UNK A 2125 35.72 -41.65 -38.83
C UNK A 2125 34.63 -41.43 -37.78
N UNK A 2126 33.92 -42.51 -37.42
CA UNK A 2126 32.86 -42.38 -36.42
C UNK A 2126 33.42 -42.14 -35.04
N UNK A 2127 34.42 -42.92 -34.64
CA UNK A 2127 35.02 -42.76 -33.32
C UNK A 2127 35.76 -41.42 -33.20
N UNK A 2128 36.03 -40.76 -34.32
CA UNK A 2128 36.74 -39.48 -34.29
C UNK A 2128 35.80 -38.31 -34.02
N UNK A 2129 34.71 -38.21 -34.78
CA UNK A 2129 33.76 -37.13 -34.60
C UNK A 2129 33.04 -37.21 -33.25
N UNK A 2130 33.05 -38.38 -32.61
CA UNK A 2130 32.38 -38.52 -31.32
C UNK A 2130 33.07 -37.68 -30.25
N UNK A 2131 34.40 -37.76 -30.20
CA UNK A 2131 35.13 -36.98 -29.20
C UNK A 2131 35.00 -35.49 -29.47
N UNK A 2132 34.77 -35.12 -30.72
CA UNK A 2132 34.64 -33.71 -31.08
C UNK A 2132 33.39 -33.11 -30.44
N UNK A 2133 32.27 -33.83 -30.54
CA UNK A 2133 31.02 -33.35 -29.97
C UNK A 2133 31.12 -33.20 -28.46
N UNK A 2134 31.60 -34.23 -27.78
CA UNK A 2134 31.73 -34.18 -26.33
C UNK A 2134 32.74 -33.12 -25.90
N UNK A 2135 33.68 -32.77 -26.78
CA UNK A 2135 34.67 -31.77 -26.48
C UNK A 2135 34.12 -30.36 -26.49
N UNK A 2136 33.23 -30.05 -27.44
CA UNK A 2136 32.66 -28.71 -27.51
C UNK A 2136 31.74 -28.40 -26.34
N UNK A 2137 31.37 -29.39 -25.54
CA UNK A 2137 30.49 -29.13 -24.41
C UNK A 2137 31.16 -28.24 -23.37
N UNK A 2138 32.28 -28.71 -22.81
CA UNK A 2138 33.00 -27.93 -21.81
C UNK A 2138 33.75 -26.78 -22.44
N TYR A 2139 26.16 -25.06 -22.12
CA TYR A 2139 25.38 -25.18 -20.89
C TYR A 2139 24.24 -24.17 -20.83
N ILE A 2140 24.55 -22.90 -21.09
CA ILE A 2140 23.56 -21.83 -21.07
C ILE A 2140 23.01 -21.70 -22.48
N LEU A 2141 21.69 -21.75 -22.59
CA LEU A 2141 20.97 -21.64 -23.85
C LEU A 2141 20.07 -20.41 -23.83
N ARG A 2142 19.32 -20.24 -24.92
CA ARG A 2142 18.40 -19.15 -25.12
C ARG A 2142 17.04 -19.72 -25.50
N LEU A 2143 15.98 -18.94 -25.23
CA LEU A 2143 14.63 -19.41 -25.56
C LEU A 2143 14.39 -19.44 -27.06
N GLU A 2144 14.57 -18.29 -27.74
CA GLU A 2144 14.35 -18.24 -29.18
C GLU A 2144 15.28 -19.19 -29.91
N GLU A 2145 16.43 -19.52 -29.32
CA GLU A 2145 17.37 -20.42 -29.97
C GLU A 2145 16.87 -21.86 -29.97
N ILE A 2146 15.82 -22.16 -29.21
CA ILE A 2146 15.27 -23.51 -29.16
C ILE A 2146 13.91 -23.47 -28.47
N THR A 2154 3.78 -16.32 -25.11
CA THR A 2154 3.46 -15.23 -24.19
C THR A 2154 1.95 -14.99 -24.12
N ASN A 2155 1.51 -14.37 -23.04
CA ASN A 2155 0.09 -14.06 -22.82
C ASN A 2155 -0.78 -15.30 -22.94
N THR A 2156 -0.28 -16.45 -22.52
CA THR A 2156 -1.01 -17.70 -22.57
C THR A 2156 -1.95 -17.85 -21.39
N GLU A 2157 -2.81 -18.87 -21.49
CA GLU A 2157 -3.80 -19.21 -20.46
C GLU A 2157 -3.77 -20.73 -20.29
N ILE A 2158 -2.88 -21.19 -19.42
CA ILE A 2158 -2.70 -22.60 -19.13
C ILE A 2158 -2.25 -22.71 -17.68
N ALA A 2159 -2.62 -23.80 -17.02
CA ALA A 2159 -2.24 -24.00 -15.63
C ALA A 2159 -0.82 -24.52 -15.51
N LEU A 2160 -0.14 -24.07 -14.46
CA LEU A 2160 1.23 -24.48 -14.23
C LEU A 2160 1.32 -25.95 -13.87
N PRO A 2161 2.49 -26.55 -14.01
CA PRO A 2161 2.61 -27.97 -13.67
C PRO A 2161 2.55 -28.13 -12.16
N GLY A 2162 1.42 -28.59 -11.66
CA GLY A 2162 1.24 -28.78 -10.23
C GLY A 2162 0.82 -27.51 -9.52
N VAL A 2170 -2.36 -19.77 -10.76
CA VAL A 2170 -1.65 -18.85 -11.63
C VAL A 2170 -1.61 -19.47 -13.03
N THR A 2171 -1.53 -18.63 -14.06
CA THR A 2171 -1.48 -19.05 -15.45
C THR A 2171 -0.11 -18.75 -16.06
N ILE A 2172 0.30 -19.61 -16.98
CA ILE A 2172 1.59 -19.45 -17.66
C ILE A 2172 1.52 -18.18 -18.51
N HIS A 2173 2.23 -17.14 -18.08
CA HIS A 2173 2.25 -15.87 -18.79
C HIS A 2173 3.45 -15.71 -19.72
N SER A 2174 4.66 -16.05 -19.24
CA SER A 2174 5.85 -15.93 -20.07
C SER A 2174 6.84 -17.02 -19.68
N VAL A 2175 7.15 -17.91 -20.61
CA VAL A 2175 8.07 -19.00 -20.38
C VAL A 2175 9.47 -18.62 -20.85
N GLY A 2177 14.77 -15.81 -20.69
CA GLY A 2177 14.92 -16.94 -21.58
C GLY A 2177 16.23 -17.67 -21.35
N THR A 2178 16.56 -17.87 -20.08
CA THR A 2178 17.78 -18.55 -19.68
C THR A 2178 17.44 -19.99 -19.34
N ILE A 2179 18.15 -20.93 -19.97
CA ILE A 2179 17.94 -22.36 -19.75
C ILE A 2179 19.30 -22.98 -19.49
N THR A 2180 19.66 -23.08 -18.21
CA THR A 2180 20.94 -23.66 -17.83
C THR A 2180 20.81 -25.16 -17.71
N ILE A 2181 21.92 -25.85 -17.87
CA ILE A 2181 21.98 -27.30 -17.80
C ILE A 2181 22.87 -27.67 -16.63
N LEU A 2182 22.44 -28.59 -15.86
CA LEU A 2182 23.13 -29.09 -14.69
C LEU A 2182 23.84 -30.40 -14.99
N PRO A 2183 24.71 -30.88 -14.08
CA PRO A 2183 25.44 -32.13 -14.27
C PRO A 2183 24.57 -33.35 -13.96
N THR A 2184 25.16 -34.55 -14.03
CA THR A 2184 24.42 -35.82 -13.74
C THR A 2184 23.13 -35.85 -14.57
N LYS A 2187 21.40 -35.44 -17.61
CA LYS A 2187 21.60 -34.11 -18.17
C LYS A 2187 20.33 -33.26 -18.06
N PRO A 2188 20.03 -32.79 -16.86
CA PRO A 2188 18.84 -31.96 -16.64
C PRO A 2188 19.05 -30.48 -16.92
N LYS A 2189 17.96 -29.84 -17.36
CA LYS A 2189 17.90 -28.43 -17.68
C LYS A 2189 16.93 -27.77 -16.73
N LYS A 2190 17.21 -26.54 -16.33
CA LYS A 2190 16.37 -25.79 -15.41
C LYS A 2190 16.08 -24.39 -15.94
N LEU A 2191 14.79 -24.07 -16.02
CA LEU A 2191 14.30 -22.79 -16.49
C LEU A 2191 13.45 -22.13 -15.40
N LEU A 2192 12.76 -21.05 -15.78
CA LEU A 2192 11.91 -20.30 -14.87
C LEU A 2192 10.69 -19.72 -15.56
N PHE A 2193 9.52 -20.27 -15.26
CA PHE A 2193 8.29 -19.80 -15.85
C PHE A 2193 7.95 -18.41 -15.29
N LEU A 2194 6.81 -17.89 -15.69
CA LEU A 2194 6.33 -16.59 -15.26
C LEU A 2194 4.82 -16.57 -15.41
N GLY A 2195 4.15 -16.06 -14.39
CA GLY A 2195 2.70 -15.98 -14.39
C GLY A 2195 2.18 -14.75 -13.69
N SER A 2196 0.89 -14.72 -13.40
CA SER A 2196 0.30 -13.58 -12.73
C SER A 2196 0.72 -13.55 -11.27
N ASP A 2197 1.95 -13.11 -11.01
CA ASP A 2197 2.49 -13.02 -9.67
C ASP A 2197 3.17 -11.67 -9.47
N SER A 2200 7.85 -16.01 -10.24
CA SER A 2200 8.96 -16.96 -10.20
C SER A 2200 8.48 -18.34 -9.78
N TYR A 2201 8.28 -19.21 -10.76
CA TYR A 2201 7.82 -20.59 -10.54
C TYR A 2201 8.69 -21.51 -11.35
N PRO A 2202 9.93 -21.72 -10.92
CA PRO A 2202 10.86 -22.59 -11.63
C PRO A 2202 10.50 -24.06 -11.59
N TYR A 2203 11.17 -24.81 -12.45
CA TYR A 2203 11.00 -26.24 -12.59
C TYR A 2203 12.29 -26.81 -13.17
N LEU A 2204 12.28 -28.10 -13.46
CA LEU A 2204 13.41 -28.83 -14.01
C LEU A 2204 12.95 -29.81 -15.07
N PHE A 2205 13.91 -30.33 -15.82
CA PHE A 2205 13.69 -31.29 -16.89
C PHE A 2205 14.61 -32.47 -16.71
N LYS A 2206 14.15 -33.64 -17.11
CA LYS A 2206 14.96 -34.84 -16.99
C LYS A 2206 14.64 -35.82 -18.11
N GLY A 2207 15.53 -35.89 -19.08
CA GLY A 2207 15.37 -36.78 -20.21
C GLY A 2207 15.99 -38.10 -19.83
N LEU A 2208 15.31 -39.19 -20.19
CA LEU A 2208 15.78 -40.53 -19.88
C LEU A 2208 15.73 -40.79 -18.38
N GLU A 2209 14.74 -40.19 -17.71
CA GLU A 2209 14.54 -40.33 -16.27
C GLU A 2209 13.40 -41.26 -15.88
N ASP A 2210 12.31 -41.27 -16.63
CA ASP A 2210 11.15 -42.12 -16.33
C ASP A 2210 10.59 -41.80 -14.95
N LEU A 2211 10.08 -40.58 -14.85
CA LEU A 2211 9.50 -40.07 -13.61
C LEU A 2211 8.07 -40.50 -13.34
N HIS A 2212 7.78 -41.80 -13.43
CA HIS A 2212 6.43 -42.27 -13.18
C HIS A 2212 6.25 -42.76 -11.76
N LEU A 2213 7.34 -43.18 -11.11
CA LEU A 2213 7.29 -43.65 -9.75
C LEU A 2213 7.38 -42.50 -8.78
N ASP A 2214 8.26 -41.54 -9.06
CA ASP A 2214 8.44 -40.38 -8.20
C ASP A 2214 7.12 -39.65 -8.03
N GLU A 2215 6.26 -39.66 -9.05
CA GLU A 2215 4.98 -39.00 -8.95
C GLU A 2215 4.08 -39.76 -8.01
N ARG A 2216 4.20 -41.07 -8.00
CA ARG A 2216 3.38 -41.89 -7.13
C ARG A 2216 3.86 -41.76 -5.70
N ILE A 2217 5.12 -41.38 -5.50
CA ILE A 2217 5.64 -41.24 -4.15
C ILE A 2217 5.16 -39.92 -3.55
N MET A 2218 5.19 -38.84 -4.36
CA MET A 2218 4.74 -37.56 -3.85
C MET A 2218 3.28 -37.64 -3.45
N GLN A 2219 2.50 -38.41 -4.18
CA GLN A 2219 1.09 -38.57 -3.87
C GLN A 2219 0.94 -39.27 -2.54
N PHE A 2220 1.77 -40.28 -2.33
CA PHE A 2220 1.76 -41.06 -1.11
C PHE A 2220 2.02 -40.18 0.10
N LEU A 2221 2.78 -39.11 -0.08
CA LEU A 2221 3.09 -38.19 0.99
C LEU A 2221 1.98 -37.17 1.17
N SER A 2222 1.24 -36.87 0.10
CA SER A 2222 0.17 -35.91 0.21
C SER A 2222 -0.93 -36.46 1.07
N ILE A 2223 -1.06 -37.78 1.08
CA ILE A 2223 -2.07 -38.44 1.88
C ILE A 2223 -1.59 -38.51 3.31
N VAL A 2224 -0.28 -38.64 3.50
CA VAL A 2224 0.27 -38.70 4.84
C VAL A 2224 0.03 -37.38 5.53
N ASN A 2225 0.42 -36.28 4.88
CA ASN A 2225 0.23 -34.97 5.46
C ASN A 2225 -1.25 -34.67 5.65
N THR A 2226 -2.11 -35.36 4.93
CA THR A 2226 -3.53 -35.17 5.02
C THR A 2226 -4.06 -35.74 6.33
N MET A 2227 -3.29 -36.60 6.98
CA MET A 2227 -3.66 -37.22 8.24
C MET A 2227 -3.23 -36.42 9.44
N PHE A 2228 -2.33 -35.47 9.24
CA PHE A 2228 -1.81 -34.61 10.28
C PHE A 2228 -2.64 -33.36 10.48
N ALA A 2229 -3.62 -33.11 9.61
CA ALA A 2229 -4.46 -31.92 9.74
C ALA A 2229 -5.21 -31.89 11.06
N THR A 2230 -5.73 -33.04 11.48
CA THR A 2230 -6.47 -33.11 12.72
C THR A 2230 -5.58 -32.77 13.92
N ILE A 2231 -4.32 -33.21 13.86
CA ILE A 2231 -3.38 -32.95 14.93
C ILE A 2231 -2.74 -31.59 14.83
N ASN A 2232 -2.52 -31.09 13.62
CA ASN A 2232 -1.90 -29.79 13.44
C ASN A 2232 -2.71 -28.63 13.99
N ARG A 2233 -4.00 -28.82 14.23
CA ARG A 2233 -4.80 -27.72 14.77
C ARG A 2233 -4.51 -27.46 16.23
N GLN A 2234 -3.79 -28.37 16.88
CA GLN A 2234 -3.43 -28.27 18.29
C GLN A 2234 -1.96 -28.60 18.49
N GLU A 2235 -1.10 -28.02 17.66
CA GLU A 2235 0.33 -28.22 17.72
C GLU A 2235 0.98 -27.00 17.09
N THR A 2236 1.89 -26.35 17.82
CA THR A 2236 2.54 -25.17 17.26
C THR A 2236 3.39 -25.58 16.08
N PRO A 2237 4.35 -26.51 16.22
CA PRO A 2237 5.16 -26.91 15.08
C PRO A 2237 4.40 -27.96 14.31
N ARG A 2238 3.99 -27.58 13.12
CA ARG A 2238 3.23 -28.42 12.22
C ARG A 2238 3.99 -29.66 11.77
N PHE A 2239 3.21 -30.71 11.56
CA PHE A 2239 3.70 -32.00 11.12
C PHE A 2239 3.54 -31.96 9.62
N HIS A 2240 4.63 -31.80 8.87
CA HIS A 2240 4.48 -31.76 7.44
C HIS A 2240 5.68 -32.33 6.71
N ALA A 2241 5.39 -33.20 5.76
CA ALA A 2241 6.36 -33.87 4.94
C ALA A 2241 6.37 -33.13 3.62
N ARG A 2242 7.38 -32.31 3.41
CA ARG A 2242 7.48 -31.54 2.20
C ARG A 2242 7.51 -32.46 0.99
N HIS A 2243 6.86 -32.02 -0.08
CA HIS A 2243 6.79 -32.76 -1.31
C HIS A 2243 6.77 -31.76 -2.45
N TYR A 2244 7.49 -32.10 -3.51
CA TYR A 2244 7.57 -31.24 -4.69
C TYR A 2244 6.70 -31.86 -5.77
N SER A 2245 6.23 -31.02 -6.69
CA SER A 2245 5.39 -31.48 -7.78
C SER A 2245 6.19 -32.04 -8.94
N VAL A 2246 5.53 -32.91 -9.69
CA VAL A 2246 6.12 -33.57 -10.86
C VAL A 2246 5.01 -33.80 -11.87
N THR A 2247 5.33 -33.58 -13.13
CA THR A 2247 4.40 -33.76 -14.24
C THR A 2247 5.08 -34.69 -15.22
N PRO A 2248 4.84 -35.99 -15.15
CA PRO A 2248 5.49 -36.89 -16.09
C PRO A 2248 4.92 -36.87 -17.49
N LEU A 2249 5.67 -36.28 -18.39
CA LEU A 2249 5.31 -36.15 -19.79
C LEU A 2249 6.22 -37.15 -20.50
N GLY A 2250 5.62 -38.23 -20.98
CA GLY A 2250 6.34 -39.26 -21.68
C GLY A 2250 6.69 -40.40 -20.74
N THR A 2251 7.31 -41.42 -21.33
CA THR A 2251 7.72 -42.60 -20.58
C THR A 2251 9.17 -42.54 -20.15
N ARG A 2252 9.99 -41.76 -20.84
CA ARG A 2252 11.40 -41.61 -20.53
C ARG A 2252 11.76 -40.14 -20.42
N SER A 2253 10.79 -39.30 -20.09
CA SER A 2253 10.98 -37.87 -19.95
C SER A 2253 10.16 -37.41 -18.76
N GLY A 2254 10.20 -36.12 -18.49
CA GLY A 2254 9.44 -35.59 -17.38
C GLY A 2254 9.83 -34.17 -17.05
N LEU A 2255 9.28 -33.70 -15.94
CA LEU A 2255 9.51 -32.36 -15.42
C LEU A 2255 9.35 -32.38 -13.91
N ILE A 2256 10.17 -31.59 -13.21
CA ILE A 2256 10.15 -31.52 -11.75
C ILE A 2256 10.22 -30.06 -11.31
N GLN A 2257 9.76 -29.81 -10.09
CA GLN A 2257 9.74 -28.49 -9.47
C GLN A 2257 11.08 -28.23 -8.79
N TRP A 2258 11.39 -26.96 -8.57
CA TRP A 2258 12.62 -26.55 -7.94
C TRP A 2258 12.35 -25.69 -6.72
N VAL A 2259 12.52 -26.27 -5.55
CA VAL A 2259 12.29 -25.58 -4.28
C VAL A 2259 13.23 -24.38 -4.21
N ASP A 2260 12.74 -23.30 -3.62
CA ASP A 2260 13.50 -22.07 -3.47
C ASP A 2260 13.75 -21.78 -2.00
N GLY A 2261 14.91 -21.18 -1.72
CA GLY A 2261 15.30 -20.83 -0.38
C GLY A 2261 16.04 -21.90 0.38
N ALA A 2262 15.93 -23.14 -0.08
CA ALA A 2262 16.62 -24.22 0.59
C ALA A 2262 18.10 -24.21 0.31
N THR A 2263 18.87 -24.30 1.37
CA THR A 2263 20.31 -24.31 1.34
C THR A 2263 20.77 -25.73 1.62
N PRO A 2264 21.48 -26.40 0.71
CA PRO A 2264 21.91 -27.76 1.01
C PRO A 2264 22.77 -27.79 2.25
N LEU A 2265 22.84 -28.96 2.86
CA LEU A 2265 23.63 -29.08 4.06
C LEU A 2265 25.11 -29.20 3.77
N PHE A 2266 25.48 -29.69 2.59
CA PHE A 2266 26.89 -29.83 2.27
C PHE A 2266 27.58 -28.48 2.20
N GLY A 2267 26.85 -27.44 1.80
CA GLY A 2267 27.42 -26.11 1.69
C GLY A 2267 27.99 -25.58 2.98
N LEU A 2268 27.54 -26.11 4.11
CA LEU A 2268 28.02 -25.69 5.41
C LEU A 2268 29.35 -26.33 5.70
N TYR A 2269 29.58 -27.52 5.15
CA TYR A 2269 30.81 -28.26 5.35
C TYR A 2269 31.89 -27.72 4.42
N LYS A 2270 31.54 -27.42 3.17
CA LYS A 2270 32.51 -26.89 2.23
C LYS A 2270 33.05 -25.57 2.75
N ARG A 2271 32.13 -24.71 3.18
CA ARG A 2271 32.50 -23.41 3.69
C ARG A 2271 33.35 -23.52 4.94
N TRP A 2272 33.17 -24.56 5.74
CA TRP A 2272 34.01 -24.65 6.92
C TRP A 2272 35.43 -24.93 6.51
N GLN A 2273 35.61 -25.88 5.59
CA GLN A 2273 36.92 -26.24 5.12
C GLN A 2273 37.58 -25.01 4.53
N GLN A 2274 36.83 -24.32 3.69
CA GLN A 2274 37.20 -23.10 3.00
C GLN A 2274 37.51 -21.97 3.96
N ARG A 2275 37.13 -22.12 5.22
CA ARG A 2275 37.35 -21.13 6.27
C ARG A 2275 38.42 -21.59 7.23
N GLU A 2276 38.43 -22.88 7.58
CA GLU A 2276 39.45 -23.39 8.49
C GLU A 2276 40.77 -23.50 7.76
N ALA A 2277 40.71 -23.78 6.45
CA ALA A 2277 41.92 -23.90 5.66
C ALA A 2277 42.63 -22.56 5.58
N ALA A 2278 41.89 -21.51 5.23
CA ALA A 2278 42.47 -20.18 5.12
C ALA A 2278 43.03 -19.69 6.44
N LEU A 2279 42.60 -20.27 7.55
CA LEU A 2279 43.09 -19.88 8.86
C LEU A 2279 44.50 -20.40 9.09
N GLN A 2280 44.76 -21.65 8.69
CA GLN A 2280 46.09 -22.22 8.87
C GLN A 2280 47.12 -21.40 8.11
N ALA A 2281 46.72 -20.86 6.96
CA ALA A 2281 47.60 -20.05 6.14
C ALA A 2281 48.07 -18.80 6.86
N GLN A 2282 47.30 -18.31 7.84
CA GLN A 2282 47.68 -17.11 8.56
C GLN A 2282 48.76 -17.40 9.59
N LYS A 2283 48.82 -18.63 10.10
CA LYS A 2283 49.82 -19.00 11.09
C LYS A 2283 49.76 -20.49 11.41
N UNK A 2308 34.81 -33.74 -3.62
CA UNK A 2308 36.12 -34.13 -4.15
C UNK A 2308 37.08 -34.32 -3.00
N UNK A 2309 37.26 -33.29 -2.18
CA UNK A 2309 38.16 -33.35 -1.04
C UNK A 2309 37.55 -34.10 0.15
N UNK A 2310 36.35 -34.66 0.00
CA UNK A 2310 35.71 -35.38 1.09
C UNK A 2310 36.20 -36.82 1.15
N UNK A 2311 36.06 -37.56 0.04
CA UNK A 2311 36.50 -38.94 0.01
C UNK A 2311 38.02 -39.03 0.16
N UNK A 2312 38.73 -37.96 -0.15
CA UNK A 2312 40.18 -37.95 -0.04
C UNK A 2312 40.63 -37.87 1.41
N UNK A 2313 39.84 -37.21 2.27
CA UNK A 2313 40.23 -37.11 3.67
C UNK A 2313 40.14 -38.46 4.36
N UNK A 2314 39.29 -39.36 3.86
CA UNK A 2314 39.17 -40.68 4.49
C UNK A 2314 40.32 -41.58 4.05
N UNK A 2315 40.65 -41.58 2.76
CA UNK A 2315 41.74 -42.42 2.27
C UNK A 2315 43.05 -42.08 2.97
N UNK A 2316 43.29 -40.79 3.21
CA UNK A 2316 44.52 -40.37 3.88
C UNK A 2316 44.52 -40.85 5.33
N UNK A 2317 43.36 -41.19 5.87
CA UNK A 2317 43.20 -41.67 7.23
C UNK A 2317 43.08 -43.18 7.30
N UNK A 2318 42.55 -43.80 6.24
CA UNK A 2318 42.40 -45.25 6.20
C UNK A 2318 43.68 -45.95 5.82
N UNK A 2319 44.52 -45.31 5.00
CA UNK A 2319 45.78 -45.91 4.58
C UNK A 2319 46.69 -46.17 5.77
N UNK A 2320 47.05 -45.11 6.48
CA UNK A 2320 47.92 -45.24 7.65
C UNK A 2320 47.38 -46.21 8.68
N UNK A 2321 46.07 -46.25 8.87
CA UNK A 2321 45.48 -47.17 9.84
C UNK A 2321 45.27 -48.57 9.28
N UNK A 2322 45.16 -48.72 7.96
CA UNK A 2322 44.96 -50.06 7.39
C UNK A 2322 46.27 -50.84 7.28
N UNK A 2323 47.37 -50.14 6.99
CA UNK A 2323 48.66 -50.81 6.88
C UNK A 2323 49.28 -51.08 8.24
N UNK A 2324 48.88 -50.31 9.26
CA UNK A 2324 49.39 -50.45 10.62
C UNK A 2324 48.83 -51.66 11.36
N UNK A 2325 48.15 -52.58 10.68
CA UNK A 2325 47.57 -53.77 11.31
C UNK A 2325 48.16 -55.02 10.66
N TRP A 2326 37.14 -55.22 5.52
CA TRP A 2326 38.12 -54.53 6.34
C TRP A 2326 37.78 -54.81 7.80
N PRO A 2327 38.72 -54.55 8.70
CA PRO A 2327 38.45 -54.79 10.13
C PRO A 2327 37.53 -53.75 10.72
N LEU A 2328 36.69 -54.20 11.66
CA LEU A 2328 35.75 -53.31 12.32
C LEU A 2328 36.48 -52.21 13.08
N HIS A 2329 37.45 -52.58 13.93
CA HIS A 2329 38.19 -51.61 14.71
C HIS A 2329 39.02 -50.67 13.85
N VAL A 2330 39.19 -50.96 12.56
CA VAL A 2330 39.95 -50.11 11.67
C VAL A 2330 39.09 -48.98 11.12
N MET A 2331 37.86 -49.30 10.71
CA MET A 2331 36.98 -48.27 10.16
C MET A 2331 36.33 -47.46 11.27
N LYS A 2332 35.95 -48.12 12.37
CA LYS A 2332 35.31 -47.45 13.49
C LYS A 2332 36.14 -46.30 14.02
N ALA A 2333 37.45 -46.35 13.88
CA ALA A 2333 38.32 -45.29 14.34
C ALA A 2333 38.56 -44.24 13.28
N VAL A 2334 38.29 -44.55 12.01
CA VAL A 2334 38.49 -43.57 10.95
C VAL A 2334 37.52 -42.42 11.16
N LEU A 2335 36.31 -42.74 11.61
CA LEU A 2335 35.31 -41.71 11.86
C LEU A 2335 35.55 -41.08 13.22
N GLU A 2336 35.91 -41.91 14.20
CA GLU A 2336 36.17 -41.43 15.56
C GLU A 2336 37.28 -40.38 15.57
N GLU A 2337 38.14 -40.38 14.56
CA GLU A 2337 39.23 -39.40 14.49
C GLU A 2337 38.75 -38.13 13.84
N LEU A 2338 37.85 -38.25 12.86
CA LEU A 2338 37.28 -37.12 12.14
C LEU A 2338 36.24 -36.40 12.97
N MET A 2339 35.38 -37.17 13.63
CA MET A 2339 34.33 -36.60 14.47
C MET A 2339 34.92 -35.63 15.48
N GLU A 2340 36.09 -35.96 16.03
CA GLU A 2340 36.74 -35.11 17.01
C GLU A 2340 37.42 -33.91 16.34
N ALA A 2341 37.45 -33.89 15.02
CA ALA A 2341 38.05 -32.83 14.23
C ALA A 2341 37.09 -31.75 13.79
N THR A 2342 35.98 -32.14 13.16
CA THR A 2342 34.99 -31.19 12.70
C THR A 2342 34.08 -30.79 13.85
N PRO A 2343 33.67 -29.53 13.94
CA PRO A 2343 32.81 -29.12 15.02
C PRO A 2343 31.39 -29.59 14.81
N PRO A 2344 30.71 -30.05 15.86
CA PRO A 2344 29.34 -30.50 15.66
C PRO A 2344 28.39 -29.33 15.68
N ASN A 2345 28.71 -28.30 16.44
CA ASN A 2345 27.88 -27.09 16.54
C ASN A 2345 28.20 -26.28 15.30
N LEU A 2346 27.72 -26.79 14.18
CA LEU A 2346 27.91 -26.18 12.86
C LEU A 2346 26.60 -25.81 12.23
N LEU A 2347 25.59 -26.65 12.44
CA LEU A 2347 24.26 -26.42 11.89
C LEU A 2347 23.45 -25.55 12.82
N ALA A 2348 23.27 -26.03 14.05
CA ALA A 2348 22.51 -25.32 15.07
C ALA A 2348 23.02 -23.90 15.23
N LYS A 2349 24.30 -23.72 15.04
CA LYS A 2349 24.99 -22.46 15.15
C LYS A 2349 24.73 -21.58 13.93
N GLU A 2350 24.16 -22.13 12.87
CA GLU A 2350 23.86 -21.37 11.68
C GLU A 2350 22.44 -20.88 11.76
N LEU A 2351 21.55 -21.74 12.28
CA LEU A 2351 20.16 -21.38 12.42
C LEU A 2351 20.08 -20.16 13.30
N TRP A 2352 20.71 -20.25 14.47
CA TRP A 2352 20.74 -19.17 15.45
C TRP A 2352 21.23 -17.89 14.82
N SER A 2353 22.27 -17.98 14.00
CA SER A 2353 22.81 -16.82 13.35
C SER A 2353 21.83 -16.18 12.39
N SER A 2354 20.84 -16.94 11.92
CA SER A 2354 19.82 -16.47 11.00
C SER A 2354 18.46 -16.66 11.66
N CYS A 2355 18.16 -15.80 12.64
CA CYS A 2355 16.89 -15.88 13.35
C CYS A 2355 16.29 -14.55 13.79
N THR A 2356 17.09 -13.50 13.82
CA THR A 2356 16.77 -12.14 14.19
C THR A 2356 16.21 -11.89 15.59
N THR A 2357 16.03 -12.91 16.41
CA THR A 2357 15.51 -12.71 17.76
C THR A 2357 15.54 -14.06 18.47
N PRO A 2358 15.55 -14.12 19.80
CA PRO A 2358 15.59 -15.43 20.46
C PRO A 2358 14.30 -16.21 20.37
N ASP A 2359 13.13 -15.56 20.32
CA ASP A 2359 11.92 -16.35 20.24
C ASP A 2359 11.82 -17.07 18.92
N GLU A 2360 12.34 -16.47 17.86
CA GLU A 2360 12.29 -17.09 16.55
C GLU A 2360 13.24 -18.27 16.49
N TRP A 2361 14.16 -18.37 17.45
CA TRP A 2361 15.09 -19.48 17.47
C TRP A 2361 14.41 -20.71 18.01
N TRP A 2362 13.39 -20.51 18.83
CA TRP A 2362 12.64 -21.59 19.43
C TRP A 2362 11.56 -22.10 18.49
N ARG A 2363 11.17 -21.31 17.52
CA ARG A 2363 10.15 -21.69 16.58
C ARG A 2363 10.71 -22.56 15.48
N VAL A 2364 11.92 -22.27 15.03
CA VAL A 2364 12.55 -23.04 13.98
C VAL A 2364 13.19 -24.29 14.57
N THR A 2365 13.79 -24.16 15.74
CA THR A 2365 14.44 -25.27 16.40
C THR A 2365 13.46 -26.40 16.66
N GLN A 2366 12.22 -26.08 17.02
CA GLN A 2366 11.22 -27.10 17.28
C GLN A 2366 10.57 -27.58 16.01
N SER A 2367 10.73 -26.86 14.92
CA SER A 2367 10.14 -27.26 13.66
C SER A 2367 11.07 -28.24 12.98
N TYR A 2368 12.36 -28.04 13.17
CA TYR A 2368 13.38 -28.90 12.59
C TYR A 2368 13.33 -30.26 13.24
N ALA A 2369 13.08 -30.29 14.55
CA ALA A 2369 13.00 -31.54 15.26
C ALA A 2369 11.78 -32.32 14.86
N ARG A 2370 10.68 -31.65 14.65
CA ARG A 2370 9.46 -32.31 14.26
C ARG A 2370 9.37 -32.53 12.76
N SER A 2371 10.27 -31.91 11.99
CA SER A 2371 10.22 -32.09 10.55
C SER A 2371 11.02 -33.32 10.16
N THR A 2372 12.14 -33.53 10.83
CA THR A 2372 12.99 -34.67 10.57
C THR A 2372 12.27 -35.95 10.90
N ALA A 2373 11.68 -36.00 12.09
CA ALA A 2373 10.95 -37.16 12.58
C ALA A 2373 9.90 -37.58 11.60
N VAL A 2374 9.26 -36.61 10.98
CA VAL A 2374 8.23 -36.90 10.00
C VAL A 2374 8.86 -37.44 8.74
N MET A 2375 10.02 -36.92 8.39
CA MET A 2375 10.70 -37.38 7.20
C MET A 2375 11.58 -38.57 7.50
N SER A 2376 11.95 -38.77 8.74
CA SER A 2376 12.79 -39.90 9.06
C SER A 2376 11.96 -41.17 9.14
N MET A 2377 10.91 -41.16 9.94
CA MET A 2377 10.07 -42.35 10.05
C MET A 2377 9.45 -42.70 8.73
N VAL A 2378 9.01 -41.69 7.97
CA VAL A 2378 8.41 -42.00 6.68
C VAL A 2378 9.46 -42.65 5.79
N GLY A 2379 10.73 -42.31 6.00
CA GLY A 2379 11.79 -42.89 5.21
C GLY A 2379 11.96 -44.36 5.52
N TYR A 2380 11.63 -44.75 6.73
CA TYR A 2380 11.73 -46.13 7.17
C TYR A 2380 10.60 -46.95 6.61
N ILE A 2381 9.45 -46.31 6.42
CA ILE A 2381 8.28 -47.00 5.88
C ILE A 2381 8.47 -47.24 4.40
N ILE A 2382 8.58 -46.17 3.61
CA ILE A 2382 8.76 -46.30 2.18
C ILE A 2382 10.13 -46.84 1.81
N GLY A 2383 11.05 -46.91 2.76
CA GLY A 2383 12.37 -47.42 2.45
C GLY A 2383 13.29 -46.43 1.78
N LEU A 2384 13.50 -45.28 2.39
CA LEU A 2384 14.37 -44.28 1.81
C LEU A 2384 15.80 -44.77 1.90
N GLY A 2385 16.63 -44.31 0.96
CA GLY A 2385 18.02 -44.70 0.90
C GLY A 2385 19.16 -43.72 1.10
N ALA A 2386 19.69 -43.27 -0.03
CA ALA A 2386 20.80 -42.32 -0.11
C ALA A 2386 20.52 -40.94 0.44
N ARG A 2387 20.93 -40.76 1.69
CA ARG A 2387 20.76 -39.50 2.42
C ARG A 2387 22.04 -38.66 2.41
N HIS A 2388 22.60 -38.44 1.23
CA HIS A 2388 23.80 -37.65 1.12
C HIS A 2388 23.48 -36.22 1.49
N LEU A 2389 24.52 -35.43 1.75
CA LEU A 2389 24.27 -34.04 2.11
C LEU A 2389 23.72 -33.23 0.94
N ASP A 2390 23.77 -33.77 -0.28
CA ASP A 2390 23.29 -33.07 -1.46
C ASP A 2390 21.81 -33.37 -1.68
N ASN A 2391 21.30 -34.45 -1.10
CA ASN A 2391 19.91 -34.86 -1.20
C ASN A 2391 19.13 -34.54 0.06
N VAL A 2392 19.69 -33.69 0.92
CA VAL A 2392 19.07 -33.29 2.18
C VAL A 2392 19.36 -31.82 2.33
N LEU A 2393 18.36 -30.99 2.09
CA LEU A 2393 18.50 -29.55 2.20
C LEU A 2393 17.87 -29.09 3.50
N ILE A 2394 17.86 -27.79 3.69
CA ILE A 2394 17.30 -27.20 4.89
C ILE A 2394 17.00 -25.73 4.64
N ASP A 2395 15.83 -25.29 5.04
CA ASP A 2395 15.40 -23.91 4.88
C ASP A 2395 15.48 -23.19 6.21
N MET A 2396 16.33 -22.18 6.26
CA MET A 2396 16.52 -21.39 7.47
C MET A 2396 15.37 -20.44 7.73
N THR A 2397 14.36 -20.41 6.86
CA THR A 2397 13.24 -19.53 7.05
C THR A 2397 12.20 -20.13 7.98
N THR A 2398 12.13 -21.45 8.02
CA THR A 2398 11.19 -22.17 8.87
C THR A 2398 11.78 -23.36 9.57
N GLY A 2399 13.05 -23.68 9.35
CA GLY A 2399 13.70 -24.79 9.98
C GLY A 2399 13.33 -26.14 9.43
N GLU A 2400 12.42 -26.22 8.47
CA GLU A 2400 12.01 -27.48 7.91
C GLU A 2400 13.16 -28.15 7.16
N VAL A 2401 12.87 -29.35 6.69
CA VAL A 2401 13.82 -30.19 5.96
C VAL A 2401 13.07 -30.81 4.79
N VAL A 2402 13.75 -30.88 3.65
CA VAL A 2402 13.22 -31.44 2.41
C VAL A 2402 14.17 -32.50 1.89
N HIS A 2403 13.61 -33.60 1.40
CA HIS A 2403 14.41 -34.70 0.86
C HIS A 2403 14.20 -34.77 -0.64
N ILE A 2404 15.31 -35.05 -1.33
CA ILE A 2404 15.34 -35.16 -2.78
C ILE A 2404 16.02 -36.47 -3.14
N ASP A 2405 15.92 -36.86 -4.41
CA ASP A 2405 16.51 -38.08 -4.95
C ASP A 2405 15.86 -39.35 -4.38
N TYR A 2406 14.59 -39.49 -4.70
CA TYR A 2406 13.82 -40.63 -4.25
C TYR A 2406 14.02 -41.84 -5.15
N ASN A 2407 14.96 -41.76 -6.09
CA ASN A 2407 15.21 -42.87 -7.00
C ASN A 2407 15.61 -44.12 -6.23
N VAL A 2408 16.26 -43.94 -5.09
CA VAL A 2408 16.70 -45.04 -4.25
C VAL A 2408 15.63 -45.27 -3.20
N CYS A 2409 14.65 -46.11 -3.50
CA CYS A 2409 13.57 -46.41 -2.60
C CYS A 2409 13.25 -47.88 -2.74
N PHE A 2410 12.35 -48.36 -1.89
CA PHE A 2410 11.92 -49.75 -1.89
C PHE A 2410 13.00 -50.68 -1.34
N GLU A 2411 13.84 -50.16 -0.44
CA GLU A 2411 14.93 -50.91 0.17
C GLU A 2411 16.06 -51.25 -0.79
N LYS A 2412 16.47 -50.32 -1.65
CA LYS A 2412 17.57 -50.60 -2.57
C LYS A 2412 18.92 -50.47 -1.90
N GLY A 2413 19.02 -49.58 -0.91
CA GLY A 2413 20.27 -49.37 -0.19
C GLY A 2413 20.89 -50.63 0.37
N LYS A 2414 20.08 -51.67 0.60
CA LYS A 2414 20.55 -52.93 1.13
C LYS A 2414 21.01 -53.88 0.01
N SER A 2415 21.22 -53.36 -1.20
CA SER A 2415 21.64 -54.16 -2.34
C SER A 2415 22.76 -53.49 -3.15
N LEU A 2416 23.34 -52.40 -2.67
CA LEU A 2416 24.40 -51.71 -3.40
C LEU A 2416 25.74 -52.39 -3.16
N ARG A 2417 26.76 -51.99 -3.93
CA ARG A 2417 28.10 -52.56 -3.78
C ARG A 2417 28.61 -52.34 -2.38
N VAL A 2418 28.27 -51.20 -1.80
CA VAL A 2418 28.65 -50.80 -0.46
C VAL A 2418 27.37 -50.59 0.34
N PRO A 2419 26.79 -51.65 0.88
CA PRO A 2419 25.54 -51.52 1.66
C PRO A 2419 25.50 -50.47 2.75
N GLU A 2420 24.27 -50.16 3.13
CA GLU A 2420 23.97 -49.17 4.16
C GLU A 2420 22.74 -49.70 4.89
N LYS A 2421 22.90 -49.96 6.19
CA LYS A 2421 21.82 -50.47 7.02
C LYS A 2421 21.15 -49.38 7.85
N VAL A 2422 21.54 -48.13 7.68
CA VAL A 2422 20.94 -47.03 8.45
C VAL A 2422 19.58 -46.69 7.86
N PRO A 2423 18.48 -46.78 8.63
CA PRO A 2423 17.18 -46.44 8.06
C PRO A 2423 17.08 -44.98 7.68
N PHE A 2424 17.76 -44.11 8.42
CA PHE A 2424 17.75 -42.68 8.17
C PHE A 2424 19.05 -42.11 8.70
N ARG A 2425 19.14 -40.80 8.71
CA ARG A 2425 20.32 -40.07 9.17
C ARG A 2425 20.17 -39.39 10.53
N MET A 2426 21.14 -39.62 11.40
CA MET A 2426 21.20 -39.06 12.75
C MET A 2426 22.63 -38.71 13.10
N THR A 2427 23.29 -38.09 12.14
CA THR A 2427 24.66 -37.67 12.24
C THR A 2427 24.86 -36.67 13.39
N GLN A 2428 26.08 -36.64 13.90
CA GLN A 2428 26.54 -35.80 14.99
C GLN A 2428 26.11 -34.35 14.87
N ASN A 2429 26.21 -33.79 13.69
CA ASN A 2429 25.83 -32.41 13.45
C ASN A 2429 24.33 -32.21 13.55
N ILE A 2430 23.56 -33.28 13.37
CA ILE A 2430 22.12 -33.21 13.46
C ILE A 2430 21.63 -33.49 14.88
N GLU A 2431 22.09 -34.58 15.49
CA GLU A 2431 21.68 -34.94 16.85
C GLU A 2431 21.96 -33.82 17.85
N THR A 2432 22.88 -32.92 17.53
CA THR A 2432 23.24 -31.82 18.40
C THR A 2432 22.44 -30.57 18.11
N ALA A 2433 21.63 -30.58 17.05
CA ALA A 2433 20.82 -29.43 16.70
C ALA A 2433 19.48 -29.45 17.39
N LEU A 2434 18.98 -30.65 17.67
CA LEU A 2434 17.71 -30.83 18.34
C LEU A 2434 17.73 -30.30 19.75
N GLY A 2435 18.93 -30.16 20.33
CA GLY A 2435 19.12 -29.67 21.66
C GLY A 2435 20.00 -30.58 22.48
N VAL A 2436 20.22 -30.17 23.73
CA VAL A 2436 21.06 -30.96 24.63
C VAL A 2436 20.47 -32.35 24.81
N THR A 2437 19.15 -32.44 24.83
CA THR A 2437 18.48 -33.72 24.98
C THR A 2437 18.72 -34.63 23.81
N GLY A 2438 19.18 -34.10 22.70
CA GLY A 2438 19.45 -34.88 21.54
C GLY A 2438 18.23 -35.57 20.96
N VAL A 2439 18.29 -36.88 20.97
CA VAL A 2439 17.24 -37.75 20.46
C VAL A 2439 16.39 -38.31 21.59
N GLU A 2440 16.32 -37.63 22.72
CA GLU A 2440 15.52 -38.09 23.85
C GLU A 2440 14.35 -37.19 24.19
N GLY A 2441 14.11 -36.14 23.41
CA GLY A 2441 13.02 -35.23 23.68
C GLY A 2441 11.84 -35.14 22.74
N VAL A 2442 11.87 -34.08 21.92
CA VAL A 2442 10.80 -33.85 20.96
C VAL A 2442 10.82 -34.90 19.86
N PHE A 2443 12.02 -35.25 19.41
CA PHE A 2443 12.18 -36.25 18.36
C PHE A 2443 11.57 -37.59 18.75
N ARG A 2444 12.11 -38.21 19.80
CA ARG A 2444 11.64 -39.50 20.27
C ARG A 2444 10.14 -39.56 20.49
N LEU A 2445 9.53 -38.48 20.95
CA LEU A 2445 8.10 -38.45 21.18
C LEU A 2445 7.32 -38.10 19.94
N SER A 2446 7.87 -37.24 19.10
CA SER A 2446 7.17 -36.88 17.88
C SER A 2446 7.20 -38.04 16.92
N CYS A 2447 8.32 -38.74 16.90
CA CYS A 2447 8.49 -39.88 16.02
C CYS A 2447 7.48 -40.98 16.33
N GLU A 2448 6.95 -40.98 17.55
CA GLU A 2448 5.97 -41.99 17.94
C GLU A 2448 4.58 -41.57 17.50
N GLN A 2449 4.30 -40.27 17.60
CA GLN A 2449 3.00 -39.76 17.21
C GLN A 2449 2.76 -39.93 15.73
N VAL A 2450 3.82 -40.16 14.96
CA VAL A 2450 3.69 -40.34 13.53
C VAL A 2450 3.33 -41.79 13.21
N LEU A 2451 3.84 -42.72 14.01
CA LEU A 2451 3.53 -44.12 13.76
C LEU A 2451 2.12 -44.45 14.18
N HIS A 2452 1.61 -43.79 15.22
CA HIS A 2452 0.26 -44.07 15.66
C HIS A 2452 -0.72 -43.69 14.56
N ILE A 2453 -0.41 -42.63 13.83
CA ILE A 2453 -1.27 -42.19 12.75
C ILE A 2453 -1.29 -43.22 11.65
N MET A 2454 -0.10 -43.69 11.26
CA MET A 2454 0.02 -44.69 10.22
C MET A 2454 -0.62 -45.99 10.63
N ARG A 2455 -0.21 -46.56 11.76
CA ARG A 2455 -0.77 -47.80 12.23
C ARG A 2455 -2.28 -47.73 12.36
N ARG A 2456 -2.83 -46.54 12.57
CA ARG A 2456 -4.27 -46.39 12.70
C ARG A 2456 -4.88 -46.29 11.31
N GLY A 2457 -4.16 -45.65 10.40
CA GLY A 2457 -4.59 -45.46 9.03
C GLY A 2457 -3.71 -46.19 8.03
N ARG A 2458 -3.35 -47.43 8.33
CA ARG A 2458 -2.51 -48.20 7.43
C ARG A 2458 -3.28 -48.81 6.29
N GLU A 2459 -4.53 -49.21 6.50
CA GLU A 2459 -5.32 -49.81 5.42
C GLU A 2459 -5.42 -48.85 4.25
N THR A 2460 -5.44 -47.55 4.55
CA THR A 2460 -5.54 -46.54 3.51
C THR A 2460 -4.26 -46.46 2.70
N LEU A 2461 -3.12 -46.78 3.32
CA LEU A 2461 -1.83 -46.73 2.66
C LEU A 2461 -1.55 -48.00 1.88
N LEU A 2462 -1.76 -49.16 2.51
CA LEU A 2462 -1.51 -50.42 1.83
C LEU A 2462 -2.44 -50.55 0.65
N THR A 2463 -3.67 -50.06 0.80
CA THR A 2463 -4.64 -50.12 -0.27
C THR A 2463 -4.19 -49.31 -1.46
N LEU A 2464 -3.32 -48.33 -1.23
CA LEU A 2464 -2.81 -47.49 -2.27
C LEU A 2464 -1.62 -48.12 -2.97
N LEU A 2465 -0.81 -48.89 -2.24
CA LEU A 2465 0.34 -49.53 -2.87
C LEU A 2465 -0.13 -50.55 -3.87
N GLU A 2466 -1.24 -51.24 -3.56
CA GLU A 2466 -1.79 -52.24 -4.46
C GLU A 2466 -2.10 -51.64 -5.82
N ALA A 2467 -2.33 -50.33 -5.87
CA ALA A 2467 -2.63 -49.61 -7.08
C ALA A 2467 -1.37 -49.21 -7.82
N PHE A 2468 -0.25 -49.10 -7.11
CA PHE A 2468 1.02 -48.72 -7.71
C PHE A 2468 1.67 -49.92 -8.36
N VAL A 2469 1.58 -51.06 -7.69
CA VAL A 2469 2.16 -52.29 -8.21
C VAL A 2469 1.50 -52.63 -9.53
N TYR A 2470 0.20 -52.86 -9.48
CA TYR A 2470 -0.61 -53.21 -10.65
C TYR A 2470 -0.92 -51.95 -11.46
N ASP A 2471 0.15 -51.40 -12.02
CA ASP A 2471 0.10 -50.20 -12.84
C ASP A 2471 1.12 -50.32 -13.97
N PRO A 2472 0.74 -50.05 -15.22
CA PRO A 2472 1.71 -50.17 -16.32
C PRO A 2472 2.63 -48.96 -16.44
N LEU A 2473 2.11 -47.78 -16.18
CA LEU A 2473 2.89 -46.55 -16.27
C LEU A 2473 3.76 -46.42 -15.01
N VAL A 2474 4.82 -47.22 -14.97
CA VAL A 2474 5.76 -47.25 -13.85
C VAL A 2474 7.15 -47.61 -14.35
N ASP A 2475 8.11 -47.51 -13.44
CA ASP A 2475 9.53 -47.80 -13.68
C ASP A 2475 10.12 -48.62 -12.55
N TRP A 2476 9.47 -49.72 -12.19
CA TRP A 2476 9.97 -50.56 -11.10
C TRP A 2476 11.38 -51.05 -11.38
N THR A 2477 11.62 -51.61 -12.57
CA THR A 2477 12.95 -52.11 -12.92
C THR A 2477 13.94 -50.95 -13.09
N SER A 3658 8.14 -59.75 -10.01
CA SER A 3658 7.51 -59.70 -8.69
C SER A 3658 8.36 -58.95 -7.69
N TYR A 3659 9.16 -57.99 -8.15
CA TYR A 3659 9.99 -57.24 -7.21
C TYR A 3659 9.16 -56.25 -6.41
N ALA A 3660 8.21 -55.60 -7.08
CA ALA A 3660 7.36 -54.63 -6.42
C ALA A 3660 6.60 -55.26 -5.26
N VAL A 3661 6.15 -56.49 -5.42
CA VAL A 3661 5.42 -57.16 -4.37
C VAL A 3661 6.29 -57.31 -3.13
N SER A 3662 7.60 -57.41 -3.30
CA SER A 3662 8.48 -57.55 -2.17
C SER A 3662 8.50 -56.28 -1.33
N VAL A 3663 8.06 -55.16 -1.91
CA VAL A 3663 8.03 -53.90 -1.20
C VAL A 3663 6.82 -53.84 -0.27
N TRP A 3664 5.65 -54.13 -0.85
CA TRP A 3664 4.39 -54.12 -0.10
C TRP A 3664 4.51 -54.96 1.16
N LYS A 3665 4.86 -56.23 1.01
CA LYS A 3665 5.00 -57.08 2.18
C LYS A 3665 6.07 -56.59 3.14
N ARG A 3666 7.03 -55.81 2.65
CA ARG A 3666 8.09 -55.28 3.47
C ARG A 3666 7.57 -54.06 4.21
N VAL A 3667 6.69 -53.31 3.54
CA VAL A 3667 6.09 -52.12 4.10
C VAL A 3667 4.98 -52.48 5.06
N LYS A 3668 4.20 -53.51 4.71
CA LYS A 3668 3.11 -53.96 5.56
C LYS A 3668 3.61 -54.45 6.91
N ALA A 3669 4.85 -54.93 6.95
CA ALA A 3669 5.41 -55.42 8.20
C ALA A 3669 5.86 -54.29 9.09
N LYS A 3670 6.40 -53.23 8.51
CA LYS A 3670 6.85 -52.12 9.32
C LYS A 3670 5.67 -51.47 10.01
N LEU A 3671 4.55 -51.36 9.30
CA LEU A 3671 3.37 -50.76 9.89
C LEU A 3671 2.74 -51.72 10.88
N GLU A 3672 2.58 -52.98 10.49
CA GLU A 3672 1.99 -53.96 11.38
C GLU A 3672 2.85 -54.20 12.61
N GLY A 3673 4.13 -53.84 12.56
CA GLY A 3673 5.03 -54.01 13.67
C GLY A 3673 5.76 -55.34 13.69
N ARG A 3674 5.90 -55.99 12.54
CA ARG A 3674 6.68 -57.26 12.54
C ARG A 3674 7.75 -57.18 11.46
N ASP A 3675 8.76 -56.31 11.64
CA ASP A 3675 9.83 -56.18 10.63
C ASP A 3675 11.12 -56.86 11.12
N VAL A 3676 11.56 -56.55 12.35
CA VAL A 3676 12.81 -57.17 12.88
C VAL A 3676 12.60 -58.68 12.99
N ASP A 3677 11.47 -59.10 13.56
CA ASP A 3677 11.12 -60.54 13.67
C ASP A 3677 9.69 -60.72 13.16
N PRO A 3678 9.42 -61.60 12.18
CA PRO A 3678 8.08 -61.76 11.64
C PRO A 3678 7.27 -62.67 12.58
N ASN A 3679 6.90 -62.13 13.73
CA ASN A 3679 6.12 -62.90 14.75
C ASN A 3679 5.75 -61.91 15.85
N ARG A 3680 6.76 -61.39 16.55
CA ARG A 3680 6.51 -60.41 17.61
C ARG A 3680 6.08 -59.09 17.03
N ARG A 3681 4.88 -58.66 17.41
CA ARG A 3681 4.31 -57.41 16.95
C ARG A 3681 4.91 -56.34 17.85
N MET A 3682 5.98 -55.71 17.40
CA MET A 3682 6.64 -54.68 18.17
C MET A 3682 5.71 -53.53 18.48
N SER A 3683 5.95 -52.92 19.61
CA SER A 3683 5.17 -51.79 20.07
C SER A 3683 5.77 -50.56 19.44
N VAL A 3684 5.02 -49.45 19.47
CA VAL A 3684 5.54 -48.24 18.87
C VAL A 3684 6.71 -47.69 19.67
N ALA A 3685 6.70 -47.89 20.97
CA ALA A 3685 7.79 -47.39 21.80
C ALA A 3685 9.03 -48.26 21.63
N GLU A 3686 8.83 -49.52 21.25
CA GLU A 3686 9.93 -50.45 21.07
C GLU A 3686 10.46 -50.35 19.64
N GLN A 3687 9.59 -50.01 18.70
CA GLN A 3687 9.97 -49.89 17.31
C GLN A 3687 10.80 -48.65 17.05
N VAL A 3688 10.67 -47.65 17.89
CA VAL A 3688 11.42 -46.42 17.71
C VAL A 3688 12.76 -46.52 18.41
N ASP A 3689 12.77 -47.04 19.64
CA ASP A 3689 14.02 -47.17 20.37
C ASP A 3689 14.98 -48.06 19.60
N TYR A 3690 14.44 -49.04 18.89
CA TYR A 3690 15.27 -49.94 18.12
C TYR A 3690 15.85 -49.23 16.91
N VAL A 3691 14.97 -48.66 16.09
CA VAL A 3691 15.36 -47.94 14.89
C VAL A 3691 16.43 -46.91 15.15
N ILE A 3692 16.31 -46.15 16.23
CA ILE A 3692 17.33 -45.16 16.51
C ILE A 3692 18.63 -45.83 16.88
N LYS A 3693 18.56 -46.92 17.62
CA LYS A 3693 19.77 -47.63 18.00
C LYS A 3693 20.45 -48.18 16.77
N GLU A 3694 19.67 -48.56 15.77
CA GLU A 3694 20.19 -49.11 14.54
C GLU A 3694 20.56 -48.02 13.54
N ALA A 3695 20.65 -46.76 14.00
CA ALA A 3695 21.00 -45.64 13.14
C ALA A 3695 22.01 -44.68 13.72
N THR A 3696 22.22 -44.71 15.03
CA THR A 3696 23.18 -43.83 15.69
C THR A 3696 24.39 -44.57 16.21
N ASN A 3697 24.37 -45.89 16.26
CA ASN A 3697 25.51 -46.64 16.76
C ASN A 3697 26.68 -46.51 15.80
N LEU A 3698 27.83 -46.18 16.33
CA LEU A 3698 29.03 -46.02 15.53
C LEU A 3698 29.44 -47.28 14.80
N ASP A 3699 28.97 -48.44 15.23
CA ASP A 3699 29.31 -49.70 14.60
C ASP A 3699 28.56 -49.92 13.30
N ASN A 3700 27.76 -48.95 12.86
CA ASN A 3700 27.00 -49.04 11.63
C ASN A 3700 27.19 -47.83 10.74
N LEU A 3701 27.60 -46.69 11.29
CA LEU A 3701 27.81 -45.48 10.50
C LEU A 3701 29.14 -45.51 9.79
N ALA A 3702 30.13 -46.18 10.38
CA ALA A 3702 31.46 -46.28 9.81
C ALA A 3702 31.45 -47.00 8.48
N GLN A 3703 30.94 -48.23 8.47
CA GLN A 3703 30.87 -49.03 7.25
C GLN A 3703 29.80 -48.51 6.31
N LEU A 3704 30.12 -47.35 5.73
CA LEU A 3704 29.27 -46.65 4.80
C LEU A 3704 30.16 -45.96 3.78
N TYR A 3705 29.61 -45.75 2.60
CA TYR A 3705 30.33 -45.10 1.53
C TYR A 3705 30.78 -43.71 1.95
N GLU A 3706 32.05 -43.40 1.67
CA GLU A 3706 32.64 -42.11 2.01
C GLU A 3706 31.86 -40.94 1.46
N GLY A 3707 31.08 -41.15 0.41
CA GLY A 3707 30.29 -40.10 -0.19
C GLY A 3707 29.16 -39.71 0.74
N TRP A 3708 28.68 -40.66 1.56
CA TRP A 3708 27.58 -40.40 2.50
C TRP A 3708 27.92 -39.20 3.36
N THR A 3709 29.20 -39.01 3.62
CA THR A 3709 29.73 -37.92 4.42
C THR A 3709 29.14 -37.93 5.83
N ALA A 3710 29.53 -38.97 6.55
CA ALA A 3710 29.09 -39.14 7.92
C ALA A 3710 29.91 -38.14 8.72
N TRP A 3711 29.97 -38.29 10.04
CA TRP A 3711 30.72 -37.42 10.94
C TRP A 3711 30.43 -35.92 10.77
N VAL A 3712 29.36 -35.54 10.06
CA VAL A 3712 29.05 -34.14 9.86
C VAL A 3712 27.70 -34.05 9.19
N PRO B 4 -3.86 37.93 -37.12
CA PRO B 4 -2.66 37.67 -36.34
C PRO B 4 -1.65 36.78 -37.05
N VAL B 5 -0.69 37.41 -37.72
CA VAL B 5 0.34 36.69 -38.46
C VAL B 5 1.67 37.30 -38.09
N SER B 6 2.76 36.64 -38.52
CA SER B 6 4.09 37.13 -38.23
C SER B 6 4.27 38.52 -38.82
N LEU B 7 5.27 39.24 -38.32
CA LEU B 7 5.51 40.57 -38.83
C LEU B 7 6.16 40.52 -40.20
N ARG B 8 7.02 39.54 -40.44
CA ARG B 8 7.68 39.41 -41.73
C ARG B 8 6.66 39.21 -42.84
N ASP B 9 5.52 38.59 -42.51
CA ASP B 9 4.46 38.33 -43.47
C ASP B 9 3.46 39.48 -43.53
N LEU B 10 3.58 40.46 -42.65
CA LEU B 10 2.67 41.60 -42.63
C LEU B 10 3.23 42.80 -43.37
N LEU B 11 4.53 43.02 -43.23
CA LEU B 11 5.23 44.12 -43.87
C LEU B 11 5.29 44.03 -45.39
N MET B 12 4.77 42.97 -46.00
CA MET B 12 4.81 42.86 -47.44
C MET B 12 3.76 43.73 -48.11
N GLY B 13 2.83 44.30 -47.36
CA GLY B 13 1.80 45.14 -47.93
C GLY B 13 1.18 46.10 -46.92
N GLU B 39 -4.46 46.47 -45.61
CA GLU B 39 -3.89 47.80 -45.81
C GLU B 39 -4.86 48.80 -46.48
N PRO B 40 -5.49 48.42 -47.59
CA PRO B 40 -6.42 49.35 -48.26
C PRO B 40 -7.61 49.76 -47.40
N PRO B 41 -8.23 48.87 -46.62
CA PRO B 41 -9.38 49.30 -45.80
C PRO B 41 -9.03 50.07 -44.55
N TRP B 42 -7.79 50.03 -44.06
CA TRP B 42 -7.44 50.76 -42.85
C TRP B 42 -6.10 51.47 -43.00
N ARG B 43 -5.78 51.89 -44.22
CA ARG B 43 -4.51 52.57 -44.44
C ARG B 43 -4.41 53.87 -43.65
N GLU B 44 -5.51 54.61 -43.54
CA GLU B 44 -5.54 55.87 -42.81
C GLU B 44 -6.27 55.66 -41.50
N ASP B 45 -5.50 55.37 -40.43
CA ASP B 45 -6.09 55.15 -39.12
C ASP B 45 -5.07 55.58 -38.07
N GLU B 46 -5.42 56.60 -37.29
CA GLU B 46 -4.52 57.08 -36.25
C GLU B 46 -4.43 55.98 -35.22
N ILE B 47 -3.25 55.36 -35.10
CA ILE B 47 -3.04 54.28 -34.15
C ILE B 47 -1.82 54.44 -33.27
N CYS B 48 -1.69 53.45 -32.39
CA CYS B 48 -0.66 53.28 -31.39
C CYS B 48 -0.06 51.90 -31.59
N VAL B 49 0.90 51.57 -30.76
CA VAL B 49 1.57 50.29 -30.81
C VAL B 49 1.90 49.87 -29.39
N VAL B 50 2.07 48.58 -29.20
CA VAL B 50 2.38 48.02 -27.89
C VAL B 50 3.36 46.89 -28.06
N GLY B 51 4.49 46.99 -27.36
CA GLY B 51 5.52 45.98 -27.42
C GLY B 51 5.45 45.12 -26.17
N ILE B 52 5.41 43.82 -26.37
CA ILE B 52 5.34 42.87 -25.28
C ILE B 52 6.55 41.97 -25.36
N PHE B 53 7.17 41.75 -24.21
CA PHE B 53 8.35 40.92 -24.12
C PHE B 53 8.51 40.50 -22.67
N GLY B 54 9.64 39.91 -22.36
CA GLY B 54 9.96 39.45 -21.03
C GLY B 54 10.04 37.94 -20.98
N LYS B 55 10.08 37.45 -19.74
CA LYS B 55 10.16 36.04 -19.45
C LYS B 55 8.78 35.45 -19.21
N THR B 56 8.68 34.14 -19.40
CA THR B 56 7.44 33.40 -19.22
C THR B 56 7.77 31.99 -18.80
N ALA B 57 6.96 31.48 -17.90
CA ALA B 57 7.17 30.14 -17.43
C ALA B 57 6.65 29.14 -18.43
N LEU B 58 6.90 27.87 -18.14
CA LEU B 58 6.48 26.77 -18.99
C LEU B 58 5.05 26.34 -18.75
N ARG B 59 4.15 26.77 -19.62
CA ARG B 59 2.74 26.45 -19.54
C ARG B 59 2.14 26.54 -20.92
N LEU B 60 0.87 26.10 -21.02
CA LEU B 60 0.17 26.13 -22.29
C LEU B 60 -0.30 27.55 -22.61
N ASN B 61 -1.00 28.18 -21.67
CA ASN B 61 -1.52 29.54 -21.84
C ASN B 61 -0.48 30.53 -21.35
N SER B 62 0.35 31.01 -22.27
CA SER B 62 1.40 31.97 -21.94
C SER B 62 0.81 33.24 -21.35
N GLU B 63 1.63 33.95 -20.58
CA GLU B 63 1.21 35.20 -19.96
C GLU B 63 1.16 36.36 -20.93
N LYS B 64 1.53 36.14 -22.20
CA LYS B 64 1.52 37.17 -23.23
C LYS B 64 0.28 37.08 -24.09
N PHE B 65 -0.08 35.87 -24.52
CA PHE B 65 -1.25 35.70 -25.35
C PHE B 65 -2.51 36.01 -24.55
N SER B 66 -2.54 35.58 -23.30
CA SER B 66 -3.71 35.83 -22.47
C SER B 66 -3.85 37.32 -22.16
N LEU B 67 -2.77 38.06 -22.31
CA LEU B 67 -2.80 39.49 -22.04
C LEU B 67 -3.55 40.22 -23.14
N VAL B 68 -3.42 39.70 -24.36
CA VAL B 68 -4.06 40.29 -25.52
C VAL B 68 -5.53 39.93 -25.55
N ASN B 69 -5.84 38.64 -25.39
CA ASN B 69 -7.22 38.20 -25.41
C ASN B 69 -8.03 38.82 -24.29
N THR B 70 -7.38 39.24 -23.21
CA THR B 70 -8.10 39.86 -22.12
C THR B 70 -8.41 41.31 -22.41
N VAL B 71 -7.50 42.00 -23.07
CA VAL B 71 -7.70 43.40 -23.39
C VAL B 71 -8.67 43.56 -24.55
N CYS B 72 -8.37 42.95 -25.69
CA CYS B 72 -9.22 43.03 -26.86
C CYS B 72 -10.64 42.51 -26.66
N ASP B 73 -10.94 41.86 -25.54
CA ASP B 73 -12.27 41.32 -25.24
C ASP B 73 -12.68 40.20 -26.17
N ARG B 74 -11.74 39.44 -26.71
CA ARG B 74 -12.07 38.35 -27.60
C ARG B 74 -10.97 37.30 -27.55
N GLN B 75 -11.24 36.17 -28.19
CA GLN B 75 -10.30 35.05 -28.25
C GLN B 75 -9.47 35.14 -29.52
N VAL B 76 -8.56 36.11 -29.52
CA VAL B 76 -7.66 36.37 -30.63
C VAL B 76 -6.82 35.12 -30.88
N PHE B 77 -6.01 34.76 -29.89
CA PHE B 77 -5.15 33.60 -29.99
C PHE B 77 -5.93 32.39 -29.49
N PRO B 78 -6.39 31.49 -30.37
CA PRO B 78 -7.14 30.35 -29.87
C PRO B 78 -6.30 29.45 -29.01
N LEU B 79 -6.92 28.94 -27.96
CA LEU B 79 -6.25 28.05 -27.04
C LEU B 79 -6.13 26.70 -27.70
N PHE B 80 -5.03 26.01 -27.42
CA PHE B 80 -4.79 24.69 -28.00
C PHE B 80 -4.73 24.78 -29.52
N ARG B 81 -3.73 25.51 -30.00
CA ARG B 81 -3.53 25.71 -31.42
C ARG B 81 -2.04 25.84 -31.71
N GLN B 133 17.11 26.79 -36.66
CA GLN B 133 18.29 27.63 -36.70
C GLN B 133 18.11 28.89 -35.85
N ASP B 134 16.86 29.39 -35.78
CA ASP B 134 16.52 30.57 -35.01
C ASP B 134 15.43 30.21 -34.03
N TYR B 135 15.44 30.88 -32.88
CA TYR B 135 14.47 30.65 -31.84
C TYR B 135 13.89 31.93 -31.28
N SER B 136 13.89 33.00 -32.06
CA SER B 136 13.37 34.29 -31.66
C SER B 136 12.54 34.86 -32.81
N LEU B 137 11.28 35.14 -32.52
CA LEU B 137 10.39 35.69 -33.53
C LEU B 137 9.43 36.65 -32.87
N LEU B 138 8.65 37.31 -33.71
CA LEU B 138 7.67 38.28 -33.26
C LEU B 138 6.51 38.31 -34.22
N GLN B 139 5.31 38.33 -33.67
CA GLN B 139 4.07 38.36 -34.40
C GLN B 139 3.30 39.59 -33.96
N ALA B 140 2.24 39.91 -34.70
CA ALA B 140 1.43 41.08 -34.40
C ALA B 140 -0.05 40.80 -34.55
N TYR B 141 -0.82 41.85 -34.26
CA TYR B 141 -2.27 41.83 -34.34
C TYR B 141 -2.75 43.27 -34.33
N TYR B 142 -3.82 43.54 -35.06
CA TYR B 142 -4.39 44.87 -35.15
C TYR B 142 -5.81 44.86 -34.64
N SER B 143 -6.09 45.72 -33.68
CA SER B 143 -7.42 45.84 -33.08
C SER B 143 -8.13 47.01 -33.73
N GLN B 144 -9.09 46.70 -34.60
CA GLN B 144 -9.85 47.73 -35.30
C GLN B 144 -10.82 48.42 -34.35
N GLU B 145 -11.36 47.69 -33.39
CA GLU B 145 -12.31 48.26 -32.45
C GLU B 145 -11.65 49.21 -31.46
N SER B 146 -10.32 49.29 -31.44
CA SER B 146 -9.60 50.17 -30.53
C SER B 146 -8.47 50.94 -31.17
N LYS B 147 -8.14 50.71 -32.44
CA LYS B 147 -7.07 51.41 -33.13
C LYS B 147 -5.75 51.29 -32.39
N VAL B 148 -5.24 50.07 -32.32
CA VAL B 148 -3.99 49.81 -31.64
C VAL B 148 -3.42 48.50 -32.16
N LEU B 149 -2.10 48.47 -32.26
CA LEU B 149 -1.36 47.32 -32.74
C LEU B 149 -0.55 46.74 -31.60
N TYR B 150 -0.28 45.45 -31.69
CA TYR B 150 0.49 44.72 -30.71
C TYR B 150 1.66 44.02 -31.36
N LEU B 151 2.70 43.82 -30.57
CA LEU B 151 3.92 43.16 -30.99
C LEU B 151 4.35 42.29 -29.83
N LEU B 152 4.54 41.00 -30.08
CA LEU B 152 4.92 40.05 -28.99
C LEU B 152 6.27 39.41 -29.30
N LEU B 153 7.33 39.83 -28.59
CA LEU B 153 8.64 39.27 -28.77
C LEU B 153 8.62 37.91 -28.09
N THR B 154 9.07 36.90 -28.81
CA THR B 154 9.11 35.54 -28.31
C THR B 154 10.51 34.99 -28.55
N SER B 155 11.40 35.25 -27.60
CA SER B 155 12.79 34.82 -27.63
C SER B 155 13.01 33.62 -26.71
N ILE B 156 14.26 33.20 -26.62
CA ILE B 156 14.66 32.06 -25.80
C ILE B 156 14.31 32.25 -24.33
N CYS B 157 14.12 33.50 -23.89
CA CYS B 157 13.78 33.73 -22.48
C CYS B 157 12.53 32.97 -22.10
N ASP B 158 11.61 32.78 -23.04
CA ASP B 158 10.39 32.07 -22.77
C ASP B 158 10.73 30.60 -22.80
N ASN B 159 9.77 29.76 -22.42
CA ASN B 159 10.01 28.32 -22.43
C ASN B 159 9.37 27.64 -23.61
N SER B 160 8.46 28.30 -24.30
CA SER B 160 7.83 27.68 -25.45
C SER B 160 8.84 27.51 -26.58
N GLN B 161 9.89 28.34 -26.58
CA GLN B 161 10.94 28.29 -27.58
C GLN B 161 12.22 27.72 -27.02
N LEU B 162 12.45 27.85 -25.71
CA LEU B 162 13.66 27.29 -25.14
C LEU B 162 13.65 25.79 -25.21
N LEU B 163 12.47 25.20 -25.19
CA LEU B 163 12.36 23.76 -25.25
C LEU B 163 12.77 23.25 -26.62
N ARG B 164 12.48 24.01 -27.66
CA ARG B 164 12.85 23.60 -29.01
C ARG B 164 14.35 23.55 -29.16
N ALA B 165 15.04 24.43 -28.45
CA ALA B 165 16.49 24.45 -28.53
C ALA B 165 17.11 23.25 -27.86
N CYS B 166 16.77 23.05 -26.59
CA CYS B 166 17.28 21.93 -25.82
C CYS B 166 16.95 20.61 -26.50
N ARG B 167 15.73 20.49 -27.00
CA ARG B 167 15.31 19.28 -27.67
C ARG B 167 16.14 19.04 -28.91
N ALA B 168 16.28 20.06 -29.74
CA ALA B 168 17.06 19.95 -30.95
C ALA B 168 18.51 19.73 -30.62
N LEU B 169 19.00 20.39 -29.58
CA LEU B 169 20.38 20.26 -29.17
C LEU B 169 20.65 18.87 -28.58
N GLN B 170 19.59 18.10 -28.29
CA GLN B 170 19.74 16.76 -27.74
C GLN B 170 19.97 15.75 -28.84
N SER B 171 19.51 16.05 -30.05
CA SER B 171 19.65 15.19 -31.20
C SER B 171 20.75 15.70 -32.13
N GLY B 172 20.68 16.97 -32.50
CA GLY B 172 21.67 17.58 -33.38
C GLY B 172 21.08 18.70 -34.22
N PRO B 181 29.28 20.44 -28.50
CA PRO B 181 30.25 20.27 -27.43
C PRO B 181 30.31 21.47 -26.50
N HIS B 182 31.34 21.50 -25.66
CA HIS B 182 31.48 22.62 -24.72
C HIS B 182 31.84 23.93 -25.41
N ALA B 183 32.24 23.90 -26.67
CA ALA B 183 32.61 25.11 -27.39
C ALA B 183 31.49 25.59 -28.30
N GLU B 184 30.96 24.72 -29.14
CA GLU B 184 29.88 25.12 -30.03
C GLU B 184 28.67 25.58 -29.23
N ALA B 185 28.44 24.93 -28.08
CA ALA B 185 27.32 25.27 -27.23
C ALA B 185 27.41 26.72 -26.79
N HIS B 186 28.60 27.15 -26.40
CA HIS B 186 28.78 28.52 -25.97
C HIS B 186 28.45 29.48 -27.10
N GLU B 187 28.69 29.06 -28.34
CA GLU B 187 28.39 29.91 -29.48
C GLU B 187 26.90 29.90 -29.74
N PHE B 188 26.25 28.77 -29.46
CA PHE B 188 24.82 28.63 -29.68
C PHE B 188 24.06 29.52 -28.71
N TRP B 189 24.18 29.25 -27.41
CA TRP B 189 23.49 30.03 -26.40
C TRP B 189 23.86 31.50 -26.47
N LYS B 190 25.07 31.81 -26.93
CA LYS B 190 25.46 33.20 -27.01
C LYS B 190 24.84 33.86 -28.22
N HIS B 191 24.71 33.12 -29.31
CA HIS B 191 24.13 33.69 -30.51
C HIS B 191 22.69 34.09 -30.24
N GLN B 192 21.92 33.21 -29.60
CA GLN B 192 20.54 33.51 -29.28
C GLN B 192 20.46 34.67 -28.31
N GLU B 193 21.46 34.80 -27.43
CA GLU B 193 21.47 35.90 -26.47
C GLU B 193 21.64 37.23 -27.19
N LYS B 194 22.21 37.18 -28.40
CA LYS B 194 22.43 38.37 -29.19
C LYS B 194 21.27 38.61 -30.13
N LEU B 195 20.69 37.54 -30.64
CA LEU B 195 19.57 37.62 -31.55
C LEU B 195 18.39 38.37 -30.95
N GLN B 196 18.15 38.23 -29.65
CA GLN B 196 17.04 38.95 -29.05
C GLN B 196 17.40 40.38 -28.76
N CYS B 197 18.65 40.62 -28.35
CA CYS B 197 19.13 41.95 -28.03
C CYS B 197 18.83 42.92 -29.15
N LEU B 198 19.19 42.55 -30.38
CA LEU B 198 18.92 43.42 -31.51
C LEU B 198 17.45 43.39 -31.84
N SER B 199 16.79 42.25 -31.63
CA SER B 199 15.37 42.17 -31.93
C SER B 199 14.60 43.05 -30.98
N LEU B 200 15.14 43.22 -29.78
CA LEU B 200 14.51 44.04 -28.77
C LEU B 200 14.69 45.50 -29.13
N LEU B 201 15.87 45.82 -29.65
CA LEU B 201 16.18 47.18 -30.04
C LEU B 201 15.18 47.67 -31.06
N TYR B 202 14.84 46.80 -32.01
CA TYR B 202 13.90 47.13 -33.05
C TYR B 202 12.54 47.46 -32.47
N LEU B 203 12.27 47.00 -31.26
CA LEU B 203 11.00 47.25 -30.61
C LEU B 203 10.98 48.60 -29.93
N PHE B 204 12.12 49.03 -29.41
CA PHE B 204 12.21 50.32 -28.75
C PHE B 204 12.19 51.48 -29.71
N SER B 205 12.66 51.28 -30.92
CA SER B 205 12.71 52.31 -31.94
C SER B 205 11.42 52.47 -32.72
N VAL B 206 10.42 51.61 -32.51
CA VAL B 206 9.17 51.72 -33.24
C VAL B 206 7.96 51.56 -32.34
N CYS B 207 8.13 51.76 -31.04
CA CYS B 207 7.02 51.63 -30.11
C CYS B 207 6.87 52.86 -29.23
N HIS B 208 5.62 53.12 -28.91
CA HIS B 208 5.18 54.23 -28.07
C HIS B 208 5.08 53.78 -26.63
N ILE B 209 4.53 52.59 -26.47
CA ILE B 209 4.33 51.93 -25.19
C ILE B 209 4.84 50.53 -25.37
N LEU B 210 5.26 49.91 -24.27
CA LEU B 210 5.78 48.57 -24.29
C LEU B 210 5.79 48.10 -22.86
N LEU B 211 5.27 46.91 -22.63
CA LEU B 211 5.22 46.33 -21.31
C LEU B 211 5.85 44.96 -21.26
N LEU B 212 6.73 44.77 -20.31
CA LEU B 212 7.42 43.52 -20.13
C LEU B 212 6.67 42.77 -19.04
N VAL B 213 6.94 41.49 -18.93
CA VAL B 213 6.31 40.65 -17.95
C VAL B 213 7.37 39.88 -17.20
N HIS B 214 6.93 39.30 -16.09
CA HIS B 214 7.75 38.50 -15.22
C HIS B 214 6.74 37.62 -14.52
N PRO B 215 7.03 36.34 -14.35
CA PRO B 215 6.07 35.46 -13.68
C PRO B 215 5.95 35.67 -12.19
N THR B 216 6.78 36.50 -11.60
CA THR B 216 6.70 36.74 -10.19
C THR B 216 7.14 38.14 -9.86
N CYS B 217 6.90 38.51 -8.63
CA CYS B 217 7.26 39.81 -8.14
C CYS B 217 8.78 39.79 -8.00
N SER B 218 9.34 40.86 -7.44
CA SER B 218 10.79 40.93 -7.28
C SER B 218 11.48 40.82 -8.63
N PHE B 219 11.25 41.87 -9.40
CA PHE B 219 11.78 42.04 -10.76
C PHE B 219 13.24 41.62 -10.82
N ASP B 220 13.58 40.96 -11.91
CA ASP B 220 14.92 40.48 -12.13
C ASP B 220 15.90 41.63 -12.30
N ILE B 221 16.79 41.78 -11.32
CA ILE B 221 17.79 42.83 -11.31
C ILE B 221 18.69 42.78 -12.54
N THR B 222 18.78 41.62 -13.21
CA THR B 222 19.61 41.49 -14.39
C THR B 222 19.27 42.49 -15.48
N TYR B 223 18.05 43.04 -15.47
CA TYR B 223 17.68 44.00 -16.48
C TYR B 223 18.46 45.29 -16.36
N ASP B 224 19.03 45.56 -15.18
CA ASP B 224 19.81 46.79 -14.98
C ASP B 224 21.05 46.83 -15.87
N ARG B 225 21.49 45.70 -16.40
CA ARG B 225 22.64 45.61 -17.27
C ARG B 225 22.24 45.50 -18.71
N VAL B 226 21.14 44.78 -18.97
CA VAL B 226 20.64 44.60 -20.32
C VAL B 226 20.34 45.96 -20.93
N PHE B 227 19.54 46.74 -20.23
CA PHE B 227 19.17 48.06 -20.70
C PHE B 227 20.34 49.02 -20.66
N ARG B 228 21.30 48.78 -19.79
CA ARG B 228 22.45 49.67 -19.72
C ARG B 228 23.43 49.38 -20.84
N ALA B 229 23.48 48.15 -21.31
CA ALA B 229 24.38 47.75 -22.37
C ALA B 229 23.75 47.97 -23.73
N LEU B 230 22.44 47.79 -23.82
CA LEU B 230 21.73 47.97 -25.06
C LEU B 230 21.83 49.41 -25.52
N ASP B 231 21.81 50.36 -24.58
CA ASP B 231 21.90 51.76 -24.93
C ASP B 231 23.17 52.02 -25.72
N GLY B 232 24.28 51.44 -25.27
CA GLY B 232 25.54 51.63 -25.97
C GLY B 232 25.46 51.08 -27.38
N LEU B 233 24.63 50.07 -27.60
CA LEU B 233 24.49 49.48 -28.92
C LEU B 233 23.66 50.37 -29.81
N ARG B 234 22.66 51.03 -29.25
CA ARG B 234 21.81 51.90 -30.06
C ARG B 234 22.60 53.08 -30.61
N GLN B 235 23.36 53.74 -29.74
CA GLN B 235 24.17 54.87 -30.13
C GLN B 235 25.13 54.54 -31.26
N LYS B 236 25.55 53.29 -31.34
CA LYS B 236 26.48 52.90 -32.40
C LYS B 236 25.76 52.71 -33.72
N VAL B 237 24.62 52.04 -33.71
CA VAL B 237 23.86 51.82 -34.94
C VAL B 237 22.90 52.94 -35.29
N LEU B 238 22.71 53.90 -34.38
CA LEU B 238 21.79 55.01 -34.67
C LEU B 238 22.10 55.71 -35.98
N PRO B 239 23.36 56.01 -36.33
CA PRO B 239 23.59 56.68 -37.61
C PRO B 239 23.25 55.83 -38.81
N LEU B 240 23.14 54.52 -38.61
CA LEU B 240 22.82 53.60 -39.70
C LEU B 240 21.32 53.44 -39.88
N LEU B 241 20.58 53.44 -38.80
CA LEU B 241 19.14 53.28 -38.90
C LEU B 241 18.47 54.51 -39.46
N LYS B 242 18.97 55.70 -39.17
CA LYS B 242 18.32 56.89 -39.70
C LYS B 242 18.42 56.92 -41.22
N THR B 243 19.47 56.32 -41.78
CA THR B 243 19.60 56.32 -43.23
C THR B 243 18.56 55.41 -43.85
N ALA B 244 18.24 54.31 -43.18
CA ALA B 244 17.25 53.37 -43.68
C ALA B 244 15.83 53.91 -43.58
N ILE B 245 15.63 55.07 -42.99
CA ILE B 245 14.32 55.70 -42.84
C ILE B 245 14.42 57.14 -43.27
N LYS B 246 15.51 57.49 -43.97
CA LYS B 246 15.70 58.86 -44.44
C LYS B 246 14.59 59.25 -45.39
N ASP B 247 14.38 58.45 -46.42
CA ASP B 247 13.36 58.70 -47.43
C ASP B 247 12.06 58.04 -46.96
N CYS B 248 11.54 58.58 -45.86
CA CYS B 248 10.32 58.11 -45.24
C CYS B 248 9.42 59.30 -44.90
N PRO B 249 8.09 59.10 -44.84
CA PRO B 249 7.18 60.21 -44.51
C PRO B 249 6.89 60.36 -43.04
N VAL B 250 7.72 59.75 -42.19
CA VAL B 250 7.52 59.83 -40.75
C VAL B 250 7.52 61.27 -40.25
N GLY B 251 8.64 61.96 -40.36
CA GLY B 251 8.70 63.33 -39.91
C GLY B 251 10.13 63.79 -39.70
N LYS B 252 10.25 64.82 -38.87
CA LYS B 252 11.57 65.39 -38.57
C LYS B 252 12.17 64.75 -37.33
N ASP B 253 11.49 64.88 -36.18
CA ASP B 253 11.98 64.30 -34.93
C ASP B 253 12.28 62.82 -35.07
N TRP B 254 11.45 62.11 -35.82
CA TRP B 254 11.60 60.69 -36.06
C TRP B 254 12.93 60.37 -36.72
N LYS B 255 13.25 61.13 -37.76
CA LYS B 255 14.49 60.94 -38.49
C LYS B 255 15.74 61.30 -37.69
N LEU B 256 15.60 62.07 -36.62
CA LEU B 256 16.76 62.44 -35.83
C LEU B 256 17.05 61.45 -34.72
N ASN B 257 16.01 60.83 -34.16
CA ASN B 257 16.15 59.85 -33.09
C ASN B 257 15.73 58.44 -33.47
N CYS B 258 15.08 58.25 -34.61
CA CYS B 258 14.62 56.96 -35.11
C CYS B 258 13.46 56.38 -34.32
N ARG B 259 12.95 57.05 -33.29
CA ARG B 259 11.86 56.57 -32.47
C ARG B 259 10.65 57.50 -32.59
N PRO B 260 9.43 56.99 -32.39
CA PRO B 260 8.27 57.88 -32.51
C PRO B 260 8.20 58.88 -31.38
N CYS B 261 8.63 58.46 -30.20
CA CYS B 261 8.66 59.23 -28.97
C CYS B 261 9.35 58.37 -27.92
N PRO B 262 9.97 58.94 -26.89
CA PRO B 262 10.62 58.11 -25.90
C PRO B 262 9.56 57.25 -25.23
N PRO B 263 9.56 55.95 -25.47
CA PRO B 263 8.55 55.10 -24.85
C PRO B 263 8.49 55.14 -23.35
N ARG B 264 7.33 54.70 -22.89
CA ARG B 264 6.96 54.63 -21.48
C ARG B 264 6.81 53.15 -21.17
N LEU B 265 7.81 52.60 -20.51
CA LEU B 265 7.83 51.20 -20.12
C LEU B 265 6.90 50.95 -18.95
N LEU B 266 6.31 49.75 -18.94
CA LEU B 266 5.39 49.28 -17.92
C LEU B 266 5.90 47.98 -17.33
N PHE B 267 5.15 47.42 -16.39
CA PHE B 267 5.54 46.19 -15.75
C PHE B 267 4.34 45.39 -15.30
N LEU B 268 4.35 44.10 -15.61
CA LEU B 268 3.32 43.15 -15.26
C LEU B 268 3.98 42.04 -14.47
N PHE B 269 3.41 41.73 -13.32
CA PHE B 269 3.92 40.69 -12.46
C PHE B 269 2.83 39.76 -11.98
N GLN B 270 2.96 38.48 -12.27
CA GLN B 270 1.95 37.55 -11.82
C GLN B 270 2.15 37.44 -10.32
N LEU B 271 1.07 37.18 -9.59
CA LEU B 271 1.20 37.08 -8.14
C LEU B 271 1.93 35.81 -7.73
N ASN B 272 1.57 34.68 -8.33
CA ASN B 272 2.15 33.36 -8.08
C ASN B 272 1.74 32.73 -6.76
N GLY B 273 0.54 32.97 -6.27
CA GLY B 273 0.13 32.39 -5.03
C GLY B 273 0.62 33.07 -3.78
N ALA B 274 1.12 34.30 -3.89
CA ALA B 274 1.62 35.05 -2.75
C ALA B 274 0.40 35.50 -1.94
N LEU B 275 0.52 36.62 -1.23
CA LEU B 275 -0.51 37.21 -0.39
C LEU B 275 -1.98 36.92 -0.69
N LYS B 276 -2.42 37.22 -1.90
CA LYS B 276 -3.81 36.98 -2.30
C LYS B 276 -4.78 37.72 -1.39
N SER B 295 -4.93 48.71 0.16
CA SER B 295 -5.03 47.27 0.04
C SER B 295 -3.65 46.64 0.00
N PRO B 296 -3.57 45.32 0.17
CA PRO B 296 -2.26 44.66 0.14
C PRO B 296 -1.51 44.83 -1.17
N LYS B 297 -2.19 44.59 -2.29
CA LYS B 297 -1.55 44.72 -3.58
C LYS B 297 -1.04 46.14 -3.81
N ARG B 298 -1.91 47.14 -3.60
CA ARG B 298 -1.51 48.53 -3.80
C ARG B 298 -0.25 48.86 -3.03
N ARG B 299 -0.11 48.31 -1.82
CA ARG B 299 1.09 48.59 -1.04
C ARG B 299 2.31 47.98 -1.70
N LEU B 300 2.09 46.89 -2.44
CA LEU B 300 3.20 46.22 -3.11
C LEU B 300 3.55 46.95 -4.39
N GLN B 301 2.54 47.34 -5.16
CA GLN B 301 2.78 48.06 -6.40
C GLN B 301 3.59 49.30 -6.15
N HIS B 302 3.14 50.13 -5.21
CA HIS B 302 3.84 51.36 -4.87
C HIS B 302 5.23 51.11 -4.32
N ALA B 303 5.54 49.89 -3.90
CA ALA B 303 6.86 49.60 -3.35
C ALA B 303 7.82 49.28 -4.47
N LEU B 304 7.37 48.48 -5.43
CA LEU B 304 8.20 48.10 -6.55
C LEU B 304 8.58 49.33 -7.33
N GLU B 305 7.64 50.26 -7.49
CA GLU B 305 7.89 51.49 -8.22
C GLU B 305 9.00 52.25 -7.52
N ASP B 306 8.96 52.24 -6.18
CA ASP B 306 9.97 52.94 -5.42
C ASP B 306 11.31 52.26 -5.59
N GLN B 307 11.30 50.96 -5.88
CA GLN B 307 12.54 50.23 -6.07
C GLN B 307 13.12 50.48 -7.45
N ILE B 308 12.37 50.05 -8.47
CA ILE B 308 12.74 50.18 -9.88
C ILE B 308 13.28 51.56 -10.20
N TYR B 309 12.62 52.60 -9.69
CA TYR B 309 13.10 53.93 -9.97
C TYR B 309 14.48 54.13 -9.37
N ARG B 310 14.65 53.76 -8.11
CA ARG B 310 15.94 53.91 -7.44
C ARG B 310 17.00 53.03 -8.07
N ILE B 311 16.63 51.80 -8.43
CA ILE B 311 17.58 50.86 -9.03
C ILE B 311 18.10 51.38 -10.36
N PHE B 312 17.18 51.79 -11.24
CA PHE B 312 17.57 52.30 -12.54
C PHE B 312 18.18 53.69 -12.48
N ARG B 313 17.58 54.59 -11.72
CA ARG B 313 18.08 55.95 -11.58
C ARG B 313 19.54 55.98 -11.18
N LYS B 314 19.96 55.11 -10.26
CA LYS B 314 21.35 55.10 -9.86
C LYS B 314 22.25 54.54 -10.94
N SER B 315 21.67 53.78 -11.89
CA SER B 315 22.44 53.20 -12.97
C SER B 315 22.63 54.18 -14.12
N ARG B 316 21.93 55.31 -14.07
CA ARG B 316 21.99 56.36 -15.08
C ARG B 316 21.46 55.89 -16.42
N VAL B 317 20.24 55.36 -16.36
CA VAL B 317 19.47 54.85 -17.48
C VAL B 317 18.11 55.56 -17.57
N LEU B 318 17.78 56.38 -16.57
CA LEU B 318 16.57 57.18 -16.44
C LEU B 318 16.96 58.61 -16.10
N THR B 319 17.85 59.16 -16.92
CA THR B 319 18.32 60.51 -16.74
C THR B 319 17.20 61.53 -16.79
N ASN B 320 17.55 62.76 -16.44
CA ASN B 320 16.59 63.86 -16.43
C ASN B 320 16.00 64.09 -17.81
N GLN B 321 16.85 64.12 -18.83
CA GLN B 321 16.41 64.34 -20.19
C GLN B 321 15.64 63.13 -20.72
N SER B 322 14.40 63.37 -21.16
CA SER B 322 13.56 62.30 -21.68
C SER B 322 13.92 61.92 -23.11
N ILE B 323 15.04 62.45 -23.64
CA ILE B 323 15.45 62.14 -25.01
C ILE B 323 16.61 61.16 -25.00
N ASN B 324 17.55 61.34 -24.08
CA ASN B 324 18.69 60.43 -24.02
C ASN B 324 18.26 59.06 -23.51
N CYS B 325 17.32 59.05 -22.56
CA CYS B 325 16.84 57.79 -22.01
C CYS B 325 16.01 57.05 -23.04
N LEU B 326 16.22 55.74 -23.11
CA LEU B 326 15.49 54.90 -24.06
C LEU B 326 14.09 54.53 -23.61
N PHE B 327 13.74 54.75 -22.35
CA PHE B 327 12.41 54.42 -21.87
C PHE B 327 12.17 55.31 -20.66
N THR B 328 10.98 55.87 -20.61
CA THR B 328 10.58 56.75 -19.52
C THR B 328 9.73 56.02 -18.51
N VAL B 329 9.43 56.74 -17.44
CA VAL B 329 8.62 56.23 -16.34
C VAL B 329 7.79 57.42 -15.84
N PRO B 330 6.50 57.24 -15.52
CA PRO B 330 5.70 58.37 -15.05
C PRO B 330 6.07 58.97 -13.71
N ALA B 331 5.23 59.92 -13.31
CA ALA B 331 5.36 60.64 -12.07
C ALA B 331 4.09 60.64 -11.23
N ASN B 332 2.92 60.65 -11.87
CA ASN B 332 1.65 60.65 -11.17
C ASN B 332 0.68 59.68 -11.81
N GLN B 333 1.10 58.44 -12.01
CA GLN B 333 0.27 57.40 -12.61
C GLN B 333 0.58 56.05 -11.98
N ALA B 334 -0.12 55.04 -12.46
CA ALA B 334 0.04 53.68 -11.99
C ALA B 334 1.45 53.16 -12.21
N PHE B 335 1.85 52.97 -13.48
CA PHE B 335 3.17 52.48 -13.89
C PHE B 335 3.39 50.99 -13.62
N VAL B 336 2.49 50.29 -12.95
CA VAL B 336 2.72 48.88 -12.70
C VAL B 336 1.40 48.22 -12.37
N TYR B 337 1.33 46.93 -12.65
CA TYR B 337 0.14 46.13 -12.40
C TYR B 337 0.58 44.77 -11.94
N ILE B 338 -0.27 44.12 -11.17
CA ILE B 338 -0.01 42.80 -10.64
C ILE B 338 -1.22 41.94 -10.89
N VAL B 339 -1.04 40.93 -11.70
CA VAL B 339 -2.10 40.00 -12.05
C VAL B 339 -2.37 39.06 -10.89
N PRO B 340 -3.54 39.08 -10.29
CA PRO B 340 -3.77 38.16 -9.17
C PRO B 340 -4.04 36.77 -9.69
N GLY B 341 -4.18 35.81 -8.79
CA GLY B 341 -4.45 34.46 -9.23
C GLY B 341 -5.80 34.39 -9.92
N SER B 342 -6.03 33.29 -10.60
CA SER B 342 -7.30 33.13 -11.30
C SER B 342 -7.50 31.69 -11.69
N GLN B 343 -8.75 31.26 -11.69
CA GLN B 343 -9.08 29.89 -12.05
C GLN B 343 -8.98 29.67 -13.55
N GLU B 344 -8.86 30.74 -14.34
CA GLU B 344 -8.76 30.59 -15.80
C GLU B 344 -7.58 29.72 -16.16
N GLU B 345 -6.44 29.92 -15.51
CA GLU B 345 -5.28 29.10 -15.83
C GLU B 345 -5.56 27.72 -15.28
N ASP B 346 -4.91 26.70 -15.86
CA ASP B 346 -5.11 25.33 -15.41
C ASP B 346 -6.58 25.07 -15.72
N PRO B 347 -6.95 25.10 -17.00
CA PRO B 347 -8.35 24.86 -17.39
C PRO B 347 -8.96 23.55 -16.97
N VAL B 348 -8.19 22.46 -16.94
CA VAL B 348 -8.78 21.20 -16.53
C VAL B 348 -9.24 21.26 -15.09
N GLY B 349 -8.53 22.04 -14.26
CA GLY B 349 -8.92 22.15 -12.87
C GLY B 349 -10.17 22.98 -12.68
N MET B 350 -10.65 23.62 -13.74
CA MET B 350 -11.85 24.44 -13.68
C MET B 350 -13.08 23.58 -13.77
N LEU B 351 -13.07 22.63 -14.71
CA LEU B 351 -14.20 21.75 -14.90
C LEU B 351 -14.41 20.91 -13.66
N LEU B 352 -13.32 20.40 -13.11
CA LEU B 352 -13.39 19.58 -11.92
C LEU B 352 -13.97 20.38 -10.76
N ASP B 353 -13.82 21.70 -10.82
CA ASP B 353 -14.35 22.56 -9.76
C ASP B 353 -15.84 22.75 -10.00
N GLN B 354 -16.27 22.61 -11.26
CA GLN B 354 -17.65 22.77 -11.65
C GLN B 354 -18.38 21.45 -11.55
N LEU B 355 -17.69 20.38 -11.96
CA LEU B 355 -18.25 19.04 -11.91
C LEU B 355 -18.71 18.69 -10.52
N ARG B 356 -17.99 19.18 -9.53
CA ARG B 356 -18.34 18.92 -8.14
C ARG B 356 -19.59 19.70 -7.76
N SER B 357 -19.86 20.78 -8.48
CA SER B 357 -21.03 21.59 -8.19
C SER B 357 -22.25 21.08 -8.93
N HIS B 358 -22.04 20.43 -10.07
CA HIS B 358 -23.15 19.90 -10.85
C HIS B 358 -23.66 18.60 -10.26
N CYS B 359 -22.85 17.93 -9.46
CA CYS B 359 -23.25 16.68 -8.85
C CYS B 359 -23.91 16.87 -7.50
N THR B 360 -23.50 17.85 -6.73
CA THR B 360 -24.09 18.09 -5.43
C THR B 360 -25.51 18.60 -5.59
N PHE B 408 -7.64 48.58 -9.65
CA PHE B 408 -8.07 48.86 -11.00
C PHE B 408 -8.13 47.57 -11.80
N THR B 409 -8.46 47.72 -13.07
CA THR B 409 -8.58 46.62 -14.01
C THR B 409 -7.43 46.70 -15.01
N LEU B 410 -7.17 45.60 -15.68
CA LEU B 410 -6.10 45.54 -16.66
C LEU B 410 -6.31 46.52 -17.79
N ARG B 411 -7.47 46.44 -18.46
CA ARG B 411 -7.73 47.35 -19.56
C ARG B 411 -7.64 48.80 -19.10
N GLU B 412 -8.24 49.11 -17.95
CA GLU B 412 -8.20 50.46 -17.43
C GLU B 412 -6.78 50.89 -17.09
N PHE B 413 -5.89 49.94 -16.85
CA PHE B 413 -4.51 50.25 -16.52
C PHE B 413 -3.72 50.59 -17.76
N LEU B 414 -4.06 49.97 -18.88
CA LEU B 414 -3.39 50.18 -20.14
C LEU B 414 -4.09 51.22 -20.99
N TRP B 415 -5.38 51.46 -20.73
CA TRP B 415 -6.10 52.45 -21.49
C TRP B 415 -5.79 53.86 -21.04
N GLN B 416 -5.39 54.04 -19.78
CA GLN B 416 -5.09 55.38 -19.32
C GLN B 416 -3.82 55.92 -19.96
N HIS B 417 -3.00 55.06 -20.51
CA HIS B 417 -1.76 55.42 -21.18
C HIS B 417 -1.98 55.60 -22.65
N VAL B 418 -2.85 54.77 -23.21
CA VAL B 418 -3.18 54.80 -24.62
C VAL B 418 -4.09 55.99 -24.90
N GLU B 419 -4.81 56.47 -23.89
CA GLU B 419 -5.69 57.60 -24.10
C GLU B 419 -4.87 58.87 -24.34
N LEU B 420 -3.62 58.88 -23.89
CA LEU B 420 -2.73 60.00 -24.04
C LEU B 420 -2.00 60.03 -25.38
N VAL B 421 -1.84 58.87 -26.02
CA VAL B 421 -1.16 58.81 -27.30
C VAL B 421 -2.19 59.01 -28.41
N LEU B 422 -3.38 58.46 -28.23
CA LEU B 422 -4.40 58.64 -29.26
C LEU B 422 -4.92 60.06 -29.25
N SER B 423 -4.91 60.70 -28.09
CA SER B 423 -5.37 62.07 -27.96
C SER B 423 -4.29 63.08 -28.32
N LYS B 424 -3.14 62.62 -28.80
CA LYS B 424 -1.99 63.40 -29.21
C LYS B 424 -1.35 64.20 -28.07
N LYS B 425 -1.74 63.98 -26.82
CA LYS B 425 -1.14 64.73 -25.73
C LYS B 425 0.32 64.38 -25.55
N GLY B 426 0.69 63.13 -25.78
CA GLY B 426 2.06 62.70 -25.63
C GLY B 426 2.49 62.39 -24.21
N PHE B 427 3.72 61.93 -24.06
CA PHE B 427 4.28 61.59 -22.77
C PHE B 427 5.29 62.64 -22.37
N ASP B 428 4.97 63.40 -21.31
CA ASP B 428 5.84 64.46 -20.81
C ASP B 428 6.41 63.93 -19.50
N ASP B 429 7.50 63.16 -19.61
CA ASP B 429 8.17 62.57 -18.45
C ASP B 429 9.59 63.12 -18.37
N SER B 430 9.74 64.30 -17.76
CA SER B 430 11.04 64.96 -17.60
C SER B 430 10.90 65.88 -16.39
N VAL B 431 11.33 65.39 -15.22
CA VAL B 431 11.26 66.15 -13.98
C VAL B 431 12.59 66.16 -13.25
N GLY B 432 13.69 66.08 -13.99
CA GLY B 432 15.01 66.08 -13.38
C GLY B 432 15.66 67.43 -13.20
N ARG B 433 15.14 68.24 -12.28
CA ARG B 433 15.59 69.60 -11.91
C ARG B 433 15.23 70.66 -12.95
N ASN B 434 14.72 70.30 -14.11
CA ASN B 434 14.35 71.26 -15.14
C ASN B 434 13.62 70.50 -16.24
N PRO B 435 12.42 70.90 -16.66
CA PRO B 435 11.75 70.15 -17.72
C PRO B 435 12.41 70.38 -19.06
N GLN B 436 12.04 69.54 -20.02
CA GLN B 436 12.57 69.60 -21.37
C GLN B 436 11.48 69.19 -22.34
N PRO B 437 11.62 69.49 -23.62
CA PRO B 437 10.60 69.10 -24.59
C PRO B 437 10.90 67.74 -25.19
N SER B 438 9.86 66.90 -25.26
CA SER B 438 9.96 65.55 -25.82
C SER B 438 9.14 65.52 -27.10
N HIS B 439 9.75 65.06 -28.19
CA HIS B 439 9.02 65.00 -29.44
C HIS B 439 7.91 63.97 -29.37
N PHE B 440 7.10 63.92 -30.42
CA PHE B 440 6.00 62.98 -30.46
C PHE B 440 5.49 62.87 -31.89
N GLU B 441 4.85 61.75 -32.20
CA GLU B 441 4.31 61.51 -33.54
C GLU B 441 3.30 60.38 -33.47
N LEU B 442 2.10 60.63 -33.98
CA LEU B 442 1.00 59.68 -34.02
C LEU B 442 0.86 59.24 -35.46
N PRO B 443 1.48 58.15 -35.88
CA PRO B 443 1.37 57.71 -37.27
C PRO B 443 0.15 56.87 -37.60
N THR B 444 0.08 56.52 -38.88
CA THR B 444 -0.96 55.72 -39.48
C THR B 444 -0.36 54.37 -39.85
N TYR B 445 -1.24 53.42 -40.16
CA TYR B 445 -0.79 52.08 -40.53
C TYR B 445 0.14 52.10 -41.74
N GLN B 446 -0.31 52.69 -42.85
CA GLN B 446 0.51 52.74 -44.04
C GLN B 446 1.75 53.58 -43.84
N LYS B 447 1.71 54.52 -42.91
CA LYS B 447 2.87 55.37 -42.67
C LYS B 447 3.85 54.73 -41.71
N TRP B 448 3.39 53.81 -40.89
CA TRP B 448 4.27 53.17 -39.92
C TRP B 448 5.08 52.04 -40.56
N ILE B 449 4.46 51.21 -41.37
CA ILE B 449 5.17 50.10 -42.01
C ILE B 449 6.29 50.59 -42.92
N SER B 450 6.17 51.79 -43.47
CA SER B 450 7.19 52.33 -44.35
C SER B 450 8.55 52.35 -43.68
N ALA B 451 8.58 52.68 -42.39
CA ALA B 451 9.83 52.72 -41.66
C ALA B 451 10.20 51.35 -41.13
N ALA B 452 9.25 50.71 -40.45
CA ALA B 452 9.47 49.39 -39.88
C ALA B 452 9.94 48.40 -40.94
N SER B 453 9.39 48.49 -42.15
CA SER B 453 9.81 47.57 -43.19
C SER B 453 11.25 47.80 -43.56
N LYS B 454 11.62 49.06 -43.77
CA LYS B 454 12.98 49.37 -44.13
C LYS B 454 13.90 49.14 -42.95
N LEU B 455 13.36 49.22 -41.75
CA LEU B 455 14.12 49.02 -40.54
C LEU B 455 14.18 47.57 -40.11
N TYR B 456 13.30 46.74 -40.64
CA TYR B 456 13.28 45.32 -40.30
C TYR B 456 14.30 44.55 -41.09
N GLU B 457 14.72 45.07 -42.24
CA GLU B 457 15.70 44.40 -43.07
C GLU B 457 17.08 44.50 -42.44
N VAL B 458 17.45 45.69 -41.97
CA VAL B 458 18.74 45.91 -41.35
C VAL B 458 18.81 45.13 -40.04
N SER B 476 24.50 43.00 -42.14
CA SER B 476 25.94 43.19 -41.97
C SER B 476 26.22 44.43 -41.14
N LYS B 477 25.58 45.54 -41.52
CA LYS B 477 25.75 46.80 -40.79
C LYS B 477 25.44 46.62 -39.32
N ILE B 478 24.29 46.01 -39.01
CA ILE B 478 23.90 45.80 -37.62
C ILE B 478 24.85 44.82 -36.94
N LEU B 479 25.53 43.97 -37.71
CA LEU B 479 26.46 43.00 -37.14
C LEU B 479 27.77 43.65 -36.72
N SER B 480 28.15 44.76 -37.35
CA SER B 480 29.39 45.43 -37.00
C SER B 480 29.40 45.84 -35.54
N SER B 481 28.31 46.45 -35.08
CA SER B 481 28.21 46.89 -33.69
C SER B 481 27.60 45.80 -32.81
N ILE B 482 27.01 44.76 -33.40
CA ILE B 482 26.42 43.69 -32.60
C ILE B 482 27.49 42.78 -32.03
N LYS B 483 28.38 42.28 -32.89
CA LYS B 483 29.43 41.39 -32.42
C LYS B 483 30.39 42.12 -31.49
N VAL B 484 30.58 43.43 -31.72
CA VAL B 484 31.48 44.21 -30.89
C VAL B 484 30.81 44.58 -29.57
N LEU B 485 29.56 45.05 -29.64
CA LEU B 485 28.81 45.44 -28.45
C LEU B 485 27.89 44.32 -27.97
N PHE B 488 24.82 37.77 -21.01
CA PHE B 488 26.11 38.01 -20.37
C PHE B 488 27.10 36.92 -20.74
N LEU B 489 27.07 36.50 -22.02
CA LEU B 489 27.98 35.46 -22.48
C LEU B 489 29.35 36.01 -22.89
N ASP B 490 29.41 37.28 -23.32
CA ASP B 490 30.69 37.85 -23.72
C ASP B 490 31.63 37.97 -22.53
N ILE B 491 31.13 38.39 -21.37
CA ILE B 491 31.99 38.53 -20.20
C ILE B 491 32.51 37.17 -19.76
N ASP B 492 31.77 36.10 -20.03
CA ASP B 492 32.20 34.77 -19.63
C ASP B 492 33.37 34.29 -20.47
N THR B 493 33.43 34.73 -21.74
CA THR B 493 34.52 34.31 -22.62
C THR B 493 35.81 35.04 -22.26
N LYS B 494 35.69 36.26 -21.74
CA LYS B 494 36.87 37.03 -21.36
C LYS B 494 37.61 36.36 -20.21
N PHE B 495 36.93 36.17 -19.08
CA PHE B 495 37.56 35.53 -17.92
C PHE B 495 37.99 34.11 -18.24
N SER B 496 37.33 33.48 -19.22
CA SER B 496 37.67 32.11 -19.59
C SER B 496 38.94 32.10 -20.44
N GLU B 497 39.12 33.13 -21.27
CA GLU B 497 40.30 33.21 -22.11
C GLU B 497 41.51 33.63 -21.30
N ASN B 498 41.34 34.62 -20.43
CA ASN B 498 42.44 35.10 -19.59
C ASN B 498 42.87 34.07 -18.56
N ARG B 499 41.92 33.39 -17.92
CA ARG B 499 42.28 32.39 -16.92
C ARG B 499 43.04 31.24 -17.57
N CYS B 500 42.71 30.93 -18.81
CA CYS B 500 43.38 29.84 -19.51
C CYS B 500 44.74 30.31 -20.03
N GLN B 501 44.79 31.54 -20.57
CA GLN B 501 46.05 32.05 -21.09
C GLN B 501 47.06 32.24 -19.96
N LYS B 502 46.61 32.79 -18.83
CA LYS B 502 47.49 33.01 -17.69
C LYS B 502 48.09 31.70 -17.19
N ALA B 503 47.36 30.60 -17.33
CA ALA B 503 47.84 29.30 -16.89
C ALA B 503 48.76 28.65 -17.91
N LEU B 504 48.78 29.14 -19.15
CA LEU B 504 49.64 28.55 -20.17
C LEU B 504 51.11 28.76 -19.84
N PRO B 505 51.54 29.94 -19.38
CA PRO B 505 52.97 30.10 -19.07
C PRO B 505 53.42 29.36 -17.83
N MET B 506 52.67 29.44 -16.74
CA MET B 506 53.05 28.74 -15.51
C MET B 506 53.09 27.23 -15.71
N ALA B 507 52.39 26.73 -16.72
CA ALA B 507 52.36 25.29 -16.98
C ALA B 507 53.51 24.85 -17.88
N HIS B 508 53.61 25.44 -19.07
CA HIS B 508 54.68 25.08 -19.99
C HIS B 508 56.05 25.48 -19.46
N SER B 509 56.16 26.69 -18.89
CA SER B 509 57.45 27.13 -18.37
C SER B 509 57.90 26.27 -17.18
N ALA B 510 56.96 25.81 -16.36
CA ALA B 510 57.36 24.99 -15.22
C ALA B 510 57.79 23.60 -15.67
N TYR B 511 57.33 23.17 -16.83
CA TYR B 511 57.70 21.86 -17.36
C TYR B 511 59.14 21.85 -17.86
N VAL B 523 58.09 8.03 -23.03
CA VAL B 523 58.77 8.67 -21.90
C VAL B 523 58.20 10.07 -21.69
N HIS B 524 58.32 10.90 -22.73
CA HIS B 524 57.81 12.26 -22.65
C HIS B 524 56.31 12.30 -22.43
N LYS B 525 55.59 11.26 -22.87
CA LYS B 525 54.14 11.24 -22.69
C LYS B 525 53.77 11.25 -21.21
N ASN B 526 54.62 10.67 -20.35
CA ASN B 526 54.35 10.64 -18.93
C ASN B 526 54.71 11.98 -18.30
N GLN B 527 55.83 12.56 -18.73
CA GLN B 527 56.28 13.84 -18.17
C GLN B 527 55.43 14.98 -18.71
N LEU B 528 55.14 14.98 -20.03
CA LEU B 528 54.33 16.05 -20.59
C LEU B 528 52.92 16.00 -20.02
N ALA B 529 52.42 14.80 -19.74
CA ALA B 529 51.09 14.69 -19.19
C ALA B 529 51.08 15.14 -17.73
N GLN B 530 52.24 15.07 -17.06
CA GLN B 530 52.32 15.49 -15.66
C GLN B 530 52.02 16.98 -15.55
N ALA B 531 52.61 17.79 -16.44
CA ALA B 531 52.36 19.22 -16.40
C ALA B 531 50.91 19.51 -16.72
N LEU B 532 50.30 18.68 -17.58
CA LEU B 532 48.92 18.87 -17.94
C LEU B 532 48.02 18.74 -16.72
N ARG B 533 48.46 17.99 -15.71
CA ARG B 533 47.67 17.82 -14.51
C ARG B 533 47.59 19.13 -13.74
N VAL B 534 48.63 19.97 -13.87
CA VAL B 534 48.64 21.26 -13.18
C VAL B 534 47.73 22.24 -13.91
N TYR B 535 47.55 22.05 -15.22
CA TYR B 535 46.69 22.93 -16.01
C TYR B 535 45.25 22.89 -15.51
N SER B 536 44.81 21.71 -15.06
CA SER B 536 43.43 21.59 -14.57
C SER B 536 43.22 22.39 -13.29
N GLN B 537 44.19 22.35 -12.37
CA GLN B 537 44.07 23.09 -11.13
C GLN B 537 44.45 24.55 -11.27
N HIS B 538 45.17 24.90 -12.34
CA HIS B 538 45.57 26.29 -12.54
C HIS B 538 44.36 27.16 -12.83
N ALA B 539 43.64 26.85 -13.90
CA ALA B 539 42.46 27.61 -14.28
C ALA B 539 41.80 26.94 -15.47
N ARG B 540 40.53 27.26 -15.68
CA ARG B 540 39.74 26.71 -16.76
C ARG B 540 38.71 27.77 -17.15
N GLY B 541 37.90 27.44 -18.14
CA GLY B 541 36.88 28.36 -18.59
C GLY B 541 36.01 27.80 -19.68
N PRO B 542 35.12 28.63 -20.23
CA PRO B 542 34.24 28.14 -21.30
C PRO B 542 34.99 27.83 -22.59
N ALA B 543 36.25 28.24 -22.68
CA ALA B 543 37.10 28.02 -23.85
C ALA B 543 38.46 27.49 -23.43
N PHE B 544 38.54 26.81 -22.27
CA PHE B 544 39.81 26.27 -21.80
C PHE B 544 40.23 25.02 -22.54
N HIS B 545 39.29 24.28 -23.14
CA HIS B 545 39.64 23.08 -23.87
C HIS B 545 40.39 23.41 -25.15
N LYS B 546 40.12 24.59 -25.73
CA LYS B 546 40.78 24.99 -26.96
C LYS B 546 42.16 25.59 -26.69
N TYR B 547 42.27 26.42 -25.64
CA TYR B 547 43.55 27.04 -25.30
C TYR B 547 44.60 26.02 -24.86
N ALA B 548 44.19 24.83 -24.43
CA ALA B 548 45.17 23.83 -24.00
C ALA B 548 46.01 23.34 -25.17
N MET B 549 45.50 23.48 -26.40
CA MET B 549 46.24 23.03 -27.57
C MET B 549 47.56 23.77 -27.69
N GLN B 550 47.60 25.03 -27.22
CA GLN B 550 48.84 25.80 -27.30
C GLN B 550 49.91 25.16 -26.43
N LEU B 551 49.50 24.55 -25.30
CA LEU B 551 50.46 23.90 -24.42
C LEU B 551 50.91 22.56 -25.00
N HIS B 552 49.96 21.79 -25.54
CA HIS B 552 50.32 20.50 -26.12
C HIS B 552 51.21 20.68 -27.35
N GLU B 553 50.82 21.58 -28.26
CA GLU B 553 51.61 21.80 -29.45
C GLU B 553 52.97 22.38 -29.10
N ASP B 554 53.01 23.25 -28.07
CA ASP B 554 54.28 23.85 -27.67
C ASP B 554 55.21 22.80 -27.09
N CYS B 555 54.65 21.73 -26.54
CA CYS B 555 55.47 20.66 -25.96
C CYS B 555 55.86 19.65 -27.02
N TYR B 556 54.93 19.35 -27.94
CA TYR B 556 55.22 18.39 -29.01
C TYR B 556 56.30 18.91 -29.94
N LYS B 557 56.39 20.23 -30.08
CA LYS B 557 57.40 20.82 -30.95
C LYS B 557 58.78 20.81 -30.29
N PHE B 558 58.81 20.89 -28.95
CA PHE B 558 60.09 20.89 -28.24
C PHE B 558 60.82 19.57 -28.44
N TRP B 559 60.20 18.45 -28.06
CA TRP B 559 60.84 17.15 -28.21
C TRP B 559 59.84 16.01 -28.03
N LEU C 171 28.04 9.88 29.68
CA LEU C 171 27.71 10.00 28.28
C LEU C 171 26.56 10.99 28.03
N LEU C 172 26.60 12.11 28.76
CA LEU C 172 25.58 13.12 28.63
C LEU C 172 25.62 13.75 27.23
N PRO C 173 24.64 14.58 26.90
CA PRO C 173 24.61 15.20 25.58
C PRO C 173 25.42 16.49 25.55
N PRO C 174 25.79 16.96 24.36
CA PRO C 174 26.58 18.19 24.26
C PRO C 174 25.82 19.49 24.54
N GLU C 175 24.69 19.68 23.86
CA GLU C 175 23.83 20.85 23.99
C GLU C 175 22.61 20.59 23.13
N ARG C 176 21.75 21.61 22.99
CA ARG C 176 20.54 21.50 22.19
C ARG C 176 20.25 22.87 21.66
N MET C 177 20.02 22.95 20.35
CA MET C 177 19.72 24.20 19.68
C MET C 177 18.22 24.33 19.45
N LYS C 178 17.71 25.54 19.69
CA LYS C 178 16.31 25.86 19.54
C LYS C 178 16.06 26.86 18.42
N HIS C 179 17.06 27.66 18.08
CA HIS C 179 16.94 28.65 17.03
C HIS C 179 18.33 28.85 16.45
N SER C 180 18.35 29.21 15.17
CA SER C 180 19.59 29.43 14.46
C SER C 180 20.42 30.56 15.07
N ILE C 181 21.64 30.64 14.57
CA ILE C 181 22.63 31.62 14.96
C ILE C 181 23.09 32.21 13.65
N LYS C 182 24.14 33.02 13.70
CA LYS C 182 24.67 33.65 12.51
C LYS C 182 26.15 33.32 12.35
N LEU C 183 26.49 32.81 11.16
CA LEU C 183 27.84 32.44 10.82
C LEU C 183 28.56 33.57 10.10
N VAL C 184 27.81 34.39 9.38
CA VAL C 184 28.34 35.52 8.64
C VAL C 184 27.49 36.73 8.94
N ASP C 185 28.15 37.84 9.26
CA ASP C 185 27.43 39.06 9.57
C ASP C 185 26.74 39.58 8.30
N ASP C 186 25.89 40.57 8.51
CA ASP C 186 25.17 41.16 7.40
C ASP C 186 26.06 42.00 6.51
N GLN C 187 27.32 42.25 6.91
CA GLN C 187 28.27 43.04 6.15
C GLN C 187 29.52 42.23 5.83
N MET C 188 29.33 40.95 5.56
CA MET C 188 30.40 40.01 5.22
C MET C 188 31.50 39.93 6.28
N ASN C 189 31.14 39.41 7.45
CA ASN C 189 32.08 39.28 8.55
C ASN C 189 31.79 37.98 9.29
N TRP C 190 32.84 37.20 9.49
CA TRP C 190 32.80 35.92 10.16
C TRP C 190 32.49 36.03 11.65
N CYS C 191 31.53 35.23 12.10
CA CYS C 191 31.10 35.18 13.49
C CYS C 191 31.57 33.85 14.08
N ASP C 192 32.35 33.93 15.16
CA ASP C 192 32.88 32.75 15.85
C ASP C 192 32.03 32.33 17.03
N SER C 193 30.70 32.47 16.92
CA SER C 193 29.77 32.10 17.98
C SER C 193 29.09 30.78 17.69
N ALA C 194 29.82 29.82 17.15
CA ALA C 194 29.28 28.51 16.81
C ALA C 194 30.07 27.33 17.31
N ILE C 195 31.34 27.48 17.69
CA ILE C 195 32.10 26.33 18.16
C ILE C 195 31.55 25.81 19.47
N GLU C 196 30.75 26.60 20.18
CA GLU C 196 30.20 26.15 21.45
C GLU C 196 29.11 25.11 21.25
N TYR C 197 28.70 24.83 20.01
CA TYR C 197 27.68 23.87 19.69
C TYR C 197 28.18 22.67 18.89
N LEU C 198 29.46 22.63 18.54
CA LEU C 198 30.03 21.54 17.77
C LEU C 198 30.84 20.58 18.62
N LEU C 199 31.04 19.38 18.09
CA LEU C 199 31.78 18.30 18.71
C LEU C 199 33.06 18.00 17.92
N ASP C 200 33.81 17.01 18.41
CA ASP C 200 35.05 16.57 17.80
C ASP C 200 34.91 15.27 17.02
N GLN C 201 33.69 14.84 16.67
CA GLN C 201 33.53 13.60 15.93
C GLN C 201 33.64 13.91 14.42
N THR C 202 33.61 12.85 13.61
CA THR C 202 33.72 12.99 12.16
C THR C 202 32.47 12.50 11.42
N ASP C 203 32.62 12.45 10.09
CA ASP C 203 31.57 12.03 9.17
C ASP C 203 30.34 12.89 9.34
N VAL C 204 30.47 14.13 8.93
CA VAL C 204 29.41 15.12 9.01
C VAL C 204 28.88 15.45 7.63
N LEU C 205 27.65 15.95 7.60
CA LEU C 205 26.95 16.34 6.39
C LEU C 205 26.72 17.82 6.50
N VAL C 206 26.74 18.48 5.37
CA VAL C 206 26.54 19.92 5.29
C VAL C 206 25.55 20.15 4.18
N VAL C 207 24.70 21.14 4.36
CA VAL C 207 23.69 21.47 3.36
C VAL C 207 23.59 22.97 3.20
N GLY C 208 23.86 23.43 2.00
CA GLY C 208 23.81 24.83 1.66
C GLY C 208 22.56 25.10 0.89
N VAL C 209 22.28 26.38 0.65
CA VAL C 209 21.10 26.80 -0.09
C VAL C 209 21.37 28.05 -0.91
N LEU C 210 20.76 28.09 -2.09
CA LEU C 210 20.86 29.17 -3.05
C LEU C 210 19.46 29.45 -3.57
N GLY C 211 19.22 30.68 -3.96
CA GLY C 211 17.91 31.00 -4.46
C GLY C 211 17.71 32.49 -4.56
N LEU C 212 16.56 32.84 -5.10
CA LEU C 212 16.15 34.20 -5.29
C LEU C 212 15.61 34.76 -3.98
N GLN C 213 14.93 35.91 -4.04
CA GLN C 213 14.37 36.56 -2.88
C GLN C 213 13.30 35.79 -2.09
N GLY C 214 12.11 35.59 -2.66
CA GLY C 214 11.03 34.88 -1.99
C GLY C 214 10.61 33.53 -2.48
N THR C 215 11.57 32.64 -2.69
CA THR C 215 11.23 31.32 -3.18
C THR C 215 10.77 30.36 -2.10
N GLY C 216 11.35 30.41 -0.92
CA GLY C 216 10.95 29.52 0.17
C GLY C 216 12.09 28.66 0.62
N LYS C 217 13.27 29.26 0.64
CA LYS C 217 14.47 28.57 1.06
C LYS C 217 14.65 28.55 2.56
N SER C 218 14.20 29.58 3.25
CA SER C 218 14.35 29.58 4.69
C SER C 218 13.27 28.73 5.32
N MET C 219 12.20 28.47 4.58
CA MET C 219 11.07 27.67 4.99
C MET C 219 11.30 26.21 4.70
N VAL C 220 12.21 25.89 3.81
CA VAL C 220 12.52 24.52 3.45
C VAL C 220 13.60 23.97 4.36
N MET C 221 14.63 24.76 4.64
CA MET C 221 15.70 24.27 5.51
C MET C 221 15.15 24.01 6.91
N SER C 222 14.07 24.68 7.26
CA SER C 222 13.49 24.49 8.57
C SER C 222 12.72 23.19 8.64
N LEU C 223 11.88 22.94 7.64
CA LEU C 223 11.08 21.72 7.60
C LEU C 223 11.94 20.47 7.44
N LEU C 224 13.20 20.64 7.07
CA LEU C 224 14.14 19.56 6.88
C LEU C 224 15.03 19.41 8.09
N SER C 225 15.30 20.52 8.79
CA SER C 225 16.15 20.45 9.95
C SER C 225 15.47 19.93 11.18
N ALA C 226 14.55 20.70 11.75
CA ALA C 226 13.85 20.27 12.94
C ALA C 226 12.37 20.56 13.02
N ASN C 227 11.82 21.39 12.16
CA ASN C 227 10.41 21.69 12.21
C ASN C 227 9.61 20.68 11.42
N THR C 228 8.29 20.86 11.47
CA THR C 228 7.31 20.03 10.81
C THR C 228 6.23 20.95 10.26
N PRO C 229 5.36 20.45 9.38
CA PRO C 229 4.32 21.33 8.85
C PRO C 229 3.28 21.76 9.86
N GLU C 230 2.95 20.90 10.82
CA GLU C 230 1.95 21.26 11.82
C GLU C 230 2.36 22.48 12.64
N GLU C 231 3.66 22.75 12.74
CA GLU C 231 4.13 23.89 13.50
C GLU C 231 3.77 25.20 12.81
N ASP C 232 3.85 26.29 13.57
CA ASP C 232 3.55 27.61 13.05
C ASP C 232 4.81 28.26 12.52
N GLN C 233 4.62 29.22 11.62
CA GLN C 233 5.74 29.93 11.02
C GLN C 233 6.56 30.72 12.03
N ARG C 234 6.03 30.95 13.22
CA ARG C 234 6.72 31.70 14.25
C ARG C 234 7.74 30.85 15.02
N THR C 235 7.70 29.53 14.84
CA THR C 235 8.62 28.63 15.53
C THR C 235 9.73 28.10 14.64
N TYR C 236 9.82 28.53 13.41
CA TYR C 236 10.87 28.03 12.55
C TYR C 236 12.23 28.53 13.00
N VAL C 237 13.19 27.61 13.00
CA VAL C 237 14.55 27.93 13.40
C VAL C 237 15.11 29.02 12.51
N PHE C 238 14.78 28.96 11.22
CA PHE C 238 15.21 29.93 10.23
C PHE C 238 13.98 30.80 10.04
N ARG C 239 14.11 32.07 10.35
CA ARG C 239 12.97 32.95 10.21
C ARG C 239 12.58 33.13 8.76
N ALA C 240 11.28 33.10 8.54
CA ALA C 240 10.67 33.25 7.25
C ALA C 240 10.13 34.66 7.06
N GLN C 241 9.52 34.90 5.91
CA GLN C 241 8.96 36.20 5.62
C GLN C 241 7.60 36.40 6.23
N SER C 242 7.39 37.62 6.70
CA SER C 242 6.16 38.05 7.33
C SER C 242 5.41 38.94 6.35
N ALA C 243 4.11 39.04 6.55
CA ALA C 243 3.31 39.88 5.67
C ALA C 243 3.69 41.35 5.75
N GLU C 244 4.38 41.75 6.81
CA GLU C 244 4.78 43.15 6.94
C GLU C 244 5.75 43.56 5.84
N MET C 245 6.53 42.61 5.34
CA MET C 245 7.49 42.88 4.29
C MET C 245 7.02 42.41 2.92
N LYS C 246 6.20 41.38 2.86
CA LYS C 246 5.73 40.93 1.55
C LYS C 246 4.92 42.02 0.88
N GLU C 247 4.19 42.79 1.68
CA GLU C 247 3.37 43.87 1.16
C GLU C 247 4.20 45.05 0.69
N ARG C 248 5.47 45.13 1.12
CA ARG C 248 6.35 46.23 0.73
C ARG C 248 7.65 45.75 0.08
N GLY C 249 7.81 44.47 -0.13
CA GLY C 249 9.02 43.97 -0.74
C GLY C 249 10.11 43.94 0.28
N GLY C 250 10.84 42.84 0.35
CA GLY C 250 11.91 42.77 1.32
C GLY C 250 12.41 41.38 1.60
N ASN C 251 13.56 41.34 2.25
CA ASN C 251 14.22 40.12 2.63
C ASN C 251 14.20 39.98 4.15
N GLN C 252 14.51 38.77 4.61
CA GLN C 252 14.52 38.48 6.04
C GLN C 252 15.75 37.71 6.48
N THR C 253 16.45 37.05 5.57
CA THR C 253 17.63 36.30 5.95
C THR C 253 18.76 37.21 6.42
N SER C 254 19.25 38.06 5.54
CA SER C 254 20.32 38.99 5.87
C SER C 254 21.60 38.26 6.32
N GLY C 255 22.24 37.62 5.36
CA GLY C 255 23.46 36.88 5.60
C GLY C 255 23.33 35.38 5.49
N ILE C 256 24.16 34.70 6.27
CA ILE C 256 24.19 33.24 6.32
C ILE C 256 23.94 32.79 7.75
N ASP C 257 23.04 31.82 7.90
CA ASP C 257 22.67 31.25 9.17
C ASP C 257 23.46 29.98 9.41
N PHE C 258 23.10 29.28 10.49
CA PHE C 258 23.74 28.03 10.88
C PHE C 258 22.81 27.30 11.81
N PHE C 259 22.87 25.97 11.80
CA PHE C 259 22.03 25.17 12.65
C PHE C 259 22.48 23.72 12.57
N ILE C 260 22.24 23.00 13.66
CA ILE C 260 22.59 21.59 13.78
C ILE C 260 21.39 20.87 14.36
N THR C 261 21.20 19.63 13.96
CA THR C 261 20.09 18.81 14.41
C THR C 261 20.55 17.69 15.34
N GLN C 262 19.57 16.96 15.88
CA GLN C 262 19.85 15.87 16.78
C GLN C 262 20.73 14.82 16.10
N GLU C 263 20.57 14.65 14.80
CA GLU C 263 21.28 13.72 13.96
C GLU C 263 22.64 14.24 13.53
N ARG C 264 23.04 15.42 14.00
CA ARG C 264 24.32 16.04 13.68
C ARG C 264 24.46 16.33 12.18
N ILE C 265 23.57 17.16 11.66
CA ILE C 265 23.53 17.56 10.27
C ILE C 265 23.54 19.08 10.30
N VAL C 266 24.39 19.64 9.54
CA VAL C 266 24.54 21.08 9.44
C VAL C 266 23.73 21.61 8.29
N PHE C 267 23.23 22.83 8.45
CA PHE C 267 22.44 23.50 7.45
C PHE C 267 23.01 24.89 7.30
N LEU C 268 22.68 25.55 6.19
CA LEU C 268 23.17 26.88 5.94
C LEU C 268 22.24 27.67 5.05
N ASP C 269 21.36 28.47 5.62
CA ASP C 269 20.44 29.26 4.84
C ASP C 269 21.30 30.39 4.30
N THR C 270 20.80 31.12 3.31
CA THR C 270 21.58 32.20 2.75
C THR C 270 20.79 33.42 2.35
N GLN C 271 21.55 34.45 2.13
CA GLN C 271 21.20 35.77 1.73
C GLN C 271 20.67 35.58 0.32
N PRO C 272 19.66 36.31 -0.11
CA PRO C 272 19.17 36.09 -1.46
C PRO C 272 20.18 36.45 -2.54
N ILE C 273 19.95 35.82 -3.66
CA ILE C 273 20.75 35.97 -4.85
C ILE C 273 20.03 36.95 -5.75
N LEU C 274 20.69 38.04 -6.13
CA LEU C 274 20.09 39.03 -6.98
C LEU C 274 18.83 39.55 -6.30
N SER C 275 19.03 40.13 -5.17
CA SER C 275 17.98 40.68 -4.34
C SER C 275 17.87 42.18 -4.52
N PRO C 276 16.72 42.71 -4.94
CA PRO C 276 16.63 44.14 -5.10
C PRO C 276 16.54 44.85 -3.78
N SER C 277 15.90 44.22 -2.81
CA SER C 277 15.77 44.83 -1.50
C SER C 277 17.14 45.09 -0.90
N ILE C 278 18.11 44.24 -1.20
CA ILE C 278 19.42 44.48 -0.65
C ILE C 278 20.02 45.66 -1.36
N LEU C 279 19.90 45.66 -2.68
CA LEU C 279 20.43 46.75 -3.47
C LEU C 279 19.72 48.05 -3.14
N ASP C 280 18.42 47.98 -2.91
CA ASP C 280 17.67 49.18 -2.58
C ASP C 280 18.18 49.78 -1.28
N HIS C 281 18.63 48.95 -0.36
CA HIS C 281 19.13 49.46 0.90
C HIS C 281 20.50 50.09 0.74
N LEU C 282 21.27 49.64 -0.23
CA LEU C 282 22.59 50.18 -0.47
C LEU C 282 22.56 51.57 -1.07
N ILE C 283 21.49 51.90 -1.78
CA ILE C 283 21.39 53.22 -2.38
C ILE C 283 21.42 54.27 -1.28
N ASN C 284 20.84 53.92 -0.13
CA ASN C 284 20.76 54.77 1.03
C ASN C 284 21.89 54.43 2.00
N ASN C 285 23.13 54.49 1.53
CA ASN C 285 24.30 54.17 2.33
C ASN C 285 25.56 54.36 1.51
N TYR C 293 34.65 49.10 -6.08
CA TYR C 293 33.66 50.13 -5.82
C TYR C 293 33.23 50.83 -7.11
N ASN C 294 32.85 50.04 -8.10
CA ASN C 294 32.42 50.60 -9.37
C ASN C 294 31.01 51.13 -9.26
N LEU C 295 30.08 50.27 -8.86
CA LEU C 295 28.68 50.61 -8.70
C LEU C 295 28.03 49.64 -7.73
N PRO C 296 26.94 50.01 -7.07
CA PRO C 296 26.31 49.08 -6.13
C PRO C 296 25.74 47.84 -6.81
N HIS C 297 25.52 47.91 -8.12
CA HIS C 297 24.99 46.79 -8.88
C HIS C 297 26.07 45.74 -9.08
N THR C 298 27.28 46.20 -9.37
CA THR C 298 28.39 45.28 -9.58
C THR C 298 28.80 44.66 -8.26
N TYR C 299 28.72 45.42 -7.17
CA TYR C 299 29.10 44.89 -5.88
C TYR C 299 28.19 43.74 -5.51
N VAL C 300 26.89 43.91 -5.70
CA VAL C 300 25.96 42.85 -5.38
C VAL C 300 26.20 41.66 -6.28
N GLU C 301 26.64 41.88 -7.51
CA GLU C 301 26.88 40.76 -8.40
C GLU C 301 28.08 39.96 -7.92
N MET C 302 28.91 40.57 -7.07
CA MET C 302 30.08 39.89 -6.55
C MET C 302 29.74 39.10 -5.30
N GLN C 303 28.90 39.67 -4.42
CA GLN C 303 28.51 38.98 -3.19
C GLN C 303 27.98 37.59 -3.43
N SER C 304 27.03 37.45 -4.34
CA SER C 304 26.47 36.15 -4.64
C SER C 304 27.54 35.17 -5.04
N LEU C 305 28.36 35.50 -6.02
CA LEU C 305 29.42 34.59 -6.44
C LEU C 305 30.38 34.37 -5.29
N GLN C 306 30.56 35.41 -4.48
CA GLN C 306 31.44 35.37 -3.33
C GLN C 306 30.85 34.51 -2.22
N ILE C 307 29.58 34.14 -2.35
CA ILE C 307 28.85 33.32 -1.40
C ILE C 307 28.74 31.94 -2.03
N ALA C 308 28.19 31.88 -3.22
CA ALA C 308 28.03 30.62 -3.93
C ALA C 308 29.33 29.87 -4.07
N ALA C 309 30.44 30.58 -4.17
CA ALA C 309 31.73 29.91 -4.29
C ALA C 309 32.12 29.30 -2.97
N PHE C 310 31.59 29.85 -1.88
CA PHE C 310 31.90 29.33 -0.57
C PHE C 310 31.18 28.02 -0.37
N LEU C 311 29.88 28.01 -0.62
CA LEU C 311 29.09 26.80 -0.47
C LEU C 311 29.58 25.69 -1.37
N PHE C 312 30.06 26.02 -2.56
CA PHE C 312 30.55 24.99 -3.45
C PHE C 312 31.90 24.45 -3.01
N THR C 313 32.47 25.02 -1.96
CA THR C 313 33.76 24.59 -1.44
C THR C 313 33.66 23.97 -0.06
N VAL C 314 32.60 24.27 0.71
CA VAL C 314 32.44 23.71 2.04
C VAL C 314 31.11 23.02 2.26
N CYS C 315 30.53 22.43 1.23
CA CYS C 315 29.26 21.76 1.37
C CYS C 315 29.23 20.51 0.50
N HIS C 316 28.34 19.61 0.87
CA HIS C 316 28.15 18.36 0.18
C HIS C 316 26.98 18.41 -0.76
N VAL C 317 25.95 19.11 -0.34
CA VAL C 317 24.72 19.27 -1.10
C VAL C 317 24.43 20.75 -1.16
N VAL C 318 23.71 21.15 -2.19
CA VAL C 318 23.31 22.52 -2.42
C VAL C 318 21.92 22.41 -3.00
N ILE C 319 20.98 23.11 -2.39
CA ILE C 319 19.60 23.10 -2.83
C ILE C 319 19.28 24.41 -3.51
N VAL C 320 19.06 24.33 -4.81
CA VAL C 320 18.74 25.46 -5.65
C VAL C 320 17.23 25.49 -5.69
N VAL C 321 16.67 26.50 -5.02
CA VAL C 321 15.20 26.69 -4.93
C VAL C 321 14.76 27.71 -5.98
N GLN C 322 13.53 27.57 -6.46
CA GLN C 322 12.92 28.43 -7.46
C GLN C 322 11.43 28.51 -7.22
N ASP C 323 10.85 29.62 -7.63
CA ASP C 323 9.43 29.86 -7.50
C ASP C 323 8.68 29.51 -8.77
N TRP C 324 9.36 29.60 -9.91
CA TRP C 324 8.81 29.31 -11.22
C TRP C 324 9.82 28.42 -11.92
N PHE C 325 9.60 28.14 -13.18
CA PHE C 325 10.51 27.29 -13.93
C PHE C 325 11.26 27.94 -15.08
N THR C 326 12.51 27.53 -15.22
CA THR C 326 13.47 27.95 -16.22
C THR C 326 13.96 29.38 -16.24
N ASP C 327 14.67 29.78 -15.21
CA ASP C 327 15.20 31.13 -15.10
C ASP C 327 16.66 31.04 -15.54
N LEU C 328 16.88 31.15 -16.86
CA LEU C 328 18.23 31.07 -17.43
C LEU C 328 19.25 31.93 -16.69
N SER C 329 18.82 33.06 -16.13
CA SER C 329 19.74 33.91 -15.41
C SER C 329 20.37 33.20 -14.22
N LEU C 330 19.80 32.08 -13.80
CA LEU C 330 20.32 31.32 -12.68
C LEU C 330 21.23 30.19 -13.15
N TYR C 331 20.87 29.50 -14.23
CA TYR C 331 21.72 28.42 -14.72
C TYR C 331 23.01 28.99 -15.27
N ARG C 332 22.95 30.19 -15.83
CA ARG C 332 24.14 30.84 -16.38
C ARG C 332 24.96 31.53 -15.30
N PHE C 333 24.52 31.41 -14.05
CA PHE C 333 25.20 32.02 -12.91
C PHE C 333 26.04 31.01 -12.17
N LEU C 334 25.56 29.77 -12.11
CA LEU C 334 26.27 28.71 -11.42
C LEU C 334 27.63 28.45 -12.04
N GLN C 335 27.69 28.32 -13.37
CA GLN C 335 28.98 28.06 -14.00
C GLN C 335 29.96 29.17 -13.67
N THR C 336 29.48 30.41 -13.56
CA THR C 336 30.37 31.50 -13.23
C THR C 336 30.97 31.28 -11.87
N ALA C 337 30.25 30.59 -11.00
CA ALA C 337 30.70 30.31 -9.65
C ALA C 337 31.56 29.06 -9.64
N GLU C 338 31.27 28.12 -10.53
CA GLU C 338 32.04 26.89 -10.61
C GLU C 338 33.42 27.11 -11.21
N MET C 339 33.74 28.36 -11.60
CA MET C 339 35.01 28.72 -12.20
C MET C 339 35.62 29.91 -11.46
N VAL C 340 35.26 30.10 -10.18
CA VAL C 340 35.76 31.19 -9.37
C VAL C 340 36.32 30.72 -8.03
N LYS C 341 36.02 29.51 -7.60
CA LYS C 341 36.54 29.05 -6.34
C LYS C 341 38.06 28.96 -6.38
N PRO C 342 38.70 28.87 -5.21
CA PRO C 342 40.17 28.79 -5.19
C PRO C 342 40.77 27.63 -5.96
N SER C 343 40.41 26.39 -5.61
CA SER C 343 40.93 25.22 -6.30
C SER C 343 39.87 24.48 -7.07
N THR C 361 39.90 14.30 -8.11
CA THR C 361 40.81 15.38 -8.47
C THR C 361 40.40 16.65 -7.75
N GLU C 362 39.40 17.34 -8.29
CA GLU C 362 38.89 18.58 -7.73
C GLU C 362 37.54 18.25 -7.10
N TYR C 363 37.18 18.99 -6.06
CA TYR C 363 35.92 18.76 -5.39
C TYR C 363 34.77 19.56 -5.98
N TYR C 364 33.82 18.83 -6.54
CA TYR C 364 32.63 19.40 -7.16
C TYR C 364 31.51 18.79 -6.33
N PRO C 365 30.77 19.57 -5.57
CA PRO C 365 29.71 19.02 -4.75
C PRO C 365 28.45 18.67 -5.53
N HIS C 366 27.51 18.12 -4.80
CA HIS C 366 26.25 17.72 -5.37
C HIS C 366 25.42 18.96 -5.61
N LEU C 367 24.25 18.77 -6.16
CA LEU C 367 23.34 19.86 -6.45
C LEU C 367 21.95 19.29 -6.55
N VAL C 368 20.97 20.10 -6.20
CA VAL C 368 19.58 19.69 -6.24
C VAL C 368 18.76 20.86 -6.76
N PHE C 369 17.76 20.54 -7.53
CA PHE C 369 16.86 21.51 -8.13
C PHE C 369 15.50 21.22 -7.52
N LEU C 370 15.03 22.17 -6.74
CA LEU C 370 13.75 22.07 -6.07
C LEU C 370 12.86 23.21 -6.54
N GLN C 371 11.78 22.86 -7.21
CA GLN C 371 10.85 23.84 -7.73
C GLN C 371 9.72 23.99 -6.73
N ASN C 372 9.81 24.99 -5.89
CA ASN C 372 8.79 25.22 -4.91
C ASN C 372 7.57 25.83 -5.60
N LYS C 373 6.48 25.94 -4.84
CA LYS C 373 5.23 26.49 -5.32
C LYS C 373 4.77 25.84 -6.60
N ALA C 374 4.89 24.53 -6.69
CA ALA C 374 4.48 23.83 -7.89
C ALA C 374 2.98 23.71 -7.95
N ARG C 375 2.49 23.56 -9.17
CA ARG C 375 1.09 23.43 -9.49
C ARG C 375 0.84 22.06 -10.08
N ARG C 376 -0.44 21.76 -10.29
CA ARG C 376 -0.86 20.49 -10.86
C ARG C 376 -0.17 20.19 -12.18
N GLU C 377 -0.11 21.16 -13.07
CA GLU C 377 0.53 20.96 -14.36
C GLU C 377 1.97 20.53 -14.22
N ASP C 378 2.64 20.94 -13.15
CA ASP C 378 4.03 20.58 -12.92
C ASP C 378 4.21 19.11 -12.55
N PHE C 379 3.14 18.38 -12.29
CA PHE C 379 3.20 16.98 -11.92
C PHE C 379 2.80 16.04 -13.05
N CYS C 380 2.33 16.57 -14.16
CA CYS C 380 1.96 15.64 -15.20
C CYS C 380 3.23 15.07 -15.80
N PRO C 381 3.33 13.75 -16.03
CA PRO C 381 4.55 13.20 -16.61
C PRO C 381 4.93 13.73 -17.96
N ARG C 382 3.98 14.21 -18.76
CA ARG C 382 4.33 14.73 -20.06
C ARG C 382 5.21 15.95 -19.94
N LYS C 383 5.11 16.66 -18.83
CA LYS C 383 5.88 17.87 -18.57
C LYS C 383 7.10 17.55 -17.74
N LEU C 384 7.01 16.52 -16.91
CA LEU C 384 8.12 16.12 -16.07
C LEU C 384 9.35 15.79 -16.90
N ARG C 385 9.15 15.13 -18.02
CA ARG C 385 10.30 14.78 -18.84
C ARG C 385 10.86 15.99 -19.57
N GLN C 386 10.06 17.03 -19.73
CA GLN C 386 10.56 18.21 -20.41
C GLN C 386 11.56 18.93 -19.54
N MET C 387 11.34 18.89 -18.23
CA MET C 387 12.25 19.54 -17.31
C MET C 387 13.63 18.92 -17.37
N HIS C 388 13.69 17.62 -17.05
CA HIS C 388 14.93 16.86 -17.05
C HIS C 388 15.71 17.04 -18.34
N LEU C 389 14.99 17.25 -19.43
CA LEU C 389 15.61 17.45 -20.73
C LEU C 389 16.23 18.82 -20.84
N MET C 390 15.58 19.80 -20.23
CA MET C 390 16.07 21.16 -20.26
C MET C 390 17.22 21.38 -19.28
N ILE C 391 17.09 20.84 -18.07
CA ILE C 391 18.13 20.99 -17.07
C ILE C 391 19.44 20.33 -17.49
N ASP C 392 19.36 19.17 -18.13
CA ASP C 392 20.57 18.47 -18.56
C ASP C 392 21.28 19.16 -19.70
N GLN C 393 20.54 19.72 -20.64
CA GLN C 393 21.19 20.40 -21.76
C GLN C 393 21.81 21.73 -21.36
N LEU C 394 21.28 22.35 -20.33
CA LEU C 394 21.78 23.63 -19.84
C LEU C 394 22.93 23.47 -18.86
N MET C 395 23.15 22.26 -18.35
CA MET C 395 24.22 21.99 -17.40
C MET C 395 25.06 20.80 -17.80
N ALA C 396 25.06 20.43 -19.08
CA ALA C 396 25.85 19.29 -19.52
C ALA C 396 27.33 19.45 -19.27
N HIS C 397 27.83 20.67 -19.24
CA HIS C 397 29.23 20.98 -19.02
C HIS C 397 29.39 21.88 -17.80
N SER C 398 28.67 21.54 -16.73
CA SER C 398 28.71 22.30 -15.49
C SER C 398 29.73 21.73 -14.53
N HIS C 399 30.04 20.44 -14.68
CA HIS C 399 30.98 19.69 -13.87
C HIS C 399 30.45 19.41 -12.48
N LEU C 400 29.26 19.88 -12.14
CA LEU C 400 28.68 19.65 -10.83
C LEU C 400 27.96 18.33 -10.90
N ARG C 401 27.73 17.75 -9.73
CA ARG C 401 27.03 16.48 -9.64
C ARG C 401 25.56 16.77 -9.47
N TYR C 402 24.87 16.81 -10.61
CA TYR C 402 23.45 17.06 -10.70
C TYR C 402 22.65 15.90 -11.27
N LYS C 403 23.18 14.69 -11.24
CA LYS C 403 22.46 13.54 -11.75
C LYS C 403 22.94 12.28 -11.07
N GLY C 404 22.16 11.22 -11.25
CA GLY C 404 22.48 9.94 -10.68
C GLY C 404 22.26 9.86 -9.20
N THR C 405 21.29 10.58 -8.67
CA THR C 405 20.99 10.59 -7.25
C THR C 405 19.68 11.32 -7.05
N LEU C 406 19.00 11.03 -5.95
CA LEU C 406 17.72 11.64 -5.61
C LEU C 406 16.71 11.52 -6.75
N SER C 407 16.31 10.29 -6.97
CA SER C 407 15.36 10.00 -8.01
C SER C 407 13.96 10.03 -7.43
N MET C 408 13.24 11.11 -7.68
CA MET C 408 11.88 11.23 -7.15
C MET C 408 10.94 10.27 -7.81
N LEU C 409 11.38 9.62 -8.88
CA LEU C 409 10.58 8.66 -9.62
C LEU C 409 10.49 7.34 -8.89
N GLN C 410 11.52 6.99 -8.11
CA GLN C 410 11.52 5.74 -7.37
C GLN C 410 11.09 5.93 -5.93
N CYS C 411 10.83 7.16 -5.51
CA CYS C 411 10.39 7.44 -4.15
C CYS C 411 8.86 7.28 -3.95
N ASN C 412 8.19 6.63 -4.90
CA ASN C 412 6.75 6.38 -4.88
C ASN C 412 5.94 7.61 -5.19
N VAL C 413 6.50 8.59 -5.89
CA VAL C 413 5.73 9.79 -6.21
C VAL C 413 4.84 9.53 -7.40
N PHE C 414 5.40 8.93 -8.45
CA PHE C 414 4.70 8.60 -9.67
C PHE C 414 4.64 7.08 -9.63
N PRO C 415 3.56 6.50 -9.15
CA PRO C 415 3.45 5.04 -9.07
C PRO C 415 3.68 4.17 -10.29
N GLY C 416 2.96 4.37 -11.37
CA GLY C 416 3.15 3.56 -12.55
C GLY C 416 4.16 3.95 -13.59
N LEU C 417 5.14 4.77 -13.29
CA LEU C 417 6.09 5.13 -14.32
C LEU C 417 7.35 4.26 -14.30
N PRO C 418 7.79 3.78 -15.46
CA PRO C 418 8.97 2.97 -15.48
C PRO C 418 10.18 3.87 -15.56
N PRO C 419 11.33 3.48 -15.00
CA PRO C 419 12.51 4.37 -15.09
C PRO C 419 13.01 4.65 -16.49
N ASP C 420 12.56 3.91 -17.50
CA ASP C 420 13.01 4.13 -18.87
C ASP C 420 12.24 5.23 -19.56
N PHE C 421 11.44 6.00 -18.82
CA PHE C 421 10.66 7.08 -19.42
C PHE C 421 11.49 8.33 -19.61
N LEU C 422 12.54 8.46 -18.81
CA LEU C 422 13.44 9.61 -18.85
C LEU C 422 14.82 9.20 -19.34
N ASP C 423 15.32 9.94 -20.33
CA ASP C 423 16.64 9.64 -20.89
C ASP C 423 17.72 9.89 -19.84
N SER C 424 17.54 10.92 -19.02
CA SER C 424 18.50 11.27 -17.98
C SER C 424 17.71 11.87 -16.83
N GLU C 425 17.59 11.12 -15.75
CA GLU C 425 16.86 11.55 -14.56
C GLU C 425 17.80 12.30 -13.63
N VAL C 426 17.82 13.62 -13.78
CA VAL C 426 18.66 14.48 -12.97
C VAL C 426 18.08 14.51 -11.57
N ASN C 427 18.83 15.10 -10.64
CA ASN C 427 18.38 15.19 -9.26
C ASN C 427 17.53 16.43 -9.14
N LEU C 428 16.24 16.21 -9.32
CA LEU C 428 15.22 17.22 -9.26
C LEU C 428 14.09 16.77 -8.36
N PHE C 429 13.46 17.73 -7.70
CA PHE C 429 12.38 17.47 -6.80
C PHE C 429 11.35 18.57 -6.92
N LEU C 430 10.15 18.30 -6.45
CA LEU C 430 9.04 19.25 -6.49
C LEU C 430 8.43 19.37 -5.11
N VAL C 431 7.90 20.54 -4.81
CA VAL C 431 7.28 20.83 -3.53
C VAL C 431 6.09 21.72 -3.84
N PRO C 432 4.88 21.40 -3.40
CA PRO C 432 3.73 22.25 -3.69
C PRO C 432 3.42 23.41 -2.77
N PHE C 433 2.26 23.98 -3.07
CA PHE C 433 1.70 25.10 -2.36
C PHE C 433 0.81 24.53 -1.27
N MET C 434 1.08 24.95 -0.03
CA MET C 434 0.32 24.46 1.16
C MET C 434 -1.17 24.85 1.02
N ASP C 435 -2.05 23.95 1.43
CA ASP C 435 -3.48 24.18 1.39
C ASP C 435 -3.91 25.11 2.51
N PRO C 452 -23.88 11.68 2.25
CA PRO C 452 -23.33 11.86 3.57
C PRO C 452 -21.82 12.02 3.52
N LEU C 453 -21.16 11.20 2.70
CA LEU C 453 -19.71 11.24 2.55
C LEU C 453 -19.29 11.86 1.22
N PHE C 454 -20.09 11.61 0.19
CA PHE C 454 -19.82 12.13 -1.14
C PHE C 454 -19.65 13.64 -1.14
N SER C 455 -20.58 14.36 -0.54
CA SER C 455 -20.51 15.81 -0.49
C SER C 455 -19.27 16.31 0.24
N LEU C 456 -18.78 15.54 1.20
CA LEU C 456 -17.61 15.90 1.98
C LEU C 456 -16.30 15.50 1.32
N LEU C 457 -16.32 15.22 0.03
CA LEU C 457 -15.09 14.85 -0.63
C LEU C 457 -14.25 16.08 -0.95
N PRO C 458 -12.94 15.98 -0.86
CA PRO C 458 -12.10 17.12 -1.17
C PRO C 458 -12.04 17.34 -2.68
N GLY C 459 -11.35 18.37 -3.07
CA GLY C 459 -11.22 18.67 -4.47
C GLY C 459 -10.04 17.96 -5.08
N TYR C 460 -10.02 17.91 -6.40
CA TYR C 460 -8.93 17.23 -7.08
C TYR C 460 -7.69 18.07 -7.08
N ARG C 461 -6.87 17.98 -6.03
CA ARG C 461 -5.66 18.77 -6.00
C ARG C 461 -4.72 18.36 -7.11
N GLY C 462 -4.69 17.08 -7.44
CA GLY C 462 -3.84 16.56 -8.49
C GLY C 462 -2.39 16.36 -8.17
N HIS C 463 -2.04 16.39 -6.93
CA HIS C 463 -0.66 16.20 -6.54
C HIS C 463 -0.55 15.75 -5.09
N PRO C 464 0.55 15.10 -4.71
CA PRO C 464 0.69 14.66 -3.34
C PRO C 464 0.68 15.80 -2.35
N SER C 465 0.30 15.47 -1.13
CA SER C 465 0.22 16.45 -0.07
C SER C 465 1.60 16.94 0.32
N PHE C 466 1.62 18.20 0.75
CA PHE C 466 2.84 18.87 1.18
C PHE C 466 3.51 18.13 2.33
N GLN C 467 2.72 17.40 3.12
CA GLN C 467 3.27 16.65 4.24
C GLN C 467 4.03 15.44 3.77
N SER C 468 3.51 14.78 2.74
CA SER C 468 4.16 13.60 2.20
C SER C 468 5.49 13.92 1.55
N LEU C 469 5.46 14.75 0.53
CA LEU C 469 6.66 15.14 -0.19
C LEU C 469 7.76 15.65 0.70
N VAL C 470 7.43 16.50 1.68
CA VAL C 470 8.47 17.01 2.55
C VAL C 470 9.08 15.87 3.36
N SER C 471 8.28 14.87 3.71
CA SER C 471 8.79 13.76 4.48
C SER C 471 9.71 12.89 3.63
N LYS C 472 9.58 12.99 2.32
CA LYS C 472 10.43 12.22 1.43
C LYS C 472 11.73 12.93 1.19
N LEU C 473 11.66 14.25 1.03
CA LEU C 473 12.87 15.02 0.80
C LEU C 473 13.72 15.03 2.05
N ARG C 474 13.07 15.03 3.21
CA ARG C 474 13.80 15.04 4.47
C ARG C 474 14.64 13.78 4.58
N SER C 475 14.17 12.71 3.94
CA SER C 475 14.87 11.45 3.95
C SER C 475 15.98 11.39 2.94
N GLN C 476 15.65 11.59 1.67
CA GLN C 476 16.62 11.56 0.59
C GLN C 476 17.77 12.52 0.81
N VAL C 477 17.52 13.65 1.45
CA VAL C 477 18.58 14.63 1.69
C VAL C 477 19.40 14.19 2.88
N MET C 478 18.74 13.61 3.87
CA MET C 478 19.43 13.16 5.05
C MET C 478 20.24 11.92 4.75
N SER C 479 19.84 11.18 3.72
CA SER C 479 20.50 9.97 3.29
C SER C 479 21.47 10.20 2.16
N MET C 480 21.96 11.41 1.99
CA MET C 480 22.89 11.66 0.90
C MET C 480 24.27 11.20 1.30
N ALA C 481 25.19 11.32 0.35
CA ALA C 481 26.55 10.92 0.55
C ALA C 481 27.25 11.95 1.41
N ARG C 482 28.40 11.57 1.96
CA ARG C 482 29.21 12.44 2.81
C ARG C 482 30.68 12.36 2.44
N PRO C 483 31.03 12.73 1.21
CA PRO C 483 32.43 12.68 0.79
C PRO C 483 33.35 13.60 1.56
N GLN C 484 34.64 13.41 1.35
CA GLN C 484 35.67 14.21 2.00
C GLN C 484 35.92 15.47 1.21
N LEU C 485 35.75 16.61 1.86
CA LEU C 485 35.96 17.89 1.22
C LEU C 485 37.42 18.12 0.96
N SER C 486 38.19 18.22 2.04
CA SER C 486 39.62 18.44 1.96
C SER C 486 40.26 17.08 1.80
N HIS C 487 41.56 17.01 1.97
CA HIS C 487 42.31 15.77 1.86
C HIS C 487 42.81 15.35 3.23
N THR C 488 41.91 15.49 4.20
CA THR C 488 42.16 15.16 5.59
C THR C 488 40.82 14.82 6.21
N ILE C 489 40.73 13.67 6.87
CA ILE C 489 39.47 13.27 7.48
C ILE C 489 39.31 14.27 8.61
N LEU C 490 38.43 15.24 8.39
CA LEU C 490 38.13 16.29 9.34
C LEU C 490 36.82 16.08 10.07
N THR C 491 36.81 16.62 11.28
CA THR C 491 35.70 16.58 12.21
C THR C 491 34.76 17.75 12.01
N GLU C 492 33.85 17.95 12.96
CA GLU C 492 32.89 19.04 12.89
C GLU C 492 33.55 20.35 13.25
N LYS C 493 34.58 20.31 14.10
CA LYS C 493 35.25 21.53 14.50
C LYS C 493 36.27 21.95 13.47
N ASN C 494 37.01 21.02 12.91
CA ASN C 494 38.00 21.39 11.92
C ASN C 494 37.32 21.90 10.66
N TRP C 495 36.04 21.58 10.48
CA TRP C 495 35.32 22.04 9.32
C TRP C 495 35.12 23.53 9.43
N PHE C 496 34.79 23.97 10.64
CA PHE C 496 34.57 25.38 10.91
C PHE C 496 35.82 26.16 10.60
N HIS C 497 36.97 25.72 11.11
CA HIS C 497 38.22 26.40 10.86
C HIS C 497 38.53 26.41 9.38
N TYR C 498 38.11 25.37 8.67
CA TYR C 498 38.37 25.29 7.24
C TYR C 498 37.55 26.33 6.53
N ALA C 499 36.31 26.52 6.98
CA ALA C 499 35.45 27.50 6.36
C ALA C 499 36.03 28.88 6.49
N ALA C 500 36.56 29.20 7.67
CA ALA C 500 37.16 30.51 7.90
C ALA C 500 38.33 30.72 6.97
N ARG C 501 39.03 29.63 6.65
CA ARG C 501 40.18 29.69 5.77
C ARG C 501 39.74 29.98 4.35
N ILE C 502 38.61 29.43 3.94
CA ILE C 502 38.12 29.66 2.58
C ILE C 502 37.62 31.08 2.47
N TRP C 503 36.80 31.50 3.42
CA TRP C 503 36.23 32.83 3.45
C TRP C 503 37.31 33.89 3.37
N ASP C 504 38.39 33.73 4.13
CA ASP C 504 39.45 34.71 4.09
C ASP C 504 40.18 34.67 2.77
N GLY C 505 40.01 33.59 2.00
CA GLY C 505 40.64 33.41 0.71
C GLY C 505 39.74 33.72 -0.46
N VAL C 506 38.48 34.05 -0.17
CA VAL C 506 37.51 34.38 -1.19
C VAL C 506 37.40 35.87 -1.37
N ARG C 507 37.44 36.61 -0.26
CA ARG C 507 37.35 38.06 -0.33
C ARG C 507 38.59 38.61 -1.00
N LYS C 508 39.75 38.39 -0.39
CA LYS C 508 41.02 38.85 -0.92
C LYS C 508 41.55 37.83 -1.91
N SER C 509 40.81 37.65 -3.01
CA SER C 509 41.15 36.72 -4.06
C SER C 509 41.59 37.45 -5.33
N SER C 510 41.81 36.64 -6.37
CA SER C 510 42.24 37.09 -7.68
C SER C 510 41.20 36.90 -8.76
N ALA C 511 40.60 35.72 -8.84
CA ALA C 511 39.58 35.44 -9.85
C ALA C 511 38.37 36.34 -9.70
N LEU C 512 38.00 36.65 -8.46
CA LEU C 512 36.84 37.51 -8.23
C LEU C 512 37.14 38.93 -8.67
N ALA C 513 38.25 39.47 -8.19
CA ALA C 513 38.64 40.82 -8.54
C ALA C 513 38.78 40.96 -10.06
N GLU C 514 39.36 39.95 -10.70
CA GLU C 514 39.52 40.00 -12.15
C GLU C 514 38.17 40.06 -12.83
N TYR C 515 37.23 39.22 -12.36
CA TYR C 515 35.91 39.21 -12.94
C TYR C 515 35.17 40.51 -12.65
N SER C 516 35.48 41.15 -11.54
CA SER C 516 34.82 42.39 -11.18
C SER C 516 35.17 43.50 -12.16
N ARG C 517 36.45 43.61 -12.51
CA ARG C 517 36.90 44.63 -13.44
C ARG C 517 36.35 44.42 -14.84
N LEU C 518 36.03 43.20 -15.23
CA LEU C 518 35.50 42.98 -16.57
C LEU C 518 34.15 43.67 -16.78
N LEU C 519 33.44 43.96 -15.69
CA LEU C 519 32.15 44.62 -15.74
C LEU C 519 32.31 46.13 -15.80
C1 IHP D . -13.56 -36.50 21.05
C2 IHP D . -14.67 -35.53 20.63
C3 IHP D . -14.81 -35.35 19.12
C4 IHP D . -13.67 -35.76 18.13
C5 IHP D . -12.44 -36.47 18.74
C6 IHP D . -12.25 -36.34 20.26
O11 IHP D . -13.27 -36.30 22.40
P1 IHP D . -12.70 -37.62 23.18
O21 IHP D . -13.84 -38.24 23.97
O31 IHP D . -12.18 -38.62 22.17
O41 IHP D . -11.57 -37.23 24.12
O12 IHP D . -14.42 -34.27 21.19
P2 IHP D . -15.57 -33.70 22.21
O22 IHP D . -15.63 -34.60 23.41
O32 IHP D . -15.22 -32.29 22.61
O42 IHP D . -16.91 -33.70 21.50
O13 IHP D . -16.07 -35.03 18.54
P3 IHP D . -17.22 -36.18 18.45
O23 IHP D . -17.58 -36.63 19.83
O33 IHP D . -18.44 -35.61 17.76
O43 IHP D . -16.70 -37.36 17.66
O14 IHP D . -13.86 -35.60 16.74
P4 IHP D . -12.54 -35.52 15.76
O24 IHP D . -12.16 -36.92 15.34
O34 IHP D . -12.87 -34.70 14.53
O44 IHP D . -11.39 -34.88 16.49
O15 IHP D . -11.66 -37.39 17.99
P5 IHP D . -11.71 -39.01 18.29
O25 IHP D . -13.08 -39.54 17.96
O35 IHP D . -10.68 -39.69 17.44
O45 IHP D . -11.39 -39.29 19.74
O16 IHP D . -11.72 -35.07 20.51
P6 IHP D . -10.11 -34.94 20.83
O26 IHP D . -9.30 -35.33 19.63
O36 IHP D . -9.80 -33.52 21.21
O46 IHP D . -9.76 -35.86 21.97
PG ATP E . 14.63 36.02 1.50
O1G ATP E . 14.42 36.37 2.95
O2G ATP E . 14.30 37.17 0.57
O3G ATP E . 15.99 35.43 1.23
PB ATP E . 13.29 33.42 1.81
O1B ATP E . 13.27 32.41 0.72
O2B ATP E . 14.21 33.23 2.97
O3B ATP E . 13.56 34.86 1.17
PA ATP E . 10.82 32.66 3.20
O1A ATP E . 11.14 32.79 4.65
O2A ATP E . 10.85 31.29 2.59
O3A ATP E . 11.80 33.61 2.37
O5' ATP E . 9.40 33.34 2.90
C5' ATP E . 8.70 32.98 1.68
C4' ATP E . 7.22 32.94 1.94
O4' ATP E . 6.61 31.99 1.03
C3' ATP E . 6.80 32.49 3.35
O3' ATP E . 5.64 33.18 3.79
C2' ATP E . 6.51 31.00 3.15
O2' ATP E . 5.61 30.49 4.10
C1' ATP E . 5.92 31.00 1.75
N9 ATP E . 6.06 29.73 1.05
C8 ATP E . 7.21 29.18 0.54
N7 ATP E . 7.01 28.02 -0.05
C5 ATP E . 5.64 27.80 0.09
C6 ATP E . 4.81 26.75 -0.33
N6 ATP E . 5.23 25.67 -0.98
N1 ATP E . 3.49 26.84 -0.02
C2 ATP E . 3.06 27.93 0.64
N3 ATP E . 3.75 28.99 1.07
C4 ATP E . 5.06 28.85 0.76
MG MG F . 15.36 33.60 4.70
#